data_6U5U
#
_entry.id   6U5U
#
loop_
_entity.id
_entity.type
_entity.pdbx_description
1 polymer 'Fatty acid synthase subunit alpha'
2 polymer 'Fatty acid synthase subunit beta'
3 non-polymer 'NADP NICOTINAMIDE-ADENINE-DINUCLEOTIDE PHOSPHATE'
4 non-polymer "4'-PHOSPHOPANTETHEINE"
5 non-polymer 'FLAVIN MONONUCLEOTIDE'
#
loop_
_entity_poly.entity_id
_entity_poly.type
_entity_poly.pdbx_seq_one_letter_code
_entity_poly.pdbx_strand_id
1 'polypeptide(L)'
;MKPEVEQELAHILLTELLAYQFASPVRWIETQDVFLKDFNTERVVEIGPSPTLAGMAQRTLKNKYESYDAALSLHREILC
YSKDAKEIYYTPDPSELAAKEEPAKEEAPAPTPAANAPAPAAAAPAPVAAAAPAAAAAEIADEPVKASLLLHVLVAHKLK
KSLDSIPMSKTIKDLVGGKSTVQNEILGDLGKEFGTTPEKPEETPLEELAETFQDTFSGALGKQSSSLLSRLISSKMPGG
FTITVARKYLQTRWGLPSGRQDGVLLVALSNEPAARLGSEADAKAFLDSMAQKYASIVGVDLSSAASASGAAGAGAAAGA
AMIDAGALEEITKDHKVLARQQLQVLARYLKMDLDNGERKFLKEKDTVAELQAQLDYLNAELGEFFVNGVATSFSRKKAR
TFDSSWNWAKQSLLSLYFEIIHGVLKNVDREVVSEAINIMNRSNDALIKFMEYHISNTDETKGENYQLVKTLGEQLIENC
KQVLDVDPVYKDVAKPTGPKTAIDKNGNITYSEEPREKVRKLSQYVQEMALGGPITKESQPTIEEDLTRVYKAISAQADK
QDISSSTRVEFEKLYSDLMKFLESSKEIDPSQTTQLAGMDVEDALDKDSTKEVASLPNKSTISKTVSSTIPRETIPFLHL
RKKTPAGDWKYDRQLSSLFLDGLEKAAFNGVTFKDKYVLITGAGKGSIGAEVLQGLLQGGAKVVVTTSRFSKQVTDYYQS
IYAKYGAKGSTLIVVPFNQGSKQDVEALIEFIYDTEKNGGLGWDLDAIIPFAAIPEQGIELEHIDSKSEFAHRIMLTNIL
RMMGCVKKQKSARGIETRPAQVILPMSPNHGTFGGDGMYSESKLSLETLFNRWHSESWANQLTVCGAIIGWTRGTGLMSA
NNIIAEGIEKMGVRTFSQKEMAFNLLGLLTPEVVELCQKSPVMADLNGGLQFVPELKEFTAKLRKELVETSEVRKAVSIE
TALEHKVVNGNSADAAYAQVEIQPRANIQLDFPELKPYKQVKQIAPAELEGLLDLERVIVVTGFAEVGPWGSARTRWEME
AFGEFSLEGCVEMAWIMGFISYHNGNLKGRPYTGWVDSKTKEPVDDKDVKAKYETSILEHSGIRLIEPELFNGYNPEKKE
MIQEVIVEEDLEPFEASKETAEQFKHQHGDKVDIFEIPETGEYSVKLLKGATLYIPKALRFDRLVAGQIPTGWNAKTYGI
SDDIISQVDPITLFVLVSVVEAFIASGITDPYEMYKYVHVSEVGNCSGSGMGGVSALRGMFKDRFKDEPVQNDILQESFI
NTMSAWVNMLLISSSGPIKTPVGACATSVESVDIGVETILSGKARICIVGGYDDFQEEGSFEFGNMKATSNTLEEFEHGR
TPAEMSRPATTTRNGFMEAQGAGIQIIMQADLALKMGVPIYGIVAMAATATDKIGRSVPAPGKGILTTAREHHSSVKYAS
PNLNMKYRKRQLVTREAQIKDWVENELEALKLEAEEIPSEDQNEFLLERTREIHNEAESQLRAAQQQWGNDFYKRDPRIA
PLRGALATYGLTIDDLGVASFHGTSTKANDKNESATINEMMKHLGRSEGNPVIGVFQKFLTGHPKGAAGAWMMNGALQIL
NSGIIPGNRNADNVDKILEQFEYVLYPSKTLKTDGVRAVSITSFGFGQKGGQAIVVHPDYLYGAITEDRYNEYVAKVSAR
EKSAYKFFHNGMIYNKLFVSKEHAPYTDELEEDVYLDPLARVSKDKKSGSLTFNSKNIQSKDSYINANTIETAKMIENMT
KEKVSNGGVGVDVELITSINVENDTFIERNFTPQEIEYCSAQPSVQSSFAGTWSAKEAVFKSLGVKSLGGGAALKDIEIV
RVNKNAPAVELHGNAKKAAEEAGVTDVKVSISHDDLQAVAVAVSTKK
;
A
2 'polypeptide(L)'
;MDAYSTRPLTLSHGSLEHVLLVPTASFFIASQLQEQFNKILPEPTEGFAADDEPTTPAELVGKFLGYVSSLVEPSKVGQF
DQVLNLCLTEFENCYLEGNDIHALAAKLLQENDTTLVKTKELIKNYITARIMAKRPFDKKSNSALFRAVGEGNAQLVAIF
GGQGNTDDYFEELRDLYQTYHVLVGDLIKFSAETLSELIRTTLDAEKVFTQGLNILEWLENPSNTPDKDYLLSIPISCPL
IGVIQLAHYVVTAKLLGFTPGELRSYLKGATGHSQGLVTAVAIAETDSWESFFVSVRKAITVLFFIGVRCYEAYPNTSLP
PSILEDSLENNEGVPSPMLSISNLTQEQVQDYVNKTNSHLPAGKQVEISLVNGAKNLVVSGPPQSLYGLNLTLRKAKAPS
GLDQSRIPFSERKLKFSNRFLPVASPFHSHLLVPASDLINKDLVKNNVSFNAKDIQIPVYDTFDGSDLRVLSGSISERIV
DCIIRLPVKWETTTQFKATHILDFGPGGASGLGVLTHRNKDGTGVRVIVAGTLDINPDDDYGFKQEIFDVTSNGLKKNPN
WLEEYHPKLIKNKSGKIFVETKFSKLIGRPPLLVPGMTPCTVSPDFVAATTNAGYTIELAGGGYFSAAGMTAAIDSVVSQ
IEKGSTFGINLIYVNPFMLQWGIPLIKELRSKGYPIQFLTIGAGVPSLEVASEYIETLGLKYLGLKPGSIDAISQVINIA
KAHPNFPIALQWTGGRGGGHHSFEDAHTPMLQMYSKIRRHPNIMLIFGSGFGSADDTYPYLTGEWSTKFDYPPMPFDGFL
FGSRVMIAKEVKTSPDAKKCIAACTGVPDDKWEQTYKKPTGGIVTVRSEMGEPIHKIATRGVMLWKEFDETIFNLPKNKL
VPTLEAKRDYIISRLNADFQKPWFATVNGQARDLATMTYEEVAKRLVELMFIRSTNSWFDVTWRTFTGDFLRRVEERFTK
SKTLSLIQSYSLLDKPDEAIEKVFNAYPAAREQFLNAQDIDHFLSMCQNPMQKPVPFVPVLDRRFEIFFKKDSLWQSEHL
EAVVDQDVQRTCILHGPVAAQFTKVIDEPIKSIMDGIHDGHIKKLLHQYYGDDESKIPAVEYFGGESPVDVQSQVDSSSV
SEDSAVFKATSSTDEESWFKALAGSEINWRHASFLCSFITQDKMFVSNPIRKVFKPSQGMVVEISNGNTSSKTVVTLSEP
VQGELKPTVILKLLKENIIQMEMIENRTMDGKPVSLPLLYNFNPDNGFAPISEVMEDRNQRIKEMYWKLWIDEPFNLDFD
PRDVIKGKDFEITAKEVYDFTHAVGNNCEDFVSRPDRTMLAPMDFAIVVGWRAIIKAIFPNTVDGDLLKLVHLSNGYKMI
PGAKPLQVGDVVSTTAVIESVVNQPTGKIVDVVGTLSRNGKPVMEVTSSFFYRGNYTDFENTFQKTVEPVYQMHIKTSKD
IAVLRSKEWFQLDDEDFDLLNKTLTFETETEVTFKNANIFSSVKCFGPIKVELPTKETVEIGIVDYEAGASHGNPVVDFL
KRNGSTLEQKVNLENPIPIAVLDSYTPSTNEPYARVSGDLNPIHVSRHFASYANLPGTITHGMFSSASVRALIENWAADS
VSSRVRGYTCQFVDMVLPNTALKTSIQHVGMINGRKLIKFETRNEDDVVVLTGEAEIEQPVTTFVFTGQGSQEQGMGMDL
YKTSKAAQDVWNRADNHFKDTYGFSILDIVINNPVNLTIHFGGEKGKRIRENYSAMIFETIVDGKLKTEKIFKEINEHST
SYTFRSEKGLLSATQFTQPALTLMEKAAFEDLKSKGLIPADATFAGHSLGEYAALASLADVMSIESLVEVVFYRGMTMQV
AVPRDELGRSNYGMIAINPGRVAASFSQEALQYVVERVGKRTGWLVEIVNYNVENQQYVAAGDLRALDTVTNVLNFIKLQ
KIDIIELQKSLSLEEVEGHLFEIIDEASKKSAVKPRPLKLERGFACIPLVGISVPFHSTYLMNGVKPFKSFLKKNIIKEN
VKVARLAGKYIPNLTAKPFQVTKEYFQDVYDLTGSEPIKEIIDNWEKYEQSDYKDHDGDYKDHDIDYKDDDDK
;
G
#
# COMPACT_ATOMS: atom_id res chain seq x y z
N MET A 1 -63.93 -21.37 -19.14
CA MET A 1 -64.25 -22.78 -19.35
C MET A 1 -62.98 -23.62 -19.36
N LYS A 2 -63.07 -24.80 -19.95
CA LYS A 2 -61.89 -25.63 -20.12
C LYS A 2 -60.88 -24.88 -20.97
N PRO A 3 -59.70 -24.54 -20.45
CA PRO A 3 -58.82 -23.62 -21.17
C PRO A 3 -58.32 -24.17 -22.49
N GLU A 4 -58.11 -25.47 -22.59
CA GLU A 4 -57.41 -26.00 -23.77
C GLU A 4 -58.33 -26.13 -24.96
N VAL A 5 -59.56 -26.62 -24.77
CA VAL A 5 -60.51 -26.58 -25.87
C VAL A 5 -60.78 -25.15 -26.30
N GLU A 6 -60.70 -24.20 -25.36
CA GLU A 6 -60.85 -22.81 -25.75
C GLU A 6 -59.66 -22.34 -26.57
N GLN A 7 -58.45 -22.78 -26.21
CA GLN A 7 -57.29 -22.54 -27.07
C GLN A 7 -57.54 -23.06 -28.47
N GLU A 8 -58.01 -24.29 -28.58
CA GLU A 8 -58.33 -24.89 -29.87
C GLU A 8 -59.29 -24.02 -30.66
N LEU A 9 -60.43 -23.69 -30.05
CA LEU A 9 -61.45 -22.91 -30.72
C LEU A 9 -60.94 -21.54 -31.13
N ALA A 10 -60.20 -20.87 -30.27
CA ALA A 10 -59.68 -19.56 -30.60
C ALA A 10 -58.65 -19.63 -31.70
N HIS A 11 -57.84 -20.69 -31.73
CA HIS A 11 -56.90 -20.86 -32.83
C HIS A 11 -57.65 -21.02 -34.15
N ILE A 12 -58.73 -21.81 -34.12
CA ILE A 12 -59.54 -21.91 -35.33
C ILE A 12 -60.06 -20.55 -35.73
N LEU A 13 -60.64 -19.83 -34.77
CA LEU A 13 -61.28 -18.56 -35.09
C LEU A 13 -60.29 -17.57 -35.66
N LEU A 14 -59.13 -17.42 -35.02
CA LEU A 14 -58.10 -16.54 -35.54
C LEU A 14 -57.69 -16.97 -36.93
N THR A 15 -57.57 -18.28 -37.15
CA THR A 15 -57.21 -18.79 -38.46
C THR A 15 -58.15 -18.25 -39.52
N GLU A 16 -59.45 -18.50 -39.36
CA GLU A 16 -60.36 -18.02 -40.38
C GLU A 16 -60.46 -16.50 -40.41
N LEU A 17 -60.33 -15.83 -39.27
CA LEU A 17 -60.34 -14.38 -39.27
C LEU A 17 -59.24 -13.79 -40.10
N LEU A 18 -58.05 -14.38 -40.07
CA LEU A 18 -56.99 -13.87 -40.91
C LEU A 18 -57.23 -14.31 -42.34
N ALA A 19 -57.82 -15.50 -42.49
CA ALA A 19 -58.03 -16.04 -43.83
C ALA A 19 -58.92 -15.13 -44.66
N TYR A 20 -60.19 -14.99 -44.28
CA TYR A 20 -61.11 -14.21 -45.09
C TYR A 20 -60.85 -12.72 -44.97
N GLN A 21 -60.01 -12.30 -44.03
CA GLN A 21 -59.54 -10.91 -44.01
C GLN A 21 -58.88 -10.55 -45.32
N PHE A 22 -58.37 -11.56 -46.03
CA PHE A 22 -57.68 -11.36 -47.29
C PHE A 22 -58.50 -10.54 -48.26
N ALA A 23 -59.78 -10.90 -48.44
CA ALA A 23 -60.58 -10.35 -49.51
C ALA A 23 -61.69 -9.44 -48.99
N SER A 24 -62.17 -9.69 -47.80
CA SER A 24 -63.22 -8.85 -47.26
C SER A 24 -62.67 -7.45 -46.99
N PRO A 25 -63.52 -6.44 -47.04
CA PRO A 25 -63.05 -5.06 -46.79
C PRO A 25 -62.65 -4.83 -45.35
N VAL A 26 -62.03 -3.69 -45.08
CA VAL A 26 -61.53 -3.36 -43.76
C VAL A 26 -62.49 -2.38 -43.11
N ARG A 27 -63.16 -2.82 -42.05
CA ARG A 27 -64.04 -1.93 -41.30
C ARG A 27 -63.23 -1.17 -40.26
N TRP A 28 -62.40 -0.26 -40.77
CA TRP A 28 -61.63 0.63 -39.90
C TRP A 28 -62.49 1.69 -39.24
N ILE A 29 -63.71 1.92 -39.74
CA ILE A 29 -64.64 2.81 -39.05
C ILE A 29 -64.97 2.28 -37.68
N GLU A 30 -65.59 1.10 -37.62
CA GLU A 30 -66.04 0.57 -36.35
C GLU A 30 -64.90 0.30 -35.39
N THR A 31 -63.75 -0.15 -35.92
CA THR A 31 -62.58 -0.30 -35.06
C THR A 31 -62.13 1.05 -34.52
N GLN A 32 -61.83 1.98 -35.42
CA GLN A 32 -61.43 3.32 -35.03
C GLN A 32 -62.35 3.90 -33.98
N ASP A 33 -63.61 3.49 -33.97
CA ASP A 33 -64.51 3.89 -32.90
C ASP A 33 -64.28 3.11 -31.63
N VAL A 34 -64.39 1.78 -31.68
CA VAL A 34 -64.47 0.98 -30.45
C VAL A 34 -63.24 1.18 -29.57
N PHE A 35 -62.06 1.26 -30.16
CA PHE A 35 -60.86 1.49 -29.36
C PHE A 35 -60.71 2.95 -28.99
N LEU A 36 -61.53 3.83 -29.55
CA LEU A 36 -61.47 5.24 -29.23
C LEU A 36 -62.71 5.71 -28.49
N LYS A 37 -63.76 4.90 -28.46
CA LYS A 37 -65.02 5.25 -27.81
C LYS A 37 -65.28 4.38 -26.59
N ASP A 38 -65.12 3.07 -26.72
CA ASP A 38 -65.45 2.20 -25.60
C ASP A 38 -64.32 2.15 -24.58
N PHE A 39 -63.10 1.94 -25.04
CA PHE A 39 -61.98 1.82 -24.10
C PHE A 39 -61.41 3.20 -23.77
N ASN A 40 -61.77 4.22 -24.54
CA ASN A 40 -61.36 5.59 -24.29
C ASN A 40 -59.85 5.69 -24.15
N THR A 41 -59.18 5.27 -25.21
CA THR A 41 -57.72 5.29 -25.24
C THR A 41 -57.19 6.70 -25.04
N GLU A 42 -56.19 6.82 -24.17
CA GLU A 42 -55.52 8.09 -24.00
C GLU A 42 -54.30 8.25 -24.89
N ARG A 43 -53.58 7.17 -25.17
CA ARG A 43 -52.39 7.22 -26.01
C ARG A 43 -52.57 6.20 -27.13
N VAL A 44 -52.83 6.70 -28.33
CA VAL A 44 -52.74 5.85 -29.52
C VAL A 44 -51.33 5.98 -30.09
N VAL A 45 -50.68 4.85 -30.30
CA VAL A 45 -49.30 4.84 -30.75
C VAL A 45 -49.25 4.12 -32.08
N GLU A 46 -49.07 4.88 -33.15
CA GLU A 46 -48.87 4.29 -34.46
C GLU A 46 -47.45 3.77 -34.58
N ILE A 47 -47.32 2.46 -34.69
CA ILE A 47 -46.04 1.82 -34.93
C ILE A 47 -45.96 1.55 -36.43
N GLY A 48 -45.09 2.28 -37.11
CA GLY A 48 -44.98 2.19 -38.55
C GLY A 48 -43.86 3.03 -39.07
N PRO A 49 -43.74 3.09 -40.39
CA PRO A 49 -42.64 3.85 -40.98
C PRO A 49 -42.95 5.33 -41.11
N SER A 50 -44.22 5.67 -41.41
CA SER A 50 -44.70 7.02 -41.63
C SER A 50 -46.03 7.25 -40.93
N PRO A 51 -46.31 8.47 -40.49
CA PRO A 51 -47.51 8.71 -39.66
C PRO A 51 -48.79 8.78 -40.48
N THR A 52 -49.19 7.66 -41.05
CA THR A 52 -50.45 7.64 -41.78
C THR A 52 -51.63 7.43 -40.84
N LEU A 53 -51.49 6.49 -39.91
CA LEU A 53 -52.57 6.22 -38.98
C LEU A 53 -52.77 7.32 -37.96
N ALA A 54 -51.71 8.05 -37.59
CA ALA A 54 -51.90 9.19 -36.70
C ALA A 54 -52.73 10.27 -37.36
N GLY A 55 -52.40 10.60 -38.61
CA GLY A 55 -53.24 11.52 -39.35
C GLY A 55 -54.63 11.00 -39.60
N MET A 56 -54.78 9.69 -39.73
CA MET A 56 -56.12 9.12 -39.88
C MET A 56 -56.91 9.15 -38.59
N ALA A 57 -56.23 9.17 -37.45
CA ALA A 57 -56.93 9.23 -36.17
C ALA A 57 -57.27 10.65 -35.75
N GLN A 58 -56.40 11.61 -36.02
CA GLN A 58 -56.73 12.98 -35.64
C GLN A 58 -57.96 13.48 -36.37
N ARG A 59 -58.15 13.10 -37.64
CA ARG A 59 -59.25 13.65 -38.40
C ARG A 59 -60.56 12.94 -38.10
N THR A 60 -60.53 11.73 -37.55
CA THR A 60 -61.76 11.17 -37.01
C THR A 60 -62.02 11.66 -35.60
N LEU A 61 -60.97 12.08 -34.90
CA LEU A 61 -61.14 12.65 -33.57
C LEU A 61 -61.78 14.03 -33.62
N LYS A 62 -61.21 14.94 -34.39
CA LYS A 62 -61.76 16.28 -34.53
C LYS A 62 -63.13 16.28 -35.18
N ASN A 63 -63.47 15.24 -35.92
CA ASN A 63 -64.69 15.28 -36.70
C ASN A 63 -65.87 14.65 -35.98
N LYS A 64 -65.71 13.50 -35.38
CA LYS A 64 -66.83 12.80 -34.77
C LYS A 64 -66.74 12.69 -33.27
N TYR A 65 -65.55 12.85 -32.69
CA TYR A 65 -65.39 12.79 -31.24
C TYR A 65 -64.87 14.08 -30.65
N GLU A 66 -65.39 15.23 -31.08
CA GLU A 66 -64.97 16.50 -30.53
C GLU A 66 -65.80 16.93 -29.34
N SER A 67 -67.12 16.80 -29.41
CA SER A 67 -67.99 17.04 -28.27
C SER A 67 -67.78 15.98 -27.20
N TYR A 68 -67.50 14.75 -27.62
CA TYR A 68 -67.34 13.65 -26.68
C TYR A 68 -66.09 13.82 -25.84
N ASP A 69 -64.93 13.93 -26.48
CA ASP A 69 -63.68 14.01 -25.74
C ASP A 69 -63.52 15.32 -25.00
N ALA A 70 -64.43 16.26 -25.22
CA ALA A 70 -64.54 17.46 -24.42
C ALA A 70 -65.40 17.25 -23.20
N ALA A 71 -66.61 16.72 -23.38
CA ALA A 71 -67.47 16.38 -22.26
C ALA A 71 -66.75 15.50 -21.26
N LEU A 72 -65.75 14.77 -21.70
CA LEU A 72 -64.95 13.94 -20.81
C LEU A 72 -63.59 14.57 -20.56
N SER A 73 -63.13 15.40 -21.51
CA SER A 73 -61.91 16.18 -21.35
C SER A 73 -60.69 15.28 -21.20
N LEU A 74 -60.45 14.45 -22.21
CA LEU A 74 -59.27 13.60 -22.26
C LEU A 74 -58.12 14.34 -22.92
N HIS A 75 -56.91 13.85 -22.70
CA HIS A 75 -55.74 14.28 -23.46
C HIS A 75 -55.45 13.21 -24.49
N ARG A 76 -56.38 13.04 -25.42
CA ARG A 76 -56.24 12.01 -26.45
C ARG A 76 -55.02 12.31 -27.27
N GLU A 77 -53.97 11.52 -27.06
CA GLU A 77 -52.63 11.81 -27.53
C GLU A 77 -52.28 10.88 -28.69
N ILE A 78 -52.04 11.46 -29.86
CA ILE A 78 -51.76 10.72 -31.08
C ILE A 78 -50.27 10.76 -31.35
N LEU A 79 -49.66 9.58 -31.47
CA LEU A 79 -48.23 9.47 -31.73
C LEU A 79 -47.96 8.40 -32.78
N CYS A 80 -47.07 8.73 -33.71
CA CYS A 80 -46.47 7.73 -34.58
C CYS A 80 -45.09 7.41 -34.04
N TYR A 81 -44.60 6.21 -34.34
CA TYR A 81 -43.27 5.86 -33.87
C TYR A 81 -42.22 6.69 -34.59
N SER A 82 -42.49 7.04 -35.84
CA SER A 82 -41.52 7.76 -36.66
C SER A 82 -41.20 9.12 -36.07
N LYS A 83 -42.21 9.95 -35.89
CA LYS A 83 -42.05 11.36 -35.59
C LYS A 83 -42.11 11.67 -34.09
N ASP A 84 -42.63 10.75 -33.29
CA ASP A 84 -42.88 11.04 -31.87
C ASP A 84 -42.09 10.12 -30.96
N ALA A 85 -40.81 9.95 -31.24
CA ALA A 85 -40.00 9.00 -30.49
C ALA A 85 -39.71 9.45 -29.07
N LYS A 86 -39.50 10.74 -28.85
CA LYS A 86 -39.14 11.20 -27.51
C LYS A 86 -40.33 11.12 -26.56
N GLU A 87 -41.52 11.41 -27.07
CA GLU A 87 -42.73 11.31 -26.29
C GLU A 87 -43.10 9.87 -25.96
N ILE A 88 -42.69 8.92 -26.79
CA ILE A 88 -42.95 7.52 -26.49
C ILE A 88 -41.80 6.93 -25.68
N TYR A 89 -40.59 7.44 -25.89
CA TYR A 89 -39.48 6.98 -25.07
C TYR A 89 -39.41 7.69 -23.72
N TYR A 90 -40.27 8.67 -23.50
CA TYR A 90 -40.29 9.44 -22.25
C TYR A 90 -38.96 10.10 -21.99
N THR A 91 -38.26 10.46 -23.06
CA THR A 91 -37.00 11.18 -22.95
C THR A 91 -37.13 12.54 -23.61
N PRO A 92 -37.87 13.48 -23.03
CA PRO A 92 -37.95 14.82 -23.62
C PRO A 92 -36.76 15.65 -23.22
N ASP A 93 -36.52 16.74 -23.95
CA ASP A 93 -35.40 17.56 -23.53
C ASP A 93 -35.88 18.74 -22.70
N PRO A 94 -35.11 19.11 -21.66
CA PRO A 94 -35.39 20.19 -20.71
C PRO A 94 -36.01 21.43 -21.36
N ILE A 140 26.12 48.95 -11.27
CA ILE A 140 26.40 47.86 -10.35
C ILE A 140 27.81 48.04 -9.79
N ALA A 141 27.95 47.82 -8.48
CA ALA A 141 29.20 48.07 -7.78
C ALA A 141 30.35 47.24 -8.33
N ASP A 142 31.39 47.91 -8.83
CA ASP A 142 32.59 47.23 -9.27
C ASP A 142 33.40 46.79 -8.06
N GLU A 143 33.12 45.59 -7.57
CA GLU A 143 33.96 45.28 -6.42
C GLU A 143 34.93 44.16 -6.77
N PRO A 144 36.22 44.47 -6.86
CA PRO A 144 37.20 43.44 -7.25
C PRO A 144 37.24 42.30 -6.24
N VAL A 145 37.55 41.15 -6.81
CA VAL A 145 37.63 39.87 -6.13
C VAL A 145 38.43 39.82 -4.86
N LYS A 146 37.80 39.34 -3.79
CA LYS A 146 38.46 39.23 -2.50
C LYS A 146 39.52 38.14 -2.53
N ALA A 147 40.39 38.13 -1.51
CA ALA A 147 41.45 37.13 -1.42
C ALA A 147 40.88 35.73 -1.24
N SER A 148 39.85 35.60 -0.42
CA SER A 148 39.22 34.32 -0.15
C SER A 148 38.70 33.68 -1.45
N LEU A 149 38.05 34.48 -2.29
CA LEU A 149 37.50 34.01 -3.54
C LEU A 149 38.56 33.30 -4.38
N LEU A 150 39.58 34.05 -4.78
CA LEU A 150 40.66 33.51 -5.60
C LEU A 150 41.29 32.27 -4.96
N LEU A 151 41.63 32.37 -3.68
CA LEU A 151 42.24 31.26 -2.96
C LEU A 151 41.41 29.99 -3.07
N HIS A 152 40.15 30.07 -2.64
CA HIS A 152 39.26 28.92 -2.69
C HIS A 152 39.14 28.36 -4.10
N VAL A 153 38.97 29.24 -5.08
CA VAL A 153 38.83 28.83 -6.47
C VAL A 153 40.11 28.15 -6.98
N LEU A 154 41.26 28.64 -6.54
CA LEU A 154 42.55 28.09 -6.95
C LEU A 154 42.89 26.83 -6.17
N VAL A 155 42.23 26.64 -5.03
CA VAL A 155 42.47 25.48 -4.19
C VAL A 155 41.62 24.28 -4.62
N ALA A 156 40.64 24.54 -5.49
CA ALA A 156 39.76 23.49 -5.98
C ALA A 156 40.09 23.10 -7.41
N HIS A 157 40.78 24.00 -8.11
CA HIS A 157 41.16 23.75 -9.50
C HIS A 157 42.29 22.72 -9.59
N LYS A 158 43.14 22.68 -8.57
CA LYS A 158 44.26 21.75 -8.52
C LYS A 158 43.89 20.46 -7.82
N LEU A 159 42.66 20.42 -7.30
CA LEU A 159 42.18 19.23 -6.58
C LEU A 159 40.96 18.63 -7.28
N LYS A 160 40.80 18.94 -8.57
CA LYS A 160 39.66 18.43 -9.34
C LYS A 160 38.31 18.29 -8.66
N LYS A 161 38.12 18.94 -7.52
CA LYS A 161 36.86 18.91 -6.80
C LYS A 161 36.23 20.30 -6.83
N SER A 162 34.90 20.34 -6.71
CA SER A 162 34.19 21.61 -6.67
C SER A 162 34.46 22.33 -5.36
N LEU A 163 34.31 23.65 -5.36
CA LEU A 163 34.62 24.51 -4.22
C LEU A 163 33.89 24.11 -2.96
N ASP A 164 32.71 23.52 -3.07
CA ASP A 164 31.97 23.10 -1.89
C ASP A 164 32.64 21.96 -1.15
N SER A 165 33.29 21.06 -1.88
CA SER A 165 33.94 19.92 -1.24
C SER A 165 35.14 20.34 -0.40
N ILE A 166 35.65 21.55 -0.60
CA ILE A 166 36.81 22.05 0.12
C ILE A 166 36.35 23.15 1.05
N PRO A 167 36.29 22.92 2.37
CA PRO A 167 35.96 24.00 3.31
C PRO A 167 37.22 24.79 3.66
N MET A 168 37.06 26.11 3.76
CA MET A 168 38.18 26.99 4.11
C MET A 168 38.77 26.68 5.47
N SER A 169 37.97 26.16 6.41
CA SER A 169 38.45 25.99 7.77
C SER A 169 39.58 24.96 7.84
N LYS A 170 39.52 23.93 6.99
CA LYS A 170 40.51 22.86 7.06
C LYS A 170 41.85 23.38 6.55
N THR A 171 42.91 22.58 6.67
CA THR A 171 44.23 22.93 6.17
C THR A 171 44.59 22.02 5.01
N ILE A 172 45.50 22.53 4.18
CA ILE A 172 45.95 21.84 3.00
C ILE A 172 46.62 20.54 3.37
N LYS A 173 47.27 20.51 4.52
CA LYS A 173 47.95 19.31 4.99
C LYS A 173 46.97 18.16 5.01
N ASP A 174 45.82 18.37 5.63
CA ASP A 174 44.82 17.34 5.64
C ASP A 174 44.31 17.22 4.22
N LEU A 175 43.99 18.37 3.65
CA LEU A 175 43.44 18.46 2.30
C LEU A 175 44.13 17.59 1.23
N VAL A 176 45.44 17.64 1.15
CA VAL A 176 46.14 16.85 0.14
C VAL A 176 45.86 15.35 0.20
N GLY A 177 45.78 14.81 1.40
CA GLY A 177 45.53 13.39 1.54
C GLY A 177 46.80 12.65 1.87
N GLY A 178 47.93 13.30 1.62
CA GLY A 178 49.20 12.70 1.91
C GLY A 178 50.10 12.85 0.71
N LYS A 179 49.59 12.47 -0.44
CA LYS A 179 50.44 12.54 -1.62
C LYS A 179 51.09 13.92 -1.72
N SER A 180 52.13 14.14 -0.93
CA SER A 180 52.78 15.42 -0.84
C SER A 180 53.27 16.09 -2.13
N THR A 181 53.09 15.35 -3.22
CA THR A 181 53.48 15.83 -4.53
C THR A 181 52.57 16.96 -4.98
N VAL A 182 51.31 16.89 -4.57
CA VAL A 182 50.33 17.91 -4.92
C VAL A 182 50.47 19.10 -3.98
N GLN A 183 50.89 18.83 -2.75
CA GLN A 183 51.08 19.88 -1.76
C GLN A 183 52.08 20.92 -2.26
N ASN A 184 53.20 20.44 -2.80
CA ASN A 184 54.22 21.31 -3.33
C ASN A 184 53.73 22.08 -4.55
N GLU A 185 52.92 21.42 -5.36
CA GLU A 185 52.36 22.03 -6.56
C GLU A 185 51.29 23.06 -6.18
N ILE A 186 50.47 22.71 -5.20
CA ILE A 186 49.41 23.59 -4.75
C ILE A 186 50.01 24.85 -4.10
N LEU A 187 51.10 24.66 -3.37
CA LEU A 187 51.77 25.77 -2.71
C LEU A 187 52.57 26.59 -3.73
N GLY A 188 53.05 25.91 -4.76
CA GLY A 188 53.83 26.56 -5.81
C GLY A 188 52.93 27.34 -6.75
N ASP A 189 51.73 26.82 -6.98
CA ASP A 189 50.76 27.48 -7.86
C ASP A 189 50.30 28.80 -7.25
N LEU A 190 50.15 28.81 -5.94
CA LEU A 190 49.71 30.00 -5.22
C LEU A 190 50.86 30.98 -5.06
N GLY A 191 52.08 30.44 -4.97
CA GLY A 191 53.27 31.26 -4.80
C GLY A 191 53.48 32.20 -5.98
N LYS A 192 53.21 31.71 -7.18
CA LYS A 192 53.37 32.52 -8.39
C LYS A 192 52.18 33.45 -8.58
N GLU A 193 51.06 33.11 -7.95
CA GLU A 193 49.84 33.92 -8.04
C GLU A 193 49.71 34.84 -6.83
N PHE A 194 50.78 34.93 -6.04
CA PHE A 194 50.79 35.78 -4.86
C PHE A 194 52.20 36.19 -4.48
N GLY A 195 53.19 35.42 -4.96
CA GLY A 195 54.58 35.71 -4.67
C GLY A 195 54.87 35.84 -3.19
N THR A 196 53.94 36.43 -2.45
CA THR A 196 54.05 36.55 -1.00
C THR A 196 53.56 35.26 -0.36
N THR A 197 54.30 34.74 0.60
CA THR A 197 53.86 33.59 1.37
C THR A 197 54.65 33.48 2.66
N PRO A 198 54.04 33.01 3.75
CA PRO A 198 54.83 32.58 4.90
C PRO A 198 55.65 31.35 4.53
N GLU A 199 56.67 31.08 5.35
CA GLU A 199 57.60 30.02 5.00
C GLU A 199 56.98 28.62 5.08
N LYS A 200 56.15 28.36 6.09
CA LYS A 200 55.51 27.06 6.27
C LYS A 200 54.01 27.24 6.25
N PRO A 201 53.39 27.28 5.06
CA PRO A 201 51.93 27.45 5.00
C PRO A 201 51.17 26.15 5.12
N GLU A 202 51.84 25.01 4.95
CA GLU A 202 51.18 23.71 4.81
C GLU A 202 50.29 23.35 5.99
N GLU A 203 50.43 24.03 7.13
CA GLU A 203 49.63 23.74 8.30
C GLU A 203 48.58 24.81 8.55
N THR A 204 48.81 26.03 8.06
CA THR A 204 47.86 27.12 8.20
C THR A 204 46.54 26.78 7.49
N PRO A 205 45.41 26.90 8.20
CA PRO A 205 44.10 26.60 7.62
C PRO A 205 43.85 27.44 6.37
N LEU A 206 42.88 27.02 5.56
CA LEU A 206 42.54 27.73 4.33
C LEU A 206 42.07 29.16 4.63
N GLU A 207 41.19 29.30 5.62
CA GLU A 207 40.66 30.59 6.00
C GLU A 207 41.75 31.48 6.61
N GLU A 208 42.66 30.85 7.36
CA GLU A 208 43.74 31.59 8.00
C GLU A 208 44.80 32.01 6.99
N LEU A 209 45.02 31.18 5.98
CA LEU A 209 46.01 31.47 4.95
C LEU A 209 45.47 32.47 3.94
N ALA A 210 44.15 32.59 3.85
CA ALA A 210 43.52 33.52 2.92
C ALA A 210 43.59 34.96 3.44
N GLU A 211 43.47 35.12 4.75
CA GLU A 211 43.53 36.45 5.37
C GLU A 211 44.79 37.20 4.99
N THR A 212 45.93 36.52 5.06
CA THR A 212 47.21 37.13 4.74
C THR A 212 47.31 37.53 3.26
N PHE A 213 46.69 36.73 2.40
CA PHE A 213 46.71 36.99 0.96
C PHE A 213 45.64 38.00 0.56
N GLN A 214 44.52 37.99 1.26
CA GLN A 214 43.41 38.89 0.96
C GLN A 214 43.84 40.36 1.07
N ASP A 215 44.62 40.68 2.09
CA ASP A 215 45.07 42.04 2.31
C ASP A 215 46.05 42.50 1.23
N THR A 216 47.19 41.79 1.13
CA THR A 216 48.21 42.13 0.14
C THR A 216 47.66 42.26 -1.27
N PHE A 217 47.00 41.20 -1.74
CA PHE A 217 46.44 41.19 -3.09
C PHE A 217 45.32 42.21 -3.27
N SER A 218 45.38 42.94 -4.38
CA SER A 218 44.39 43.95 -4.71
C SER A 218 43.97 43.77 -6.16
N GLY A 219 42.93 42.96 -6.39
CA GLY A 219 42.33 42.81 -7.70
C GLY A 219 43.25 42.34 -8.81
N ALA A 220 44.52 42.08 -8.47
CA ALA A 220 45.49 41.65 -9.46
C ALA A 220 45.32 40.16 -9.71
N LEU A 221 44.62 39.80 -10.78
CA LEU A 221 44.27 38.41 -11.05
C LEU A 221 45.48 37.49 -11.18
N GLY A 222 46.69 38.04 -11.30
CA GLY A 222 47.89 37.23 -11.29
C GLY A 222 48.10 36.49 -12.60
N LYS A 223 49.30 35.94 -12.74
CA LYS A 223 49.67 35.19 -13.94
C LYS A 223 48.98 33.85 -13.98
N GLN A 224 49.18 33.06 -12.93
CA GLN A 224 48.59 31.72 -12.83
C GLN A 224 47.11 31.77 -13.08
N SER A 225 46.43 32.66 -12.38
CA SER A 225 45.01 32.81 -12.56
C SER A 225 44.70 33.19 -14.00
N SER A 226 45.45 34.14 -14.53
CA SER A 226 45.25 34.55 -15.90
C SER A 226 45.42 33.36 -16.83
N SER A 227 46.49 32.60 -16.64
CA SER A 227 46.74 31.44 -17.47
C SER A 227 45.58 30.49 -17.40
N LEU A 228 45.21 30.10 -16.19
CA LEU A 228 44.13 29.16 -15.97
C LEU A 228 42.87 29.62 -16.65
N LEU A 229 42.48 30.86 -16.47
CA LEU A 229 41.26 31.32 -17.11
C LEU A 229 41.38 31.25 -18.61
N SER A 230 42.51 31.65 -19.16
CA SER A 230 42.70 31.61 -20.60
C SER A 230 42.48 30.21 -21.15
N ARG A 231 43.05 29.21 -20.50
CA ARG A 231 42.89 27.86 -20.95
C ARG A 231 41.43 27.48 -20.93
N LEU A 232 40.74 27.82 -19.86
CA LEU A 232 39.32 27.51 -19.73
C LEU A 232 38.56 28.03 -20.91
N ILE A 233 38.59 29.32 -21.15
CA ILE A 233 37.87 29.86 -22.29
C ILE A 233 38.38 29.28 -23.58
N SER A 234 39.69 29.14 -23.74
CA SER A 234 40.20 28.59 -24.98
C SER A 234 39.72 27.18 -25.20
N SER A 235 40.07 26.28 -24.31
CA SER A 235 39.69 24.90 -24.44
C SER A 235 38.21 24.70 -24.60
N LYS A 236 37.45 25.11 -23.60
CA LYS A 236 36.01 24.87 -23.61
C LYS A 236 35.05 26.03 -23.85
N MET A 237 34.92 26.51 -25.08
CA MET A 237 33.98 27.55 -25.46
C MET A 237 33.91 27.48 -26.97
N PRO A 238 32.74 27.74 -27.53
CA PRO A 238 32.64 27.53 -28.99
C PRO A 238 33.49 28.50 -29.79
N GLY A 239 33.68 28.16 -31.06
CA GLY A 239 34.45 28.96 -31.98
C GLY A 239 33.91 30.37 -32.10
N GLY A 240 34.81 31.35 -32.12
CA GLY A 240 34.43 32.74 -32.14
C GLY A 240 34.03 33.30 -30.80
N PHE A 241 33.85 32.46 -29.79
CA PHE A 241 33.46 32.92 -28.46
C PHE A 241 34.69 33.04 -27.57
N THR A 242 35.46 34.10 -27.82
CA THR A 242 36.69 34.35 -27.05
C THR A 242 36.37 34.95 -25.69
N ILE A 243 37.41 35.21 -24.90
CA ILE A 243 37.26 35.80 -23.58
C ILE A 243 36.61 37.18 -23.66
N THR A 244 37.02 37.97 -24.65
CA THR A 244 36.50 39.31 -24.83
C THR A 244 34.98 39.27 -24.99
N VAL A 245 34.49 38.37 -25.83
CA VAL A 245 33.06 38.22 -26.06
C VAL A 245 32.34 37.86 -24.77
N ALA A 246 32.90 36.91 -24.03
CA ALA A 246 32.30 36.47 -22.78
C ALA A 246 32.23 37.62 -21.77
N ARG A 247 33.33 38.35 -21.63
CA ARG A 247 33.39 39.47 -20.71
C ARG A 247 32.39 40.55 -21.09
N LYS A 248 32.27 40.81 -22.39
CA LYS A 248 31.34 41.82 -22.89
C LYS A 248 29.90 41.42 -22.64
N TYR A 249 29.60 40.14 -22.82
CA TYR A 249 28.25 39.63 -22.61
C TYR A 249 27.83 39.72 -21.15
N LEU A 250 28.79 39.51 -20.25
CA LEU A 250 28.52 39.58 -18.81
C LEU A 250 28.14 40.99 -18.38
N GLN A 251 28.75 41.99 -19.01
CA GLN A 251 28.48 43.39 -18.69
C GLN A 251 27.33 43.94 -19.52
N THR A 252 26.85 43.14 -20.46
CA THR A 252 25.75 43.54 -21.33
C THR A 252 24.43 42.88 -20.93
N ARG A 253 24.43 41.55 -20.96
CA ARG A 253 23.24 40.79 -20.62
C ARG A 253 23.04 40.66 -19.11
N TRP A 254 24.09 40.85 -18.31
CA TRP A 254 23.95 40.89 -16.86
C TRP A 254 24.52 42.17 -16.26
N GLY A 255 25.32 42.92 -17.02
CA GLY A 255 25.84 44.18 -16.54
C GLY A 255 26.71 44.07 -15.30
N LEU A 256 27.87 43.43 -15.43
CA LEU A 256 28.82 43.36 -14.33
C LEU A 256 30.12 44.00 -14.75
N PRO A 257 30.75 44.78 -13.87
CA PRO A 257 32.03 45.41 -14.20
C PRO A 257 33.15 44.38 -14.20
N SER A 258 34.37 44.87 -14.42
CA SER A 258 35.54 44.01 -14.44
C SER A 258 35.66 43.22 -13.15
N GLY A 259 35.59 43.92 -12.02
CA GLY A 259 35.68 43.29 -10.72
C GLY A 259 34.67 42.17 -10.57
N ARG A 260 33.42 42.47 -10.91
CA ARG A 260 32.35 41.48 -10.83
C ARG A 260 32.46 40.48 -11.96
N GLN A 261 32.88 40.96 -13.13
CA GLN A 261 33.04 40.10 -14.30
C GLN A 261 34.11 39.05 -14.06
N ASP A 262 35.23 39.48 -13.48
CA ASP A 262 36.33 38.57 -13.19
C ASP A 262 35.88 37.47 -12.24
N GLY A 263 35.14 37.86 -11.21
CA GLY A 263 34.64 36.90 -10.23
C GLY A 263 33.83 35.81 -10.88
N VAL A 264 32.93 36.19 -11.77
CA VAL A 264 32.08 35.23 -12.48
C VAL A 264 32.94 34.28 -13.31
N LEU A 265 33.94 34.84 -13.98
CA LEU A 265 34.84 34.05 -14.82
C LEU A 265 35.73 33.16 -13.95
N LEU A 266 36.11 33.67 -12.78
CA LEU A 266 36.95 32.93 -11.86
C LEU A 266 36.16 31.80 -11.19
N VAL A 267 34.86 32.01 -11.04
CA VAL A 267 33.99 31.01 -10.43
C VAL A 267 33.61 29.93 -11.43
N ALA A 268 33.74 30.26 -12.72
CA ALA A 268 33.42 29.32 -13.77
C ALA A 268 34.47 28.22 -13.87
N LEU A 269 35.70 28.56 -13.51
CA LEU A 269 36.80 27.59 -13.54
C LEU A 269 36.53 26.43 -12.60
N SER A 270 36.01 26.73 -11.42
CA SER A 270 35.70 25.71 -10.42
C SER A 270 34.80 24.63 -11.02
N ASN A 271 33.78 25.07 -11.76
CA ASN A 271 32.84 24.15 -12.38
C ASN A 271 32.99 24.08 -13.90
N GLU A 272 34.17 23.70 -14.37
CA GLU A 272 34.41 23.63 -15.81
C GLU A 272 33.55 22.56 -16.46
N PRO A 273 33.04 22.79 -17.66
CA PRO A 273 32.32 21.74 -18.38
C PRO A 273 33.29 20.68 -18.90
N ALA A 274 32.90 19.42 -18.75
CA ALA A 274 33.76 18.30 -19.12
C ALA A 274 34.05 18.24 -20.61
N ALA A 275 33.36 19.04 -21.43
CA ALA A 275 33.58 19.01 -22.87
C ALA A 275 33.28 20.38 -23.46
N ARG A 276 33.80 20.62 -24.65
CA ARG A 276 33.64 21.91 -25.30
C ARG A 276 32.17 22.17 -25.63
N LEU A 277 31.69 23.34 -25.25
CA LEU A 277 30.30 23.69 -25.50
C LEU A 277 30.08 23.96 -26.99
N GLY A 278 28.90 23.60 -27.48
CA GLY A 278 28.62 23.64 -28.90
C GLY A 278 28.34 25.01 -29.49
N SER A 279 27.23 25.62 -29.10
CA SER A 279 26.82 26.88 -29.68
C SER A 279 26.96 28.03 -28.69
N GLU A 280 26.80 29.25 -29.19
CA GLU A 280 26.90 30.44 -28.36
C GLU A 280 25.88 30.37 -27.23
N ALA A 281 24.76 29.70 -27.50
CA ALA A 281 23.70 29.56 -26.51
C ALA A 281 24.23 28.82 -25.28
N ASP A 282 24.94 27.72 -25.52
CA ASP A 282 25.51 26.94 -24.43
C ASP A 282 26.48 27.79 -23.63
N ALA A 283 27.34 28.52 -24.34
CA ALA A 283 28.32 29.39 -23.69
C ALA A 283 27.61 30.48 -22.89
N LYS A 284 26.57 31.06 -23.49
CA LYS A 284 25.80 32.11 -22.84
C LYS A 284 25.08 31.56 -21.61
N ALA A 285 24.52 30.37 -21.76
CA ALA A 285 23.80 29.72 -20.67
C ALA A 285 24.77 29.36 -19.54
N PHE A 286 25.90 28.77 -19.91
CA PHE A 286 26.91 28.38 -18.93
C PHE A 286 27.37 29.59 -18.14
N LEU A 287 27.64 30.69 -18.85
CA LEU A 287 28.10 31.92 -18.22
C LEU A 287 27.01 32.46 -17.30
N ASP A 288 25.77 32.39 -17.76
CA ASP A 288 24.63 32.88 -16.99
C ASP A 288 24.40 31.98 -15.78
N SER A 289 24.56 30.68 -15.97
CA SER A 289 24.38 29.71 -14.89
C SER A 289 25.44 29.91 -13.81
N MET A 290 26.66 30.21 -14.25
CA MET A 290 27.77 30.43 -13.33
C MET A 290 27.62 31.78 -12.64
N ALA A 291 26.99 32.73 -13.32
CA ALA A 291 26.77 34.06 -12.76
C ALA A 291 26.00 33.97 -11.46
N GLN A 292 24.93 33.18 -11.45
CA GLN A 292 24.11 33.00 -10.25
C GLN A 292 24.98 32.55 -9.08
N LYS A 293 25.79 31.53 -9.32
CA LYS A 293 26.68 31.01 -8.29
C LYS A 293 27.63 32.08 -7.79
N TYR A 294 28.27 32.77 -8.72
CA TYR A 294 29.22 33.83 -8.39
C TYR A 294 28.50 34.94 -7.61
N ALA A 295 27.34 35.34 -8.10
CA ALA A 295 26.56 36.39 -7.44
C ALA A 295 26.19 35.96 -6.03
N SER A 296 25.75 34.71 -5.89
CA SER A 296 25.35 34.18 -4.60
C SER A 296 26.57 34.03 -3.70
N ILE A 297 27.70 33.65 -4.29
CA ILE A 297 28.94 33.48 -3.55
C ILE A 297 29.37 34.79 -2.89
N VAL A 298 28.75 35.88 -3.33
CA VAL A 298 29.05 37.20 -2.80
C VAL A 298 27.82 37.87 -2.18
N GLY A 299 26.63 37.65 -2.71
CA GLY A 299 25.43 38.25 -2.19
C GLY A 299 24.93 39.47 -2.93
N VAL A 300 25.16 39.55 -4.23
CA VAL A 300 24.74 40.69 -5.04
C VAL A 300 23.81 40.18 -6.13
N ASP A 301 22.51 40.27 -5.88
CA ASP A 301 21.52 39.84 -6.85
C ASP A 301 21.25 40.94 -7.87
N LEU A 302 20.54 40.58 -8.93
CA LEU A 302 20.31 41.50 -10.04
C LEU A 302 18.84 41.53 -10.43
N LEU A 328 13.84 50.19 -40.39
CA LEU A 328 14.33 49.25 -39.40
C LEU A 328 15.05 48.09 -40.07
N GLU A 329 14.44 47.57 -41.13
CA GLU A 329 14.91 46.36 -41.80
C GLU A 329 15.31 46.60 -43.24
N GLU A 330 14.63 47.50 -43.95
CA GLU A 330 15.00 47.86 -45.30
C GLU A 330 16.40 48.43 -45.40
N ILE A 331 16.89 49.03 -44.32
CA ILE A 331 18.31 49.38 -44.20
C ILE A 331 19.19 48.17 -44.38
N THR A 332 18.64 46.97 -44.24
CA THR A 332 19.38 45.74 -44.47
C THR A 332 18.90 45.01 -45.70
N LYS A 333 17.66 45.22 -46.11
CA LYS A 333 17.16 44.55 -47.30
C LYS A 333 17.91 44.96 -48.54
N ASP A 334 17.91 46.25 -48.88
CA ASP A 334 18.74 46.70 -49.98
C ASP A 334 20.22 46.57 -49.68
N HIS A 335 20.63 46.69 -48.41
CA HIS A 335 22.01 46.44 -48.05
C HIS A 335 22.41 45.02 -48.42
N LYS A 336 21.42 44.14 -48.55
CA LYS A 336 21.62 42.80 -49.04
C LYS A 336 21.56 42.68 -50.54
N VAL A 337 20.68 43.42 -51.20
CA VAL A 337 20.40 43.12 -52.60
C VAL A 337 21.63 43.36 -53.45
N LEU A 338 22.38 44.43 -53.19
CA LEU A 338 23.54 44.70 -54.03
C LEU A 338 24.60 43.63 -53.82
N ALA A 339 24.74 43.14 -52.60
CA ALA A 339 25.59 41.98 -52.40
C ALA A 339 25.08 40.81 -53.21
N ARG A 340 23.80 40.49 -53.10
CA ARG A 340 23.19 39.54 -54.01
C ARG A 340 23.44 39.94 -55.47
N GLN A 341 23.35 41.22 -55.79
CA GLN A 341 23.73 41.71 -57.11
C GLN A 341 25.20 41.55 -57.42
N GLN A 342 26.08 42.15 -56.61
CA GLN A 342 27.50 42.11 -56.92
C GLN A 342 27.99 40.69 -57.00
N LEU A 343 27.27 39.77 -56.38
CA LEU A 343 27.56 38.37 -56.53
C LEU A 343 27.38 37.90 -57.96
N GLN A 344 26.22 38.15 -58.52
CA GLN A 344 25.86 37.51 -59.79
C GLN A 344 26.72 38.06 -60.91
N VAL A 345 26.86 39.37 -60.99
CA VAL A 345 27.70 39.96 -62.01
C VAL A 345 29.14 39.50 -61.84
N LEU A 346 29.55 39.20 -60.60
CA LEU A 346 30.90 38.72 -60.42
C LEU A 346 31.03 37.28 -60.91
N ALA A 347 29.94 36.53 -60.90
CA ALA A 347 29.93 35.18 -61.45
C ALA A 347 29.84 35.17 -62.95
N ARG A 348 29.33 36.23 -63.56
CA ARG A 348 29.45 36.39 -65.00
C ARG A 348 30.89 36.29 -65.44
N TYR A 349 31.80 36.75 -64.61
CA TYR A 349 33.17 36.95 -65.01
C TYR A 349 34.00 35.70 -64.92
N LEU A 350 33.83 34.90 -63.87
CA LEU A 350 34.57 33.65 -63.82
C LEU A 350 33.87 32.58 -64.64
N LYS A 351 32.68 32.90 -65.17
CA LYS A 351 31.84 31.93 -65.86
C LYS A 351 31.56 30.75 -64.95
N MET A 352 31.39 31.07 -63.68
CA MET A 352 31.18 30.08 -62.63
C MET A 352 29.69 29.95 -62.39
N ASP A 353 29.11 28.87 -62.87
CA ASP A 353 27.68 28.66 -62.79
C ASP A 353 27.28 28.38 -61.35
N LEU A 354 26.39 29.20 -60.81
CA LEU A 354 25.93 28.98 -59.45
C LEU A 354 24.82 27.95 -59.37
N ASP A 355 24.35 27.42 -60.50
CA ASP A 355 23.16 26.58 -60.50
C ASP A 355 23.42 25.17 -61.01
N ASN A 356 24.63 24.81 -61.40
CA ASN A 356 24.86 23.40 -61.61
C ASN A 356 24.72 22.61 -60.32
N GLY A 357 24.93 23.25 -59.18
CA GLY A 357 24.74 22.60 -57.91
C GLY A 357 23.30 22.25 -57.65
N GLU A 358 22.41 22.68 -58.54
CA GLU A 358 21.00 22.30 -58.46
C GLU A 358 20.52 21.54 -59.69
N ARG A 359 20.94 21.93 -60.89
CA ARG A 359 20.61 21.15 -62.07
C ARG A 359 21.10 19.72 -61.93
N LYS A 360 22.33 19.54 -61.46
CA LYS A 360 22.72 18.21 -61.01
C LYS A 360 21.71 17.63 -60.06
N PHE A 361 21.37 18.37 -59.00
CA PHE A 361 20.53 17.80 -57.97
C PHE A 361 19.12 17.54 -58.47
N LEU A 362 18.62 18.35 -59.39
CA LEU A 362 17.28 18.14 -59.93
C LEU A 362 17.20 16.95 -60.87
N LYS A 363 18.11 16.84 -61.82
CA LYS A 363 18.15 15.65 -62.66
C LYS A 363 18.49 14.41 -61.83
N GLU A 364 19.34 14.56 -60.82
CA GLU A 364 19.60 13.44 -59.92
C GLU A 364 18.34 13.04 -59.19
N LYS A 365 17.40 13.97 -59.03
CA LYS A 365 16.19 13.64 -58.28
C LYS A 365 15.13 12.95 -59.12
N ASP A 366 14.83 13.44 -60.32
CA ASP A 366 13.75 12.79 -61.06
C ASP A 366 14.17 11.42 -61.56
N THR A 367 15.46 11.21 -61.81
CA THR A 367 15.96 9.87 -62.05
C THR A 367 16.21 9.11 -60.77
N VAL A 368 15.61 9.56 -59.67
CA VAL A 368 15.44 8.73 -58.50
C VAL A 368 13.98 8.39 -58.31
N ALA A 369 13.10 9.35 -58.55
CA ALA A 369 11.67 9.05 -58.55
C ALA A 369 11.31 8.01 -59.58
N GLU A 370 11.76 8.17 -60.83
CA GLU A 370 11.47 7.14 -61.82
C GLU A 370 12.28 5.89 -61.61
N LEU A 371 13.32 5.94 -60.79
CA LEU A 371 14.03 4.74 -60.39
C LEU A 371 13.32 4.03 -59.25
N GLN A 372 12.75 4.79 -58.32
CA GLN A 372 11.86 4.20 -57.35
C GLN A 372 10.61 3.64 -58.00
N ALA A 373 10.04 4.38 -58.94
CA ALA A 373 8.84 3.95 -59.64
C ALA A 373 8.98 2.55 -60.20
N GLN A 374 10.18 2.16 -60.61
CA GLN A 374 10.42 0.75 -60.89
C GLN A 374 10.47 -0.05 -59.60
N LEU A 375 11.26 0.40 -58.64
CA LEU A 375 11.55 -0.42 -57.47
C LEU A 375 10.34 -0.70 -56.61
N ASP A 376 9.29 0.11 -56.70
CA ASP A 376 8.07 -0.20 -55.98
C ASP A 376 7.03 -0.88 -56.84
N TYR A 377 7.19 -0.85 -58.16
CA TYR A 377 6.36 -1.72 -58.97
C TYR A 377 6.63 -3.17 -58.68
N LEU A 378 7.87 -3.54 -58.43
CA LEU A 378 8.17 -4.93 -58.12
C LEU A 378 7.61 -5.31 -56.76
N ASN A 379 7.83 -4.48 -55.75
CA ASN A 379 7.17 -4.80 -54.49
C ASN A 379 5.72 -4.76 -54.59
N ALA A 380 5.16 -4.11 -55.60
CA ALA A 380 3.72 -4.12 -55.77
C ALA A 380 3.27 -5.36 -56.53
N GLU A 381 4.18 -6.06 -57.17
CA GLU A 381 3.81 -7.26 -57.91
C GLU A 381 4.53 -8.51 -57.44
N LEU A 382 5.70 -8.39 -56.84
CA LEU A 382 6.31 -9.56 -56.25
C LEU A 382 5.99 -9.71 -54.78
N GLY A 383 5.64 -8.63 -54.12
CA GLY A 383 5.32 -8.70 -52.71
C GLY A 383 6.54 -8.48 -51.85
N GLU A 384 6.33 -7.77 -50.77
CA GLU A 384 7.40 -7.43 -49.87
C GLU A 384 7.88 -8.59 -49.07
N PHE A 385 7.33 -9.79 -49.29
CA PHE A 385 7.88 -10.98 -48.67
C PHE A 385 8.82 -11.69 -49.62
N PHE A 386 8.59 -11.53 -50.91
CA PHE A 386 9.37 -12.20 -51.94
C PHE A 386 10.64 -11.41 -52.18
N VAL A 387 10.48 -10.11 -52.46
CA VAL A 387 11.62 -9.25 -52.73
C VAL A 387 12.54 -9.23 -51.52
N ASN A 388 11.97 -9.35 -50.34
CA ASN A 388 12.77 -9.30 -49.13
C ASN A 388 13.38 -10.64 -48.78
N GLY A 389 12.79 -11.75 -49.21
CA GLY A 389 13.29 -13.04 -48.83
C GLY A 389 14.15 -13.66 -49.91
N VAL A 390 14.28 -12.96 -51.02
CA VAL A 390 15.05 -13.43 -52.15
C VAL A 390 16.45 -12.84 -52.04
N ALA A 391 16.75 -12.29 -50.88
CA ALA A 391 18.04 -11.65 -50.67
C ALA A 391 19.16 -12.68 -50.63
N THR A 392 20.24 -12.38 -51.32
CA THR A 392 21.37 -13.29 -51.41
C THR A 392 21.96 -13.49 -50.03
N SER A 393 22.24 -14.74 -49.67
CA SER A 393 22.78 -14.99 -48.35
C SER A 393 23.90 -16.01 -48.35
N PHE A 394 24.69 -16.12 -49.40
CA PHE A 394 25.74 -17.12 -49.42
C PHE A 394 27.02 -16.50 -49.94
N SER A 395 28.12 -16.81 -49.29
CA SER A 395 29.44 -16.34 -49.66
C SER A 395 30.37 -17.52 -49.75
N ARG A 396 31.15 -17.58 -50.82
CA ARG A 396 32.15 -18.62 -50.91
C ARG A 396 33.11 -18.57 -49.73
N LYS A 397 33.36 -17.39 -49.21
CA LYS A 397 34.28 -17.17 -48.12
C LYS A 397 33.60 -17.50 -46.80
N LYS A 398 32.35 -17.93 -46.88
CA LYS A 398 31.53 -18.10 -45.69
C LYS A 398 31.30 -19.55 -45.33
N ALA A 399 31.90 -20.49 -46.06
CA ALA A 399 31.74 -21.90 -45.79
C ALA A 399 32.29 -22.24 -44.43
N ARG A 400 32.18 -23.50 -44.04
CA ARG A 400 32.70 -23.92 -42.74
C ARG A 400 32.93 -25.42 -42.76
N THR A 401 34.15 -25.83 -43.06
CA THR A 401 34.45 -27.24 -43.27
C THR A 401 34.76 -27.89 -41.94
N PHE A 402 34.11 -29.00 -41.69
CA PHE A 402 34.36 -29.81 -40.51
C PHE A 402 34.95 -31.14 -40.94
N ASP A 403 36.18 -31.40 -40.54
CA ASP A 403 36.72 -32.69 -40.94
C ASP A 403 37.55 -33.40 -39.89
N SER A 404 38.01 -32.74 -38.84
CA SER A 404 39.01 -33.30 -37.96
C SER A 404 38.40 -34.42 -37.14
N SER A 405 38.00 -35.49 -37.78
CA SER A 405 37.40 -36.60 -37.05
C SER A 405 38.40 -37.30 -36.17
N TRP A 406 39.63 -37.45 -36.63
CA TRP A 406 40.68 -38.13 -35.89
C TRP A 406 40.81 -37.62 -34.47
N ASN A 407 40.34 -36.41 -34.22
CA ASN A 407 40.37 -35.88 -32.87
C ASN A 407 39.13 -36.26 -32.10
N TRP A 408 37.96 -35.92 -32.64
CA TRP A 408 36.71 -36.17 -31.95
C TRP A 408 36.55 -37.61 -31.54
N ALA A 409 37.23 -38.52 -32.20
CA ALA A 409 37.15 -39.90 -31.79
C ALA A 409 37.78 -40.12 -30.44
N LYS A 410 38.93 -39.51 -30.17
CA LYS A 410 39.51 -39.63 -28.84
C LYS A 410 38.77 -38.81 -27.83
N GLN A 411 37.98 -37.83 -28.24
CA GLN A 411 37.13 -37.09 -27.34
C GLN A 411 35.89 -37.87 -26.95
N SER A 412 35.20 -38.46 -27.92
CA SER A 412 33.99 -39.20 -27.64
C SER A 412 34.29 -40.41 -26.77
N LEU A 413 35.40 -41.07 -27.03
CA LEU A 413 35.77 -42.19 -26.16
C LEU A 413 35.98 -41.73 -24.74
N LEU A 414 36.89 -40.78 -24.54
CA LEU A 414 37.16 -40.30 -23.21
C LEU A 414 35.89 -39.83 -22.54
N SER A 415 34.98 -39.27 -23.30
CA SER A 415 33.67 -38.89 -22.77
C SER A 415 32.92 -40.07 -22.18
N LEU A 416 32.99 -41.24 -22.80
CA LEU A 416 32.32 -42.40 -22.23
C LEU A 416 32.80 -42.69 -20.82
N TYR A 417 34.12 -42.68 -20.60
CA TYR A 417 34.65 -42.95 -19.27
C TYR A 417 33.87 -42.24 -18.19
N PHE A 418 33.63 -40.96 -18.41
CA PHE A 418 33.27 -40.09 -17.31
C PHE A 418 31.75 -39.94 -17.23
N GLU A 419 31.08 -40.76 -18.04
CA GLU A 419 29.66 -40.99 -17.78
C GLU A 419 29.51 -42.34 -17.12
N ILE A 420 30.34 -43.30 -17.53
CA ILE A 420 30.19 -44.63 -16.95
C ILE A 420 30.77 -44.67 -15.54
N ILE A 421 31.97 -44.14 -15.34
CA ILE A 421 32.50 -44.19 -13.99
C ILE A 421 31.80 -43.17 -13.11
N HIS A 422 31.02 -42.26 -13.69
CA HIS A 422 30.16 -41.42 -12.90
C HIS A 422 28.71 -41.84 -12.99
N GLY A 423 28.45 -43.04 -13.50
CA GLY A 423 27.10 -43.57 -13.53
C GLY A 423 26.09 -42.70 -14.22
N VAL A 424 26.50 -41.87 -15.16
CA VAL A 424 25.55 -41.05 -15.89
C VAL A 424 24.88 -41.95 -16.92
N LEU A 425 25.65 -42.82 -17.55
CA LEU A 425 25.14 -43.89 -18.38
C LEU A 425 25.34 -45.22 -17.68
N LYS A 426 24.35 -46.11 -17.82
CA LYS A 426 24.40 -47.40 -17.17
C LYS A 426 24.57 -48.46 -18.25
N ASN A 427 24.81 -49.70 -17.83
CA ASN A 427 25.04 -50.81 -18.75
C ASN A 427 23.79 -51.18 -19.53
N VAL A 428 22.69 -50.47 -19.31
CA VAL A 428 21.42 -50.83 -19.92
C VAL A 428 20.98 -49.71 -20.86
N ASP A 429 21.73 -48.62 -20.88
CA ASP A 429 21.32 -47.48 -21.67
C ASP A 429 21.64 -47.70 -23.14
N ARG A 430 20.72 -47.27 -23.99
CA ARG A 430 20.90 -47.48 -25.41
C ARG A 430 22.02 -46.66 -26.00
N GLU A 431 22.53 -45.65 -25.28
CA GLU A 431 23.52 -44.79 -25.88
C GLU A 431 24.92 -45.39 -25.83
N VAL A 432 25.25 -46.13 -24.78
CA VAL A 432 26.52 -46.80 -24.72
C VAL A 432 26.84 -47.58 -25.98
N VAL A 433 25.83 -48.22 -26.60
CA VAL A 433 26.04 -48.86 -27.89
C VAL A 433 25.75 -47.94 -29.05
N SER A 434 24.82 -47.00 -28.91
CA SER A 434 24.62 -46.03 -29.97
C SER A 434 25.78 -45.08 -30.06
N GLU A 435 26.69 -45.11 -29.09
CA GLU A 435 27.92 -44.33 -29.12
C GLU A 435 29.11 -45.18 -29.48
N ALA A 436 29.15 -46.42 -29.02
CA ALA A 436 30.27 -47.28 -29.32
C ALA A 436 30.42 -47.47 -30.82
N ILE A 437 29.32 -47.39 -31.56
CA ILE A 437 29.45 -47.50 -33.00
C ILE A 437 30.06 -46.26 -33.60
N ASN A 438 29.84 -45.10 -32.98
CA ASN A 438 30.37 -43.87 -33.54
C ASN A 438 31.88 -43.78 -33.34
N ILE A 439 32.38 -44.43 -32.30
CA ILE A 439 33.81 -44.49 -32.11
C ILE A 439 34.46 -45.62 -32.90
N MET A 440 33.80 -46.78 -33.03
CA MET A 440 34.28 -47.76 -33.99
C MET A 440 34.37 -47.16 -35.39
N ASN A 441 33.33 -46.45 -35.81
CA ASN A 441 33.34 -45.87 -37.15
C ASN A 441 34.55 -44.99 -37.35
N ARG A 442 35.04 -44.37 -36.29
CA ARG A 442 36.24 -43.58 -36.35
C ARG A 442 37.44 -44.33 -35.80
N SER A 443 37.80 -45.45 -36.40
CA SER A 443 38.85 -46.28 -35.84
C SER A 443 40.18 -45.97 -36.50
N ASN A 444 41.23 -45.86 -35.69
CA ASN A 444 42.59 -45.79 -36.17
C ASN A 444 43.48 -46.51 -35.19
N ASP A 445 44.67 -46.86 -35.65
CA ASP A 445 45.69 -47.44 -34.79
C ASP A 445 46.10 -46.49 -33.68
N ALA A 446 46.03 -45.19 -33.91
CA ALA A 446 46.26 -44.25 -32.84
C ALA A 446 45.17 -44.29 -31.79
N LEU A 447 43.92 -44.35 -32.22
CA LEU A 447 42.83 -44.43 -31.27
C LEU A 447 42.81 -45.75 -30.51
N ILE A 448 43.28 -46.83 -31.12
CA ILE A 448 43.36 -48.09 -30.38
C ILE A 448 44.29 -47.94 -29.19
N LYS A 449 45.49 -47.43 -29.42
CA LYS A 449 46.41 -47.14 -28.33
C LYS A 449 45.83 -46.16 -27.35
N PHE A 450 44.88 -45.34 -27.78
CA PHE A 450 44.34 -44.34 -26.87
C PHE A 450 43.50 -45.03 -25.83
N MET A 451 42.70 -46.00 -26.26
CA MET A 451 41.88 -46.70 -25.29
C MET A 451 42.60 -47.87 -24.65
N GLU A 452 43.63 -48.40 -25.27
CA GLU A 452 44.40 -49.46 -24.63
C GLU A 452 45.01 -48.97 -23.32
N TYR A 453 45.71 -47.85 -23.35
CA TYR A 453 46.31 -47.33 -22.13
C TYR A 453 45.25 -46.91 -21.13
N HIS A 454 44.17 -46.31 -21.62
CA HIS A 454 43.14 -45.85 -20.72
C HIS A 454 42.42 -47.00 -20.05
N ILE A 455 42.05 -48.02 -20.81
CA ILE A 455 41.40 -49.17 -20.20
C ILE A 455 42.38 -49.93 -19.33
N SER A 456 43.55 -50.26 -19.88
CA SER A 456 44.47 -51.09 -19.13
C SER A 456 44.96 -50.42 -17.87
N ASN A 457 44.69 -49.13 -17.72
CA ASN A 457 45.08 -48.41 -16.52
C ASN A 457 43.90 -48.09 -15.62
N THR A 458 42.68 -48.44 -16.01
CA THR A 458 41.52 -48.20 -15.18
C THR A 458 41.51 -49.25 -14.07
N ASP A 459 41.81 -48.81 -12.86
CA ASP A 459 41.79 -49.72 -11.72
C ASP A 459 40.36 -50.08 -11.35
N GLU A 460 39.98 -51.32 -11.65
CA GLU A 460 38.60 -51.73 -11.41
C GLU A 460 38.27 -51.84 -9.94
N THR A 461 39.25 -52.05 -9.07
CA THR A 461 38.94 -52.22 -7.67
C THR A 461 38.42 -50.95 -7.02
N LYS A 462 38.53 -49.81 -7.71
CA LYS A 462 38.07 -48.56 -7.11
C LYS A 462 36.57 -48.54 -6.92
N GLY A 463 35.84 -49.35 -7.66
CA GLY A 463 34.39 -49.36 -7.54
C GLY A 463 33.80 -50.19 -8.64
N GLU A 464 32.50 -50.46 -8.50
CA GLU A 464 31.84 -51.30 -9.48
C GLU A 464 31.83 -50.66 -10.86
N ASN A 465 31.62 -49.34 -10.93
CA ASN A 465 31.67 -48.69 -12.22
C ASN A 465 33.03 -48.80 -12.86
N TYR A 466 34.08 -48.89 -12.06
CA TYR A 466 35.40 -49.11 -12.62
C TYR A 466 35.52 -50.49 -13.23
N GLN A 467 34.72 -51.44 -12.75
CA GLN A 467 34.64 -52.71 -13.43
C GLN A 467 33.82 -52.63 -14.69
N LEU A 468 32.78 -51.80 -14.71
CA LEU A 468 31.93 -51.69 -15.88
C LEU A 468 32.65 -51.14 -17.09
N VAL A 469 33.63 -50.27 -16.91
CA VAL A 469 34.44 -49.81 -18.02
C VAL A 469 35.61 -50.71 -18.30
N LYS A 470 36.20 -51.31 -17.29
CA LYS A 470 37.28 -52.26 -17.55
C LYS A 470 36.78 -53.40 -18.43
N THR A 471 35.53 -53.81 -18.25
CA THR A 471 35.02 -54.92 -19.06
C THR A 471 34.45 -54.44 -20.38
N LEU A 472 33.70 -53.35 -20.37
CA LEU A 472 33.15 -52.85 -21.64
C LEU A 472 34.26 -52.34 -22.54
N GLY A 473 35.22 -51.64 -21.98
CA GLY A 473 36.29 -51.11 -22.78
C GLY A 473 37.00 -52.17 -23.57
N GLU A 474 37.36 -53.27 -22.91
CA GLU A 474 38.11 -54.31 -23.60
C GLU A 474 37.37 -54.84 -24.79
N GLN A 475 36.04 -54.74 -24.81
CA GLN A 475 35.31 -55.10 -26.01
C GLN A 475 35.63 -54.15 -27.14
N LEU A 476 35.45 -52.85 -26.90
CA LEU A 476 35.80 -51.89 -27.91
C LEU A 476 37.23 -52.01 -28.39
N ILE A 477 38.19 -52.21 -27.48
CA ILE A 477 39.57 -52.28 -27.94
C ILE A 477 39.79 -53.53 -28.77
N GLU A 478 38.93 -54.53 -28.60
CA GLU A 478 38.99 -55.69 -29.49
C GLU A 478 37.99 -55.57 -30.63
N ASN A 479 36.91 -54.81 -30.46
CA ASN A 479 36.02 -54.57 -31.56
C ASN A 479 36.64 -53.64 -32.57
N CYS A 480 37.21 -52.54 -32.10
CA CYS A 480 37.82 -51.57 -32.98
C CYS A 480 39.02 -52.13 -33.72
N LYS A 481 39.70 -53.13 -33.17
CA LYS A 481 40.80 -53.75 -33.88
C LYS A 481 40.33 -54.56 -35.07
N GLN A 482 39.08 -54.98 -35.09
CA GLN A 482 38.53 -55.67 -36.25
C GLN A 482 38.05 -54.71 -37.31
N VAL A 483 37.21 -53.75 -36.95
CA VAL A 483 36.58 -52.87 -37.91
C VAL A 483 37.56 -51.79 -38.32
N LEU A 484 38.78 -51.87 -37.84
CA LEU A 484 39.83 -51.07 -38.43
C LEU A 484 39.94 -51.51 -39.88
N ASP A 485 40.15 -50.57 -40.79
CA ASP A 485 40.41 -50.89 -42.18
C ASP A 485 39.17 -51.45 -42.87
N VAL A 486 38.01 -51.26 -42.26
CA VAL A 486 36.76 -51.53 -42.95
C VAL A 486 35.93 -50.26 -43.01
N ASP A 487 35.13 -50.15 -44.04
CA ASP A 487 34.38 -48.93 -44.25
C ASP A 487 33.41 -48.74 -43.10
N PRO A 488 33.10 -47.51 -42.73
CA PRO A 488 32.25 -47.28 -41.57
C PRO A 488 30.79 -47.26 -41.95
N VAL A 489 29.99 -47.87 -41.11
CA VAL A 489 28.57 -48.05 -41.37
C VAL A 489 27.80 -47.29 -40.32
N TYR A 490 26.58 -46.91 -40.65
CA TYR A 490 25.71 -46.52 -39.55
C TYR A 490 24.65 -47.56 -39.30
N LYS A 491 24.30 -47.69 -38.04
CA LYS A 491 23.51 -48.78 -37.54
C LYS A 491 22.71 -48.16 -36.42
N ASP A 492 21.56 -47.61 -36.75
CA ASP A 492 20.76 -46.81 -35.83
C ASP A 492 20.28 -47.69 -34.69
N VAL A 493 20.48 -47.24 -33.47
CA VAL A 493 20.19 -48.07 -32.31
C VAL A 493 19.03 -47.54 -31.48
N ALA A 494 18.60 -46.31 -31.69
CA ALA A 494 17.64 -45.67 -30.80
C ALA A 494 16.35 -46.48 -30.71
N LYS A 495 15.75 -46.46 -29.54
CA LYS A 495 14.46 -47.10 -29.34
C LYS A 495 13.41 -46.40 -30.19
N PRO A 496 12.85 -47.05 -31.19
CA PRO A 496 11.81 -46.40 -31.99
C PRO A 496 10.63 -46.04 -31.10
N THR A 497 10.19 -44.80 -31.18
CA THR A 497 9.17 -44.31 -30.28
C THR A 497 7.91 -44.00 -31.05
N GLY A 498 6.77 -44.21 -30.39
CA GLY A 498 5.49 -43.91 -30.98
C GLY A 498 4.88 -42.70 -30.33
N PRO A 499 3.85 -42.15 -30.96
CA PRO A 499 3.19 -40.98 -30.40
C PRO A 499 2.25 -41.36 -29.27
N LYS A 500 2.07 -40.42 -28.36
CA LYS A 500 1.25 -40.66 -27.18
C LYS A 500 0.75 -39.33 -26.64
N THR A 501 -0.51 -39.01 -26.91
CA THR A 501 -1.11 -37.76 -26.47
C THR A 501 -2.02 -38.06 -25.29
N ALA A 502 -1.81 -37.34 -24.19
CA ALA A 502 -2.61 -37.54 -23.00
C ALA A 502 -3.13 -36.20 -22.53
N ILE A 503 -4.42 -36.14 -22.22
CA ILE A 503 -5.05 -34.95 -21.67
C ILE A 503 -5.29 -35.17 -20.19
N ASP A 504 -4.92 -34.18 -19.38
CA ASP A 504 -5.22 -34.23 -17.97
C ASP A 504 -6.74 -34.21 -17.77
N LYS A 505 -7.20 -34.85 -16.70
CA LYS A 505 -8.59 -34.65 -16.31
C LYS A 505 -8.80 -33.21 -15.88
N ASN A 506 -7.72 -32.53 -15.51
CA ASN A 506 -7.69 -31.08 -15.38
C ASN A 506 -7.94 -30.39 -16.72
N GLY A 507 -7.97 -31.15 -17.82
CA GLY A 507 -8.22 -30.58 -19.13
C GLY A 507 -6.99 -30.06 -19.82
N ASN A 508 -5.80 -30.45 -19.38
CA ASN A 508 -4.56 -29.95 -19.93
C ASN A 508 -3.99 -31.00 -20.89
N ILE A 509 -3.73 -30.57 -22.12
CA ILE A 509 -3.29 -31.48 -23.17
C ILE A 509 -1.76 -31.50 -23.22
N THR A 510 -1.21 -32.68 -23.51
CA THR A 510 0.24 -32.82 -23.60
C THR A 510 0.59 -33.99 -24.50
N TYR A 511 1.69 -33.84 -25.22
CA TYR A 511 2.15 -34.82 -26.17
C TYR A 511 3.47 -35.42 -25.70
N SER A 512 3.54 -36.74 -25.70
CA SER A 512 4.76 -37.45 -25.35
C SER A 512 5.02 -38.54 -26.37
N GLU A 513 6.29 -38.77 -26.66
CA GLU A 513 6.68 -39.77 -27.65
C GLU A 513 7.33 -40.91 -26.88
N GLU A 514 6.51 -41.84 -26.43
CA GLU A 514 7.00 -42.89 -25.54
C GLU A 514 7.57 -44.05 -26.36
N PRO A 515 8.42 -44.90 -25.76
CA PRO A 515 9.01 -45.99 -26.54
C PRO A 515 7.99 -47.07 -26.83
N ARG A 516 7.82 -47.37 -28.11
CA ARG A 516 6.89 -48.41 -28.53
C ARG A 516 7.23 -49.73 -27.86
N GLU A 517 6.23 -50.61 -27.81
CA GLU A 517 6.37 -51.86 -27.08
C GLU A 517 6.59 -53.05 -27.99
N LYS A 518 5.93 -53.09 -29.14
CA LYS A 518 6.05 -54.21 -30.07
C LYS A 518 7.32 -54.13 -30.88
N VAL A 519 7.99 -52.99 -30.88
CA VAL A 519 9.20 -52.77 -31.67
C VAL A 519 10.20 -52.04 -30.80
N ARG A 520 11.29 -52.72 -30.46
CA ARG A 520 12.27 -52.16 -29.56
C ARG A 520 13.64 -52.18 -30.22
N LYS A 521 13.69 -52.78 -31.40
CA LYS A 521 14.88 -52.82 -32.24
C LYS A 521 14.57 -52.08 -33.53
N LEU A 522 15.57 -51.97 -34.39
CA LEU A 522 15.25 -51.52 -35.74
C LEU A 522 14.84 -52.66 -36.64
N SER A 523 15.27 -53.89 -36.33
CA SER A 523 14.78 -55.02 -37.09
C SER A 523 13.31 -55.26 -36.82
N GLN A 524 12.88 -55.15 -35.57
CA GLN A 524 11.46 -55.18 -35.29
C GLN A 524 10.70 -54.14 -36.08
N TYR A 525 11.31 -53.00 -36.37
CA TYR A 525 10.60 -51.99 -37.12
C TYR A 525 10.44 -52.39 -38.56
N VAL A 526 11.49 -52.91 -39.17
CA VAL A 526 11.43 -53.21 -40.60
C VAL A 526 10.57 -54.42 -40.90
N GLN A 527 10.38 -55.32 -39.92
CA GLN A 527 9.44 -56.41 -40.11
C GLN A 527 8.00 -55.96 -40.01
N GLU A 528 7.63 -55.25 -38.94
CA GLU A 528 6.29 -54.67 -38.91
C GLU A 528 6.11 -53.67 -40.03
N MET A 529 7.18 -53.29 -40.70
CA MET A 529 7.06 -52.55 -41.93
C MET A 529 6.76 -53.48 -43.08
N ALA A 530 7.26 -54.71 -43.00
CA ALA A 530 7.03 -55.67 -44.08
C ALA A 530 5.65 -56.30 -43.98
N LEU A 531 5.18 -56.58 -42.77
CA LEU A 531 3.92 -57.29 -42.63
C LEU A 531 2.75 -56.45 -43.12
N GLY A 532 3.00 -55.22 -43.51
CA GLY A 532 1.90 -54.36 -43.84
C GLY A 532 1.05 -54.11 -42.61
N GLY A 533 -0.18 -53.70 -42.85
CA GLY A 533 -1.14 -53.56 -41.79
C GLY A 533 -2.47 -54.12 -42.20
N PRO A 534 -3.36 -54.35 -41.22
CA PRO A 534 -4.66 -54.94 -41.54
C PRO A 534 -5.44 -54.17 -42.59
N ILE A 535 -5.15 -52.88 -42.77
CA ILE A 535 -5.75 -52.16 -43.88
C ILE A 535 -4.94 -52.30 -45.15
N THR A 536 -3.65 -52.63 -45.03
CA THR A 536 -2.82 -52.84 -46.22
C THR A 536 -2.81 -54.34 -46.55
N LYS A 537 -3.99 -54.94 -46.49
CA LYS A 537 -4.06 -56.40 -46.68
C LYS A 537 -4.76 -56.77 -47.98
N GLU A 538 -5.41 -55.81 -48.61
CA GLU A 538 -5.94 -56.07 -49.94
C GLU A 538 -5.03 -55.46 -50.98
N ASP A 600 12.97 -63.36 -35.21
CA ASP A 600 13.34 -62.69 -33.98
C ASP A 600 14.75 -63.15 -33.60
N VAL A 601 15.65 -62.20 -33.41
CA VAL A 601 17.06 -62.46 -33.16
C VAL A 601 17.39 -61.91 -31.78
N GLU A 602 16.44 -62.06 -30.85
CA GLU A 602 16.41 -61.36 -29.57
C GLU A 602 17.81 -61.16 -28.98
N ASP A 603 18.14 -59.90 -28.73
CA ASP A 603 19.45 -59.50 -28.24
C ASP A 603 19.30 -58.76 -26.93
N ALA A 604 20.40 -58.19 -26.47
CA ALA A 604 20.49 -57.57 -25.15
C ALA A 604 20.44 -56.06 -25.22
N LEU A 605 19.62 -55.50 -26.12
CA LEU A 605 19.60 -54.05 -26.30
C LEU A 605 19.32 -53.32 -24.99
N ASP A 606 18.10 -53.41 -24.48
CA ASP A 606 17.74 -52.71 -23.26
C ASP A 606 18.06 -53.52 -22.02
N LYS A 607 18.87 -54.56 -22.17
CA LYS A 607 19.16 -55.47 -21.07
C LYS A 607 20.62 -55.40 -20.65
N ASP A 608 21.54 -55.64 -21.57
CA ASP A 608 22.96 -55.53 -21.29
C ASP A 608 23.64 -54.99 -22.52
N SER A 609 23.99 -53.71 -22.49
CA SER A 609 24.64 -53.04 -23.59
C SER A 609 26.08 -53.46 -23.77
N THR A 610 26.73 -53.93 -22.71
CA THR A 610 28.12 -54.38 -22.80
C THR A 610 28.28 -55.58 -23.71
N LYS A 611 27.42 -56.60 -23.58
CA LYS A 611 27.51 -57.77 -24.44
C LYS A 611 27.04 -57.49 -25.85
N GLU A 612 26.17 -56.50 -26.05
CA GLU A 612 25.82 -56.16 -27.42
C GLU A 612 27.00 -55.53 -28.15
N VAL A 613 27.87 -54.82 -27.44
CA VAL A 613 29.08 -54.28 -28.04
C VAL A 613 29.86 -55.30 -28.83
N ALA A 614 29.97 -56.53 -28.34
CA ALA A 614 30.67 -57.55 -29.10
C ALA A 614 29.93 -57.92 -30.38
N SER A 615 28.62 -57.67 -30.44
CA SER A 615 27.81 -58.07 -31.58
C SER A 615 27.84 -57.04 -32.70
N LEU A 616 28.31 -55.85 -32.45
CA LEU A 616 28.36 -54.79 -33.44
C LEU A 616 29.27 -55.13 -34.62
N PRO A 617 30.50 -55.63 -34.39
CA PRO A 617 31.37 -55.92 -35.53
C PRO A 617 31.01 -57.19 -36.28
N ASN A 618 30.43 -58.16 -35.62
CA ASN A 618 30.07 -59.41 -36.28
C ASN A 618 28.96 -59.13 -37.28
N LYS A 619 29.05 -59.73 -38.46
CA LYS A 619 28.06 -59.53 -39.50
C LYS A 619 27.00 -60.61 -39.30
N SER A 620 25.99 -60.28 -38.50
CA SER A 620 24.93 -61.24 -38.24
C SER A 620 24.11 -61.41 -39.50
N THR A 621 24.48 -62.40 -40.31
CA THR A 621 23.86 -62.59 -41.61
C THR A 621 22.44 -63.13 -41.46
N ILE A 622 21.60 -62.75 -42.39
CA ILE A 622 20.24 -63.24 -42.46
C ILE A 622 20.23 -64.48 -43.33
N SER A 623 19.36 -65.42 -42.99
CA SER A 623 19.04 -66.52 -43.88
C SER A 623 17.61 -66.41 -44.39
N LYS A 624 16.64 -66.35 -43.50
CA LYS A 624 15.26 -66.14 -43.91
C LYS A 624 15.08 -64.67 -44.23
N THR A 625 15.08 -64.34 -45.51
CA THR A 625 14.94 -62.95 -45.94
C THR A 625 13.58 -62.42 -45.50
N VAL A 626 13.58 -61.25 -44.88
CA VAL A 626 12.37 -60.67 -44.35
C VAL A 626 11.45 -60.21 -45.49
N SER A 627 11.94 -60.22 -46.72
CA SER A 627 11.06 -59.95 -47.85
C SER A 627 10.16 -61.15 -48.13
N SER A 628 10.46 -62.29 -47.53
CA SER A 628 9.55 -63.42 -47.61
C SER A 628 8.33 -63.23 -46.72
N THR A 629 8.46 -62.51 -45.62
CA THR A 629 7.35 -62.30 -44.71
C THR A 629 6.30 -61.36 -45.28
N ILE A 630 6.45 -60.92 -46.52
CA ILE A 630 5.42 -60.10 -47.15
C ILE A 630 4.26 -61.01 -47.52
N PRO A 631 3.10 -60.88 -46.88
CA PRO A 631 1.97 -61.71 -47.25
C PRO A 631 1.44 -61.34 -48.63
N ARG A 632 0.91 -62.34 -49.31
CA ARG A 632 0.32 -62.10 -50.62
C ARG A 632 -0.86 -61.17 -50.49
N GLU A 633 -1.16 -60.43 -51.56
CA GLU A 633 -2.26 -59.48 -51.59
C GLU A 633 -2.10 -58.39 -50.53
N THR A 634 -0.95 -58.38 -49.84
CA THR A 634 -0.69 -57.46 -48.76
C THR A 634 0.42 -56.52 -49.16
N ILE A 635 0.19 -55.22 -49.00
CA ILE A 635 1.18 -54.19 -49.30
C ILE A 635 1.94 -53.89 -48.01
N PRO A 636 3.25 -53.95 -48.01
CA PRO A 636 3.99 -53.61 -46.80
C PRO A 636 3.89 -52.13 -46.56
N PHE A 637 4.51 -51.63 -45.52
CA PHE A 637 4.42 -50.22 -45.24
C PHE A 637 5.39 -49.39 -46.05
N LEU A 638 6.55 -49.95 -46.42
CA LEU A 638 7.55 -49.22 -47.19
C LEU A 638 7.75 -49.92 -48.52
N HIS A 639 7.03 -49.47 -49.54
CA HIS A 639 7.09 -50.15 -50.81
C HIS A 639 7.57 -49.19 -51.86
N LEU A 640 8.36 -49.70 -52.79
CA LEU A 640 8.75 -48.95 -53.97
C LEU A 640 7.67 -49.15 -55.01
N ARG A 641 7.72 -48.38 -56.08
CA ARG A 641 6.66 -48.46 -57.07
C ARG A 641 7.29 -48.60 -58.45
N LYS A 642 6.42 -48.78 -59.44
CA LYS A 642 6.85 -49.14 -60.78
C LYS A 642 5.80 -48.70 -61.78
N LYS A 643 6.21 -47.90 -62.75
CA LYS A 643 5.24 -47.41 -63.71
C LYS A 643 4.76 -48.54 -64.59
N THR A 644 3.48 -48.55 -64.84
CA THR A 644 2.84 -49.47 -65.76
C THR A 644 2.65 -48.81 -67.12
N PRO A 645 2.71 -49.58 -68.21
CA PRO A 645 2.57 -48.98 -69.54
C PRO A 645 1.33 -48.13 -69.72
N ALA A 646 0.33 -48.28 -68.87
CA ALA A 646 -0.79 -47.35 -68.88
C ALA A 646 -0.36 -45.96 -68.43
N GLY A 647 0.52 -45.88 -67.44
CA GLY A 647 1.05 -44.61 -67.03
C GLY A 647 1.10 -44.37 -65.54
N ASP A 648 0.31 -45.11 -64.78
CA ASP A 648 0.23 -44.89 -63.34
C ASP A 648 1.39 -45.57 -62.65
N TRP A 649 1.33 -45.66 -61.33
CA TRP A 649 2.36 -46.33 -60.55
C TRP A 649 1.67 -47.32 -59.63
N LYS A 650 1.97 -48.60 -59.80
CA LYS A 650 1.37 -49.64 -59.01
C LYS A 650 2.43 -50.28 -58.14
N TYR A 651 2.01 -50.73 -56.98
CA TYR A 651 2.90 -51.46 -56.10
C TYR A 651 3.45 -52.68 -56.79
N ASP A 652 4.76 -52.70 -57.03
CA ASP A 652 5.42 -53.91 -57.45
C ASP A 652 6.00 -54.60 -56.23
N ARG A 653 5.87 -55.93 -56.21
CA ARG A 653 6.33 -56.70 -55.07
C ARG A 653 7.80 -57.05 -55.11
N GLN A 654 8.31 -57.49 -56.24
CA GLN A 654 9.72 -57.86 -56.32
C GLN A 654 10.60 -56.62 -56.17
N LEU A 655 10.31 -55.59 -56.95
CA LEU A 655 11.06 -54.34 -56.90
C LEU A 655 10.97 -53.67 -55.54
N SER A 656 9.93 -53.95 -54.77
CA SER A 656 9.83 -53.48 -53.40
C SER A 656 10.37 -54.50 -52.43
N SER A 657 10.84 -55.63 -52.93
CA SER A 657 11.44 -56.62 -52.06
C SER A 657 12.91 -56.32 -51.82
N LEU A 658 13.66 -56.08 -52.88
CA LEU A 658 15.08 -55.81 -52.70
C LEU A 658 15.33 -54.47 -52.03
N PHE A 659 14.41 -53.51 -52.13
CA PHE A 659 14.53 -52.35 -51.28
C PHE A 659 14.41 -52.75 -49.82
N LEU A 660 13.37 -53.48 -49.52
CA LEU A 660 12.97 -53.62 -48.14
C LEU A 660 13.90 -54.56 -47.38
N ASP A 661 14.50 -55.55 -48.05
CA ASP A 661 15.45 -56.40 -47.34
C ASP A 661 16.78 -55.70 -47.19
N GLY A 662 17.19 -54.93 -48.20
CA GLY A 662 18.34 -54.08 -48.03
C GLY A 662 18.22 -53.21 -46.80
N LEU A 663 17.02 -52.72 -46.52
CA LEU A 663 16.79 -52.10 -45.23
C LEU A 663 17.11 -53.04 -44.10
N GLU A 664 16.53 -54.23 -44.13
CA GLU A 664 16.71 -55.14 -43.00
C GLU A 664 18.15 -55.58 -42.91
N LYS A 665 18.83 -55.70 -44.04
CA LYS A 665 20.27 -55.84 -44.02
C LYS A 665 20.93 -54.61 -43.43
N ALA A 666 20.52 -53.43 -43.86
CA ALA A 666 21.04 -52.19 -43.29
C ALA A 666 20.72 -52.03 -41.84
N ALA A 667 19.88 -52.88 -41.26
CA ALA A 667 19.55 -52.73 -39.86
C ALA A 667 20.30 -53.69 -38.95
N PHE A 668 20.79 -54.80 -39.48
CA PHE A 668 21.60 -55.73 -38.71
C PHE A 668 23.09 -55.43 -38.86
N ASN A 669 23.54 -55.19 -40.08
CA ASN A 669 24.93 -54.86 -40.31
C ASN A 669 25.16 -53.37 -40.49
N GLY A 670 24.15 -52.63 -40.91
CA GLY A 670 24.32 -51.23 -41.22
C GLY A 670 24.90 -51.04 -42.59
N VAL A 671 24.65 -49.86 -43.14
CA VAL A 671 25.01 -49.53 -44.51
C VAL A 671 26.16 -48.55 -44.48
N THR A 672 27.05 -48.65 -45.45
CA THR A 672 28.16 -47.70 -45.55
C THR A 672 27.98 -46.79 -46.76
N PHE A 673 28.36 -45.55 -46.58
CA PHE A 673 28.21 -44.53 -47.60
C PHE A 673 29.56 -43.96 -47.95
N LYS A 674 30.60 -44.74 -47.74
CA LYS A 674 31.95 -44.28 -48.02
C LYS A 674 32.02 -43.79 -49.46
N ASP A 675 32.75 -42.72 -49.67
CA ASP A 675 32.99 -42.19 -51.00
C ASP A 675 31.75 -41.54 -51.61
N LYS A 676 30.67 -41.45 -50.84
CA LYS A 676 29.52 -40.68 -51.29
C LYS A 676 29.92 -39.23 -51.34
N TYR A 677 29.27 -38.46 -52.20
CA TYR A 677 29.34 -37.01 -52.14
C TYR A 677 27.95 -36.43 -52.28
N VAL A 678 27.49 -35.80 -51.22
CA VAL A 678 26.08 -35.49 -51.05
C VAL A 678 25.92 -34.00 -50.86
N LEU A 679 24.95 -33.43 -51.54
CA LEU A 679 24.40 -32.14 -51.17
C LEU A 679 23.08 -32.40 -50.49
N ILE A 680 22.80 -31.65 -49.43
CA ILE A 680 21.54 -31.80 -48.70
C ILE A 680 21.13 -30.44 -48.17
N THR A 681 20.01 -29.93 -48.62
CA THR A 681 19.58 -28.62 -48.16
C THR A 681 18.36 -28.77 -47.29
N GLY A 682 18.33 -28.02 -46.20
CA GLY A 682 17.18 -27.92 -45.33
C GLY A 682 17.42 -28.90 -44.23
N ALA A 683 18.03 -28.44 -43.16
CA ALA A 683 18.48 -29.38 -42.15
C ALA A 683 18.43 -28.78 -40.76
N GLY A 684 17.45 -27.94 -40.47
CA GLY A 684 17.36 -27.33 -39.17
C GLY A 684 17.41 -28.33 -38.05
N LYS A 685 17.82 -27.85 -36.88
CA LYS A 685 17.84 -28.69 -35.70
C LYS A 685 16.46 -29.32 -35.53
N GLY A 686 16.43 -30.62 -35.34
CA GLY A 686 15.18 -31.31 -35.20
C GLY A 686 14.29 -31.07 -36.39
N SER A 687 14.75 -31.47 -37.57
CA SER A 687 13.91 -31.40 -38.75
C SER A 687 14.08 -32.69 -39.55
N ILE A 688 13.45 -32.70 -40.71
CA ILE A 688 13.32 -33.92 -41.49
C ILE A 688 14.69 -34.51 -41.76
N GLY A 689 15.53 -33.76 -42.44
CA GLY A 689 16.85 -34.12 -42.88
C GLY A 689 17.96 -33.78 -41.94
N ALA A 690 17.66 -33.38 -40.72
CA ALA A 690 18.70 -33.29 -39.72
C ALA A 690 19.13 -34.67 -39.29
N GLU A 691 18.23 -35.64 -39.42
CA GLU A 691 18.54 -37.01 -39.04
C GLU A 691 19.10 -37.82 -40.19
N VAL A 692 18.91 -37.40 -41.44
CA VAL A 692 19.64 -38.04 -42.52
C VAL A 692 21.08 -37.56 -42.49
N LEU A 693 21.29 -36.31 -42.12
CA LEU A 693 22.65 -35.86 -41.95
C LEU A 693 23.38 -36.70 -40.94
N GLN A 694 22.79 -36.96 -39.79
CA GLN A 694 23.45 -37.83 -38.83
C GLN A 694 23.69 -39.21 -39.39
N GLY A 695 22.96 -39.60 -40.42
CA GLY A 695 23.18 -40.90 -41.00
C GLY A 695 24.17 -40.79 -42.12
N LEU A 696 24.03 -39.78 -42.96
CA LEU A 696 25.06 -39.57 -43.96
C LEU A 696 26.44 -39.50 -43.34
N LEU A 697 26.60 -38.77 -42.25
CA LEU A 697 27.90 -38.61 -41.65
C LEU A 697 28.42 -39.87 -41.04
N GLN A 698 27.57 -40.69 -40.44
CA GLN A 698 28.12 -41.91 -39.88
C GLN A 698 28.70 -42.81 -40.95
N GLY A 699 28.12 -42.82 -42.15
CA GLY A 699 28.57 -43.73 -43.17
C GLY A 699 29.87 -43.36 -43.81
N GLY A 700 30.38 -42.17 -43.52
CA GLY A 700 31.58 -41.71 -44.17
C GLY A 700 31.30 -40.88 -45.40
N ALA A 701 30.17 -40.19 -45.42
CA ALA A 701 29.77 -39.41 -46.56
C ALA A 701 30.49 -38.08 -46.53
N LYS A 702 30.76 -37.52 -47.70
CA LYS A 702 31.18 -36.14 -47.74
C LYS A 702 30.03 -35.26 -48.17
N VAL A 703 29.60 -34.40 -47.27
CA VAL A 703 28.28 -33.80 -47.29
C VAL A 703 28.42 -32.29 -47.43
N VAL A 704 27.45 -31.68 -48.06
CA VAL A 704 27.25 -30.24 -47.98
C VAL A 704 25.88 -30.01 -47.37
N VAL A 705 25.83 -29.35 -46.23
CA VAL A 705 24.57 -28.96 -45.60
C VAL A 705 24.48 -27.45 -45.65
N THR A 706 23.32 -26.94 -45.96
CA THR A 706 23.16 -25.51 -46.01
C THR A 706 22.12 -25.10 -45.01
N THR A 707 22.16 -23.83 -44.61
CA THR A 707 21.22 -23.30 -43.65
C THR A 707 20.78 -21.91 -44.08
N SER A 708 19.55 -21.56 -43.77
CA SER A 708 19.06 -20.23 -44.06
C SER A 708 19.43 -19.27 -42.94
N ARG A 709 19.41 -19.74 -41.70
CA ARG A 709 19.72 -18.89 -40.56
C ARG A 709 21.14 -19.21 -40.08
N PHE A 710 22.09 -18.50 -40.63
CA PHE A 710 23.50 -18.67 -40.29
C PHE A 710 23.83 -17.77 -39.11
N SER A 711 24.24 -18.38 -38.01
CA SER A 711 24.59 -17.65 -36.81
C SER A 711 25.62 -18.51 -36.09
N LYS A 712 25.86 -18.25 -34.81
CA LYS A 712 26.84 -19.08 -34.13
C LYS A 712 26.19 -20.29 -33.47
N GLN A 713 24.97 -20.14 -32.94
CA GLN A 713 24.35 -21.28 -32.30
C GLN A 713 23.94 -22.31 -33.33
N VAL A 714 23.82 -21.89 -34.59
CA VAL A 714 23.47 -22.82 -35.64
C VAL A 714 24.66 -23.64 -36.08
N THR A 715 25.88 -23.13 -35.93
CA THR A 715 27.03 -23.93 -36.29
C THR A 715 27.57 -24.71 -35.11
N ASP A 716 27.59 -24.11 -33.92
CA ASP A 716 27.86 -24.88 -32.71
C ASP A 716 26.89 -26.03 -32.54
N TYR A 717 25.74 -25.96 -33.18
CA TYR A 717 24.94 -27.13 -33.41
C TYR A 717 25.65 -28.10 -34.34
N TYR A 718 25.93 -27.65 -35.57
CA TYR A 718 26.57 -28.51 -36.54
C TYR A 718 27.92 -29.01 -36.11
N GLN A 719 28.64 -28.27 -35.28
CA GLN A 719 29.89 -28.77 -34.76
C GLN A 719 29.65 -29.99 -33.88
N SER A 720 28.61 -29.95 -33.07
CA SER A 720 28.31 -31.05 -32.18
C SER A 720 27.78 -32.24 -32.93
N ILE A 721 27.16 -32.03 -34.08
CA ILE A 721 26.79 -33.10 -34.97
C ILE A 721 28.02 -33.85 -35.46
N TYR A 722 28.99 -33.13 -36.01
CA TYR A 722 30.15 -33.79 -36.57
C TYR A 722 31.00 -34.41 -35.48
N ALA A 723 31.18 -33.71 -34.37
CA ALA A 723 32.00 -34.26 -33.31
C ALA A 723 31.40 -35.53 -32.73
N LYS A 724 30.09 -35.70 -32.90
CA LYS A 724 29.47 -36.93 -32.43
C LYS A 724 29.47 -37.98 -33.51
N TYR A 725 28.95 -37.67 -34.69
CA TYR A 725 28.59 -38.71 -35.65
C TYR A 725 29.65 -38.95 -36.71
N GLY A 726 30.06 -37.90 -37.42
CA GLY A 726 30.95 -38.04 -38.57
C GLY A 726 32.09 -39.00 -38.38
N ALA A 727 32.24 -39.95 -39.31
CA ALA A 727 33.18 -41.04 -39.17
C ALA A 727 34.37 -40.82 -40.09
N LYS A 728 35.27 -41.79 -40.15
CA LYS A 728 36.49 -41.67 -40.94
C LYS A 728 36.16 -41.20 -42.34
N GLY A 729 36.87 -40.20 -42.82
CA GLY A 729 36.64 -39.69 -44.14
C GLY A 729 35.38 -38.90 -44.32
N SER A 730 34.49 -38.89 -43.33
CA SER A 730 33.27 -38.10 -43.43
C SER A 730 33.66 -36.63 -43.39
N THR A 731 32.90 -35.79 -44.08
CA THR A 731 33.17 -34.37 -44.15
C THR A 731 31.88 -33.63 -44.37
N LEU A 732 31.60 -32.62 -43.56
CA LEU A 732 30.43 -31.81 -43.86
C LEU A 732 30.87 -30.38 -43.98
N ILE A 733 30.21 -29.66 -44.87
CA ILE A 733 30.43 -28.24 -45.05
C ILE A 733 29.13 -27.55 -44.75
N VAL A 734 29.17 -26.53 -43.90
CA VAL A 734 28.00 -25.74 -43.58
C VAL A 734 28.16 -24.40 -44.24
N VAL A 735 27.37 -24.13 -45.26
CA VAL A 735 27.43 -22.86 -45.97
C VAL A 735 26.11 -22.13 -45.69
N PRO A 736 26.07 -20.84 -45.75
CA PRO A 736 24.79 -20.16 -45.68
C PRO A 736 24.15 -20.21 -47.03
N PHE A 737 22.84 -20.00 -47.09
CA PHE A 737 22.12 -20.37 -48.29
C PHE A 737 20.69 -19.94 -48.11
N ASN A 738 20.01 -19.71 -49.22
CA ASN A 738 18.57 -19.86 -49.26
C ASN A 738 18.19 -20.49 -50.58
N GLN A 739 17.16 -21.32 -50.59
CA GLN A 739 16.75 -21.93 -51.83
C GLN A 739 16.16 -20.89 -52.78
N GLY A 740 15.50 -19.88 -52.23
CA GLY A 740 14.69 -19.00 -53.05
C GLY A 740 15.47 -17.99 -53.85
N SER A 741 16.79 -18.05 -53.81
CA SER A 741 17.62 -17.12 -54.53
C SER A 741 18.33 -17.81 -55.68
N LYS A 742 17.88 -17.54 -56.91
CA LYS A 742 18.49 -18.17 -58.07
C LYS A 742 19.96 -17.82 -58.16
N GLN A 743 20.31 -16.60 -57.81
CA GLN A 743 21.69 -16.17 -57.88
C GLN A 743 22.52 -16.88 -56.84
N ASP A 744 21.89 -17.70 -56.02
CA ASP A 744 22.53 -18.35 -54.89
C ASP A 744 22.68 -19.85 -55.09
N VAL A 745 21.89 -20.45 -55.97
CA VAL A 745 22.15 -21.77 -56.48
C VAL A 745 23.08 -21.72 -57.67
N GLU A 746 23.01 -20.67 -58.47
CA GLU A 746 24.02 -20.39 -59.47
C GLU A 746 25.36 -20.09 -58.85
N ALA A 747 25.48 -20.28 -57.54
CA ALA A 747 26.76 -19.96 -56.91
C ALA A 747 27.15 -20.98 -55.89
N LEU A 748 26.23 -21.79 -55.39
CA LEU A 748 26.62 -22.81 -54.43
C LEU A 748 27.24 -24.00 -55.14
N ILE A 749 26.69 -24.35 -56.28
CA ILE A 749 27.22 -25.47 -57.02
C ILE A 749 28.54 -25.14 -57.69
N GLU A 750 28.69 -23.94 -58.25
CA GLU A 750 30.02 -23.50 -58.64
C GLU A 750 31.01 -23.64 -57.51
N PHE A 751 30.59 -23.36 -56.29
CA PHE A 751 31.50 -23.50 -55.16
C PHE A 751 31.81 -24.96 -54.89
N ILE A 752 30.93 -25.87 -55.31
CA ILE A 752 31.18 -27.29 -55.09
C ILE A 752 31.90 -27.90 -56.26
N TYR A 753 31.86 -27.26 -57.39
CA TYR A 753 32.46 -27.79 -58.61
C TYR A 753 33.59 -26.89 -59.08
N ASP A 754 34.35 -26.36 -58.14
CA ASP A 754 35.52 -25.57 -58.45
C ASP A 754 36.70 -26.14 -57.70
N THR A 755 37.88 -25.99 -58.29
CA THR A 755 39.07 -26.56 -57.70
C THR A 755 39.42 -25.83 -56.40
N GLU A 756 40.13 -26.53 -55.54
CA GLU A 756 40.56 -25.92 -54.30
C GLU A 756 41.60 -24.83 -54.53
N LYS A 757 42.01 -24.61 -55.77
CA LYS A 757 42.83 -23.46 -56.10
C LYS A 757 42.01 -22.22 -56.37
N ASN A 758 40.90 -22.36 -57.09
CA ASN A 758 40.01 -21.23 -57.29
C ASN A 758 39.20 -20.92 -56.05
N GLY A 759 39.45 -21.61 -54.95
CA GLY A 759 38.75 -21.33 -53.72
C GLY A 759 37.59 -22.28 -53.56
N GLY A 760 37.35 -23.07 -54.59
CA GLY A 760 36.23 -23.97 -54.67
C GLY A 760 36.32 -25.10 -53.68
N LEU A 761 35.61 -26.17 -53.98
CA LEU A 761 35.57 -27.30 -53.07
C LEU A 761 36.17 -28.56 -53.66
N GLY A 762 36.24 -28.67 -54.98
CA GLY A 762 36.89 -29.80 -55.61
C GLY A 762 36.09 -31.08 -55.57
N TRP A 763 34.80 -30.99 -55.28
CA TRP A 763 33.99 -32.17 -55.04
C TRP A 763 33.28 -32.61 -56.31
N ASP A 764 32.37 -33.56 -56.18
CA ASP A 764 31.49 -33.94 -57.29
C ASP A 764 30.31 -34.71 -56.71
N LEU A 765 29.10 -34.23 -56.95
CA LEU A 765 27.95 -34.71 -56.19
C LEU A 765 27.51 -36.09 -56.65
N ASP A 766 27.21 -36.91 -55.71
CA ASP A 766 26.73 -38.26 -55.89
C ASP A 766 25.31 -38.44 -55.44
N ALA A 767 24.74 -37.45 -54.77
CA ALA A 767 23.36 -37.50 -54.32
C ALA A 767 22.94 -36.12 -53.88
N ILE A 768 21.72 -35.74 -54.23
CA ILE A 768 21.21 -34.43 -53.86
C ILE A 768 19.94 -34.67 -53.05
N ILE A 769 19.77 -33.93 -51.96
CA ILE A 769 18.60 -34.11 -51.12
C ILE A 769 18.00 -32.76 -50.81
N PRO A 770 17.34 -32.12 -51.73
CA PRO A 770 16.87 -30.77 -51.46
C PRO A 770 15.56 -30.70 -50.69
N PHE A 771 15.63 -30.73 -49.37
CA PHE A 771 14.44 -30.85 -48.54
C PHE A 771 13.87 -29.51 -48.08
N ALA A 772 14.52 -28.42 -48.42
CA ALA A 772 14.32 -27.17 -47.71
C ALA A 772 12.99 -26.56 -48.07
N ALA A 773 12.23 -26.23 -47.04
CA ALA A 773 10.88 -25.73 -47.24
C ALA A 773 10.59 -24.71 -46.15
N ILE A 774 9.66 -23.81 -46.40
CA ILE A 774 9.24 -22.86 -45.38
C ILE A 774 7.80 -23.18 -45.04
N PRO A 775 7.41 -23.03 -43.81
CA PRO A 775 6.03 -23.34 -43.45
C PRO A 775 5.08 -22.29 -43.95
N GLU A 776 3.89 -22.71 -44.37
CA GLU A 776 2.78 -21.79 -44.49
C GLU A 776 1.50 -22.55 -44.24
N GLN A 777 0.67 -21.98 -43.38
CA GLN A 777 -0.56 -22.61 -42.93
C GLN A 777 -1.60 -21.53 -42.78
N GLY A 778 -2.85 -21.86 -43.08
CA GLY A 778 -3.91 -20.90 -43.01
C GLY A 778 -4.08 -20.19 -44.33
N ILE A 779 -3.23 -20.52 -45.27
CA ILE A 779 -3.25 -19.91 -46.61
C ILE A 779 -4.11 -20.78 -47.52
N GLU A 780 -5.30 -20.30 -47.81
CA GLU A 780 -6.19 -20.92 -48.77
C GLU A 780 -6.13 -20.14 -50.08
N LEU A 781 -7.02 -20.45 -51.02
CA LEU A 781 -6.91 -19.90 -52.37
C LEU A 781 -7.02 -18.38 -52.43
N GLU A 782 -7.87 -17.73 -51.64
CA GLU A 782 -7.85 -16.29 -51.70
C GLU A 782 -6.76 -15.68 -50.83
N HIS A 783 -5.95 -16.50 -50.16
CA HIS A 783 -4.84 -15.95 -49.40
C HIS A 783 -3.49 -16.26 -50.04
N ILE A 784 -3.47 -16.98 -51.16
CA ILE A 784 -2.22 -17.29 -51.82
C ILE A 784 -1.61 -16.01 -52.34
N ASP A 785 -0.47 -15.63 -51.77
CA ASP A 785 0.22 -14.43 -52.23
C ASP A 785 1.70 -14.57 -51.94
N SER A 786 2.40 -13.44 -51.85
CA SER A 786 3.85 -13.37 -51.77
C SER A 786 4.47 -14.54 -51.04
N LYS A 787 4.07 -14.78 -49.80
CA LYS A 787 4.76 -15.81 -49.02
C LYS A 787 4.68 -17.15 -49.70
N SER A 788 3.59 -17.43 -50.38
CA SER A 788 3.49 -18.66 -51.14
C SER A 788 4.28 -18.62 -52.43
N GLU A 789 4.03 -17.63 -53.27
CA GLU A 789 4.81 -17.43 -54.48
C GLU A 789 6.30 -17.44 -54.19
N PHE A 790 6.70 -17.12 -52.97
CA PHE A 790 8.08 -17.33 -52.56
C PHE A 790 8.34 -18.79 -52.24
N ALA A 791 7.46 -19.44 -51.48
CA ALA A 791 7.71 -20.82 -51.10
C ALA A 791 7.72 -21.73 -52.30
N HIS A 792 6.97 -21.43 -53.33
CA HIS A 792 7.01 -22.21 -54.55
C HIS A 792 8.39 -22.24 -55.14
N ARG A 793 9.16 -21.18 -55.00
CA ARG A 793 10.51 -21.12 -55.52
C ARG A 793 11.49 -21.88 -54.64
N ILE A 794 11.31 -21.84 -53.32
CA ILE A 794 12.18 -22.62 -52.46
C ILE A 794 12.04 -24.11 -52.77
N MET A 795 10.83 -24.54 -53.08
CA MET A 795 10.59 -25.96 -53.28
C MET A 795 10.66 -26.34 -54.74
N LEU A 796 9.97 -25.64 -55.63
CA LEU A 796 9.99 -26.19 -56.97
C LEU A 796 11.03 -25.57 -57.88
N THR A 797 10.88 -24.30 -58.26
CA THR A 797 11.64 -23.85 -59.41
C THR A 797 13.12 -23.73 -59.11
N ASN A 798 13.52 -23.89 -57.86
CA ASN A 798 14.94 -23.89 -57.54
C ASN A 798 15.47 -25.27 -57.27
N ILE A 799 14.60 -26.23 -56.99
CA ILE A 799 15.08 -27.59 -56.93
C ILE A 799 15.25 -27.99 -58.38
N LEU A 800 14.46 -27.38 -59.25
CA LEU A 800 14.65 -27.54 -60.67
C LEU A 800 15.94 -26.92 -61.14
N ARG A 801 16.32 -25.78 -60.58
CA ARG A 801 17.54 -25.13 -61.01
C ARG A 801 18.74 -25.57 -60.20
N MET A 802 18.54 -26.40 -59.19
CA MET A 802 19.67 -27.13 -58.64
C MET A 802 20.09 -28.26 -59.56
N MET A 803 19.18 -29.18 -59.87
CA MET A 803 19.44 -30.14 -60.91
C MET A 803 19.76 -29.49 -62.24
N GLY A 804 19.07 -28.42 -62.60
CA GLY A 804 19.38 -27.80 -63.85
C GLY A 804 20.76 -27.20 -63.92
N CYS A 805 21.50 -27.25 -62.82
CA CYS A 805 22.79 -26.61 -62.73
C CYS A 805 23.82 -27.45 -62.05
N VAL A 806 23.59 -28.75 -61.89
CA VAL A 806 24.74 -29.58 -61.60
C VAL A 806 25.05 -30.30 -62.89
N LYS A 807 24.06 -30.39 -63.77
CA LYS A 807 24.37 -30.92 -65.08
C LYS A 807 25.38 -30.07 -65.82
N LYS A 808 25.18 -28.74 -65.83
CA LYS A 808 26.14 -27.86 -66.50
C LYS A 808 27.54 -28.15 -66.02
N GLN A 809 27.70 -28.50 -64.76
CA GLN A 809 29.00 -28.89 -64.25
C GLN A 809 29.34 -30.35 -64.53
N LYS A 810 28.37 -31.25 -64.43
CA LYS A 810 28.61 -32.62 -64.85
C LYS A 810 29.09 -32.66 -66.30
N SER A 811 28.56 -31.80 -67.15
CA SER A 811 28.70 -31.95 -68.58
C SER A 811 29.91 -31.19 -69.09
N ALA A 812 30.33 -30.17 -68.37
CA ALA A 812 31.52 -29.44 -68.76
C ALA A 812 32.78 -30.21 -68.45
N ARG A 813 32.84 -30.85 -67.30
CA ARG A 813 33.93 -31.77 -67.01
C ARG A 813 33.88 -32.97 -67.95
N GLY A 814 32.69 -33.36 -68.36
CA GLY A 814 32.55 -34.54 -69.18
C GLY A 814 32.14 -35.72 -68.34
N ILE A 815 31.88 -35.48 -67.06
CA ILE A 815 31.47 -36.54 -66.16
C ILE A 815 30.14 -37.11 -66.62
N GLU A 816 30.14 -38.36 -67.06
CA GLU A 816 28.90 -39.01 -67.42
C GLU A 816 28.77 -40.41 -66.88
N THR A 817 29.59 -40.81 -65.92
CA THR A 817 29.52 -42.15 -65.37
C THR A 817 29.26 -42.08 -63.87
N ARG A 818 29.20 -40.87 -63.34
CA ARG A 818 28.96 -40.63 -61.91
C ARG A 818 27.73 -39.76 -61.80
N PRO A 819 26.56 -40.32 -61.93
CA PRO A 819 25.34 -39.52 -61.92
C PRO A 819 24.88 -39.22 -60.52
N ALA A 820 24.25 -38.06 -60.32
CA ALA A 820 23.82 -37.65 -59.00
C ALA A 820 22.37 -38.04 -58.75
N GLN A 821 22.16 -39.04 -57.91
CA GLN A 821 20.82 -39.42 -57.52
C GLN A 821 20.13 -38.28 -56.79
N VAL A 822 18.98 -37.87 -57.29
CA VAL A 822 18.20 -36.85 -56.63
C VAL A 822 17.20 -37.56 -55.72
N ILE A 823 16.91 -36.95 -54.59
CA ILE A 823 15.91 -37.47 -53.66
C ILE A 823 14.87 -36.39 -53.46
N LEU A 824 13.86 -36.40 -54.26
CA LEU A 824 12.84 -35.39 -54.12
C LEU A 824 11.94 -35.74 -52.95
N PRO A 825 11.82 -34.88 -51.97
CA PRO A 825 10.83 -35.12 -50.92
C PRO A 825 9.44 -34.86 -51.42
N MET A 826 8.65 -35.90 -51.63
CA MET A 826 7.30 -35.74 -52.17
C MET A 826 6.35 -35.92 -51.00
N SER A 827 5.07 -36.03 -51.30
CA SER A 827 4.09 -36.29 -50.26
C SER A 827 2.84 -36.84 -50.93
N PRO A 828 1.98 -37.50 -50.16
CA PRO A 828 0.65 -37.84 -50.67
C PRO A 828 -0.37 -36.71 -50.54
N ASN A 829 -0.06 -35.71 -49.72
CA ASN A 829 -0.92 -34.53 -49.56
C ASN A 829 -0.85 -33.74 -50.85
N HIS A 830 -1.85 -33.95 -51.70
CA HIS A 830 -2.05 -33.09 -52.86
C HIS A 830 -3.40 -32.44 -52.72
N GLY A 831 -3.44 -31.34 -51.98
CA GLY A 831 -4.70 -30.69 -51.74
C GLY A 831 -5.71 -31.53 -51.01
N THR A 832 -5.27 -32.59 -50.35
CA THR A 832 -6.15 -33.41 -49.52
C THR A 832 -6.28 -32.83 -48.13
N PHE A 833 -5.21 -32.23 -47.61
CA PHE A 833 -5.30 -31.50 -46.36
C PHE A 833 -5.96 -30.16 -46.62
N GLY A 834 -6.00 -29.32 -45.60
CA GLY A 834 -6.65 -28.06 -45.76
C GLY A 834 -5.77 -27.04 -46.44
N GLY A 835 -5.73 -25.84 -45.88
CA GLY A 835 -5.04 -24.71 -46.46
C GLY A 835 -3.57 -24.66 -46.13
N ASP A 836 -2.77 -25.45 -46.82
CA ASP A 836 -1.33 -25.42 -46.68
C ASP A 836 -0.69 -24.39 -47.61
N GLY A 837 -1.48 -23.66 -48.38
CA GLY A 837 -0.91 -22.71 -49.29
C GLY A 837 -0.57 -23.40 -50.57
N MET A 838 0.41 -22.87 -51.28
CA MET A 838 0.81 -23.51 -52.54
C MET A 838 1.84 -24.57 -52.26
N TYR A 839 1.60 -25.40 -51.25
CA TYR A 839 2.51 -26.47 -50.90
C TYR A 839 2.20 -27.72 -51.69
N SER A 840 0.97 -27.84 -52.18
CA SER A 840 0.57 -28.97 -53.00
C SER A 840 1.15 -28.92 -54.38
N GLU A 841 0.74 -27.97 -55.24
CA GLU A 841 1.25 -27.97 -56.60
C GLU A 841 2.74 -27.67 -56.61
N SER A 842 3.30 -27.43 -55.44
CA SER A 842 4.74 -27.46 -55.37
C SER A 842 5.25 -28.88 -55.39
N LYS A 843 4.85 -29.72 -54.45
CA LYS A 843 5.38 -31.06 -54.36
C LYS A 843 4.63 -32.04 -55.22
N LEU A 844 3.52 -31.63 -55.81
CA LEU A 844 2.90 -32.49 -56.81
C LEU A 844 3.57 -32.30 -58.16
N SER A 845 4.03 -31.10 -58.46
CA SER A 845 4.71 -30.87 -59.72
C SER A 845 6.20 -31.21 -59.56
N LEU A 846 6.43 -32.37 -58.95
CA LEU A 846 7.77 -32.94 -58.88
C LEU A 846 7.79 -34.37 -59.39
N GLU A 847 6.66 -35.05 -59.43
CA GLU A 847 6.65 -36.33 -60.12
C GLU A 847 6.69 -36.16 -61.62
N THR A 848 6.45 -34.96 -62.12
CA THR A 848 6.76 -34.68 -63.52
C THR A 848 8.24 -34.79 -63.81
N LEU A 849 9.02 -35.17 -62.80
CA LEU A 849 10.45 -35.35 -62.97
C LEU A 849 10.78 -36.75 -63.44
N PHE A 850 9.78 -37.46 -63.91
CA PHE A 850 9.94 -38.74 -64.57
C PHE A 850 9.62 -38.67 -66.05
N ASN A 851 8.59 -37.92 -66.41
CA ASN A 851 8.35 -37.53 -67.79
C ASN A 851 9.55 -36.83 -68.43
N ARG A 852 10.62 -36.59 -67.67
CA ARG A 852 11.76 -35.89 -68.25
C ARG A 852 13.03 -36.71 -68.20
N TRP A 853 13.25 -37.50 -67.17
CA TRP A 853 14.44 -38.34 -67.13
C TRP A 853 14.53 -39.23 -68.36
N HIS A 854 13.38 -39.57 -68.93
CA HIS A 854 13.29 -40.31 -70.19
C HIS A 854 13.22 -39.40 -71.39
N SER A 855 12.70 -38.20 -71.23
CA SER A 855 12.48 -37.33 -72.37
C SER A 855 13.75 -36.56 -72.64
N GLU A 856 14.34 -35.98 -71.61
CA GLU A 856 15.41 -35.00 -71.80
C GLU A 856 16.79 -35.64 -71.81
N SER A 857 17.81 -34.81 -71.72
CA SER A 857 19.18 -35.18 -72.06
C SER A 857 20.03 -35.35 -70.82
N TRP A 858 19.46 -35.11 -69.66
CA TRP A 858 20.26 -35.07 -68.45
C TRP A 858 20.17 -36.40 -67.72
N ALA A 859 19.86 -37.44 -68.47
CA ALA A 859 19.62 -38.73 -67.84
C ALA A 859 20.90 -39.32 -67.30
N ASN A 860 22.03 -39.01 -67.94
CA ASN A 860 23.29 -39.62 -67.55
C ASN A 860 23.88 -38.98 -66.32
N GLN A 861 23.51 -37.75 -66.02
CA GLN A 861 24.10 -37.04 -64.91
C GLN A 861 23.21 -36.99 -63.69
N LEU A 862 21.91 -37.11 -63.86
CA LEU A 862 20.97 -37.08 -62.76
C LEU A 862 20.08 -38.30 -62.83
N THR A 863 19.82 -38.87 -61.69
CA THR A 863 18.90 -40.00 -61.62
C THR A 863 17.89 -39.66 -60.53
N VAL A 864 16.64 -39.54 -60.91
CA VAL A 864 15.59 -39.17 -59.98
C VAL A 864 15.33 -40.36 -59.06
N CYS A 865 15.14 -40.07 -57.78
CA CYS A 865 14.69 -41.07 -56.84
C CYS A 865 13.71 -40.40 -55.90
N GLY A 866 12.45 -40.30 -56.33
CA GLY A 866 11.40 -39.73 -55.52
C GLY A 866 11.33 -40.44 -54.18
N ALA A 867 10.68 -39.76 -53.25
CA ALA A 867 10.55 -40.27 -51.89
C ALA A 867 9.20 -39.82 -51.36
N ILE A 868 8.98 -39.94 -50.06
CA ILE A 868 7.69 -39.54 -49.49
C ILE A 868 7.89 -38.95 -48.09
N ILE A 869 7.36 -37.75 -47.88
CA ILE A 869 7.02 -37.28 -46.55
C ILE A 869 5.84 -38.14 -46.12
N GLY A 870 6.06 -39.04 -45.19
CA GLY A 870 4.97 -39.90 -44.76
C GLY A 870 4.17 -39.14 -43.74
N TRP A 871 4.17 -39.61 -42.51
CA TRP A 871 3.71 -38.79 -41.40
C TRP A 871 4.82 -38.81 -40.38
N THR A 872 5.73 -37.87 -40.49
CA THR A 872 6.83 -37.79 -39.56
C THR A 872 6.54 -36.72 -38.52
N ARG A 873 6.71 -37.08 -37.27
CA ARG A 873 6.36 -36.23 -36.15
C ARG A 873 7.53 -35.33 -35.80
N GLY A 874 7.22 -34.09 -35.42
CA GLY A 874 8.21 -33.05 -35.31
C GLY A 874 7.90 -31.95 -36.32
N THR A 875 8.74 -31.81 -37.34
CA THR A 875 8.35 -31.06 -38.53
C THR A 875 9.17 -31.60 -39.69
N ASN A 881 0.60 -29.98 -34.98
CA ASN A 881 -0.14 -31.03 -35.68
C ASN A 881 0.20 -32.38 -35.09
N ASN A 882 1.03 -32.35 -34.10
CA ASN A 882 1.66 -33.48 -33.45
C ASN A 882 0.79 -34.17 -32.45
N ILE A 883 -0.41 -33.67 -32.14
CA ILE A 883 -1.20 -34.24 -31.06
C ILE A 883 -2.25 -35.23 -31.52
N ILE A 884 -2.31 -35.54 -32.80
CA ILE A 884 -3.33 -36.46 -33.28
C ILE A 884 -2.67 -37.62 -33.98
N ALA A 885 -1.35 -37.70 -33.88
CA ALA A 885 -0.65 -38.86 -34.41
C ALA A 885 -1.11 -40.13 -33.74
N GLU A 886 -1.15 -40.14 -32.42
CA GLU A 886 -1.68 -41.31 -31.72
C GLU A 886 -3.10 -41.62 -32.14
N GLY A 887 -3.84 -40.61 -32.62
CA GLY A 887 -5.18 -40.87 -33.08
C GLY A 887 -5.23 -41.69 -34.35
N ILE A 888 -4.49 -41.27 -35.39
CA ILE A 888 -4.49 -41.97 -36.66
C ILE A 888 -3.97 -43.38 -36.56
N GLU A 889 -2.90 -43.60 -35.79
CA GLU A 889 -2.28 -44.91 -35.70
C GLU A 889 -3.25 -45.99 -35.27
N LYS A 890 -4.42 -45.62 -34.78
CA LYS A 890 -5.47 -46.58 -34.47
C LYS A 890 -6.20 -47.06 -35.71
N MET A 891 -5.90 -46.49 -36.88
CA MET A 891 -6.50 -46.93 -38.13
C MET A 891 -5.58 -47.88 -38.86
N GLY A 892 -4.76 -48.61 -38.12
CA GLY A 892 -3.78 -49.48 -38.74
C GLY A 892 -2.75 -48.75 -39.57
N VAL A 893 -2.46 -47.50 -39.23
CA VAL A 893 -1.54 -46.67 -39.98
C VAL A 893 -0.30 -46.43 -39.14
N ARG A 894 0.86 -46.48 -39.78
CA ARG A 894 2.10 -46.17 -39.08
C ARG A 894 2.45 -44.71 -39.28
N THR A 895 2.88 -44.08 -38.20
CA THR A 895 3.50 -42.77 -38.23
C THR A 895 4.93 -42.90 -37.75
N PHE A 896 5.80 -42.04 -38.26
CA PHE A 896 7.23 -42.22 -38.15
C PHE A 896 7.83 -41.16 -37.24
N SER A 897 8.75 -41.58 -36.39
CA SER A 897 9.59 -40.60 -35.74
C SER A 897 10.50 -40.04 -36.82
N GLN A 898 11.13 -38.92 -36.55
CA GLN A 898 12.03 -38.37 -37.56
C GLN A 898 13.21 -39.28 -37.77
N LYS A 899 13.75 -39.83 -36.69
CA LYS A 899 14.83 -40.79 -36.79
C LYS A 899 14.42 -42.05 -37.51
N GLU A 900 13.13 -42.37 -37.48
CA GLU A 900 12.64 -43.52 -38.22
C GLU A 900 12.53 -43.21 -39.70
N MET A 901 11.88 -42.10 -40.05
CA MET A 901 11.84 -41.71 -41.45
C MET A 901 13.23 -41.35 -41.95
N ALA A 902 14.10 -40.94 -41.06
CA ALA A 902 15.50 -40.92 -41.40
C ALA A 902 15.96 -42.26 -41.94
N PHE A 903 15.64 -43.35 -41.26
CA PHE A 903 16.13 -44.65 -41.68
C PHE A 903 15.64 -44.97 -43.07
N ASN A 904 14.40 -44.64 -43.37
CA ASN A 904 13.87 -45.03 -44.66
C ASN A 904 14.54 -44.29 -45.81
N LEU A 905 14.44 -42.97 -45.87
CA LEU A 905 15.11 -42.23 -46.92
C LEU A 905 16.59 -42.57 -47.00
N LEU A 906 17.18 -42.97 -45.89
CA LEU A 906 18.59 -43.30 -45.87
C LEU A 906 18.84 -44.68 -46.46
N GLY A 907 17.84 -45.54 -46.40
CA GLY A 907 17.95 -46.81 -47.07
C GLY A 907 17.67 -46.64 -48.55
N LEU A 908 17.32 -45.42 -48.94
CA LEU A 908 17.11 -45.11 -50.34
C LEU A 908 18.43 -44.81 -51.04
N LEU A 909 19.53 -44.94 -50.32
CA LEU A 909 20.85 -44.78 -50.88
C LEU A 909 21.61 -46.08 -50.90
N THR A 910 20.98 -47.16 -50.48
CA THR A 910 21.67 -48.42 -50.35
C THR A 910 22.26 -48.81 -51.70
N PRO A 911 23.48 -49.34 -51.72
CA PRO A 911 24.09 -49.71 -53.01
C PRO A 911 23.20 -50.53 -53.91
N GLU A 912 22.18 -51.21 -53.37
CA GLU A 912 21.24 -51.94 -54.20
C GLU A 912 20.37 -50.98 -55.00
N VAL A 913 19.57 -50.18 -54.31
CA VAL A 913 18.71 -49.21 -54.95
C VAL A 913 19.44 -48.28 -55.88
N VAL A 914 20.67 -47.90 -55.56
CA VAL A 914 21.39 -46.94 -56.37
C VAL A 914 21.43 -47.40 -57.81
N GLU A 915 21.75 -48.66 -58.04
CA GLU A 915 21.58 -49.21 -59.38
C GLU A 915 20.13 -49.17 -59.84
N LEU A 916 19.20 -49.55 -58.98
CA LEU A 916 17.80 -49.58 -59.37
C LEU A 916 17.31 -48.22 -59.82
N CYS A 917 17.84 -47.14 -59.25
CA CYS A 917 17.50 -45.81 -59.71
C CYS A 917 18.14 -45.52 -61.04
N GLN A 918 19.11 -46.33 -61.42
CA GLN A 918 20.06 -45.97 -62.44
C GLN A 918 19.68 -46.70 -63.72
N LYS A 919 18.69 -47.55 -63.62
CA LYS A 919 17.95 -48.00 -64.79
C LYS A 919 16.69 -47.21 -65.04
N SER A 920 15.94 -46.88 -64.03
CA SER A 920 14.68 -46.21 -64.16
C SER A 920 14.49 -45.27 -62.97
N PRO A 921 13.79 -44.17 -63.14
CA PRO A 921 13.40 -43.39 -61.97
C PRO A 921 12.51 -44.22 -61.08
N VAL A 922 12.75 -44.18 -59.78
CA VAL A 922 11.97 -44.95 -58.83
C VAL A 922 11.14 -44.00 -57.99
N MET A 923 9.97 -44.46 -57.59
CA MET A 923 9.24 -43.83 -56.51
C MET A 923 9.33 -44.75 -55.30
N ALA A 924 9.32 -44.16 -54.11
CA ALA A 924 9.55 -44.93 -52.91
C ALA A 924 8.51 -44.51 -51.88
N ASP A 925 7.34 -45.15 -51.91
CA ASP A 925 6.23 -44.74 -51.06
C ASP A 925 6.53 -45.13 -49.62
N LEU A 926 7.10 -44.20 -48.86
CA LEU A 926 7.38 -44.41 -47.45
C LEU A 926 6.19 -43.96 -46.62
N ASN A 927 5.02 -44.00 -47.21
CA ASN A 927 3.80 -43.61 -46.54
C ASN A 927 3.17 -44.83 -45.87
N GLY A 928 2.77 -44.65 -44.61
CA GLY A 928 2.32 -45.78 -43.80
C GLY A 928 1.03 -46.41 -44.30
N GLY A 929 0.42 -45.87 -45.32
CA GLY A 929 -0.84 -46.40 -45.78
C GLY A 929 -1.87 -45.30 -45.73
N LEU A 930 -1.40 -44.10 -45.51
CA LEU A 930 -2.30 -42.97 -45.39
C LEU A 930 -3.01 -42.63 -46.68
N GLN A 931 -2.76 -43.35 -47.75
CA GLN A 931 -3.56 -43.20 -48.95
C GLN A 931 -4.79 -44.11 -48.93
N PHE A 932 -4.89 -44.97 -47.92
CA PHE A 932 -5.99 -45.91 -47.79
C PHE A 932 -7.09 -45.44 -46.86
N VAL A 933 -6.74 -44.89 -45.70
CA VAL A 933 -7.78 -44.31 -44.86
C VAL A 933 -8.52 -43.24 -45.66
N PRO A 934 -9.78 -43.44 -45.95
CA PRO A 934 -10.46 -42.60 -46.93
C PRO A 934 -11.01 -41.34 -46.31
N GLU A 935 -11.04 -40.26 -47.08
CA GLU A 935 -11.51 -38.97 -46.59
C GLU A 935 -10.78 -38.59 -45.31
N LEU A 936 -9.45 -38.61 -45.39
CA LEU A 936 -8.58 -38.34 -44.25
C LEU A 936 -8.68 -36.92 -43.76
N LYS A 937 -9.07 -35.96 -44.60
CA LYS A 937 -9.02 -34.56 -44.19
C LYS A 937 -9.83 -34.35 -42.92
N GLU A 938 -11.13 -34.54 -43.00
CA GLU A 938 -11.93 -34.36 -41.81
C GLU A 938 -11.83 -35.53 -40.86
N PHE A 939 -11.48 -36.71 -41.34
CA PHE A 939 -11.09 -37.76 -40.41
C PHE A 939 -9.97 -37.27 -39.52
N THR A 940 -9.04 -36.51 -40.08
CA THR A 940 -8.07 -35.81 -39.27
C THR A 940 -8.70 -34.67 -38.50
N ALA A 941 -9.45 -33.81 -39.19
CA ALA A 941 -10.01 -32.62 -38.59
C ALA A 941 -11.00 -32.94 -37.49
N LYS A 942 -11.49 -34.17 -37.44
CA LYS A 942 -12.37 -34.59 -36.37
C LYS A 942 -11.57 -35.06 -35.17
N LEU A 943 -10.51 -35.84 -35.38
CA LEU A 943 -9.71 -36.33 -34.27
C LEU A 943 -9.20 -35.20 -33.39
N ARG A 944 -8.89 -34.05 -33.98
CA ARG A 944 -8.38 -32.96 -33.16
C ARG A 944 -9.50 -32.06 -32.67
N LYS A 945 -10.58 -31.93 -33.43
CA LYS A 945 -11.72 -31.18 -32.94
C LYS A 945 -12.30 -31.84 -31.70
N GLU A 946 -12.11 -33.15 -31.56
CA GLU A 946 -12.53 -33.82 -30.34
C GLU A 946 -11.53 -33.62 -29.21
N LEU A 947 -10.25 -33.56 -29.54
CA LEU A 947 -9.23 -33.38 -28.52
C LEU A 947 -9.22 -31.98 -27.93
N VAL A 948 -9.93 -31.03 -28.56
CA VAL A 948 -10.07 -29.73 -27.93
C VAL A 948 -11.32 -29.69 -27.06
N GLU A 949 -12.37 -30.39 -27.49
CA GLU A 949 -13.56 -30.51 -26.65
C GLU A 949 -13.21 -31.19 -25.35
N THR A 950 -12.79 -32.44 -25.42
CA THR A 950 -12.41 -33.19 -24.23
C THR A 950 -11.32 -32.49 -23.42
N SER A 951 -10.57 -31.59 -24.04
CA SER A 951 -9.62 -30.79 -23.28
C SER A 951 -10.29 -29.60 -22.63
N GLU A 952 -11.05 -28.83 -23.39
CA GLU A 952 -11.63 -27.61 -22.85
C GLU A 952 -12.78 -27.87 -21.88
N VAL A 953 -13.59 -28.90 -22.11
CA VAL A 953 -14.65 -29.16 -21.15
C VAL A 953 -14.09 -29.59 -19.82
N ARG A 954 -12.96 -30.29 -19.80
CA ARG A 954 -12.32 -30.58 -18.54
C ARG A 954 -11.44 -29.44 -18.08
N LYS A 955 -11.32 -28.39 -18.88
CA LYS A 955 -10.82 -27.13 -18.35
C LYS A 955 -11.93 -26.35 -17.65
N ALA A 956 -13.10 -26.27 -18.27
CA ALA A 956 -14.19 -25.50 -17.71
C ALA A 956 -14.87 -26.20 -16.55
N VAL A 957 -15.15 -27.50 -16.66
CA VAL A 957 -15.76 -28.20 -15.55
C VAL A 957 -14.83 -28.24 -14.35
N SER A 958 -13.54 -28.38 -14.59
CA SER A 958 -12.61 -28.46 -13.47
C SER A 958 -12.50 -27.16 -12.71
N ILE A 959 -12.48 -26.02 -13.40
CA ILE A 959 -12.29 -24.77 -12.70
C ILE A 959 -13.52 -24.36 -11.92
N GLU A 960 -14.70 -24.62 -12.44
CA GLU A 960 -15.91 -24.22 -11.73
C GLU A 960 -16.18 -25.11 -10.51
N THR A 961 -15.91 -26.41 -10.61
CA THR A 961 -16.04 -27.25 -9.42
C THR A 961 -15.04 -26.84 -8.36
N ALA A 962 -13.80 -26.52 -8.76
CA ALA A 962 -12.88 -25.90 -7.84
C ALA A 962 -13.41 -24.55 -7.37
N LEU A 963 -14.19 -23.88 -8.21
CA LEU A 963 -14.82 -22.64 -7.80
C LEU A 963 -16.05 -22.91 -6.97
N GLU A 964 -16.83 -23.93 -7.33
CA GLU A 964 -17.89 -24.41 -6.46
C GLU A 964 -17.37 -24.72 -5.06
N HIS A 965 -16.23 -25.39 -4.98
CA HIS A 965 -15.62 -25.72 -3.70
C HIS A 965 -15.17 -24.49 -2.93
N LYS A 966 -15.23 -23.31 -3.54
CA LYS A 966 -14.79 -22.09 -2.86
C LYS A 966 -15.95 -21.23 -2.38
N VAL A 967 -17.19 -21.60 -2.71
CA VAL A 967 -18.33 -20.87 -2.21
C VAL A 967 -19.16 -21.67 -1.22
N VAL A 968 -19.03 -22.99 -1.18
CA VAL A 968 -19.68 -23.75 -0.13
C VAL A 968 -18.78 -23.89 1.08
N ASN A 969 -17.46 -23.86 0.86
CA ASN A 969 -16.51 -23.95 1.95
C ASN A 969 -15.73 -22.68 2.17
N GLY A 970 -15.71 -21.78 1.20
CA GLY A 970 -15.00 -20.53 1.34
C GLY A 970 -13.50 -20.70 1.27
N ASN A 971 -12.85 -19.71 0.66
CA ASN A 971 -11.41 -19.71 0.50
C ASN A 971 -10.67 -19.28 1.76
N SER A 972 -11.40 -18.95 2.83
CA SER A 972 -10.76 -18.65 4.10
C SER A 972 -10.03 -19.88 4.64
N ALA A 973 -10.62 -21.05 4.45
CA ALA A 973 -9.96 -22.31 4.76
C ALA A 973 -9.30 -22.95 3.55
N ASP A 974 -9.64 -22.49 2.34
CA ASP A 974 -9.01 -23.01 1.14
C ASP A 974 -7.64 -22.40 0.87
N ALA A 975 -7.31 -21.30 1.53
CA ALA A 975 -5.99 -20.70 1.39
C ALA A 975 -4.91 -21.47 2.15
N ALA A 976 -5.28 -22.17 3.22
CA ALA A 976 -4.33 -23.04 3.90
C ALA A 976 -3.90 -24.22 3.03
N TYR A 977 -4.66 -24.53 1.98
CA TYR A 977 -4.28 -25.56 1.04
C TYR A 977 -3.35 -25.05 -0.05
N ALA A 978 -3.36 -23.74 -0.32
CA ALA A 978 -2.37 -23.14 -1.19
C ALA A 978 -1.03 -23.18 -0.48
N GLN A 979 -0.20 -24.17 -0.81
CA GLN A 979 1.01 -24.40 -0.06
C GLN A 979 2.01 -23.28 -0.30
N VAL A 980 2.84 -23.01 0.70
CA VAL A 980 3.84 -21.95 0.58
C VAL A 980 5.09 -22.52 -0.07
N GLU A 981 5.49 -21.92 -1.18
CA GLU A 981 6.53 -22.47 -2.02
C GLU A 981 7.66 -21.44 -2.13
N ILE A 982 8.87 -21.88 -1.81
CA ILE A 982 9.99 -20.99 -1.53
C ILE A 982 10.92 -20.93 -2.72
N GLN A 983 11.33 -19.73 -3.10
CA GLN A 983 12.28 -19.32 -4.11
C GLN A 983 13.69 -19.39 -3.56
N PRO A 984 14.61 -20.09 -4.23
CA PRO A 984 15.97 -20.15 -3.71
C PRO A 984 16.64 -18.80 -3.79
N ARG A 985 17.52 -18.55 -2.83
CA ARG A 985 18.25 -17.29 -2.77
C ARG A 985 19.71 -17.54 -3.13
N ALA A 986 20.38 -16.48 -3.55
CA ALA A 986 21.76 -16.57 -4.00
C ALA A 986 22.69 -16.63 -2.81
N ASN A 987 23.38 -17.75 -2.67
CA ASN A 987 24.33 -17.96 -1.57
C ASN A 987 25.67 -18.27 -2.19
N ILE A 988 26.43 -17.24 -2.53
CA ILE A 988 27.72 -17.37 -3.20
C ILE A 988 28.62 -18.21 -2.32
N GLN A 989 29.65 -18.78 -2.89
CA GLN A 989 30.59 -19.60 -2.13
C GLN A 989 32.01 -19.20 -2.47
N LEU A 990 32.94 -19.67 -1.66
CA LEU A 990 34.36 -19.34 -1.84
C LEU A 990 35.14 -20.45 -2.50
N ASP A 991 34.58 -21.63 -2.65
CA ASP A 991 35.20 -22.70 -3.40
C ASP A 991 36.53 -23.12 -2.77
N PHE A 992 36.55 -23.16 -1.46
CA PHE A 992 37.72 -23.70 -0.78
C PHE A 992 37.86 -25.16 -1.19
N PRO A 993 39.07 -25.67 -1.31
CA PRO A 993 39.27 -27.09 -1.54
C PRO A 993 38.65 -27.90 -0.41
N GLU A 994 37.97 -28.97 -0.78
CA GLU A 994 37.42 -29.90 0.18
C GLU A 994 38.55 -30.75 0.71
N LEU A 995 38.52 -31.05 1.98
CA LEU A 995 39.56 -31.84 2.63
C LEU A 995 38.98 -33.20 2.99
N LYS A 996 39.27 -34.20 2.19
CA LYS A 996 38.87 -35.53 2.55
C LYS A 996 39.70 -36.02 3.73
N PRO A 997 39.15 -36.93 4.53
CA PRO A 997 39.82 -37.32 5.77
C PRO A 997 41.21 -37.87 5.56
N TYR A 998 41.98 -37.96 6.64
CA TYR A 998 43.38 -38.28 6.52
C TYR A 998 43.62 -39.65 5.93
N LYS A 999 42.78 -40.64 6.23
CA LYS A 999 43.00 -41.96 5.65
C LYS A 999 42.90 -41.93 4.14
N GLN A 1000 42.03 -41.08 3.60
CA GLN A 1000 41.94 -41.00 2.16
C GLN A 1000 43.18 -40.43 1.52
N VAL A 1001 43.81 -39.43 2.14
CA VAL A 1001 44.94 -38.77 1.50
C VAL A 1001 46.25 -39.44 1.81
N LYS A 1002 46.40 -40.07 2.98
CA LYS A 1002 47.62 -40.81 3.21
C LYS A 1002 47.71 -41.97 2.23
N GLN A 1003 46.60 -42.34 1.63
CA GLN A 1003 46.59 -43.42 0.65
C GLN A 1003 47.02 -42.94 -0.72
N ILE A 1004 46.52 -41.79 -1.17
CA ILE A 1004 46.81 -41.32 -2.52
C ILE A 1004 48.28 -41.00 -2.69
N ALA A 1005 48.93 -40.52 -1.66
CA ALA A 1005 50.36 -40.29 -1.85
C ALA A 1005 51.15 -41.52 -1.44
N PRO A 1006 52.37 -41.68 -1.94
CA PRO A 1006 53.19 -42.80 -1.50
C PRO A 1006 53.41 -42.77 0.00
N ALA A 1007 53.37 -43.94 0.60
CA ALA A 1007 53.50 -44.04 2.04
C ALA A 1007 54.83 -43.51 2.55
N GLU A 1008 55.88 -43.57 1.73
CA GLU A 1008 57.18 -43.11 2.17
C GLU A 1008 57.31 -41.61 2.11
N LEU A 1009 56.28 -40.91 1.64
CA LEU A 1009 56.42 -39.47 1.45
C LEU A 1009 56.47 -38.72 2.76
N GLU A 1010 55.81 -39.22 3.81
CA GLU A 1010 55.73 -38.44 5.03
C GLU A 1010 57.08 -38.39 5.71
N GLY A 1011 57.43 -37.23 6.24
CA GLY A 1011 58.75 -37.00 6.78
C GLY A 1011 59.84 -36.87 5.75
N LEU A 1012 59.50 -36.90 4.46
CA LEU A 1012 60.50 -36.90 3.40
C LEU A 1012 60.62 -35.57 2.69
N LEU A 1013 59.75 -34.61 2.96
CA LEU A 1013 59.84 -33.31 2.30
C LEU A 1013 60.11 -32.19 3.29
N ASP A 1014 61.05 -31.33 2.94
CA ASP A 1014 61.24 -30.06 3.63
C ASP A 1014 60.08 -29.15 3.25
N LEU A 1015 59.09 -29.07 4.11
CA LEU A 1015 57.91 -28.29 3.78
C LEU A 1015 58.20 -26.82 3.66
N GLU A 1016 59.32 -26.33 4.20
CA GLU A 1016 59.72 -24.95 3.99
C GLU A 1016 60.04 -24.68 2.54
N ARG A 1017 60.24 -25.73 1.77
CA ARG A 1017 60.73 -25.61 0.41
C ARG A 1017 59.68 -26.01 -0.62
N VAL A 1018 58.47 -26.35 -0.17
CA VAL A 1018 57.37 -26.70 -1.05
C VAL A 1018 56.50 -25.47 -1.24
N ILE A 1019 56.58 -24.86 -2.38
CA ILE A 1019 55.72 -23.72 -2.68
C ILE A 1019 54.30 -24.22 -2.85
N VAL A 1020 53.34 -23.32 -2.71
CA VAL A 1020 51.93 -23.70 -2.78
C VAL A 1020 51.06 -22.48 -2.98
N VAL A 1021 50.22 -22.51 -4.00
CA VAL A 1021 49.28 -21.42 -4.21
C VAL A 1021 48.27 -21.45 -3.10
N THR A 1022 47.87 -20.30 -2.61
CA THR A 1022 47.00 -20.23 -1.45
C THR A 1022 45.76 -19.40 -1.70
N GLY A 1023 45.82 -18.45 -2.61
CA GLY A 1023 44.63 -17.74 -3.04
C GLY A 1023 44.76 -17.44 -4.51
N PHE A 1024 43.69 -16.91 -5.08
CA PHE A 1024 43.76 -16.38 -6.42
C PHE A 1024 42.49 -15.61 -6.72
N ALA A 1025 42.54 -14.79 -7.75
CA ALA A 1025 41.42 -13.95 -8.10
C ALA A 1025 41.67 -13.42 -9.49
N GLU A 1026 40.82 -12.53 -9.93
CA GLU A 1026 40.86 -12.25 -11.35
C GLU A 1026 39.89 -11.14 -11.65
N VAL A 1027 40.18 -10.38 -12.69
CA VAL A 1027 39.25 -9.42 -13.24
C VAL A 1027 39.33 -9.52 -14.74
N GLY A 1028 38.43 -10.26 -15.34
CA GLY A 1028 38.50 -10.49 -16.74
C GLY A 1028 37.32 -9.87 -17.44
N PRO A 1029 37.06 -10.33 -18.66
CA PRO A 1029 35.80 -10.00 -19.32
C PRO A 1029 34.59 -10.69 -18.71
N TRP A 1030 34.81 -11.72 -17.91
CA TRP A 1030 33.73 -12.42 -17.23
C TRP A 1030 33.70 -12.18 -15.74
N GLY A 1031 34.24 -11.08 -15.24
CA GLY A 1031 34.22 -10.84 -13.82
C GLY A 1031 35.23 -11.72 -13.13
N SER A 1032 34.94 -12.04 -11.89
CA SER A 1032 35.92 -12.69 -11.02
C SER A 1032 36.19 -14.11 -11.50
N ALA A 1033 37.06 -14.79 -10.82
CA ALA A 1033 37.43 -16.13 -11.18
C ALA A 1033 36.43 -17.11 -10.83
N ARG A 1034 35.36 -16.71 -10.16
CA ARG A 1034 34.28 -17.63 -9.87
C ARG A 1034 33.27 -17.56 -10.99
N THR A 1035 33.06 -16.37 -11.51
CA THR A 1035 32.10 -16.18 -12.58
C THR A 1035 32.71 -16.19 -13.96
N ARG A 1036 33.91 -16.73 -14.11
CA ARG A 1036 34.40 -17.07 -15.43
C ARG A 1036 34.51 -18.56 -15.57
N TRP A 1037 34.88 -19.23 -14.50
CA TRP A 1037 34.84 -20.67 -14.43
C TRP A 1037 33.47 -21.22 -14.69
N GLU A 1038 32.44 -20.41 -14.52
CA GLU A 1038 31.12 -20.85 -14.90
C GLU A 1038 30.94 -20.80 -16.40
N MET A 1039 31.08 -19.65 -17.04
CA MET A 1039 30.98 -19.65 -18.48
C MET A 1039 32.14 -20.37 -19.15
N GLU A 1040 33.10 -20.86 -18.37
CA GLU A 1040 34.15 -21.69 -18.93
C GLU A 1040 33.78 -23.16 -18.88
N ALA A 1041 33.54 -23.67 -17.68
CA ALA A 1041 33.27 -25.09 -17.52
C ALA A 1041 31.83 -25.41 -17.90
N PHE A 1042 30.88 -24.61 -17.43
CA PHE A 1042 29.48 -24.95 -17.56
C PHE A 1042 28.77 -24.19 -18.64
N GLY A 1043 29.45 -23.30 -19.33
CA GLY A 1043 28.84 -22.66 -20.47
C GLY A 1043 27.71 -21.73 -20.16
N GLU A 1044 27.17 -21.74 -18.94
CA GLU A 1044 26.14 -20.79 -18.56
C GLU A 1044 26.12 -20.54 -17.07
N PHE A 1045 25.54 -19.41 -16.69
CA PHE A 1045 25.62 -18.91 -15.34
C PHE A 1045 24.63 -19.59 -14.42
N SER A 1046 25.09 -19.85 -13.20
CA SER A 1046 24.23 -20.38 -12.16
C SER A 1046 23.34 -19.27 -11.64
N LEU A 1047 22.75 -19.47 -10.47
CA LEU A 1047 22.09 -18.37 -9.79
C LEU A 1047 23.12 -17.51 -9.05
N GLU A 1048 24.02 -18.15 -8.33
CA GLU A 1048 25.12 -17.45 -7.69
C GLU A 1048 26.08 -16.82 -8.67
N GLY A 1049 25.99 -17.17 -9.94
CA GLY A 1049 26.87 -16.56 -10.90
C GLY A 1049 26.16 -15.41 -11.56
N CYS A 1050 24.84 -15.51 -11.63
CA CYS A 1050 24.08 -14.45 -12.28
C CYS A 1050 23.80 -13.32 -11.32
N VAL A 1051 23.84 -13.56 -10.02
CA VAL A 1051 23.71 -12.46 -9.09
C VAL A 1051 25.03 -11.73 -8.94
N GLU A 1052 26.14 -12.43 -8.92
CA GLU A 1052 27.44 -11.79 -8.87
C GLU A 1052 27.75 -11.02 -10.13
N MET A 1053 27.45 -11.55 -11.30
CA MET A 1053 27.63 -10.77 -12.51
C MET A 1053 26.62 -9.65 -12.58
N ALA A 1054 25.57 -9.72 -11.77
CA ALA A 1054 24.64 -8.62 -11.72
C ALA A 1054 25.14 -7.53 -10.80
N TRP A 1055 25.90 -7.92 -9.78
CA TRP A 1055 26.37 -6.95 -8.80
C TRP A 1055 27.64 -6.27 -9.26
N ILE A 1056 28.52 -6.99 -9.96
CA ILE A 1056 29.75 -6.38 -10.44
C ILE A 1056 29.57 -5.66 -11.77
N MET A 1057 28.40 -5.74 -12.37
CA MET A 1057 28.10 -4.91 -13.51
C MET A 1057 27.20 -3.75 -13.11
N GLY A 1058 26.90 -3.61 -11.83
CA GLY A 1058 26.12 -2.50 -11.36
C GLY A 1058 24.71 -2.56 -11.88
N PHE A 1059 24.14 -3.75 -11.93
CA PHE A 1059 22.72 -3.87 -12.21
C PHE A 1059 21.89 -3.86 -10.95
N ILE A 1060 22.27 -4.65 -9.98
CA ILE A 1060 21.54 -4.75 -8.75
C ILE A 1060 22.41 -4.21 -7.64
N SER A 1061 21.75 -3.66 -6.63
CA SER A 1061 22.44 -3.03 -5.51
C SER A 1061 22.01 -3.81 -4.30
N TYR A 1062 22.35 -3.29 -3.14
CA TYR A 1062 21.76 -3.83 -1.94
C TYR A 1062 20.89 -2.74 -1.34
N HIS A 1063 20.10 -3.12 -0.37
CA HIS A 1063 19.31 -2.16 0.36
C HIS A 1063 18.77 -2.85 1.59
N ASN A 1064 18.90 -2.18 2.73
CA ASN A 1064 18.14 -2.56 3.90
C ASN A 1064 17.66 -1.29 4.57
N GLY A 1065 16.60 -1.40 5.34
CA GLY A 1065 16.01 -0.24 5.95
C GLY A 1065 14.55 -0.20 5.64
N ASN A 1066 14.08 0.91 5.07
CA ASN A 1066 12.69 1.06 4.69
C ASN A 1066 12.62 1.76 3.34
N LEU A 1067 12.25 1.02 2.32
CA LEU A 1067 11.92 1.57 1.02
C LEU A 1067 10.46 1.24 0.77
N LYS A 1068 9.72 2.20 0.20
CA LYS A 1068 8.26 2.12 0.13
C LYS A 1068 7.68 1.88 1.53
N GLY A 1069 8.33 2.48 2.52
CA GLY A 1069 7.93 2.26 3.90
C GLY A 1069 8.29 0.87 4.39
N ARG A 1070 7.86 -0.14 3.67
CA ARG A 1070 8.08 -1.52 4.07
C ARG A 1070 9.57 -1.80 4.21
N PRO A 1071 9.98 -2.56 5.20
CA PRO A 1071 11.40 -2.92 5.31
C PRO A 1071 11.84 -3.87 4.20
N TYR A 1072 12.63 -3.35 3.26
CA TYR A 1072 13.23 -4.15 2.20
C TYR A 1072 14.65 -4.49 2.62
N THR A 1073 15.00 -5.76 2.52
CA THR A 1073 16.36 -6.21 2.79
C THR A 1073 16.73 -7.21 1.72
N GLY A 1074 17.54 -6.79 0.77
CA GLY A 1074 17.93 -7.66 -0.32
C GLY A 1074 18.15 -6.86 -1.57
N TRP A 1075 18.43 -7.57 -2.65
CA TRP A 1075 18.83 -6.92 -3.88
C TRP A 1075 17.71 -6.07 -4.43
N VAL A 1076 18.09 -5.01 -5.10
CA VAL A 1076 17.17 -4.03 -5.66
C VAL A 1076 17.74 -3.62 -6.99
N ASP A 1077 16.91 -3.07 -7.86
CA ASP A 1077 17.44 -2.41 -9.03
C ASP A 1077 18.45 -1.37 -8.60
N SER A 1078 19.35 -1.03 -9.51
CA SER A 1078 20.28 0.04 -9.22
C SER A 1078 19.91 1.31 -9.98
N LYS A 1079 19.25 1.16 -11.13
CA LYS A 1079 18.81 2.33 -11.87
C LYS A 1079 17.49 2.84 -11.32
N THR A 1080 16.50 1.96 -11.19
CA THR A 1080 15.18 2.34 -10.72
C THR A 1080 15.00 2.12 -9.23
N LYS A 1081 15.92 1.40 -8.58
CA LYS A 1081 15.82 1.15 -7.15
C LYS A 1081 14.53 0.42 -6.83
N GLU A 1082 14.10 -0.50 -7.69
CA GLU A 1082 12.87 -1.16 -7.32
C GLU A 1082 13.12 -2.63 -7.05
N PRO A 1083 12.63 -3.13 -5.92
CA PRO A 1083 13.12 -4.41 -5.40
C PRO A 1083 13.02 -5.52 -6.42
N VAL A 1084 13.98 -6.43 -6.34
CA VAL A 1084 14.15 -7.51 -7.31
C VAL A 1084 14.67 -8.72 -6.57
N ASP A 1085 14.00 -9.85 -6.73
CA ASP A 1085 14.47 -11.03 -6.04
C ASP A 1085 15.50 -11.76 -6.88
N ASP A 1086 16.36 -12.51 -6.20
CA ASP A 1086 17.43 -13.21 -6.90
C ASP A 1086 16.90 -14.35 -7.73
N LYS A 1087 15.61 -14.63 -7.64
CA LYS A 1087 15.02 -15.62 -8.53
C LYS A 1087 14.52 -15.00 -9.82
N ASP A 1088 14.23 -13.71 -9.82
CA ASP A 1088 13.83 -13.01 -11.03
C ASP A 1088 14.95 -12.19 -11.61
N VAL A 1089 16.18 -12.43 -11.17
CA VAL A 1089 17.32 -11.72 -11.74
C VAL A 1089 17.81 -12.39 -13.01
N LYS A 1090 17.87 -13.72 -13.04
CA LYS A 1090 18.26 -14.40 -14.26
C LYS A 1090 17.31 -14.13 -15.39
N ALA A 1091 16.06 -13.86 -15.11
CA ALA A 1091 15.15 -13.52 -16.19
C ALA A 1091 15.32 -12.07 -16.59
N LYS A 1092 15.50 -11.20 -15.60
CA LYS A 1092 15.46 -9.78 -15.84
C LYS A 1092 16.76 -9.24 -16.44
N TYR A 1093 17.89 -9.88 -16.18
CA TYR A 1093 19.17 -9.30 -16.56
C TYR A 1093 20.03 -10.18 -17.45
N GLU A 1094 19.98 -11.51 -17.27
CA GLU A 1094 20.83 -12.43 -18.03
C GLU A 1094 20.94 -12.07 -19.49
N THR A 1095 19.94 -11.41 -20.06
CA THR A 1095 20.05 -10.98 -21.44
C THR A 1095 21.16 -9.96 -21.61
N SER A 1096 21.19 -8.93 -20.76
CA SER A 1096 22.18 -7.87 -20.90
C SER A 1096 23.52 -8.25 -20.33
N ILE A 1097 23.53 -8.96 -19.21
CA ILE A 1097 24.78 -9.47 -18.67
C ILE A 1097 25.56 -10.20 -19.74
N LEU A 1098 24.90 -11.04 -20.53
CA LEU A 1098 25.60 -11.76 -21.57
C LEU A 1098 25.78 -10.89 -22.80
N GLU A 1099 24.91 -9.91 -22.98
CA GLU A 1099 25.07 -8.95 -24.06
C GLU A 1099 26.31 -8.10 -23.88
N HIS A 1100 26.71 -7.85 -22.63
CA HIS A 1100 27.81 -6.95 -22.35
C HIS A 1100 28.90 -7.61 -21.52
N SER A 1101 29.34 -8.80 -21.89
CA SER A 1101 30.40 -9.49 -21.20
C SER A 1101 31.10 -10.42 -22.17
N GLY A 1102 32.39 -10.51 -22.04
CA GLY A 1102 33.18 -11.36 -22.93
C GLY A 1102 33.52 -10.60 -24.20
N ILE A 1103 34.03 -11.31 -25.19
CA ILE A 1103 34.44 -10.67 -26.43
C ILE A 1103 33.25 -9.98 -27.07
N ARG A 1104 33.36 -8.70 -27.30
CA ARG A 1104 32.22 -7.92 -27.76
C ARG A 1104 32.67 -6.93 -28.79
N LEU A 1105 31.71 -6.39 -29.51
CA LEU A 1105 32.00 -5.18 -30.24
C LEU A 1105 32.38 -4.12 -29.23
N ILE A 1106 33.49 -3.44 -29.50
CA ILE A 1106 34.15 -2.58 -28.52
C ILE A 1106 33.22 -1.44 -28.13
N GLU A 1107 32.91 -1.34 -26.84
CA GLU A 1107 32.04 -0.29 -26.37
C GLU A 1107 32.86 0.96 -26.12
N PRO A 1108 32.58 2.08 -26.80
CA PRO A 1108 33.49 3.22 -26.75
C PRO A 1108 33.60 3.90 -25.39
N GLU A 1109 32.55 3.88 -24.59
CA GLU A 1109 32.60 4.64 -23.36
C GLU A 1109 33.36 3.94 -22.26
N LEU A 1110 33.77 2.70 -22.50
CA LEU A 1110 34.76 2.06 -21.64
C LEU A 1110 36.16 2.55 -21.96
N PHE A 1111 36.33 3.25 -23.07
CA PHE A 1111 37.63 3.73 -23.49
C PHE A 1111 37.50 5.18 -23.93
N ASN A 1112 36.82 5.95 -23.10
CA ASN A 1112 36.78 7.41 -23.14
C ASN A 1112 36.80 7.96 -24.55
N GLY A 1113 35.93 7.40 -25.38
CA GLY A 1113 35.70 7.96 -26.69
C GLY A 1113 36.39 7.24 -27.82
N TYR A 1114 37.10 6.17 -27.55
CA TYR A 1114 37.78 5.45 -28.62
C TYR A 1114 36.72 4.80 -29.50
N ASN A 1115 36.56 5.31 -30.70
CA ASN A 1115 35.57 4.69 -31.55
C ASN A 1115 36.23 4.13 -32.80
N PRO A 1116 36.45 2.83 -32.84
CA PRO A 1116 37.37 2.27 -33.84
C PRO A 1116 36.96 2.59 -35.25
N GLU A 1117 35.73 3.01 -35.47
CA GLU A 1117 35.38 3.51 -36.79
C GLU A 1117 35.77 4.97 -36.98
N LYS A 1118 36.15 5.67 -35.92
CA LYS A 1118 36.68 7.02 -36.05
C LYS A 1118 37.99 7.08 -35.27
N LYS A 1119 39.07 6.62 -35.90
CA LYS A 1119 40.41 6.78 -35.38
C LYS A 1119 40.89 8.15 -35.81
N GLU A 1120 41.36 8.95 -34.86
CA GLU A 1120 41.68 10.34 -35.11
C GLU A 1120 43.15 10.51 -35.53
N MET A 1121 43.40 11.43 -36.47
CA MET A 1121 44.72 11.65 -37.03
C MET A 1121 44.86 13.11 -37.46
N ILE A 1122 45.83 13.40 -38.34
CA ILE A 1122 46.31 14.79 -38.50
C ILE A 1122 46.32 15.23 -39.96
N GLN A 1123 45.53 16.26 -40.29
CA GLN A 1123 45.21 16.63 -41.66
C GLN A 1123 45.03 18.15 -41.80
N GLU A 1124 44.65 18.56 -43.02
CA GLU A 1124 44.47 19.96 -43.46
C GLU A 1124 43.22 20.04 -44.35
N VAL A 1125 42.74 21.29 -44.64
CA VAL A 1125 41.37 21.60 -45.09
C VAL A 1125 41.42 22.36 -46.43
N ILE A 1126 40.25 22.92 -46.85
CA ILE A 1126 39.95 23.41 -48.20
C ILE A 1126 40.12 24.94 -48.27
N VAL A 1127 39.94 25.52 -49.45
CA VAL A 1127 40.55 26.81 -49.78
C VAL A 1127 39.49 27.88 -50.03
N GLU A 1128 39.93 29.13 -50.30
CA GLU A 1128 39.06 30.32 -50.40
C GLU A 1128 39.42 31.21 -51.62
N GLU A 1129 38.84 32.43 -51.73
CA GLU A 1129 39.30 33.51 -52.64
C GLU A 1129 40.28 34.44 -51.93
N ASP A 1130 41.30 34.86 -52.68
CA ASP A 1130 42.53 35.35 -52.08
C ASP A 1130 42.41 36.78 -51.56
N LEU A 1131 42.26 36.92 -50.25
CA LEU A 1131 42.54 38.15 -49.52
C LEU A 1131 42.76 37.79 -48.05
N GLU A 1132 44.02 37.66 -47.63
CA GLU A 1132 44.23 37.14 -46.29
C GLU A 1132 45.62 37.41 -45.70
N PRO A 1133 45.77 38.39 -44.79
CA PRO A 1133 46.78 38.27 -43.72
C PRO A 1133 46.11 37.77 -42.45
N PHE A 1134 46.89 37.24 -41.49
CA PHE A 1134 46.20 36.61 -40.38
C PHE A 1134 46.83 36.86 -39.01
N GLU A 1135 45.92 37.24 -38.12
CA GLU A 1135 46.19 37.85 -36.83
C GLU A 1135 46.19 36.85 -35.68
N ALA A 1136 46.11 37.40 -34.46
CA ALA A 1136 45.99 36.62 -33.25
C ALA A 1136 45.21 37.39 -32.19
N SER A 1137 45.02 36.76 -31.04
CA SER A 1137 44.32 37.32 -29.89
C SER A 1137 45.23 37.38 -28.66
N LYS A 1138 44.62 37.55 -27.48
CA LYS A 1138 45.37 37.99 -26.31
C LYS A 1138 45.44 36.92 -25.21
N GLU A 1139 45.56 35.64 -25.56
CA GLU A 1139 45.36 34.63 -24.52
C GLU A 1139 46.61 33.81 -24.23
N THR A 1140 47.11 33.07 -25.23
CA THR A 1140 48.18 32.10 -25.01
C THR A 1140 49.46 32.50 -25.73
N ALA A 1141 49.73 33.80 -25.82
CA ALA A 1141 50.94 34.32 -26.44
C ALA A 1141 52.21 33.78 -25.78
N GLU A 1142 52.06 33.07 -24.68
CA GLU A 1142 53.16 32.93 -23.72
C GLU A 1142 54.00 31.68 -23.95
N GLN A 1143 53.38 30.51 -24.09
CA GLN A 1143 54.13 29.33 -24.54
C GLN A 1143 54.27 29.33 -26.05
N PHE A 1144 53.43 30.09 -26.74
CA PHE A 1144 53.19 29.74 -28.12
C PHE A 1144 53.62 30.86 -29.07
N LYS A 1145 54.93 31.01 -29.32
CA LYS A 1145 55.39 32.23 -29.97
C LYS A 1145 56.64 32.04 -30.83
N HIS A 1146 57.05 30.79 -31.11
CA HIS A 1146 58.32 30.56 -31.78
C HIS A 1146 58.24 29.70 -33.04
N GLN A 1147 57.12 29.74 -33.76
CA GLN A 1147 56.98 29.05 -35.04
C GLN A 1147 57.49 29.86 -36.22
N HIS A 1148 56.87 31.00 -36.48
CA HIS A 1148 56.87 31.63 -37.80
C HIS A 1148 58.22 32.17 -38.23
N GLY A 1149 58.70 33.22 -37.56
CA GLY A 1149 59.83 33.98 -38.03
C GLY A 1149 59.47 35.46 -38.13
N ASP A 1150 60.30 36.20 -38.86
CA ASP A 1150 60.10 37.64 -39.04
C ASP A 1150 59.30 37.97 -40.31
N LYS A 1151 58.00 37.73 -40.28
CA LYS A 1151 57.13 37.75 -41.46
C LYS A 1151 55.92 38.66 -41.30
N VAL A 1152 56.14 39.92 -40.96
CA VAL A 1152 55.09 40.87 -40.60
C VAL A 1152 55.17 42.09 -41.50
N ASP A 1153 54.09 42.87 -41.56
CA ASP A 1153 54.08 44.20 -42.18
C ASP A 1153 53.82 45.20 -41.05
N ILE A 1154 54.80 45.35 -40.16
CA ILE A 1154 54.58 46.05 -38.89
C ILE A 1154 54.25 47.49 -39.18
N PHE A 1155 53.53 48.11 -38.26
CA PHE A 1155 53.58 49.55 -38.08
C PHE A 1155 53.65 49.87 -36.59
N GLU A 1156 54.87 50.05 -36.09
CA GLU A 1156 55.03 50.66 -34.78
C GLU A 1156 54.94 52.17 -34.90
N ILE A 1157 53.71 52.63 -35.05
CA ILE A 1157 53.27 53.99 -34.77
C ILE A 1157 51.84 53.80 -34.29
N PRO A 1158 51.44 54.38 -33.18
CA PRO A 1158 50.20 53.98 -32.52
C PRO A 1158 48.89 54.18 -33.29
N GLU A 1159 48.92 54.47 -34.61
CA GLU A 1159 47.69 54.88 -35.29
C GLU A 1159 46.60 53.80 -35.28
N THR A 1160 46.90 52.57 -34.86
CA THR A 1160 45.96 51.44 -34.94
C THR A 1160 45.12 51.23 -33.67
N GLY A 1161 45.71 50.74 -32.58
CA GLY A 1161 44.97 50.60 -31.32
C GLY A 1161 44.92 49.24 -30.64
N GLU A 1162 44.69 48.15 -31.38
CA GLU A 1162 44.73 46.84 -30.75
C GLU A 1162 45.74 45.95 -31.49
N TYR A 1163 46.38 45.07 -30.74
CA TYR A 1163 47.65 44.50 -31.15
C TYR A 1163 47.59 43.00 -31.34
N SER A 1164 48.01 42.55 -32.53
CA SER A 1164 48.01 41.13 -32.88
C SER A 1164 49.05 40.87 -33.96
N VAL A 1165 49.86 39.85 -33.76
CA VAL A 1165 50.90 39.45 -34.70
C VAL A 1165 50.32 39.26 -36.08
N LYS A 1166 50.91 39.92 -37.08
CA LYS A 1166 50.36 40.05 -38.43
C LYS A 1166 51.18 39.16 -39.36
N LEU A 1167 50.53 38.19 -40.03
CA LEU A 1167 51.25 37.14 -40.74
C LEU A 1167 50.51 36.75 -42.01
N LEU A 1168 51.00 35.71 -42.70
CA LEU A 1168 50.49 35.36 -44.02
C LEU A 1168 50.55 33.84 -44.24
N LYS A 1169 50.26 33.43 -45.47
CA LYS A 1169 50.27 32.03 -45.85
C LYS A 1169 51.64 31.44 -45.59
N GLY A 1170 51.71 30.13 -45.39
CA GLY A 1170 52.96 29.43 -45.22
C GLY A 1170 53.16 28.80 -43.85
N ALA A 1171 52.10 28.43 -43.16
CA ALA A 1171 52.20 27.84 -41.85
C ALA A 1171 51.76 26.37 -41.92
N THR A 1172 51.65 25.72 -40.77
CA THR A 1172 51.01 24.41 -40.65
C THR A 1172 50.25 24.40 -39.34
N LEU A 1173 48.96 24.14 -39.37
CA LEU A 1173 48.29 24.35 -38.08
C LEU A 1173 47.12 23.40 -37.80
N TYR A 1174 46.28 23.85 -36.85
CA TYR A 1174 46.00 23.16 -35.59
C TYR A 1174 44.60 22.57 -35.40
N ILE A 1175 44.28 21.50 -36.11
CA ILE A 1175 43.05 20.75 -35.89
C ILE A 1175 43.32 19.30 -36.31
N PRO A 1176 43.23 18.36 -35.39
CA PRO A 1176 43.31 16.95 -35.79
C PRO A 1176 42.11 16.50 -36.64
N LYS A 1177 42.21 15.33 -37.27
CA LYS A 1177 41.14 14.77 -38.09
C LYS A 1177 40.98 13.27 -37.86
N ALA A 1178 40.14 12.59 -38.64
CA ALA A 1178 39.70 11.23 -38.31
C ALA A 1178 39.61 10.34 -39.55
N LEU A 1179 39.70 9.04 -39.34
CA LEU A 1179 39.64 8.08 -40.44
C LEU A 1179 39.58 6.67 -39.86
N ARG A 1180 39.09 5.71 -40.66
CA ARG A 1180 38.50 4.47 -40.18
C ARG A 1180 39.55 3.43 -39.82
N PHE A 1181 39.11 2.34 -39.21
CA PHE A 1181 39.97 1.26 -38.75
C PHE A 1181 39.20 -0.05 -38.69
N ASP A 1182 39.94 -1.15 -38.55
CA ASP A 1182 39.35 -2.48 -38.72
C ASP A 1182 39.30 -3.29 -37.44
N ARG A 1183 40.37 -3.40 -36.68
CA ARG A 1183 40.37 -4.23 -35.48
C ARG A 1183 39.34 -3.69 -34.50
N LEU A 1184 38.20 -4.35 -34.40
CA LEU A 1184 36.96 -3.73 -33.97
C LEU A 1184 36.28 -4.39 -32.80
N VAL A 1185 36.86 -5.45 -32.23
CA VAL A 1185 36.32 -6.09 -31.04
C VAL A 1185 37.46 -6.39 -30.09
N ALA A 1186 37.18 -6.36 -28.80
CA ALA A 1186 38.10 -6.83 -27.78
C ALA A 1186 37.30 -7.23 -26.55
N GLY A 1187 37.91 -8.08 -25.73
CA GLY A 1187 37.20 -8.62 -24.60
C GLY A 1187 37.11 -7.70 -23.42
N GLN A 1188 36.28 -6.66 -23.49
CA GLN A 1188 36.20 -5.71 -22.40
C GLN A 1188 35.86 -6.41 -21.10
N ILE A 1189 36.12 -5.72 -19.99
CA ILE A 1189 35.53 -6.10 -18.73
C ILE A 1189 34.04 -5.80 -18.89
N PRO A 1190 33.16 -6.46 -18.14
CA PRO A 1190 31.73 -6.27 -18.36
C PRO A 1190 31.35 -4.82 -18.28
N THR A 1191 30.61 -4.35 -19.27
CA THR A 1191 30.31 -2.94 -19.36
C THR A 1191 29.56 -2.48 -18.12
N GLY A 1192 30.14 -1.54 -17.41
CA GLY A 1192 29.55 -1.01 -16.19
C GLY A 1192 30.37 -1.28 -14.95
N TRP A 1193 31.50 -1.95 -15.08
CA TRP A 1193 32.32 -2.31 -13.94
C TRP A 1193 32.93 -1.06 -13.34
N ASN A 1194 32.55 -0.73 -12.11
CA ASN A 1194 33.21 0.32 -11.35
C ASN A 1194 33.92 -0.30 -10.17
N ALA A 1195 35.10 0.23 -9.88
CA ALA A 1195 35.74 -0.11 -8.63
C ALA A 1195 34.92 0.33 -7.43
N LYS A 1196 34.22 1.45 -7.55
CA LYS A 1196 33.40 1.95 -6.45
C LYS A 1196 32.61 0.82 -5.83
N THR A 1197 32.17 -0.11 -6.64
CA THR A 1197 31.45 -1.26 -6.17
C THR A 1197 32.24 -2.10 -5.19
N TYR A 1198 33.56 -2.09 -5.27
CA TYR A 1198 34.32 -2.98 -4.41
C TYR A 1198 34.79 -2.31 -3.13
N GLY A 1199 34.74 -1.00 -3.05
CA GLY A 1199 35.23 -0.29 -1.91
C GLY A 1199 36.41 0.58 -2.17
N ILE A 1200 36.76 0.81 -3.42
CA ILE A 1200 37.86 1.67 -3.80
C ILE A 1200 37.37 3.11 -3.75
N SER A 1201 38.13 3.97 -3.08
CA SER A 1201 37.74 5.34 -2.86
C SER A 1201 37.56 6.08 -4.18
N ASP A 1202 36.94 7.24 -4.11
CA ASP A 1202 36.76 8.06 -5.29
C ASP A 1202 38.01 8.82 -5.67
N ASP A 1203 38.85 9.20 -4.71
CA ASP A 1203 40.07 9.89 -5.06
C ASP A 1203 40.97 9.00 -5.90
N ILE A 1204 41.25 7.79 -5.40
CA ILE A 1204 42.17 6.90 -6.06
C ILE A 1204 41.80 6.69 -7.52
N ILE A 1205 40.53 6.43 -7.82
CA ILE A 1205 40.18 6.19 -9.19
C ILE A 1205 40.47 7.42 -10.04
N SER A 1206 40.36 8.61 -9.47
CA SER A 1206 40.65 9.82 -10.22
C SER A 1206 42.15 10.06 -10.33
N GLN A 1207 42.92 9.44 -9.44
CA GLN A 1207 44.36 9.62 -9.41
C GLN A 1207 45.13 8.50 -10.06
N VAL A 1208 44.56 7.31 -10.08
CA VAL A 1208 45.29 6.11 -10.45
C VAL A 1208 44.93 5.75 -11.89
N ASP A 1209 45.80 5.01 -12.56
CA ASP A 1209 45.52 4.54 -13.90
C ASP A 1209 44.54 3.37 -13.85
N PRO A 1210 43.67 3.24 -14.85
CA PRO A 1210 42.71 2.13 -14.85
C PRO A 1210 43.32 0.79 -14.54
N ILE A 1211 44.47 0.47 -15.11
CA ILE A 1211 45.00 -0.87 -14.91
C ILE A 1211 45.29 -1.15 -13.45
N THR A 1212 45.89 -0.21 -12.73
CA THR A 1212 46.08 -0.44 -11.32
C THR A 1212 44.75 -0.58 -10.59
N LEU A 1213 43.74 0.12 -11.07
CA LEU A 1213 42.43 0.04 -10.48
C LEU A 1213 41.86 -1.37 -10.60
N PHE A 1214 42.26 -2.09 -11.65
CA PHE A 1214 41.95 -3.51 -11.73
C PHE A 1214 42.74 -4.32 -10.74
N VAL A 1215 44.02 -3.97 -10.56
CA VAL A 1215 44.94 -4.85 -9.83
C VAL A 1215 44.59 -4.87 -8.36
N LEU A 1216 44.18 -3.74 -7.81
CA LEU A 1216 43.75 -3.74 -6.43
C LEU A 1216 42.60 -4.70 -6.22
N VAL A 1217 41.56 -4.56 -7.05
CA VAL A 1217 40.36 -5.37 -6.90
C VAL A 1217 40.72 -6.84 -6.93
N SER A 1218 41.73 -7.20 -7.70
CA SER A 1218 42.08 -8.61 -7.76
C SER A 1218 42.89 -9.05 -6.56
N VAL A 1219 43.62 -8.12 -5.92
CA VAL A 1219 44.42 -8.55 -4.78
C VAL A 1219 43.57 -8.72 -3.53
N VAL A 1220 42.57 -7.86 -3.31
CA VAL A 1220 41.68 -8.10 -2.19
C VAL A 1220 41.00 -9.45 -2.34
N GLU A 1221 40.39 -9.69 -3.49
CA GLU A 1221 39.70 -10.93 -3.72
C GLU A 1221 40.61 -12.11 -3.66
N ALA A 1222 41.89 -11.93 -3.91
CA ALA A 1222 42.85 -13.03 -3.84
C ALA A 1222 43.15 -13.34 -2.39
N PHE A 1223 43.15 -12.31 -1.55
CA PHE A 1223 43.26 -12.56 -0.12
C PHE A 1223 41.94 -13.05 0.45
N ILE A 1224 40.83 -12.44 0.05
CA ILE A 1224 39.53 -12.98 0.39
C ILE A 1224 39.51 -14.47 0.12
N ALA A 1225 39.98 -14.85 -1.05
CA ALA A 1225 39.99 -16.23 -1.48
C ALA A 1225 41.02 -17.06 -0.77
N SER A 1226 41.76 -16.49 0.16
CA SER A 1226 42.75 -17.27 0.88
C SER A 1226 42.52 -17.31 2.37
N GLY A 1227 41.36 -16.86 2.84
CA GLY A 1227 41.14 -16.82 4.26
C GLY A 1227 41.93 -15.76 4.97
N ILE A 1228 42.56 -14.87 4.22
CA ILE A 1228 43.24 -13.71 4.75
C ILE A 1228 42.36 -12.52 4.46
N THR A 1229 41.54 -12.14 5.45
CA THR A 1229 40.60 -11.07 5.18
C THR A 1229 41.22 -9.70 5.40
N ASP A 1230 42.16 -9.58 6.34
CA ASP A 1230 42.92 -8.33 6.46
C ASP A 1230 44.39 -8.67 6.33
N PRO A 1231 45.11 -7.97 5.46
CA PRO A 1231 46.47 -8.40 5.12
C PRO A 1231 47.40 -8.49 6.30
N TYR A 1232 47.12 -7.78 7.38
CA TYR A 1232 48.07 -7.76 8.48
C TYR A 1232 48.14 -9.05 9.23
N GLU A 1233 47.14 -9.92 9.12
CA GLU A 1233 47.28 -11.20 9.78
C GLU A 1233 48.52 -11.93 9.33
N MET A 1234 48.96 -11.71 8.09
CA MET A 1234 50.23 -12.26 7.66
C MET A 1234 51.32 -11.98 8.68
N TYR A 1235 51.31 -10.77 9.23
CA TYR A 1235 52.38 -10.38 10.13
C TYR A 1235 52.23 -11.02 11.50
N LYS A 1236 51.16 -11.77 11.75
CA LYS A 1236 51.11 -12.54 12.99
C LYS A 1236 52.09 -13.70 12.96
N TYR A 1237 52.40 -14.18 11.77
CA TYR A 1237 53.18 -15.40 11.59
C TYR A 1237 54.54 -15.12 10.98
N VAL A 1238 54.65 -14.06 10.18
CA VAL A 1238 55.84 -13.81 9.40
C VAL A 1238 56.33 -12.40 9.66
N HIS A 1239 57.63 -12.17 9.50
CA HIS A 1239 58.15 -10.83 9.67
C HIS A 1239 57.69 -9.93 8.52
N VAL A 1240 57.55 -8.64 8.83
CA VAL A 1240 57.05 -7.68 7.85
C VAL A 1240 57.94 -7.64 6.62
N SER A 1241 59.16 -8.13 6.73
CA SER A 1241 60.08 -8.12 5.61
C SER A 1241 60.09 -9.42 4.84
N GLU A 1242 59.14 -10.30 5.09
CA GLU A 1242 59.13 -11.60 4.45
C GLU A 1242 57.83 -11.80 3.70
N VAL A 1243 57.16 -10.70 3.40
CA VAL A 1243 55.98 -10.72 2.54
C VAL A 1243 56.32 -10.01 1.25
N GLY A 1244 56.51 -10.77 0.20
CA GLY A 1244 57.07 -10.21 -1.00
C GLY A 1244 56.03 -9.70 -1.97
N ASN A 1245 56.45 -9.55 -3.20
CA ASN A 1245 55.57 -9.20 -4.30
C ASN A 1245 56.39 -9.36 -5.56
N CYS A 1246 55.89 -10.14 -6.51
CA CYS A 1246 56.64 -10.36 -7.72
C CYS A 1246 55.72 -10.25 -8.91
N SER A 1247 54.83 -9.28 -8.86
CA SER A 1247 53.81 -9.09 -9.87
C SER A 1247 54.41 -8.29 -11.00
N GLY A 1248 53.78 -8.31 -12.16
CA GLY A 1248 54.26 -7.53 -13.27
C GLY A 1248 53.24 -7.44 -14.39
N SER A 1249 53.45 -6.49 -15.27
CA SER A 1249 52.55 -6.24 -16.38
C SER A 1249 53.26 -6.41 -17.70
N GLY A 1250 52.54 -6.09 -18.76
CA GLY A 1250 53.04 -6.17 -20.11
C GLY A 1250 53.59 -4.82 -20.47
N MET A 1251 52.78 -3.99 -21.10
CA MET A 1251 53.14 -2.58 -21.13
C MET A 1251 52.81 -1.92 -19.79
N GLY A 1252 51.59 -2.10 -19.32
CA GLY A 1252 51.21 -1.47 -18.07
C GLY A 1252 50.96 0.01 -18.27
N GLY A 1253 50.03 0.56 -17.50
CA GLY A 1253 49.78 1.99 -17.49
C GLY A 1253 49.57 2.64 -18.84
N VAL A 1254 49.29 1.86 -19.87
CA VAL A 1254 49.17 2.42 -21.21
C VAL A 1254 48.20 3.57 -21.27
N SER A 1255 47.33 3.71 -20.29
CA SER A 1255 46.46 4.87 -20.27
C SER A 1255 47.20 6.11 -19.84
N ALA A 1256 48.32 5.97 -19.12
CA ALA A 1256 49.12 7.13 -18.78
C ALA A 1256 50.10 7.50 -19.87
N LEU A 1257 50.84 6.54 -20.41
CA LEU A 1257 51.67 6.81 -21.58
C LEU A 1257 50.88 7.57 -22.63
N ARG A 1258 49.63 7.21 -22.80
CA ARG A 1258 48.72 7.98 -23.62
C ARG A 1258 48.60 9.40 -23.14
N GLY A 1259 48.73 9.63 -21.83
CA GLY A 1259 48.59 10.96 -21.30
C GLY A 1259 49.80 11.85 -21.50
N MET A 1260 51.00 11.28 -21.46
CA MET A 1260 52.19 12.09 -21.60
C MET A 1260 52.81 12.01 -22.99
N PHE A 1261 53.00 10.83 -23.55
CA PHE A 1261 53.65 10.67 -24.84
C PHE A 1261 52.69 11.09 -25.95
N LYS A 1262 51.38 11.16 -25.66
CA LYS A 1262 50.41 11.53 -26.69
C LYS A 1262 49.48 12.65 -26.24
N ASP A 1263 48.95 12.59 -25.01
CA ASP A 1263 47.97 13.61 -24.63
C ASP A 1263 48.57 14.94 -24.26
N ARG A 1264 49.70 14.97 -23.57
CA ARG A 1264 50.13 16.24 -22.99
C ARG A 1264 50.37 17.31 -24.03
N PHE A 1265 50.93 16.95 -25.17
CA PHE A 1265 51.17 17.98 -26.16
C PHE A 1265 49.95 18.27 -26.98
N LYS A 1266 48.81 17.70 -26.65
CA LYS A 1266 47.54 18.14 -27.22
C LYS A 1266 46.94 19.31 -26.48
N ASP A 1267 47.60 19.77 -25.41
CA ASP A 1267 47.15 20.95 -24.67
C ASP A 1267 45.84 20.69 -23.94
N GLU A 1268 45.79 19.61 -23.19
CA GLU A 1268 44.61 19.42 -22.37
C GLU A 1268 45.01 18.97 -20.96
N PRO A 1269 44.14 19.19 -19.98
CA PRO A 1269 44.55 18.98 -18.60
C PRO A 1269 44.94 17.55 -18.31
N VAL A 1270 46.21 17.32 -18.01
CA VAL A 1270 46.70 16.03 -17.58
C VAL A 1270 47.25 16.18 -16.17
N GLN A 1271 46.82 15.28 -15.30
CA GLN A 1271 47.27 15.36 -13.93
C GLN A 1271 48.78 15.15 -13.84
N ASN A 1272 49.44 16.13 -13.24
CA ASN A 1272 50.89 16.24 -13.31
C ASN A 1272 51.61 15.10 -12.65
N ASP A 1273 50.91 14.19 -11.99
CA ASP A 1273 51.56 13.04 -11.40
C ASP A 1273 51.63 11.92 -12.41
N ILE A 1274 51.43 12.25 -13.69
CA ILE A 1274 51.05 11.25 -14.67
C ILE A 1274 52.14 10.23 -14.93
N LEU A 1275 53.41 10.60 -14.83
CA LEU A 1275 54.45 9.65 -15.15
C LEU A 1275 54.51 8.54 -14.11
N GLN A 1276 54.09 8.84 -12.89
CA GLN A 1276 54.20 7.85 -11.83
C GLN A 1276 53.35 6.62 -12.12
N GLU A 1277 52.25 6.79 -12.82
CA GLU A 1277 51.41 5.63 -13.09
C GLU A 1277 51.85 4.85 -14.31
N SER A 1278 52.58 5.45 -15.23
CA SER A 1278 52.94 4.75 -16.45
C SER A 1278 53.80 3.54 -16.18
N PHE A 1279 54.31 3.37 -14.98
CA PHE A 1279 55.32 2.36 -14.76
C PHE A 1279 54.65 1.00 -14.58
N ILE A 1280 55.46 -0.01 -14.37
CA ILE A 1280 55.00 -1.35 -14.07
C ILE A 1280 55.41 -1.60 -12.64
N ASN A 1281 56.44 -0.88 -12.21
CA ASN A 1281 56.82 -0.90 -10.81
C ASN A 1281 55.73 -0.27 -9.95
N THR A 1282 54.97 0.65 -10.51
CA THR A 1282 54.13 1.54 -9.71
C THR A 1282 52.70 1.18 -9.90
N MET A 1283 52.48 -0.11 -9.93
CA MET A 1283 51.16 -0.67 -10.04
C MET A 1283 51.02 -1.73 -8.97
N SER A 1284 52.11 -2.41 -8.71
CA SER A 1284 52.26 -3.19 -7.50
C SER A 1284 52.70 -2.33 -6.35
N ALA A 1285 52.86 -1.03 -6.59
CA ALA A 1285 53.16 -0.12 -5.50
C ALA A 1285 51.94 0.19 -4.69
N TRP A 1286 50.87 0.65 -5.35
CA TRP A 1286 49.62 0.87 -4.65
C TRP A 1286 49.13 -0.34 -3.90
N VAL A 1287 49.46 -1.54 -4.34
CA VAL A 1287 49.14 -2.72 -3.54
C VAL A 1287 49.83 -2.63 -2.20
N ASN A 1288 51.11 -2.30 -2.20
CA ASN A 1288 51.80 -2.13 -0.93
C ASN A 1288 51.39 -0.82 -0.28
N MET A 1289 51.14 0.20 -1.08
CA MET A 1289 50.77 1.49 -0.51
C MET A 1289 49.40 1.45 0.12
N LEU A 1290 48.52 0.56 -0.31
CA LEU A 1290 47.15 0.55 0.18
C LEU A 1290 46.76 -0.70 0.93
N LEU A 1291 47.52 -1.79 0.83
CA LEU A 1291 47.10 -2.99 1.52
C LEU A 1291 48.14 -3.59 2.45
N ILE A 1292 49.37 -3.77 2.00
CA ILE A 1292 50.22 -4.77 2.63
C ILE A 1292 51.18 -4.20 3.66
N SER A 1293 51.86 -3.11 3.31
CA SER A 1293 52.97 -2.58 4.08
C SER A 1293 54.12 -3.60 4.15
N SER A 1294 54.56 -4.02 2.99
CA SER A 1294 55.64 -4.99 2.89
C SER A 1294 56.99 -4.28 2.84
N SER A 1295 58.07 -5.06 2.81
CA SER A 1295 59.32 -4.52 3.31
C SER A 1295 60.62 -4.99 2.65
N GLY A 1296 60.79 -4.90 1.32
CA GLY A 1296 62.14 -5.10 0.78
C GLY A 1296 62.52 -4.40 -0.52
N PRO A 1297 63.45 -5.03 -1.28
CA PRO A 1297 63.53 -4.83 -2.73
C PRO A 1297 62.59 -5.78 -3.48
N ILE A 1298 61.58 -5.26 -4.18
CA ILE A 1298 60.45 -6.08 -4.61
C ILE A 1298 60.36 -6.16 -6.12
N LYS A 1299 60.54 -7.37 -6.65
CA LYS A 1299 60.82 -7.54 -8.06
C LYS A 1299 59.59 -7.29 -8.92
N THR A 1300 59.80 -7.18 -10.21
CA THR A 1300 58.69 -6.92 -11.09
C THR A 1300 59.01 -7.36 -12.50
N PRO A 1301 58.50 -8.49 -12.95
CA PRO A 1301 58.82 -8.95 -14.30
C PRO A 1301 58.03 -8.19 -15.35
N VAL A 1302 58.61 -8.13 -16.53
CA VAL A 1302 57.85 -7.75 -17.70
C VAL A 1302 58.18 -8.70 -18.85
N GLY A 1303 57.44 -9.79 -18.93
CA GLY A 1303 57.51 -10.65 -20.09
C GLY A 1303 56.32 -10.39 -20.99
N ALA A 1304 56.56 -9.80 -22.15
CA ALA A 1304 55.53 -9.16 -22.97
C ALA A 1304 54.19 -9.87 -22.90
N CYS A 1305 54.18 -11.18 -23.07
CA CYS A 1305 52.97 -11.96 -22.87
C CYS A 1305 53.15 -13.08 -21.87
N ALA A 1306 54.36 -13.59 -21.70
CA ALA A 1306 54.59 -14.59 -20.67
C ALA A 1306 55.09 -13.96 -19.38
N THR A 1307 54.49 -12.86 -18.98
CA THR A 1307 54.92 -12.25 -17.73
C THR A 1307 54.37 -12.99 -16.54
N SER A 1308 53.21 -13.61 -16.70
CA SER A 1308 52.51 -14.15 -15.57
C SER A 1308 53.04 -15.50 -15.16
N VAL A 1309 53.77 -16.17 -16.04
CA VAL A 1309 54.54 -17.35 -15.66
C VAL A 1309 55.92 -16.98 -15.13
N GLU A 1310 56.61 -16.05 -15.78
CA GLU A 1310 57.81 -15.46 -15.23
C GLU A 1310 57.58 -14.96 -13.82
N SER A 1311 56.48 -14.28 -13.58
CA SER A 1311 56.13 -13.81 -12.25
C SER A 1311 56.08 -14.95 -11.25
N VAL A 1312 55.52 -16.09 -11.65
CA VAL A 1312 55.57 -17.26 -10.76
C VAL A 1312 56.96 -17.82 -10.65
N ASP A 1313 57.76 -17.73 -11.70
CA ASP A 1313 59.14 -18.20 -11.63
C ASP A 1313 59.93 -17.41 -10.63
N ILE A 1314 60.01 -16.09 -10.81
CA ILE A 1314 60.74 -15.31 -9.83
C ILE A 1314 60.06 -15.39 -8.49
N GLY A 1315 58.74 -15.57 -8.48
CA GLY A 1315 58.04 -15.67 -7.22
C GLY A 1315 58.44 -16.90 -6.44
N VAL A 1316 58.63 -18.02 -7.12
CA VAL A 1316 59.01 -19.23 -6.40
C VAL A 1316 60.45 -19.15 -5.96
N GLU A 1317 61.37 -18.88 -6.87
CA GLU A 1317 62.77 -18.77 -6.49
C GLU A 1317 63.00 -17.73 -5.43
N THR A 1318 62.19 -16.68 -5.38
CA THR A 1318 62.26 -15.79 -4.25
C THR A 1318 61.99 -16.51 -2.96
N ILE A 1319 61.01 -17.41 -2.93
CA ILE A 1319 60.56 -17.92 -1.65
C ILE A 1319 61.47 -19.01 -1.14
N LEU A 1320 61.87 -19.95 -2.00
CA LEU A 1320 62.74 -20.98 -1.47
C LEU A 1320 64.18 -20.52 -1.40
N SER A 1321 64.49 -19.34 -1.93
CA SER A 1321 65.76 -18.71 -1.61
C SER A 1321 65.85 -18.38 -0.14
N GLY A 1322 64.72 -18.09 0.48
CA GLY A 1322 64.68 -17.63 1.84
C GLY A 1322 64.37 -16.17 1.97
N LYS A 1323 64.23 -15.45 0.86
CA LYS A 1323 63.93 -14.03 0.94
C LYS A 1323 62.55 -13.76 1.49
N ALA A 1324 61.55 -14.56 1.15
CA ALA A 1324 60.19 -14.26 1.54
C ALA A 1324 59.49 -15.55 1.90
N ARG A 1325 58.53 -15.44 2.80
CA ARG A 1325 57.66 -16.56 3.10
C ARG A 1325 56.39 -16.50 2.29
N ILE A 1326 55.97 -15.34 1.86
CA ILE A 1326 54.71 -15.14 1.18
C ILE A 1326 54.96 -14.18 0.04
N CYS A 1327 54.42 -14.48 -1.11
CA CYS A 1327 54.70 -13.66 -2.26
C CYS A 1327 53.45 -13.49 -3.08
N ILE A 1328 53.21 -12.31 -3.53
CA ILE A 1328 52.16 -12.09 -4.50
C ILE A 1328 52.78 -12.22 -5.88
N VAL A 1329 52.17 -13.03 -6.72
CA VAL A 1329 52.64 -13.21 -8.09
C VAL A 1329 51.50 -12.80 -8.99
N GLY A 1330 51.67 -12.91 -10.29
CA GLY A 1330 50.54 -12.60 -11.13
C GLY A 1330 50.84 -11.66 -12.26
N GLY A 1331 49.82 -11.07 -12.86
CA GLY A 1331 50.05 -10.26 -14.04
C GLY A 1331 48.79 -9.50 -14.37
N TYR A 1332 48.97 -8.50 -15.23
CA TYR A 1332 47.87 -7.61 -15.57
C TYR A 1332 48.19 -6.71 -16.72
N ASP A 1333 47.20 -6.34 -17.50
CA ASP A 1333 47.41 -5.35 -18.55
C ASP A 1333 46.09 -4.80 -19.03
N ASP A 1334 46.16 -3.75 -19.82
CA ASP A 1334 44.99 -3.06 -20.29
C ASP A 1334 44.98 -3.02 -21.81
N PHE A 1335 43.98 -2.35 -22.35
CA PHE A 1335 43.71 -2.31 -23.78
C PHE A 1335 43.24 -0.92 -24.12
N GLN A 1336 43.97 -0.22 -24.97
CA GLN A 1336 43.43 0.98 -25.60
C GLN A 1336 44.00 1.08 -27.00
N GLU A 1337 43.68 2.15 -27.70
CA GLU A 1337 44.01 2.21 -29.12
C GLU A 1337 45.50 2.41 -29.37
N GLU A 1338 46.21 3.04 -28.44
CA GLU A 1338 47.64 3.09 -28.65
C GLU A 1338 48.23 1.69 -28.76
N GLY A 1339 47.61 0.70 -28.13
CA GLY A 1339 48.10 -0.65 -28.14
C GLY A 1339 47.53 -1.49 -29.26
N SER A 1340 46.21 -1.45 -29.43
CA SER A 1340 45.60 -2.28 -30.47
C SER A 1340 46.06 -1.90 -31.87
N PHE A 1341 46.04 -0.61 -32.21
CA PHE A 1341 46.52 -0.17 -33.50
C PHE A 1341 47.94 -0.63 -33.78
N GLU A 1342 48.84 -0.58 -32.81
CA GLU A 1342 50.16 -1.16 -33.01
C GLU A 1342 50.07 -2.63 -33.32
N PHE A 1343 49.25 -3.37 -32.58
CA PHE A 1343 49.06 -4.78 -32.86
C PHE A 1343 48.36 -4.99 -34.17
N GLY A 1344 47.60 -3.99 -34.61
CA GLY A 1344 46.97 -4.10 -35.92
C GLY A 1344 47.97 -4.15 -37.04
N ASN A 1345 48.85 -3.15 -37.12
CA ASN A 1345 49.79 -3.10 -38.23
C ASN A 1345 50.85 -4.18 -38.14
N MET A 1346 51.10 -4.74 -36.97
CA MET A 1346 51.86 -5.97 -36.91
C MET A 1346 51.12 -7.14 -37.54
N LYS A 1347 49.83 -6.98 -37.85
CA LYS A 1347 48.98 -8.06 -38.32
C LYS A 1347 49.02 -9.25 -37.36
N ALA A 1348 48.93 -8.97 -36.07
CA ALA A 1348 48.94 -10.01 -35.06
C ALA A 1348 47.57 -10.35 -34.52
N THR A 1349 46.71 -9.35 -34.35
CA THR A 1349 45.36 -9.64 -33.91
C THR A 1349 44.44 -9.71 -35.12
N SER A 1350 43.42 -10.56 -34.99
CA SER A 1350 42.56 -10.93 -36.12
C SER A 1350 41.82 -9.72 -36.65
N ASN A 1351 42.06 -9.39 -37.91
CA ASN A 1351 41.29 -8.39 -38.62
C ASN A 1351 39.82 -8.71 -38.40
N THR A 1352 39.03 -7.69 -38.10
CA THR A 1352 37.64 -7.97 -37.80
C THR A 1352 36.76 -7.92 -39.04
N LEU A 1353 37.01 -7.00 -39.98
CA LEU A 1353 36.17 -6.96 -41.15
C LEU A 1353 36.25 -8.25 -41.95
N GLU A 1354 37.45 -8.81 -42.11
CA GLU A 1354 37.54 -10.10 -42.78
C GLU A 1354 37.08 -11.24 -41.90
N GLU A 1355 36.62 -10.96 -40.69
CA GLU A 1355 35.86 -11.93 -39.94
C GLU A 1355 34.36 -11.72 -40.11
N PHE A 1356 33.93 -10.52 -40.45
CA PHE A 1356 32.55 -10.27 -40.81
C PHE A 1356 32.28 -10.62 -42.26
N GLU A 1357 33.30 -11.04 -43.00
CA GLU A 1357 33.10 -11.60 -44.32
C GLU A 1357 33.35 -13.10 -44.34
N HIS A 1358 33.83 -13.67 -43.25
CA HIS A 1358 33.77 -15.09 -43.05
C HIS A 1358 32.56 -15.49 -42.25
N GLY A 1359 31.60 -14.59 -42.11
CA GLY A 1359 30.42 -14.85 -41.32
C GLY A 1359 30.76 -15.33 -39.94
N ARG A 1360 31.89 -14.89 -39.41
CA ARG A 1360 32.26 -15.20 -38.04
C ARG A 1360 31.56 -14.20 -37.13
N THR A 1361 31.32 -14.60 -35.94
CA THR A 1361 30.63 -13.69 -35.06
C THR A 1361 31.55 -13.24 -33.94
N PRO A 1362 31.28 -12.07 -33.35
CA PRO A 1362 32.10 -11.62 -32.21
C PRO A 1362 32.40 -12.69 -31.21
N ALA A 1363 31.42 -13.43 -30.73
CA ALA A 1363 31.66 -14.38 -29.65
C ALA A 1363 32.41 -15.60 -30.10
N GLU A 1364 32.98 -15.58 -31.30
CA GLU A 1364 33.72 -16.72 -31.81
C GLU A 1364 34.99 -16.36 -32.54
N MET A 1365 35.41 -15.10 -32.55
CA MET A 1365 36.57 -14.73 -33.34
C MET A 1365 37.88 -15.16 -32.71
N SER A 1366 37.85 -15.82 -31.56
CA SER A 1366 39.07 -16.35 -30.94
C SER A 1366 39.01 -17.86 -31.06
N ARG A 1367 39.63 -18.39 -32.10
CA ARG A 1367 39.56 -19.82 -32.39
C ARG A 1367 40.92 -20.47 -32.18
N PRO A 1368 41.33 -20.76 -30.97
CA PRO A 1368 42.64 -21.40 -30.80
C PRO A 1368 42.69 -22.81 -31.34
N ALA A 1369 43.85 -23.18 -31.90
CA ALA A 1369 44.10 -24.51 -32.45
C ALA A 1369 43.03 -24.89 -33.47
N THR A 1370 42.79 -24.01 -34.43
CA THR A 1370 41.70 -24.14 -35.36
C THR A 1370 42.21 -23.96 -36.78
N THR A 1371 41.64 -24.70 -37.72
CA THR A 1371 42.09 -24.63 -39.10
C THR A 1371 41.95 -23.23 -39.66
N THR A 1372 40.89 -22.52 -39.27
CA THR A 1372 40.66 -21.19 -39.79
C THR A 1372 41.04 -20.10 -38.81
N ARG A 1373 42.02 -20.33 -37.95
CA ARG A 1373 42.49 -19.31 -37.05
C ARG A 1373 43.22 -18.22 -37.83
N ASN A 1374 43.01 -16.99 -37.39
CA ASN A 1374 43.50 -15.82 -38.10
C ASN A 1374 44.34 -14.87 -37.25
N GLY A 1375 44.45 -15.09 -35.95
CA GLY A 1375 45.10 -14.14 -35.08
C GLY A 1375 44.43 -14.22 -33.73
N PHE A 1376 44.74 -13.25 -32.88
CA PHE A 1376 44.17 -13.33 -31.55
C PHE A 1376 43.36 -12.08 -31.20
N MET A 1377 42.84 -12.09 -29.99
CA MET A 1377 41.96 -11.04 -29.48
C MET A 1377 42.53 -10.51 -28.18
N GLU A 1378 42.91 -9.24 -28.15
CA GLU A 1378 43.45 -8.70 -26.92
C GLU A 1378 42.32 -8.37 -25.96
N ALA A 1379 42.45 -8.84 -24.73
CA ALA A 1379 41.55 -8.51 -23.66
C ALA A 1379 42.27 -7.63 -22.66
N GLN A 1380 41.60 -7.36 -21.55
CA GLN A 1380 42.09 -6.43 -20.55
C GLN A 1380 41.73 -6.98 -19.19
N GLY A 1381 42.57 -6.74 -18.22
CA GLY A 1381 42.23 -7.15 -16.89
C GLY A 1381 43.48 -7.53 -16.12
N ALA A 1382 43.29 -8.36 -15.12
CA ALA A 1382 44.35 -8.70 -14.19
C ALA A 1382 44.17 -10.14 -13.79
N GLY A 1383 45.08 -10.63 -12.98
CA GLY A 1383 44.88 -11.89 -12.31
C GLY A 1383 46.07 -12.16 -11.44
N ILE A 1384 45.89 -12.46 -10.17
CA ILE A 1384 47.00 -12.61 -9.26
C ILE A 1384 46.78 -13.84 -8.42
N GLN A 1385 47.79 -14.22 -7.66
CA GLN A 1385 47.61 -15.27 -6.68
C GLN A 1385 48.69 -15.29 -5.62
N ILE A 1386 48.29 -15.55 -4.39
CA ILE A 1386 49.19 -15.57 -3.25
C ILE A 1386 49.82 -16.93 -3.14
N ILE A 1387 51.13 -17.01 -3.25
CA ILE A 1387 51.83 -18.28 -3.10
C ILE A 1387 52.68 -18.17 -1.84
N MET A 1388 52.75 -19.25 -1.09
CA MET A 1388 53.44 -19.24 0.18
C MET A 1388 54.31 -20.47 0.31
N GLN A 1389 55.10 -20.52 1.36
CA GLN A 1389 55.75 -21.76 1.71
C GLN A 1389 54.69 -22.80 2.02
N ALA A 1390 55.06 -24.06 2.14
CA ALA A 1390 54.08 -25.03 2.59
C ALA A 1390 53.88 -24.94 4.09
N ASP A 1391 54.91 -25.25 4.87
CA ASP A 1391 54.70 -25.39 6.30
C ASP A 1391 54.14 -24.12 6.91
N LEU A 1392 54.44 -22.98 6.32
CA LEU A 1392 53.72 -21.79 6.75
C LEU A 1392 52.23 -21.89 6.48
N ALA A 1393 51.83 -22.42 5.34
CA ALA A 1393 50.41 -22.56 5.06
C ALA A 1393 49.74 -23.54 5.99
N LEU A 1394 50.47 -24.50 6.52
CA LEU A 1394 49.86 -25.49 7.40
C LEU A 1394 49.74 -24.95 8.82
N LYS A 1395 50.65 -24.11 9.24
CA LYS A 1395 50.47 -23.52 10.56
C LYS A 1395 49.71 -22.21 10.50
N MET A 1396 49.56 -21.62 9.33
CA MET A 1396 48.66 -20.49 9.20
C MET A 1396 47.22 -20.92 9.02
N GLY A 1397 46.98 -22.12 8.51
CA GLY A 1397 45.62 -22.52 8.27
C GLY A 1397 45.01 -21.78 7.12
N VAL A 1398 45.42 -22.10 5.90
CA VAL A 1398 44.90 -21.42 4.73
C VAL A 1398 44.49 -22.44 3.67
N PRO A 1399 43.65 -22.07 2.73
CA PRO A 1399 43.29 -23.00 1.67
C PRO A 1399 44.43 -23.19 0.71
N ILE A 1400 44.98 -24.38 0.71
CA ILE A 1400 46.02 -24.76 -0.22
C ILE A 1400 45.35 -25.28 -1.48
N TYR A 1401 45.57 -24.59 -2.59
CA TYR A 1401 44.93 -24.97 -3.84
C TYR A 1401 45.80 -25.79 -4.77
N GLY A 1402 47.12 -25.63 -4.72
CA GLY A 1402 47.97 -26.29 -5.67
C GLY A 1402 49.34 -26.52 -5.09
N ILE A 1403 50.23 -27.02 -5.94
CA ILE A 1403 51.63 -27.16 -5.56
C ILE A 1403 52.46 -26.82 -6.77
N VAL A 1404 52.94 -25.59 -6.85
CA VAL A 1404 53.75 -25.20 -7.99
C VAL A 1404 55.04 -25.99 -7.88
N ALA A 1405 55.14 -27.06 -8.64
CA ALA A 1405 56.25 -27.98 -8.49
C ALA A 1405 57.35 -27.60 -9.43
N MET A 1406 57.04 -26.71 -10.37
CA MET A 1406 58.07 -26.24 -11.28
C MET A 1406 57.54 -25.01 -11.99
N ALA A 1407 58.41 -24.03 -12.16
CA ALA A 1407 58.16 -22.92 -13.06
C ALA A 1407 59.50 -22.55 -13.65
N ALA A 1408 59.54 -22.29 -14.95
CA ALA A 1408 60.81 -22.04 -15.59
C ALA A 1408 60.54 -21.32 -16.90
N THR A 1409 61.14 -20.15 -17.06
CA THR A 1409 61.12 -19.44 -18.31
C THR A 1409 62.37 -19.78 -19.10
N ALA A 1410 62.31 -19.62 -20.41
CA ALA A 1410 63.40 -20.08 -21.26
C ALA A 1410 63.42 -19.21 -22.51
N THR A 1411 64.61 -19.07 -23.09
CA THR A 1411 64.82 -18.28 -24.29
C THR A 1411 65.94 -18.90 -25.10
N ASP A 1412 65.93 -18.68 -26.41
CA ASP A 1412 67.01 -19.15 -27.27
C ASP A 1412 68.35 -18.50 -26.89
N LYS A 1413 68.52 -17.22 -27.21
CA LYS A 1413 69.77 -16.48 -27.07
C LYS A 1413 69.41 -15.00 -26.96
N ILE A 1414 70.36 -14.13 -27.32
CA ILE A 1414 70.23 -12.69 -27.14
C ILE A 1414 68.91 -12.25 -27.73
N GLY A 1415 68.31 -11.19 -27.17
CA GLY A 1415 67.12 -10.58 -27.74
C GLY A 1415 67.38 -10.17 -29.17
N ARG A 1416 66.86 -10.99 -30.11
CA ARG A 1416 67.16 -10.89 -31.54
C ARG A 1416 65.96 -10.59 -32.45
N SER A 1417 64.82 -11.30 -32.30
CA SER A 1417 63.68 -11.10 -33.20
C SER A 1417 62.38 -11.51 -32.51
N VAL A 1418 61.65 -10.51 -32.02
CA VAL A 1418 60.63 -10.77 -31.01
C VAL A 1418 59.43 -11.60 -31.49
N PRO A 1419 58.82 -11.33 -32.65
CA PRO A 1419 57.44 -11.82 -32.84
C PRO A 1419 57.33 -13.30 -33.19
N ALA A 1420 58.38 -14.09 -33.04
CA ALA A 1420 58.31 -15.49 -33.45
C ALA A 1420 58.72 -16.39 -32.29
N PRO A 1421 57.90 -17.39 -31.95
CA PRO A 1421 58.24 -18.28 -30.85
C PRO A 1421 59.10 -19.44 -31.32
N GLY A 1422 59.64 -20.18 -30.36
CA GLY A 1422 60.63 -21.21 -30.65
C GLY A 1422 60.70 -22.28 -29.61
N LYS A 1423 61.81 -23.03 -29.64
CA LYS A 1423 62.02 -24.25 -28.87
C LYS A 1423 62.05 -24.01 -27.38
N GLY A 1424 62.15 -22.75 -26.98
CA GLY A 1424 62.75 -22.39 -25.70
C GLY A 1424 62.48 -23.36 -24.59
N ILE A 1425 61.21 -23.68 -24.34
CA ILE A 1425 60.86 -24.37 -23.11
C ILE A 1425 61.22 -25.84 -23.19
N LEU A 1426 61.33 -26.38 -24.39
CA LEU A 1426 61.66 -27.79 -24.54
C LEU A 1426 62.81 -28.20 -23.63
N THR A 1427 63.66 -27.26 -23.27
CA THR A 1427 64.77 -27.51 -22.38
C THR A 1427 64.36 -27.85 -20.98
N THR A 1428 63.09 -27.68 -20.61
CA THR A 1428 62.65 -28.13 -19.31
C THR A 1428 62.60 -29.63 -19.21
N ALA A 1429 62.90 -30.32 -20.30
CA ALA A 1429 62.92 -31.76 -20.34
C ALA A 1429 64.31 -32.29 -20.67
N ARG A 1430 65.32 -31.44 -20.62
CA ARG A 1430 66.67 -31.89 -20.92
C ARG A 1430 67.05 -32.97 -19.93
N GLU A 1431 67.10 -34.21 -20.41
CA GLU A 1431 67.70 -35.28 -19.63
C GLU A 1431 68.51 -36.17 -20.56
N HIS A 1432 69.29 -37.07 -19.98
CA HIS A 1432 70.30 -37.83 -20.69
C HIS A 1432 69.90 -39.30 -20.75
N HIS A 1433 69.67 -39.80 -21.96
CA HIS A 1433 69.29 -41.20 -22.11
C HIS A 1433 70.43 -42.04 -22.66
N SER A 1434 71.67 -41.63 -22.41
CA SER A 1434 72.80 -42.36 -23.01
C SER A 1434 72.84 -43.79 -22.51
N SER A 1435 72.64 -44.00 -21.22
CA SER A 1435 72.65 -45.32 -20.61
C SER A 1435 71.42 -45.42 -19.70
N VAL A 1436 70.43 -46.20 -20.14
CA VAL A 1436 69.19 -46.34 -19.38
C VAL A 1436 68.99 -47.81 -19.03
N LYS A 1437 70.01 -48.62 -19.29
CA LYS A 1437 69.87 -50.07 -19.09
C LYS A 1437 69.79 -50.41 -17.61
N TYR A 1438 70.54 -49.71 -16.77
CA TYR A 1438 70.48 -49.91 -15.34
C TYR A 1438 69.38 -49.03 -14.77
N ALA A 1439 68.96 -49.34 -13.55
CA ALA A 1439 67.91 -48.56 -12.92
C ALA A 1439 68.49 -47.40 -12.11
N SER A 1440 67.82 -46.25 -12.18
CA SER A 1440 68.25 -45.08 -11.45
C SER A 1440 67.65 -45.09 -10.06
N PRO A 1441 68.41 -45.33 -9.00
CA PRO A 1441 67.81 -45.53 -7.68
C PRO A 1441 67.13 -44.27 -7.16
N ASN A 1442 67.65 -43.10 -7.53
CA ASN A 1442 67.10 -41.86 -7.01
C ASN A 1442 65.65 -41.63 -7.40
N LEU A 1443 65.16 -42.28 -8.45
CA LEU A 1443 63.77 -42.09 -8.83
C LEU A 1443 62.82 -42.81 -7.89
N ASN A 1444 63.30 -43.85 -7.19
CA ASN A 1444 62.47 -44.51 -6.21
C ASN A 1444 62.44 -43.71 -4.92
N MET A 1445 61.31 -43.77 -4.24
CA MET A 1445 61.20 -43.17 -2.92
C MET A 1445 61.63 -44.11 -1.82
N LYS A 1446 61.32 -45.40 -1.94
CA LYS A 1446 61.75 -46.35 -0.93
C LYS A 1446 63.25 -46.35 -0.74
N TYR A 1447 64.00 -45.88 -1.74
CA TYR A 1447 65.44 -45.75 -1.65
C TYR A 1447 65.85 -44.41 -1.07
N ARG A 1448 65.17 -43.34 -1.50
CA ARG A 1448 65.45 -42.03 -0.94
C ARG A 1448 65.01 -41.93 0.52
N LYS A 1449 63.97 -42.65 0.91
CA LYS A 1449 63.58 -42.66 2.31
C LYS A 1449 64.62 -43.31 3.19
N ARG A 1450 65.24 -44.39 2.75
CA ARG A 1450 66.27 -45.02 3.57
C ARG A 1450 67.45 -44.11 3.80
N GLN A 1451 67.90 -43.39 2.77
CA GLN A 1451 69.00 -42.45 2.97
C GLN A 1451 68.64 -41.38 3.97
N LEU A 1452 67.41 -40.90 3.94
CA LEU A 1452 67.01 -39.84 4.85
C LEU A 1452 66.98 -40.33 6.29
N VAL A 1453 66.23 -41.40 6.55
CA VAL A 1453 66.19 -41.93 7.91
C VAL A 1453 67.56 -42.36 8.37
N THR A 1454 68.45 -42.69 7.44
CA THR A 1454 69.83 -42.96 7.83
C THR A 1454 70.53 -41.68 8.26
N ARG A 1455 70.35 -40.60 7.50
CA ARG A 1455 70.98 -39.34 7.89
C ARG A 1455 70.40 -38.81 9.19
N GLU A 1456 69.10 -39.03 9.41
CA GLU A 1456 68.52 -38.61 10.69
C GLU A 1456 69.21 -39.28 11.86
N ALA A 1457 69.66 -40.52 11.70
CA ALA A 1457 70.49 -41.12 12.73
C ALA A 1457 71.78 -40.34 12.92
N GLN A 1458 72.42 -39.94 11.82
CA GLN A 1458 73.61 -39.11 11.92
C GLN A 1458 73.31 -37.78 12.60
N ILE A 1459 72.11 -37.25 12.42
CA ILE A 1459 71.77 -35.97 13.03
C ILE A 1459 71.29 -36.16 14.46
N LYS A 1460 70.60 -37.26 14.75
CA LYS A 1460 70.12 -37.48 16.10
C LYS A 1460 71.28 -37.59 17.08
N ASP A 1461 72.15 -38.58 16.90
CA ASP A 1461 73.31 -38.74 17.76
C ASP A 1461 74.25 -37.54 17.71
N TRP A 1462 74.10 -36.68 16.70
CA TRP A 1462 74.99 -35.53 16.58
C TRP A 1462 74.77 -34.54 17.71
N VAL A 1463 73.52 -34.27 18.08
CA VAL A 1463 73.26 -33.33 19.16
C VAL A 1463 73.60 -33.96 20.51
N GLU A 1464 73.31 -35.24 20.67
CA GLU A 1464 73.73 -35.89 21.90
C GLU A 1464 75.25 -35.87 22.05
N ASN A 1465 75.97 -35.78 20.94
CA ASN A 1465 77.39 -35.48 20.98
C ASN A 1465 77.67 -34.00 21.14
N GLU A 1466 76.70 -33.14 20.80
CA GLU A 1466 76.92 -31.71 20.92
C GLU A 1466 76.52 -31.19 22.29
N LEU A 1467 75.33 -31.57 22.78
CA LEU A 1467 74.91 -31.14 24.10
C LEU A 1467 75.85 -31.64 25.20
N GLU A 1468 76.39 -32.84 25.06
CA GLU A 1468 77.43 -33.27 25.99
C GLU A 1468 78.69 -32.42 25.85
N ALA A 1469 78.96 -31.89 24.66
CA ALA A 1469 80.12 -31.02 24.49
C ALA A 1469 79.89 -29.66 25.15
N LEU A 1470 78.63 -29.30 25.43
CA LEU A 1470 78.41 -28.12 26.23
C LEU A 1470 78.74 -28.37 27.70
N LYS A 1471 78.44 -29.56 28.21
CA LYS A 1471 78.67 -29.82 29.63
C LYS A 1471 80.14 -29.77 29.97
N LEU A 1472 81.00 -30.27 29.08
CA LEU A 1472 82.43 -30.08 29.28
C LEU A 1472 82.83 -28.63 29.08
N GLU A 1473 81.93 -27.82 28.54
CA GLU A 1473 82.22 -26.41 28.30
C GLU A 1473 81.44 -25.48 29.22
N ALA A 1474 80.21 -25.81 29.57
CA ALA A 1474 79.30 -24.81 30.13
C ALA A 1474 79.30 -24.77 31.65
N GLU A 1475 79.76 -25.80 32.33
CA GLU A 1475 79.84 -25.72 33.79
C GLU A 1475 81.25 -25.52 34.30
N GLU A 1476 82.17 -25.11 33.45
CA GLU A 1476 83.55 -24.88 33.87
C GLU A 1476 84.04 -23.49 33.46
N ILE A 1477 83.61 -23.02 32.30
CA ILE A 1477 83.99 -21.67 31.85
C ILE A 1477 83.20 -20.60 32.61
N PRO A 1478 81.87 -20.63 32.65
CA PRO A 1478 81.13 -19.54 33.29
C PRO A 1478 80.82 -19.84 34.75
N SER A 1479 80.26 -18.83 35.41
CA SER A 1479 79.74 -18.99 36.75
C SER A 1479 78.32 -19.52 36.67
N GLU A 1480 77.57 -19.41 37.77
CA GLU A 1480 76.17 -19.79 37.77
C GLU A 1480 75.28 -18.81 37.01
N ASP A 1481 75.84 -17.86 36.27
CA ASP A 1481 75.07 -17.10 35.28
C ASP A 1481 74.89 -17.98 34.04
N GLN A 1482 74.32 -19.15 34.30
CA GLN A 1482 74.40 -20.30 33.41
C GLN A 1482 73.16 -20.51 32.56
N ASN A 1483 71.97 -20.42 33.15
CA ASN A 1483 70.75 -20.71 32.40
C ASN A 1483 70.48 -19.66 31.34
N GLU A 1484 71.25 -18.57 31.34
CA GLU A 1484 71.20 -17.66 30.20
C GLU A 1484 72.22 -18.03 29.14
N PHE A 1485 73.38 -18.56 29.54
CA PHE A 1485 74.33 -19.07 28.57
C PHE A 1485 73.87 -20.40 28.00
N LEU A 1486 73.33 -21.28 28.84
CA LEU A 1486 72.76 -22.53 28.35
C LEU A 1486 71.62 -22.27 27.39
N LEU A 1487 70.65 -21.44 27.78
CA LEU A 1487 69.54 -21.13 26.89
C LEU A 1487 70.01 -20.38 25.64
N GLU A 1488 71.25 -19.88 25.67
CA GLU A 1488 71.83 -19.37 24.42
C GLU A 1488 72.36 -20.50 23.55
N ARG A 1489 73.13 -21.43 24.13
CA ARG A 1489 73.75 -22.47 23.34
C ARG A 1489 72.85 -23.68 23.11
N THR A 1490 72.00 -24.02 24.07
CA THR A 1490 71.08 -25.13 23.85
C THR A 1490 70.02 -24.81 22.82
N ARG A 1491 69.70 -23.54 22.61
CA ARG A 1491 68.83 -23.17 21.50
C ARG A 1491 69.57 -23.27 20.18
N GLU A 1492 70.80 -22.74 20.14
CA GLU A 1492 71.58 -22.79 18.91
C GLU A 1492 71.81 -24.22 18.46
N ILE A 1493 72.07 -25.13 19.40
CA ILE A 1493 72.22 -26.53 19.03
C ILE A 1493 70.90 -27.07 18.50
N HIS A 1494 69.81 -26.77 19.19
CA HIS A 1494 68.50 -27.17 18.70
C HIS A 1494 68.22 -26.60 17.32
N ASN A 1495 68.66 -25.38 17.05
CA ASN A 1495 68.46 -24.81 15.72
C ASN A 1495 69.46 -25.37 14.71
N GLU A 1496 70.72 -25.57 15.12
CA GLU A 1496 71.67 -26.20 14.23
C GLU A 1496 71.32 -27.65 13.96
N ALA A 1497 70.44 -28.22 14.79
CA ALA A 1497 69.95 -29.57 14.54
C ALA A 1497 68.80 -29.56 13.57
N GLU A 1498 67.90 -28.59 13.70
CA GLU A 1498 66.76 -28.48 12.80
C GLU A 1498 67.24 -28.28 11.37
N SER A 1499 67.96 -27.19 11.11
CA SER A 1499 68.45 -26.94 9.77
C SER A 1499 69.38 -28.03 9.28
N GLN A 1500 69.89 -28.86 10.18
CA GLN A 1500 70.65 -30.02 9.75
C GLN A 1500 69.72 -31.06 9.14
N LEU A 1501 68.47 -31.09 9.57
CA LEU A 1501 67.49 -31.99 9.02
C LEU A 1501 66.78 -31.43 7.80
N ARG A 1502 66.26 -30.21 7.86
CA ARG A 1502 65.61 -29.63 6.70
C ARG A 1502 66.59 -29.42 5.55
N ALA A 1503 67.86 -29.74 5.75
CA ALA A 1503 68.82 -29.83 4.66
C ALA A 1503 68.95 -31.24 4.12
N ALA A 1504 68.79 -32.24 4.97
CA ALA A 1504 68.77 -33.61 4.47
C ALA A 1504 67.48 -33.89 3.73
N GLN A 1505 66.40 -33.20 4.09
CA GLN A 1505 65.17 -33.35 3.33
C GLN A 1505 65.37 -32.97 1.87
N GLN A 1506 65.79 -31.73 1.62
CA GLN A 1506 65.89 -31.26 0.24
C GLN A 1506 66.96 -31.99 -0.54
N GLN A 1507 67.83 -32.74 0.13
CA GLN A 1507 68.75 -33.61 -0.58
C GLN A 1507 68.04 -34.84 -1.12
N TRP A 1508 67.15 -35.40 -0.32
CA TRP A 1508 66.49 -36.64 -0.65
C TRP A 1508 65.00 -36.47 -0.91
N GLY A 1509 64.45 -35.29 -0.66
CA GLY A 1509 63.03 -35.14 -0.86
C GLY A 1509 62.61 -34.10 -1.87
N ASN A 1510 63.34 -33.00 -2.00
CA ASN A 1510 62.93 -31.94 -2.90
C ASN A 1510 63.91 -31.75 -4.05
N ASP A 1511 65.16 -31.45 -3.76
CA ASP A 1511 66.15 -31.23 -4.79
C ASP A 1511 67.09 -32.44 -4.86
N PHE A 1512 66.52 -33.57 -5.21
CA PHE A 1512 67.29 -34.78 -5.42
C PHE A 1512 67.61 -35.03 -6.88
N TYR A 1513 67.13 -34.17 -7.77
CA TYR A 1513 67.37 -34.32 -9.19
C TYR A 1513 68.13 -33.14 -9.76
N LYS A 1514 68.50 -32.19 -8.92
CA LYS A 1514 69.26 -31.03 -9.36
C LYS A 1514 70.57 -31.45 -9.99
N ARG A 1515 71.37 -32.20 -9.24
CA ARG A 1515 72.68 -32.65 -9.69
C ARG A 1515 72.51 -34.04 -10.30
N ASP A 1516 71.77 -34.10 -11.39
CA ASP A 1516 71.57 -35.33 -12.13
C ASP A 1516 71.18 -35.04 -13.57
N PRO A 1517 72.00 -35.44 -14.52
CA PRO A 1517 71.67 -35.15 -15.93
C PRO A 1517 70.55 -36.01 -16.45
N ARG A 1518 70.39 -37.22 -15.92
CA ARG A 1518 69.42 -38.15 -16.46
C ARG A 1518 68.09 -38.13 -15.72
N ILE A 1519 67.72 -37.02 -15.08
CA ILE A 1519 66.37 -36.78 -14.60
C ILE A 1519 66.00 -35.39 -15.03
N ALA A 1520 65.16 -35.27 -16.02
CA ALA A 1520 64.77 -33.99 -16.56
C ALA A 1520 64.14 -33.15 -15.47
N PRO A 1521 64.25 -31.84 -15.55
CA PRO A 1521 63.68 -30.99 -14.50
C PRO A 1521 62.21 -31.17 -14.34
N LEU A 1522 61.49 -31.51 -15.41
CA LEU A 1522 60.05 -31.69 -15.35
C LEU A 1522 59.69 -33.07 -14.86
N ARG A 1523 60.53 -34.06 -15.13
CA ARG A 1523 60.32 -35.39 -14.58
C ARG A 1523 60.55 -35.44 -13.08
N GLY A 1524 61.64 -34.87 -12.60
CA GLY A 1524 61.86 -34.83 -11.19
C GLY A 1524 60.99 -33.84 -10.48
N ALA A 1525 60.43 -32.87 -11.21
CA ALA A 1525 59.44 -31.98 -10.62
C ALA A 1525 58.27 -32.76 -10.09
N LEU A 1526 57.87 -33.79 -10.81
CA LEU A 1526 56.78 -34.66 -10.41
C LEU A 1526 57.27 -35.86 -9.63
N ALA A 1527 58.47 -36.33 -9.89
CA ALA A 1527 58.94 -37.55 -9.26
C ALA A 1527 59.14 -37.40 -7.77
N THR A 1528 58.91 -36.20 -7.25
CA THR A 1528 59.07 -35.97 -5.82
C THR A 1528 57.76 -36.18 -5.08
N TYR A 1529 56.73 -36.64 -5.77
CA TYR A 1529 55.48 -37.04 -5.14
C TYR A 1529 55.08 -38.42 -5.58
N GLY A 1530 56.00 -39.15 -6.21
CA GLY A 1530 55.65 -40.43 -6.78
C GLY A 1530 54.79 -40.30 -8.00
N LEU A 1531 54.67 -39.09 -8.56
CA LEU A 1531 53.98 -38.96 -9.83
C LEU A 1531 54.93 -39.41 -10.90
N THR A 1532 54.37 -39.71 -12.07
CA THR A 1532 55.19 -40.03 -13.23
C THR A 1532 54.82 -39.03 -14.30
N ILE A 1533 55.63 -38.97 -15.36
CA ILE A 1533 55.29 -38.12 -16.48
C ILE A 1533 53.91 -38.44 -17.02
N ASP A 1534 53.41 -39.64 -16.77
CA ASP A 1534 52.11 -40.03 -17.28
C ASP A 1534 50.98 -39.36 -16.53
N ASP A 1535 51.23 -38.84 -15.34
CA ASP A 1535 50.18 -38.25 -14.52
C ASP A 1535 50.04 -36.77 -14.79
N LEU A 1536 50.77 -36.25 -15.76
CA LEU A 1536 50.57 -34.88 -16.18
C LEU A 1536 49.28 -34.83 -16.97
N GLY A 1537 48.17 -34.64 -16.29
CA GLY A 1537 46.88 -34.79 -16.92
C GLY A 1537 46.61 -33.83 -18.07
N VAL A 1538 46.73 -32.55 -17.80
CA VAL A 1538 46.19 -31.53 -18.68
C VAL A 1538 47.35 -30.64 -19.11
N ALA A 1539 47.16 -29.87 -20.15
CA ALA A 1539 48.12 -28.88 -20.58
C ALA A 1539 47.34 -27.66 -21.04
N SER A 1540 47.21 -26.68 -20.15
CA SER A 1540 46.48 -25.45 -20.47
C SER A 1540 47.33 -24.65 -21.46
N PHE A 1541 47.00 -24.79 -22.73
CA PHE A 1541 47.82 -24.14 -23.73
C PHE A 1541 47.68 -22.63 -23.65
N HIS A 1542 48.76 -21.96 -24.01
CA HIS A 1542 48.74 -20.54 -24.29
C HIS A 1542 47.63 -20.31 -25.29
N GLY A 1543 47.68 -21.06 -26.39
CA GLY A 1543 46.59 -21.08 -27.34
C GLY A 1543 46.17 -19.70 -27.74
N THR A 1544 47.10 -18.92 -28.23
CA THR A 1544 46.79 -17.53 -28.47
C THR A 1544 45.78 -17.38 -29.60
N SER A 1545 45.71 -18.36 -30.48
CA SER A 1545 44.99 -18.36 -31.76
C SER A 1545 45.73 -17.72 -32.92
N THR A 1546 47.04 -17.61 -32.87
CA THR A 1546 47.75 -17.23 -34.08
C THR A 1546 48.20 -18.47 -34.82
N LYS A 1547 48.38 -18.33 -36.13
CA LYS A 1547 48.69 -19.50 -36.92
C LYS A 1547 50.07 -20.05 -36.64
N ALA A 1548 50.98 -19.24 -36.11
CA ALA A 1548 52.31 -19.74 -35.85
C ALA A 1548 52.42 -20.33 -34.46
N ASN A 1549 51.69 -19.79 -33.50
CA ASN A 1549 51.85 -20.20 -32.11
C ASN A 1549 51.30 -21.59 -31.87
N ASP A 1550 50.00 -21.76 -32.07
CA ASP A 1550 49.37 -23.03 -31.79
C ASP A 1550 50.03 -24.17 -32.53
N LYS A 1551 50.50 -23.92 -33.74
CA LYS A 1551 51.31 -24.91 -34.44
C LYS A 1551 52.59 -25.23 -33.68
N ASN A 1552 53.22 -24.23 -33.10
CA ASN A 1552 54.46 -24.44 -32.38
C ASN A 1552 54.26 -24.91 -30.95
N GLU A 1553 53.32 -24.32 -30.24
CA GLU A 1553 53.08 -24.68 -28.85
C GLU A 1553 52.69 -26.14 -28.74
N SER A 1554 51.79 -26.56 -29.62
CA SER A 1554 51.46 -27.97 -29.70
C SER A 1554 52.66 -28.79 -30.10
N ALA A 1555 53.49 -28.27 -31.00
CA ALA A 1555 54.67 -29.02 -31.43
C ALA A 1555 55.57 -29.35 -30.25
N THR A 1556 55.96 -28.33 -29.50
CA THR A 1556 56.87 -28.49 -28.39
C THR A 1556 56.32 -29.34 -27.27
N ILE A 1557 55.01 -29.27 -26.99
CA ILE A 1557 54.48 -30.16 -25.97
C ILE A 1557 54.71 -31.60 -26.37
N ASN A 1558 54.61 -31.89 -27.65
CA ASN A 1558 54.77 -33.26 -28.09
C ASN A 1558 56.13 -33.82 -27.75
N GLU A 1559 57.21 -33.13 -28.09
CA GLU A 1559 58.53 -33.69 -27.85
C GLU A 1559 58.83 -33.86 -26.38
N MET A 1560 58.45 -32.92 -25.53
CA MET A 1560 58.74 -33.07 -24.11
C MET A 1560 57.94 -34.18 -23.47
N MET A 1561 56.89 -34.66 -24.13
CA MET A 1561 56.27 -35.92 -23.75
C MET A 1561 56.86 -37.05 -24.58
N LYS A 1562 57.22 -36.76 -25.81
CA LYS A 1562 57.86 -37.76 -26.64
C LYS A 1562 59.20 -38.14 -26.06
N HIS A 1563 59.92 -37.17 -25.52
CA HIS A 1563 61.23 -37.42 -24.95
C HIS A 1563 61.17 -38.02 -23.57
N LEU A 1564 60.24 -37.60 -22.74
CA LEU A 1564 60.18 -38.08 -21.38
C LEU A 1564 59.60 -39.47 -21.27
N GLY A 1565 59.24 -40.09 -22.39
CA GLY A 1565 58.69 -41.42 -22.33
C GLY A 1565 57.27 -41.46 -21.79
N ARG A 1566 56.44 -40.53 -22.21
CA ARG A 1566 55.03 -40.63 -21.88
C ARG A 1566 54.45 -41.86 -22.56
N SER A 1567 53.53 -42.54 -21.90
CA SER A 1567 52.99 -43.77 -22.45
C SER A 1567 52.29 -43.52 -23.76
N GLU A 1568 52.58 -44.34 -24.76
CA GLU A 1568 51.98 -44.19 -26.08
C GLU A 1568 50.48 -44.30 -25.97
N GLY A 1569 49.78 -43.28 -26.44
CA GLY A 1569 48.34 -43.34 -26.39
C GLY A 1569 47.81 -42.72 -25.12
N ASN A 1570 48.66 -42.00 -24.42
CA ASN A 1570 48.22 -41.24 -23.26
C ASN A 1570 48.45 -39.77 -23.54
N PRO A 1571 47.59 -39.10 -24.24
CA PRO A 1571 47.86 -37.71 -24.57
C PRO A 1571 47.46 -36.79 -23.44
N VAL A 1572 48.03 -35.59 -23.44
CA VAL A 1572 47.59 -34.55 -22.52
C VAL A 1572 46.47 -33.79 -23.20
N ILE A 1573 45.63 -33.13 -22.42
CA ILE A 1573 44.36 -32.63 -22.89
C ILE A 1573 44.45 -31.13 -23.00
N GLY A 1574 44.32 -30.61 -24.22
CA GLY A 1574 44.52 -29.19 -24.48
C GLY A 1574 43.37 -28.34 -23.99
N VAL A 1575 43.67 -27.46 -23.04
CA VAL A 1575 42.68 -26.52 -22.53
C VAL A 1575 43.00 -25.13 -23.06
N PHE A 1576 42.11 -24.58 -23.88
CA PHE A 1576 42.39 -23.31 -24.52
C PHE A 1576 41.52 -22.19 -23.98
N GLN A 1577 41.90 -21.69 -22.81
CA GLN A 1577 41.14 -20.70 -22.06
C GLN A 1577 40.78 -19.47 -22.88
N LYS A 1578 41.62 -19.14 -23.86
CA LYS A 1578 41.51 -17.85 -24.51
C LYS A 1578 40.32 -17.72 -25.42
N PHE A 1579 39.57 -18.80 -25.66
CA PHE A 1579 38.43 -18.67 -26.53
C PHE A 1579 37.36 -17.79 -25.90
N LEU A 1580 37.16 -17.91 -24.59
CA LEU A 1580 36.27 -17.03 -23.85
C LEU A 1580 36.81 -15.64 -23.73
N THR A 1581 38.00 -15.51 -23.22
CA THR A 1581 38.43 -14.25 -22.67
C THR A 1581 39.20 -13.42 -23.67
N GLY A 1582 39.98 -14.03 -24.54
CA GLY A 1582 40.84 -13.26 -25.38
C GLY A 1582 42.24 -13.33 -24.83
N HIS A 1583 43.06 -12.34 -25.19
CA HIS A 1583 44.47 -12.36 -24.84
C HIS A 1583 44.77 -11.13 -24.01
N PRO A 1584 44.91 -11.30 -22.74
CA PRO A 1584 45.17 -10.16 -21.87
C PRO A 1584 46.65 -9.86 -21.82
N LYS A 1585 47.19 -9.17 -22.82
CA LYS A 1585 48.56 -9.39 -23.25
C LYS A 1585 49.47 -9.87 -22.12
N GLY A 1586 49.43 -9.22 -20.97
CA GLY A 1586 50.26 -9.63 -19.87
C GLY A 1586 49.61 -10.58 -18.89
N ALA A 1587 48.28 -10.50 -18.77
CA ALA A 1587 47.58 -11.22 -17.73
C ALA A 1587 47.37 -12.69 -18.07
N ALA A 1588 47.81 -13.10 -19.25
CA ALA A 1588 47.52 -14.42 -19.77
C ALA A 1588 47.86 -15.53 -18.81
N GLY A 1589 49.12 -15.77 -18.53
CA GLY A 1589 49.49 -16.92 -17.75
C GLY A 1589 48.91 -16.91 -16.35
N ALA A 1590 48.28 -15.82 -15.97
CA ALA A 1590 47.67 -15.76 -14.65
C ALA A 1590 46.18 -15.96 -14.73
N TRP A 1591 45.60 -15.87 -15.92
CA TRP A 1591 44.29 -16.43 -16.15
C TRP A 1591 44.33 -17.91 -16.33
N MET A 1592 45.33 -18.41 -17.05
CA MET A 1592 45.40 -19.83 -17.29
C MET A 1592 46.06 -20.59 -16.16
N MET A 1593 46.84 -19.93 -15.30
CA MET A 1593 47.13 -20.57 -14.03
C MET A 1593 45.97 -20.47 -13.07
N ASN A 1594 45.18 -19.42 -13.19
CA ASN A 1594 44.01 -19.28 -12.37
C ASN A 1594 43.04 -20.39 -12.65
N GLY A 1595 42.73 -20.66 -13.91
CA GLY A 1595 41.86 -21.73 -14.30
C GLY A 1595 42.45 -23.08 -13.97
N ALA A 1596 43.74 -23.26 -14.21
CA ALA A 1596 44.38 -24.54 -13.94
C ALA A 1596 44.20 -25.01 -12.52
N LEU A 1597 43.98 -24.11 -11.57
CA LEU A 1597 43.71 -24.48 -10.20
C LEU A 1597 42.24 -24.78 -9.95
N GLN A 1598 41.34 -24.09 -10.65
CA GLN A 1598 39.95 -24.49 -10.70
C GLN A 1598 39.85 -25.96 -11.06
N ILE A 1599 40.68 -26.41 -11.98
CA ILE A 1599 40.61 -27.74 -12.51
C ILE A 1599 41.11 -28.75 -11.50
N LEU A 1600 42.26 -28.52 -10.90
CA LEU A 1600 42.77 -29.50 -9.94
C LEU A 1600 41.77 -29.83 -8.85
N ASN A 1601 41.00 -28.86 -8.39
CA ASN A 1601 40.06 -29.11 -7.32
C ASN A 1601 38.66 -29.41 -7.82
N SER A 1602 38.41 -29.20 -9.09
CA SER A 1602 37.12 -29.53 -9.67
C SER A 1602 37.13 -30.80 -10.49
N GLY A 1603 38.24 -31.15 -11.12
CA GLY A 1603 38.30 -32.32 -11.97
C GLY A 1603 37.53 -32.12 -13.25
N ILE A 1604 37.25 -30.87 -13.60
CA ILE A 1604 36.40 -30.55 -14.73
C ILE A 1604 37.22 -29.84 -15.78
N ILE A 1605 37.49 -30.51 -16.89
CA ILE A 1605 38.35 -29.94 -17.92
C ILE A 1605 37.54 -29.20 -18.96
N PRO A 1606 37.52 -27.89 -18.95
CA PRO A 1606 36.68 -27.17 -19.90
C PRO A 1606 37.09 -27.42 -21.34
N GLY A 1607 36.25 -27.03 -22.28
CA GLY A 1607 36.58 -27.27 -23.67
C GLY A 1607 36.48 -26.05 -24.55
N ASN A 1608 37.22 -26.08 -25.66
CA ASN A 1608 37.27 -24.97 -26.60
C ASN A 1608 35.95 -24.84 -27.33
N ARG A 1609 34.93 -24.32 -26.67
CA ARG A 1609 33.62 -24.23 -27.29
C ARG A 1609 33.63 -23.43 -28.58
N ASN A 1610 34.78 -23.01 -29.06
CA ASN A 1610 34.88 -22.42 -30.39
C ASN A 1610 35.82 -23.18 -31.30
N ALA A 1611 35.95 -24.48 -31.11
CA ALA A 1611 36.83 -25.30 -31.94
C ALA A 1611 35.98 -25.92 -33.02
N ASP A 1612 35.86 -25.24 -34.15
CA ASP A 1612 35.22 -25.86 -35.30
C ASP A 1612 35.97 -27.11 -35.71
N ASN A 1613 37.24 -26.96 -36.06
CA ASN A 1613 37.97 -28.00 -36.76
C ASN A 1613 39.45 -27.79 -36.47
N VAL A 1614 40.00 -28.56 -35.55
CA VAL A 1614 41.42 -28.48 -35.33
C VAL A 1614 42.19 -28.87 -36.60
N ASP A 1615 43.23 -28.11 -36.89
CA ASP A 1615 43.92 -28.24 -38.17
C ASP A 1615 44.56 -29.60 -38.33
N LYS A 1616 44.49 -30.14 -39.55
CA LYS A 1616 45.13 -31.41 -39.84
C LYS A 1616 46.58 -31.42 -39.43
N ILE A 1617 47.29 -30.32 -39.64
CA ILE A 1617 48.71 -30.29 -39.35
C ILE A 1617 48.95 -30.55 -37.89
N LEU A 1618 47.91 -30.49 -37.07
CA LEU A 1618 48.04 -30.80 -35.65
C LEU A 1618 47.89 -32.28 -35.36
N GLU A 1619 47.59 -33.10 -36.37
CA GLU A 1619 47.40 -34.50 -36.09
C GLU A 1619 48.70 -35.22 -35.84
N GLN A 1620 49.80 -34.76 -36.44
CA GLN A 1620 51.08 -35.41 -36.22
C GLN A 1620 51.47 -35.41 -34.76
N PHE A 1621 50.84 -34.58 -33.95
CA PHE A 1621 51.17 -34.51 -32.53
C PHE A 1621 50.25 -35.46 -31.78
N GLU A 1622 50.66 -36.72 -31.77
CA GLU A 1622 49.85 -37.77 -31.19
C GLU A 1622 49.84 -37.75 -29.68
N TYR A 1623 50.42 -36.74 -29.04
CA TYR A 1623 50.44 -36.69 -27.60
C TYR A 1623 49.58 -35.58 -27.04
N VAL A 1624 48.50 -35.21 -27.70
CA VAL A 1624 47.70 -34.07 -27.28
C VAL A 1624 46.32 -34.15 -27.90
N LEU A 1625 45.30 -33.95 -27.08
CA LEU A 1625 43.93 -33.83 -27.57
C LEU A 1625 43.62 -32.36 -27.76
N TYR A 1626 42.43 -32.07 -28.26
CA TYR A 1626 41.97 -30.70 -28.42
C TYR A 1626 40.46 -30.67 -28.22
N PRO A 1627 40.00 -30.82 -26.98
CA PRO A 1627 38.58 -30.99 -26.74
C PRO A 1627 37.72 -29.82 -27.18
N SER A 1628 36.41 -30.03 -27.18
CA SER A 1628 35.45 -28.99 -27.50
C SER A 1628 34.24 -29.08 -26.59
N LYS A 1629 34.19 -30.05 -25.70
CA LYS A 1629 33.14 -30.12 -24.71
C LYS A 1629 33.75 -30.43 -23.34
N THR A 1630 33.09 -29.96 -22.30
CA THR A 1630 33.62 -30.05 -20.95
C THR A 1630 33.65 -31.52 -20.54
N LEU A 1631 34.51 -31.87 -19.59
CA LEU A 1631 34.83 -33.26 -19.30
C LEU A 1631 35.01 -33.46 -17.81
N LYS A 1632 33.95 -33.87 -17.13
CA LYS A 1632 34.04 -34.09 -15.70
C LYS A 1632 34.85 -35.35 -15.42
N THR A 1633 36.15 -35.19 -15.17
CA THR A 1633 37.01 -36.35 -14.96
C THR A 1633 36.85 -36.87 -13.55
N ASP A 1634 37.54 -37.96 -13.26
CA ASP A 1634 37.57 -38.47 -11.90
C ASP A 1634 38.64 -37.80 -11.06
N GLY A 1635 39.42 -36.90 -11.66
CA GLY A 1635 40.42 -36.17 -10.92
C GLY A 1635 41.71 -35.97 -11.70
N VAL A 1636 42.11 -34.71 -11.85
CA VAL A 1636 43.37 -34.35 -12.49
C VAL A 1636 44.46 -34.41 -11.43
N ARG A 1637 45.63 -34.91 -11.81
CA ARG A 1637 46.71 -35.01 -10.84
C ARG A 1637 47.73 -33.90 -11.02
N ALA A 1638 47.82 -33.34 -12.21
CA ALA A 1638 48.77 -32.27 -12.47
C ALA A 1638 48.36 -31.55 -13.73
N VAL A 1639 48.70 -30.27 -13.82
CA VAL A 1639 48.39 -29.47 -14.99
C VAL A 1639 49.64 -28.68 -15.35
N SER A 1640 49.95 -28.60 -16.62
CA SER A 1640 51.08 -27.81 -17.07
C SER A 1640 50.55 -26.53 -17.71
N ILE A 1641 51.12 -25.41 -17.34
CA ILE A 1641 50.73 -24.11 -17.85
C ILE A 1641 51.88 -23.57 -18.66
N THR A 1642 51.76 -23.60 -19.97
CA THR A 1642 52.83 -23.07 -20.80
C THR A 1642 52.40 -21.73 -21.36
N SER A 1643 53.34 -20.87 -21.71
CA SER A 1643 53.01 -19.56 -22.23
C SER A 1643 54.19 -19.02 -23.01
N PHE A 1644 53.87 -18.29 -24.08
CA PHE A 1644 54.89 -17.77 -24.98
C PHE A 1644 54.53 -16.33 -25.29
N GLY A 1645 55.54 -15.52 -25.56
CA GLY A 1645 55.30 -14.13 -25.88
C GLY A 1645 56.47 -13.55 -26.63
N PHE A 1646 56.40 -12.26 -26.97
CA PHE A 1646 57.45 -11.62 -27.75
C PHE A 1646 58.78 -11.77 -27.05
N GLY A 1647 59.85 -11.61 -27.81
CA GLY A 1647 61.15 -11.55 -27.19
C GLY A 1647 61.62 -12.90 -26.71
N GLN A 1648 61.02 -13.96 -27.23
CA GLN A 1648 61.49 -15.31 -26.98
C GLN A 1648 61.45 -15.66 -25.50
N LYS A 1649 60.55 -15.05 -24.76
CA LYS A 1649 60.36 -15.43 -23.36
C LYS A 1649 59.30 -16.51 -23.38
N GLY A 1650 59.70 -17.72 -23.05
CA GLY A 1650 58.80 -18.85 -23.02
C GLY A 1650 58.13 -18.98 -21.68
N GLY A 1651 58.24 -20.12 -21.03
CA GLY A 1651 57.66 -20.26 -19.72
C GLY A 1651 56.67 -21.38 -19.60
N GLN A 1652 56.94 -22.33 -18.72
CA GLN A 1652 56.08 -23.48 -18.48
C GLN A 1652 56.09 -23.83 -17.00
N ALA A 1653 54.95 -23.66 -16.35
CA ALA A 1653 54.82 -24.02 -14.94
C ALA A 1653 53.78 -25.10 -14.81
N ILE A 1654 54.09 -26.10 -13.99
CA ILE A 1654 53.17 -27.20 -13.76
C ILE A 1654 52.73 -27.19 -12.31
N VAL A 1655 51.48 -27.59 -12.09
CA VAL A 1655 50.85 -27.57 -10.77
C VAL A 1655 50.48 -29.00 -10.42
N VAL A 1656 50.65 -29.37 -9.17
CA VAL A 1656 50.33 -30.72 -8.74
C VAL A 1656 49.06 -30.68 -7.91
N HIS A 1657 48.46 -31.75 -7.73
CA HIS A 1657 47.24 -31.64 -6.96
C HIS A 1657 47.53 -31.47 -5.48
N PRO A 1658 46.86 -30.52 -4.84
CA PRO A 1658 47.16 -30.25 -3.44
C PRO A 1658 47.15 -31.47 -2.57
N ASP A 1659 46.31 -32.44 -2.87
CA ASP A 1659 46.19 -33.56 -1.95
C ASP A 1659 47.46 -34.40 -1.88
N TYR A 1660 48.37 -34.26 -2.82
CA TYR A 1660 49.62 -35.00 -2.68
C TYR A 1660 50.49 -34.43 -1.59
N LEU A 1661 50.22 -33.20 -1.17
CA LEU A 1661 50.99 -32.61 -0.11
C LEU A 1661 50.74 -33.28 1.22
N TYR A 1662 49.48 -33.39 1.62
CA TYR A 1662 49.14 -33.88 2.94
C TYR A 1662 49.59 -35.29 3.18
N GLY A 1663 50.07 -35.98 2.16
CA GLY A 1663 50.68 -37.26 2.38
C GLY A 1663 52.05 -37.17 3.00
N ALA A 1664 52.58 -35.98 3.16
CA ALA A 1664 53.94 -35.78 3.64
C ALA A 1664 53.98 -35.32 5.08
N ILE A 1665 52.82 -35.17 5.70
CA ILE A 1665 52.72 -34.65 7.04
C ILE A 1665 52.13 -35.73 7.93
N THR A 1666 52.40 -35.64 9.21
CA THR A 1666 51.86 -36.59 10.16
C THR A 1666 50.37 -36.34 10.31
N GLU A 1667 49.66 -37.34 10.81
CA GLU A 1667 48.22 -37.26 10.88
C GLU A 1667 47.72 -36.18 11.82
N ASP A 1668 48.13 -36.21 13.09
CA ASP A 1668 47.65 -35.26 14.06
C ASP A 1668 47.87 -33.83 13.59
N ARG A 1669 48.95 -33.61 12.84
CA ARG A 1669 49.16 -32.30 12.27
C ARG A 1669 48.18 -31.98 11.15
N TYR A 1670 47.80 -32.99 10.37
CA TYR A 1670 46.88 -32.72 9.28
C TYR A 1670 45.53 -32.30 9.81
N ASN A 1671 44.87 -33.16 10.57
CA ASN A 1671 43.55 -32.81 11.06
C ASN A 1671 43.60 -31.63 12.00
N GLU A 1672 44.77 -31.33 12.55
CA GLU A 1672 44.94 -30.04 13.21
C GLU A 1672 44.81 -28.90 12.21
N TYR A 1673 45.55 -28.97 11.11
CA TYR A 1673 45.39 -27.98 10.05
C TYR A 1673 43.97 -27.97 9.53
N VAL A 1674 43.35 -29.14 9.47
CA VAL A 1674 42.00 -29.22 8.95
C VAL A 1674 41.06 -28.34 9.73
N ALA A 1675 41.05 -28.47 11.05
CA ALA A 1675 40.21 -27.61 11.87
C ALA A 1675 40.57 -26.15 11.66
N LYS A 1676 41.86 -25.86 11.48
CA LYS A 1676 42.29 -24.49 11.31
C LYS A 1676 41.68 -23.86 10.07
N VAL A 1677 41.72 -24.55 8.95
CA VAL A 1677 41.14 -23.99 7.72
C VAL A 1677 39.64 -23.83 7.88
N SER A 1678 38.99 -24.86 8.42
CA SER A 1678 37.56 -24.83 8.61
C SER A 1678 37.09 -23.53 9.23
N ALA A 1679 37.80 -23.04 10.24
CA ALA A 1679 37.45 -21.77 10.83
C ALA A 1679 37.70 -20.61 9.88
N ARG A 1680 38.86 -20.56 9.24
CA ARG A 1680 39.12 -19.49 8.30
C ARG A 1680 38.13 -19.44 7.17
N GLU A 1681 37.75 -20.58 6.63
CA GLU A 1681 36.73 -20.59 5.59
C GLU A 1681 35.50 -19.85 6.01
N LYS A 1682 34.98 -20.15 7.20
CA LYS A 1682 33.77 -19.47 7.65
C LYS A 1682 34.00 -17.98 7.75
N SER A 1683 35.12 -17.57 8.35
CA SER A 1683 35.38 -16.16 8.51
C SER A 1683 35.49 -15.47 7.17
N ALA A 1684 36.24 -16.05 6.25
CA ALA A 1684 36.31 -15.51 4.91
C ALA A 1684 34.94 -15.42 4.28
N TYR A 1685 34.10 -16.42 4.51
CA TYR A 1685 32.74 -16.32 4.01
C TYR A 1685 32.05 -15.10 4.56
N LYS A 1686 32.11 -14.90 5.88
CA LYS A 1686 31.50 -13.73 6.49
C LYS A 1686 32.00 -12.45 5.85
N PHE A 1687 33.31 -12.26 5.81
CA PHE A 1687 33.85 -11.01 5.31
C PHE A 1687 33.52 -10.79 3.86
N PHE A 1688 33.52 -11.86 3.06
CA PHE A 1688 33.23 -11.66 1.66
C PHE A 1688 31.82 -11.17 1.46
N HIS A 1689 30.91 -11.57 2.33
CA HIS A 1689 29.53 -11.17 2.12
C HIS A 1689 29.25 -9.78 2.66
N ASN A 1690 29.85 -9.40 3.78
CA ASN A 1690 29.68 -8.02 4.20
C ASN A 1690 30.19 -7.05 3.16
N GLY A 1691 31.42 -7.24 2.70
CA GLY A 1691 31.95 -6.35 1.69
C GLY A 1691 31.15 -6.37 0.42
N MET A 1692 30.78 -7.56 -0.06
CA MET A 1692 30.04 -7.62 -1.30
C MET A 1692 28.77 -6.80 -1.22
N ILE A 1693 28.13 -6.82 -0.06
CA ILE A 1693 26.90 -6.07 0.15
C ILE A 1693 27.18 -4.59 0.05
N TYR A 1694 28.10 -4.11 0.89
CA TYR A 1694 28.21 -2.68 1.18
C TYR A 1694 29.25 -1.94 0.36
N ASN A 1695 29.87 -2.57 -0.63
CA ASN A 1695 30.99 -1.97 -1.35
C ASN A 1695 32.14 -1.67 -0.38
N LYS A 1696 32.54 -2.71 0.35
CA LYS A 1696 33.57 -2.58 1.37
C LYS A 1696 34.52 -3.77 1.35
N LEU A 1697 34.67 -4.43 0.22
CA LEU A 1697 35.67 -5.48 0.13
C LEU A 1697 37.06 -4.92 0.29
N PHE A 1698 37.38 -3.90 -0.48
CA PHE A 1698 38.69 -3.27 -0.45
C PHE A 1698 38.68 -2.13 0.55
N VAL A 1699 39.21 -2.40 1.75
CA VAL A 1699 39.37 -1.37 2.76
C VAL A 1699 40.83 -0.98 2.81
N SER A 1700 41.13 0.18 2.24
CA SER A 1700 42.49 0.68 2.15
C SER A 1700 43.04 0.91 3.54
N LYS A 1701 44.20 0.34 3.82
CA LYS A 1701 44.91 0.70 5.03
C LYS A 1701 45.09 2.20 5.04
N GLU A 1702 45.10 2.78 6.24
CA GLU A 1702 45.45 4.18 6.40
C GLU A 1702 46.78 4.38 7.08
N HIS A 1703 47.08 3.60 8.10
CA HIS A 1703 48.34 3.64 8.80
C HIS A 1703 48.88 2.24 8.94
N ALA A 1704 50.14 2.11 8.81
CA ALA A 1704 50.84 0.84 8.81
C ALA A 1704 50.69 0.13 10.14
N PRO A 1705 51.10 -1.14 10.23
CA PRO A 1705 51.02 -1.85 11.51
C PRO A 1705 51.96 -1.30 12.56
N TYR A 1706 52.99 -0.59 12.14
CA TYR A 1706 53.92 0.06 13.05
C TYR A 1706 53.67 1.55 13.06
N THR A 1707 54.02 2.19 14.17
CA THR A 1707 53.99 3.64 14.24
C THR A 1707 55.40 4.18 14.03
N ASP A 1708 55.49 5.43 13.55
CA ASP A 1708 56.76 5.97 13.09
C ASP A 1708 57.87 5.80 14.11
N GLU A 1709 57.56 5.94 15.38
CA GLU A 1709 58.55 5.71 16.43
C GLU A 1709 58.95 4.26 16.53
N LEU A 1710 58.13 3.35 16.03
CA LEU A 1710 58.54 1.95 15.98
C LEU A 1710 58.92 1.54 14.57
N GLU A 1711 58.91 2.44 13.61
CA GLU A 1711 59.07 2.05 12.21
C GLU A 1711 60.37 1.32 11.98
N GLU A 1712 61.50 1.93 12.34
CA GLU A 1712 62.76 1.22 12.13
C GLU A 1712 63.09 0.24 13.25
N ASP A 1713 62.47 0.37 14.42
CA ASP A 1713 62.70 -0.66 15.43
C ASP A 1713 62.19 -2.02 14.98
N VAL A 1714 61.21 -2.05 14.10
CA VAL A 1714 60.65 -3.30 13.60
C VAL A 1714 61.61 -3.86 12.56
N TYR A 1715 62.26 -2.97 11.82
CA TYR A 1715 62.81 -3.33 10.52
C TYR A 1715 63.91 -4.37 10.62
N LEU A 1716 64.76 -4.33 11.65
CA LEU A 1716 65.61 -5.49 11.84
C LEU A 1716 65.69 -5.95 13.28
N ASP A 1717 64.59 -5.94 13.98
CA ASP A 1717 64.42 -6.93 15.02
C ASP A 1717 63.51 -8.00 14.44
N PRO A 1718 64.04 -9.08 13.88
CA PRO A 1718 63.30 -9.87 12.89
C PRO A 1718 62.26 -10.78 13.47
N LEU A 1719 62.04 -10.79 14.77
CA LEU A 1719 61.00 -11.61 15.36
C LEU A 1719 59.88 -10.74 15.91
N ALA A 1720 59.68 -9.59 15.27
CA ALA A 1720 58.67 -8.64 15.66
C ALA A 1720 57.34 -9.06 15.04
N ARG A 1721 56.45 -9.59 15.86
CA ARG A 1721 55.16 -10.07 15.39
C ARG A 1721 54.10 -9.05 15.75
N VAL A 1722 53.26 -8.72 14.80
CA VAL A 1722 52.11 -7.87 15.08
C VAL A 1722 51.21 -8.59 16.06
N SER A 1723 50.28 -7.85 16.66
CA SER A 1723 49.35 -8.45 17.62
C SER A 1723 48.09 -7.61 17.68
N LYS A 1724 47.11 -8.12 18.42
CA LYS A 1724 45.87 -7.39 18.57
C LYS A 1724 46.00 -6.27 19.59
N ASP A 1725 45.26 -5.20 19.35
CA ASP A 1725 45.21 -4.07 20.26
C ASP A 1725 43.84 -3.99 20.89
N LYS A 1726 43.80 -4.18 22.21
CA LYS A 1726 42.52 -4.25 22.91
C LYS A 1726 41.70 -2.99 22.70
N LYS A 1727 42.37 -1.83 22.62
CA LYS A 1727 41.65 -0.59 22.39
C LYS A 1727 41.15 -0.50 20.97
N SER A 1728 42.07 -0.46 20.00
CA SER A 1728 41.71 -0.19 18.62
C SER A 1728 41.08 -1.39 17.93
N GLY A 1729 41.41 -2.60 18.37
CA GLY A 1729 40.94 -3.81 17.72
C GLY A 1729 41.74 -4.20 16.50
N SER A 1730 42.52 -3.29 15.93
CA SER A 1730 43.31 -3.58 14.75
C SER A 1730 44.55 -4.38 15.14
N LEU A 1731 45.33 -4.73 14.12
CA LEU A 1731 46.55 -5.50 14.30
C LEU A 1731 47.70 -4.52 14.16
N THR A 1732 48.31 -4.16 15.29
CA THR A 1732 49.41 -3.22 15.28
C THR A 1732 50.57 -3.79 16.08
N PHE A 1733 51.73 -3.17 15.90
CA PHE A 1733 52.96 -3.59 16.56
C PHE A 1733 53.05 -2.89 17.90
N ASN A 1734 53.42 -3.64 18.93
CA ASN A 1734 53.65 -3.04 20.22
C ASN A 1734 55.14 -2.90 20.49
N SER A 1735 55.51 -1.86 21.22
CA SER A 1735 56.88 -1.71 21.66
C SER A 1735 57.25 -2.72 22.73
N LYS A 1736 56.29 -3.50 23.21
CA LYS A 1736 56.51 -4.44 24.29
C LYS A 1736 57.07 -5.77 23.80
N ASN A 1737 57.00 -6.01 22.50
CA ASN A 1737 57.53 -7.24 21.92
C ASN A 1737 58.41 -6.97 20.71
N ILE A 1738 59.07 -5.82 20.65
CA ILE A 1738 60.03 -5.51 19.60
C ILE A 1738 61.42 -5.68 20.20
N GLN A 1739 62.19 -6.62 19.65
CA GLN A 1739 63.43 -7.10 20.26
C GLN A 1739 63.24 -7.43 21.73
N SER A 1740 62.10 -8.01 22.06
CA SER A 1740 61.93 -8.63 23.35
C SER A 1740 62.61 -9.99 23.35
N LYS A 1741 63.62 -10.13 24.22
CA LYS A 1741 64.55 -11.24 24.09
C LYS A 1741 63.91 -12.59 24.38
N ASP A 1742 62.62 -12.62 24.72
CA ASP A 1742 61.95 -13.91 24.87
C ASP A 1742 61.65 -14.55 23.53
N SER A 1743 61.20 -13.76 22.56
CA SER A 1743 60.94 -14.26 21.22
C SER A 1743 62.13 -14.13 20.29
N TYR A 1744 63.22 -13.49 20.72
CA TYR A 1744 64.29 -13.12 19.80
C TYR A 1744 65.29 -14.25 19.55
N ILE A 1745 65.33 -15.27 20.40
CA ILE A 1745 66.21 -16.40 20.13
C ILE A 1745 65.44 -17.71 19.97
N ASN A 1746 64.37 -17.92 20.76
CA ASN A 1746 63.65 -19.20 20.72
C ASN A 1746 63.03 -19.48 19.35
N ALA A 1747 63.16 -18.57 18.39
CA ALA A 1747 62.69 -18.81 17.03
C ALA A 1747 63.85 -19.16 16.12
N SER B 5 -54.97 62.29 42.92
CA SER B 5 -54.25 62.38 44.18
C SER B 5 -52.82 62.85 43.93
N THR B 6 -52.09 62.11 43.10
CA THR B 6 -50.71 62.39 42.80
C THR B 6 -50.53 62.51 41.29
N ARG B 7 -49.47 63.22 40.89
CA ARG B 7 -49.14 63.38 39.48
C ARG B 7 -47.77 62.75 39.24
N PRO B 8 -47.67 61.74 38.38
CA PRO B 8 -46.37 61.10 38.14
C PRO B 8 -45.38 62.05 37.51
N LEU B 9 -44.14 61.97 37.99
CA LEU B 9 -43.03 62.77 37.48
C LEU B 9 -42.04 61.83 36.83
N THR B 10 -41.99 61.83 35.50
CA THR B 10 -41.04 61.01 34.75
C THR B 10 -39.69 61.72 34.75
N LEU B 11 -38.70 61.11 35.39
CA LEU B 11 -37.34 61.67 35.42
C LEU B 11 -36.63 61.26 34.13
N SER B 12 -36.68 62.16 33.15
CA SER B 12 -36.09 61.95 31.84
C SER B 12 -34.59 62.17 31.91
N HIS B 13 -33.84 61.09 31.76
CA HIS B 13 -32.37 61.16 31.68
C HIS B 13 -31.96 60.33 30.46
N GLY B 14 -32.04 60.95 29.28
CA GLY B 14 -31.68 60.29 28.05
C GLY B 14 -32.40 58.98 27.83
N SER B 15 -31.63 57.89 27.86
CA SER B 15 -32.19 56.55 27.72
C SER B 15 -32.52 55.90 29.05
N LEU B 16 -31.99 56.42 30.15
CA LEU B 16 -32.32 55.92 31.47
C LEU B 16 -33.55 56.66 31.95
N GLU B 17 -34.55 55.93 32.45
CA GLU B 17 -35.80 56.53 32.88
C GLU B 17 -36.28 55.93 34.18
N HIS B 18 -36.85 56.78 35.01
CA HIS B 18 -37.63 56.36 36.17
C HIS B 18 -38.73 57.39 36.38
N VAL B 19 -39.91 56.92 36.78
CA VAL B 19 -41.05 57.81 37.01
C VAL B 19 -41.16 58.04 38.51
N LEU B 20 -41.52 59.26 38.90
CA LEU B 20 -41.67 59.61 40.29
C LEU B 20 -43.13 59.97 40.55
N LEU B 21 -43.82 59.17 41.35
CA LEU B 21 -45.18 59.49 41.78
C LEU B 21 -45.10 60.65 42.75
N VAL B 22 -45.59 61.83 42.34
CA VAL B 22 -45.50 63.05 43.13
C VAL B 22 -46.91 63.53 43.41
N PRO B 23 -47.25 63.79 44.67
CA PRO B 23 -48.54 64.44 44.96
C PRO B 23 -48.62 65.80 44.28
N THR B 24 -49.84 66.29 44.08
CA THR B 24 -50.01 67.57 43.40
C THR B 24 -49.56 68.72 44.29
N ALA B 25 -49.75 68.58 45.60
CA ALA B 25 -49.48 69.64 46.56
C ALA B 25 -48.02 70.06 46.56
N SER B 26 -47.15 69.27 45.95
CA SER B 26 -45.75 69.64 45.77
C SER B 26 -45.28 69.43 44.34
N PHE B 27 -46.15 68.90 43.47
CA PHE B 27 -45.77 68.67 42.08
C PHE B 27 -45.27 69.92 41.39
N PHE B 28 -45.78 71.09 41.78
CA PHE B 28 -45.27 72.33 41.20
C PHE B 28 -43.80 72.52 41.54
N ILE B 29 -43.40 72.12 42.75
CA ILE B 29 -42.00 72.25 43.14
C ILE B 29 -41.15 71.15 42.51
N ALA B 30 -41.58 69.90 42.61
CA ALA B 30 -40.81 68.80 42.04
C ALA B 30 -40.62 69.01 40.54
N SER B 31 -41.65 69.50 39.86
CA SER B 31 -41.55 69.82 38.44
C SER B 31 -40.49 70.87 38.16
N GLN B 32 -40.17 71.72 39.12
CA GLN B 32 -39.17 72.75 38.87
C GLN B 32 -37.76 72.17 38.95
N LEU B 33 -37.57 71.18 39.81
CA LEU B 33 -36.26 70.59 39.99
C LEU B 33 -35.84 69.68 38.85
N GLN B 34 -36.77 68.92 38.29
CA GLN B 34 -36.45 68.16 37.09
C GLN B 34 -36.12 69.07 35.92
N GLU B 35 -36.72 70.25 35.87
CA GLU B 35 -36.34 71.25 34.87
C GLU B 35 -34.88 71.66 35.00
N GLN B 36 -34.34 71.65 36.22
CA GLN B 36 -32.94 71.98 36.41
C GLN B 36 -32.04 70.78 36.20
N PHE B 37 -32.49 69.59 36.57
CA PHE B 37 -31.65 68.41 36.49
C PHE B 37 -31.20 68.14 35.06
N ASN B 38 -32.13 68.21 34.11
CA ASN B 38 -31.77 68.06 32.72
C ASN B 38 -30.72 69.08 32.27
N LYS B 39 -30.64 70.23 32.95
CA LYS B 39 -29.58 71.18 32.65
C LYS B 39 -28.26 70.75 33.28
N ILE B 40 -28.31 70.03 34.41
CA ILE B 40 -27.12 69.67 35.15
C ILE B 40 -26.53 68.40 34.57
N LEU B 41 -27.37 67.44 34.25
CA LEU B 41 -26.84 66.23 33.66
C LEU B 41 -26.31 66.51 32.25
N PRO B 42 -25.17 65.94 31.89
CA PRO B 42 -24.64 66.11 30.54
C PRO B 42 -25.48 65.32 29.55
N GLU B 43 -25.04 65.33 28.34
CA GLU B 43 -25.84 64.56 27.40
C GLU B 43 -25.52 63.08 27.52
N PRO B 44 -26.47 62.21 27.13
CA PRO B 44 -26.22 60.77 27.17
C PRO B 44 -25.03 60.38 26.31
N THR B 45 -24.13 59.58 26.87
CA THR B 45 -22.92 59.14 26.19
C THR B 45 -22.92 57.62 26.14
N GLU B 46 -22.94 57.09 24.91
CA GLU B 46 -22.79 55.65 24.62
C GLU B 46 -23.53 54.79 25.64
N GLY B 47 -24.78 55.18 25.89
CA GLY B 47 -25.55 54.47 26.90
C GLY B 47 -25.08 54.75 28.31
N PHE B 48 -24.69 55.99 28.58
CA PHE B 48 -24.38 56.43 29.95
C PHE B 48 -23.21 55.65 30.54
N ALA B 49 -22.21 55.36 29.71
CA ALA B 49 -20.96 54.78 30.16
C ALA B 49 -19.92 55.86 30.50
N ALA B 50 -20.36 57.10 30.69
CA ALA B 50 -19.47 58.20 30.97
C ALA B 50 -18.95 58.13 32.40
N ASP B 51 -18.32 59.20 32.84
CA ASP B 51 -17.80 59.30 34.19
C ASP B 51 -18.85 59.64 35.22
N ASP B 52 -19.96 60.23 34.81
CA ASP B 52 -21.03 60.62 35.73
C ASP B 52 -22.42 60.24 35.23
N GLU B 53 -22.56 59.89 33.95
CA GLU B 53 -23.86 59.60 33.40
C GLU B 53 -24.47 58.37 34.07
N PRO B 54 -25.71 58.46 34.51
CA PRO B 54 -26.33 57.32 35.21
C PRO B 54 -26.55 56.14 34.29
N THR B 55 -25.86 55.04 34.61
CA THR B 55 -25.94 53.83 33.79
C THR B 55 -27.12 52.95 34.18
N THR B 56 -27.55 53.01 35.43
CA THR B 56 -28.75 52.30 35.85
C THR B 56 -29.78 53.29 36.38
N PRO B 57 -31.06 52.92 36.44
CA PRO B 57 -32.06 53.84 36.99
C PRO B 57 -31.86 54.15 38.46
N ALA B 58 -31.09 53.34 39.18
CA ALA B 58 -30.87 53.60 40.58
C ALA B 58 -30.13 54.91 40.80
N GLU B 59 -28.95 55.07 40.19
CA GLU B 59 -28.22 56.32 40.36
C GLU B 59 -28.88 57.48 39.61
N LEU B 60 -29.74 57.17 38.64
CA LEU B 60 -30.54 58.23 38.00
C LEU B 60 -31.21 59.10 39.05
N VAL B 61 -31.84 58.47 40.03
CA VAL B 61 -32.41 59.24 41.14
C VAL B 61 -31.41 59.41 42.27
N GLY B 62 -30.38 58.55 42.34
CA GLY B 62 -29.34 58.78 43.31
C GLY B 62 -28.72 60.15 43.23
N LYS B 63 -28.20 60.53 42.06
CA LYS B 63 -27.77 61.89 41.86
C LYS B 63 -28.90 62.89 41.99
N PHE B 64 -30.13 62.47 41.68
CA PHE B 64 -31.29 63.30 41.96
C PHE B 64 -31.48 63.53 43.44
N LEU B 65 -31.13 62.56 44.27
CA LEU B 65 -31.15 62.73 45.71
C LEU B 65 -30.06 63.67 46.19
N GLY B 66 -29.04 63.90 45.37
CA GLY B 66 -27.96 64.78 45.76
C GLY B 66 -28.27 66.24 45.54
N TYR B 67 -28.58 66.59 44.29
CA TYR B 67 -28.79 68.00 43.98
C TYR B 67 -29.96 68.57 44.74
N VAL B 68 -31.01 67.78 44.96
CA VAL B 68 -32.09 68.26 45.80
C VAL B 68 -31.59 68.50 47.21
N SER B 69 -30.76 67.59 47.72
CA SER B 69 -30.16 67.80 49.03
C SER B 69 -29.25 69.01 49.05
N SER B 70 -28.62 69.32 47.93
CA SER B 70 -27.75 70.49 47.86
C SER B 70 -28.53 71.78 48.03
N LEU B 71 -29.82 71.79 47.68
CA LEU B 71 -30.64 72.98 47.82
C LEU B 71 -31.31 73.07 49.18
N VAL B 72 -30.92 72.23 50.13
CA VAL B 72 -31.54 72.18 51.45
C VAL B 72 -30.57 72.76 52.47
N GLU B 73 -31.11 73.41 53.48
CA GLU B 73 -30.37 73.70 54.70
C GLU B 73 -31.01 72.98 55.87
N PRO B 74 -30.26 72.14 56.58
CA PRO B 74 -30.86 71.33 57.65
C PRO B 74 -31.42 72.16 58.80
N SER B 75 -30.85 73.34 59.07
CA SER B 75 -31.33 74.15 60.17
C SER B 75 -32.70 74.72 59.90
N LYS B 76 -32.94 75.24 58.69
CA LYS B 76 -34.21 75.86 58.35
C LYS B 76 -35.13 74.83 57.71
N VAL B 77 -36.42 75.05 57.87
CA VAL B 77 -37.43 74.30 57.13
C VAL B 77 -37.70 75.04 55.84
N GLY B 78 -37.75 74.30 54.74
CA GLY B 78 -37.97 74.90 53.44
C GLY B 78 -39.08 74.22 52.69
N GLN B 79 -39.05 74.34 51.36
CA GLN B 79 -40.04 73.69 50.51
C GLN B 79 -39.49 72.45 49.83
N PHE B 80 -38.17 72.32 49.74
CA PHE B 80 -37.56 71.19 49.06
C PHE B 80 -37.42 69.97 49.95
N ASP B 81 -37.42 70.14 51.27
CA ASP B 81 -37.44 68.98 52.15
C ASP B 81 -38.71 68.16 51.98
N GLN B 82 -39.79 68.76 51.49
CA GLN B 82 -40.99 68.01 51.19
C GLN B 82 -40.78 67.04 50.04
N VAL B 83 -40.05 67.43 49.01
CA VAL B 83 -39.72 66.51 47.94
C VAL B 83 -38.49 65.69 48.28
N LEU B 84 -37.68 66.14 49.24
CA LEU B 84 -36.52 65.36 49.63
C LEU B 84 -36.92 63.99 50.15
N ASN B 85 -37.62 63.96 51.28
CA ASN B 85 -38.10 62.69 51.82
C ASN B 85 -39.07 62.00 50.86
N LEU B 86 -39.78 62.78 50.04
CA LEU B 86 -40.66 62.22 49.04
C LEU B 86 -39.92 61.31 48.07
N CYS B 87 -38.87 61.82 47.43
CA CYS B 87 -38.09 60.97 46.53
C CYS B 87 -37.27 59.96 47.31
N LEU B 88 -36.95 60.25 48.56
CA LEU B 88 -36.18 59.31 49.37
C LEU B 88 -36.95 58.04 49.65
N THR B 89 -38.21 58.16 50.07
CA THR B 89 -39.06 56.98 50.25
C THR B 89 -39.18 56.16 48.99
N GLU B 90 -39.39 56.80 47.84
CA GLU B 90 -39.51 56.07 46.60
C GLU B 90 -38.22 55.38 46.19
N PHE B 91 -37.07 56.02 46.42
CA PHE B 91 -35.80 55.36 46.13
C PHE B 91 -35.61 54.14 47.02
N GLU B 92 -35.75 54.32 48.33
CA GLU B 92 -35.50 53.22 49.26
C GLU B 92 -36.52 52.10 49.10
N ASN B 93 -37.71 52.41 48.59
CA ASN B 93 -38.71 51.36 48.40
C ASN B 93 -38.53 50.66 47.07
N CYS B 94 -38.23 51.41 46.02
CA CYS B 94 -38.08 50.84 44.69
C CYS B 94 -36.77 50.11 44.50
N TYR B 95 -35.64 50.80 44.69
CA TYR B 95 -34.35 50.21 44.38
C TYR B 95 -33.72 49.53 45.58
N LEU B 96 -33.98 50.01 46.79
CA LEU B 96 -33.51 49.34 47.98
C LEU B 96 -34.60 48.40 48.48
N GLU B 97 -34.19 47.29 49.09
CA GLU B 97 -35.12 46.24 49.45
C GLU B 97 -35.13 45.95 50.95
N GLY B 98 -35.04 46.98 51.78
CA GLY B 98 -34.87 46.81 53.20
C GLY B 98 -33.43 46.67 53.63
N ASN B 99 -32.53 46.38 52.69
CA ASN B 99 -31.12 46.23 53.00
C ASN B 99 -30.49 47.60 53.21
N ASP B 100 -29.16 47.61 53.24
CA ASP B 100 -28.43 48.86 53.32
C ASP B 100 -28.06 49.31 51.91
N ILE B 101 -27.79 50.61 51.75
CA ILE B 101 -27.34 51.13 50.47
C ILE B 101 -26.05 50.47 50.00
N HIS B 102 -25.23 49.96 50.92
CA HIS B 102 -24.01 49.27 50.59
C HIS B 102 -24.27 48.00 49.80
N ALA B 103 -25.30 47.25 50.19
CA ALA B 103 -25.67 46.09 49.41
C ALA B 103 -26.10 46.48 48.00
N LEU B 104 -26.90 47.54 47.88
CA LEU B 104 -27.33 47.98 46.57
C LEU B 104 -26.15 48.38 45.70
N ALA B 105 -25.22 49.16 46.27
CA ALA B 105 -24.04 49.57 45.53
C ALA B 105 -23.20 48.37 45.12
N ALA B 106 -22.91 47.46 46.05
CA ALA B 106 -22.05 46.34 45.73
C ALA B 106 -22.67 45.45 44.67
N LYS B 107 -23.99 45.26 44.71
CA LYS B 107 -24.63 44.39 43.73
C LYS B 107 -24.78 45.08 42.38
N LEU B 108 -25.15 46.36 42.36
CA LEU B 108 -25.14 47.10 41.10
C LEU B 108 -23.76 47.15 40.47
N LEU B 109 -22.71 47.05 41.28
CA LEU B 109 -21.36 46.83 40.79
C LEU B 109 -21.16 45.38 40.36
N GLN B 110 -21.91 44.45 40.95
CA GLN B 110 -21.77 43.04 40.61
C GLN B 110 -22.44 42.73 39.28
N GLU B 111 -23.77 42.85 39.22
CA GLU B 111 -24.49 42.43 38.03
C GLU B 111 -24.36 43.38 36.86
N ASN B 112 -24.56 44.67 37.08
CA ASN B 112 -24.45 45.61 35.98
C ASN B 112 -23.01 46.09 35.87
N ASP B 113 -22.78 47.06 34.98
CA ASP B 113 -21.44 47.55 34.74
C ASP B 113 -20.83 48.13 36.01
N THR B 114 -19.51 48.05 36.09
CA THR B 114 -18.75 48.42 37.28
C THR B 114 -17.99 49.71 37.01
N THR B 115 -18.45 50.80 37.63
CA THR B 115 -17.70 52.06 37.68
C THR B 115 -17.69 52.52 39.13
N LEU B 116 -16.67 52.09 39.86
CA LEU B 116 -16.75 52.13 41.31
C LEU B 116 -16.86 53.56 41.83
N VAL B 117 -16.38 54.53 41.04
CA VAL B 117 -16.57 55.93 41.42
C VAL B 117 -18.05 56.29 41.50
N LYS B 118 -18.86 55.89 40.52
CA LYS B 118 -20.28 56.17 40.62
C LYS B 118 -20.93 55.37 41.75
N THR B 119 -20.50 54.12 41.94
CA THR B 119 -21.15 53.33 42.97
C THR B 119 -20.88 53.91 44.35
N LYS B 120 -19.72 54.53 44.56
CA LYS B 120 -19.52 55.20 45.84
C LYS B 120 -20.21 56.55 45.89
N GLU B 121 -20.30 57.26 44.76
CA GLU B 121 -21.12 58.46 44.71
C GLU B 121 -22.55 58.18 45.16
N LEU B 122 -23.02 56.97 44.87
CA LEU B 122 -24.37 56.58 45.26
C LEU B 122 -24.55 56.62 46.77
N ILE B 123 -23.64 56.01 47.51
CA ILE B 123 -23.76 56.13 48.96
C ILE B 123 -23.53 57.56 49.38
N LYS B 124 -22.60 58.26 48.73
CA LYS B 124 -22.25 59.61 49.18
C LYS B 124 -23.46 60.53 49.17
N ASN B 125 -24.13 60.66 48.03
CA ASN B 125 -25.27 61.56 47.98
C ASN B 125 -26.49 60.98 48.68
N TYR B 126 -26.65 59.66 48.71
CA TYR B 126 -27.77 59.09 49.45
C TYR B 126 -27.72 59.44 50.93
N ILE B 127 -26.59 59.17 51.57
CA ILE B 127 -26.50 59.43 53.00
C ILE B 127 -26.72 60.90 53.30
N THR B 128 -26.19 61.79 52.47
CA THR B 128 -26.42 63.21 52.67
C THR B 128 -27.90 63.52 52.55
N ALA B 129 -28.56 62.96 51.54
CA ALA B 129 -30.00 63.13 51.45
C ALA B 129 -30.74 62.45 52.58
N ARG B 130 -30.27 61.28 53.01
CA ARG B 130 -30.98 60.55 54.06
C ARG B 130 -30.88 61.26 55.40
N ILE B 131 -29.68 61.71 55.76
CA ILE B 131 -29.50 62.37 57.04
C ILE B 131 -30.00 63.81 56.98
N MET B 132 -29.75 64.49 55.86
CA MET B 132 -30.13 65.88 55.72
C MET B 132 -31.63 66.08 55.66
N ALA B 133 -32.37 65.01 55.38
CA ALA B 133 -33.84 65.04 55.41
C ALA B 133 -34.36 64.80 56.81
N LYS B 134 -33.52 65.03 57.82
CA LYS B 134 -33.86 64.80 59.21
C LYS B 134 -34.31 63.36 59.42
N ARG B 135 -33.71 62.46 58.66
CA ARG B 135 -33.96 61.03 58.80
C ARG B 135 -32.66 60.37 59.23
N PRO B 136 -32.35 60.45 60.53
CA PRO B 136 -31.09 59.89 61.01
C PRO B 136 -31.12 58.37 60.96
N PHE B 137 -29.96 57.79 61.24
CA PHE B 137 -29.81 56.35 61.34
C PHE B 137 -30.06 55.85 62.75
N ASP B 138 -30.82 56.59 63.55
CA ASP B 138 -31.07 56.22 64.94
C ASP B 138 -32.14 55.14 65.00
N LYS B 139 -31.89 54.08 64.23
CA LYS B 139 -32.76 52.92 64.21
C LYS B 139 -31.95 51.74 63.69
N LYS B 140 -31.63 50.81 64.60
CA LYS B 140 -30.75 49.71 64.22
C LYS B 140 -31.46 48.81 63.21
N SER B 141 -30.69 48.35 62.23
CA SER B 141 -31.19 47.41 61.25
C SER B 141 -30.81 45.99 61.67
N ASN B 142 -31.52 45.02 61.09
CA ASN B 142 -31.23 43.62 61.38
C ASN B 142 -30.21 43.10 60.36
N SER B 143 -29.03 43.69 60.41
CA SER B 143 -27.91 43.15 59.66
C SER B 143 -27.65 41.73 60.15
N ALA B 144 -27.71 40.77 59.23
CA ALA B 144 -27.74 39.37 59.59
C ALA B 144 -26.64 38.98 60.56
N LEU B 145 -25.41 39.39 60.30
CA LEU B 145 -24.29 38.96 61.13
C LEU B 145 -24.34 39.57 62.52
N PHE B 146 -24.74 40.83 62.65
CA PHE B 146 -24.79 41.40 63.97
C PHE B 146 -25.91 40.82 64.81
N ARG B 147 -27.09 40.62 64.24
CA ARG B 147 -28.12 39.92 65.00
C ARG B 147 -27.75 38.46 65.22
N ALA B 148 -26.96 37.88 64.32
CA ALA B 148 -26.44 36.54 64.56
C ALA B 148 -25.53 36.51 65.78
N VAL B 149 -24.69 37.52 65.94
CA VAL B 149 -23.85 37.58 67.12
C VAL B 149 -24.70 37.84 68.35
N GLY B 150 -25.68 38.72 68.24
CA GLY B 150 -26.55 38.99 69.38
C GLY B 150 -27.31 37.74 69.82
N GLU B 151 -27.62 36.87 68.87
CA GLU B 151 -28.29 35.62 69.19
C GLU B 151 -27.31 34.51 69.54
N GLY B 152 -26.04 34.68 69.20
CA GLY B 152 -25.05 33.69 69.56
C GLY B 152 -24.65 32.84 68.36
N ASN B 153 -25.21 33.17 67.21
CA ASN B 153 -24.92 32.41 66.01
C ASN B 153 -23.48 32.58 65.54
N ALA B 154 -22.81 33.65 65.95
CA ALA B 154 -21.45 33.93 65.50
C ALA B 154 -20.72 34.69 66.59
N GLN B 155 -19.54 35.20 66.26
CA GLN B 155 -18.78 36.03 67.18
C GLN B 155 -17.70 36.77 66.41
N LEU B 156 -17.49 38.03 66.78
CA LEU B 156 -16.70 38.98 66.03
C LEU B 156 -15.49 39.43 66.82
N VAL B 157 -14.39 39.72 66.12
CA VAL B 157 -13.30 40.50 66.66
C VAL B 157 -12.90 41.55 65.64
N ALA B 158 -12.52 42.72 66.13
CA ALA B 158 -12.16 43.84 65.28
C ALA B 158 -10.65 44.03 65.32
N ILE B 159 -10.01 43.88 64.18
CA ILE B 159 -8.59 44.00 64.07
C ILE B 159 -8.30 45.32 63.36
N PHE B 160 -7.13 45.88 63.61
CA PHE B 160 -6.79 47.16 63.01
C PHE B 160 -5.38 47.12 62.45
N GLY B 161 -5.26 47.47 61.18
CA GLY B 161 -3.99 47.36 60.50
C GLY B 161 -3.04 48.46 60.91
N GLY B 162 -1.77 48.12 60.99
CA GLY B 162 -0.76 49.06 61.38
C GLY B 162 -0.20 49.82 60.20
N GLN B 163 1.01 50.33 60.39
CA GLN B 163 1.66 51.10 59.35
C GLN B 163 2.26 50.16 58.30
N GLY B 164 2.19 50.57 57.04
CA GLY B 164 2.92 49.88 55.99
C GLY B 164 2.15 48.83 55.23
N ASN B 165 0.83 48.95 55.11
CA ASN B 165 0.08 47.95 54.36
C ASN B 165 -0.22 48.43 52.95
N THR B 166 -0.42 49.74 52.77
CA THR B 166 -0.63 50.33 51.46
C THR B 166 0.43 51.36 51.20
N ASP B 167 0.48 51.85 49.96
CA ASP B 167 1.46 52.87 49.61
C ASP B 167 0.91 54.27 49.85
N ASP B 168 -0.28 54.55 49.34
CA ASP B 168 -0.91 55.86 49.50
C ASP B 168 -2.09 55.71 50.46
N TYR B 169 -1.80 55.77 51.75
CA TYR B 169 -2.86 55.67 52.74
C TYR B 169 -3.76 56.90 52.73
N PHE B 170 -3.23 58.06 52.38
CA PHE B 170 -4.04 59.27 52.39
C PHE B 170 -5.17 59.22 51.37
N GLU B 171 -5.04 58.41 50.34
CA GLU B 171 -6.12 58.27 49.37
C GLU B 171 -7.35 57.62 49.98
N GLU B 172 -7.19 56.89 51.07
CA GLU B 172 -8.32 56.31 51.77
C GLU B 172 -9.09 57.34 52.57
N LEU B 173 -8.52 58.51 52.81
CA LEU B 173 -9.29 59.61 53.38
C LEU B 173 -10.02 60.39 52.30
N ARG B 174 -9.57 60.29 51.06
CA ARG B 174 -10.27 60.93 49.96
C ARG B 174 -11.75 60.61 49.99
N ASP B 175 -12.09 59.32 49.86
CA ASP B 175 -13.48 58.91 49.93
C ASP B 175 -14.13 59.31 51.25
N LEU B 176 -13.46 59.12 52.37
CA LEU B 176 -14.09 59.39 53.66
C LEU B 176 -14.55 60.83 53.79
N TYR B 177 -13.71 61.81 53.47
CA TYR B 177 -14.24 63.16 53.43
C TYR B 177 -15.17 63.36 52.24
N GLN B 178 -15.08 62.48 51.25
CA GLN B 178 -15.93 62.61 50.09
C GLN B 178 -17.25 61.88 50.28
N THR B 179 -17.18 60.59 50.62
CA THR B 179 -18.39 59.80 50.73
C THR B 179 -19.19 60.17 51.97
N TYR B 180 -18.66 59.88 53.14
CA TYR B 180 -19.41 60.09 54.38
C TYR B 180 -19.08 61.47 54.94
N HIS B 181 -19.14 62.47 54.06
CA HIS B 181 -18.84 63.82 54.50
C HIS B 181 -19.82 64.28 55.56
N VAL B 182 -21.12 64.11 55.29
CA VAL B 182 -22.14 64.40 56.30
C VAL B 182 -21.96 63.57 57.55
N LEU B 183 -21.17 62.50 57.47
CA LEU B 183 -21.05 61.57 58.58
C LEU B 183 -19.75 61.72 59.37
N VAL B 184 -18.61 61.76 58.69
CA VAL B 184 -17.34 61.90 59.37
C VAL B 184 -16.80 63.33 59.32
N GLY B 185 -17.54 64.26 58.75
CA GLY B 185 -17.09 65.63 58.70
C GLY B 185 -16.80 66.22 60.06
N ASP B 186 -17.69 66.02 61.02
CA ASP B 186 -17.45 66.54 62.36
C ASP B 186 -16.23 65.91 63.00
N LEU B 187 -16.08 64.59 62.86
CA LEU B 187 -14.98 63.92 63.54
C LEU B 187 -13.63 64.31 62.93
N ILE B 188 -13.54 64.41 61.61
CA ILE B 188 -12.26 64.81 61.03
C ILE B 188 -11.93 66.25 61.40
N LYS B 189 -12.92 67.13 61.47
CA LYS B 189 -12.65 68.49 61.90
C LYS B 189 -12.14 68.52 63.33
N PHE B 190 -12.80 67.80 64.24
CA PHE B 190 -12.33 67.77 65.61
C PHE B 190 -10.92 67.20 65.70
N SER B 191 -10.66 66.12 64.97
CA SER B 191 -9.35 65.49 65.02
C SER B 191 -8.27 66.43 64.52
N ALA B 192 -8.47 67.02 63.34
CA ALA B 192 -7.47 67.93 62.80
C ALA B 192 -7.25 69.13 63.70
N GLU B 193 -8.31 69.64 64.30
CA GLU B 193 -8.16 70.81 65.16
C GLU B 193 -7.35 70.47 66.40
N THR B 194 -7.72 69.42 67.11
CA THR B 194 -6.92 69.04 68.27
C THR B 194 -5.51 68.66 67.86
N LEU B 195 -5.32 68.15 66.65
CA LEU B 195 -3.99 67.75 66.24
C LEU B 195 -3.10 68.96 66.01
N SER B 196 -3.56 69.93 65.21
CA SER B 196 -2.81 71.17 65.07
C SER B 196 -2.59 71.86 66.40
N GLU B 197 -3.57 71.78 67.30
CA GLU B 197 -3.35 72.26 68.65
C GLU B 197 -2.19 71.55 69.31
N LEU B 198 -2.06 70.24 69.09
CA LEU B 198 -0.91 69.51 69.61
C LEU B 198 0.40 70.03 69.04
N ILE B 199 0.44 70.34 67.75
CA ILE B 199 1.66 70.90 67.19
C ILE B 199 1.99 72.22 67.84
N ARG B 200 1.00 73.06 68.10
CA ARG B 200 1.30 74.34 68.70
C ARG B 200 1.74 74.19 70.14
N THR B 201 1.07 73.33 70.91
CA THR B 201 1.35 73.24 72.33
C THR B 201 2.62 72.46 72.64
N THR B 202 3.10 71.65 71.72
CA THR B 202 4.34 70.93 71.95
C THR B 202 5.53 71.84 71.70
N LEU B 203 6.68 71.49 72.29
CA LEU B 203 7.81 72.41 72.33
C LEU B 203 8.35 72.68 70.92
N ASP B 204 8.82 71.65 70.23
CA ASP B 204 9.60 71.87 69.01
C ASP B 204 9.21 70.96 67.86
N ALA B 205 7.96 70.50 67.82
CA ALA B 205 7.49 69.75 66.67
C ALA B 205 7.05 70.66 65.55
N GLU B 206 7.05 71.97 65.77
CA GLU B 206 6.78 72.90 64.69
C GLU B 206 7.80 72.74 63.58
N LYS B 207 8.98 72.21 63.91
CA LYS B 207 10.05 71.99 62.95
C LYS B 207 10.00 70.62 62.30
N VAL B 208 9.31 69.65 62.90
CA VAL B 208 9.32 68.30 62.34
C VAL B 208 8.33 68.17 61.21
N PHE B 209 7.35 69.06 61.12
CA PHE B 209 6.38 69.07 60.03
C PHE B 209 6.80 70.20 59.08
N THR B 210 7.72 69.89 58.17
CA THR B 210 8.37 70.92 57.39
C THR B 210 7.38 71.70 56.54
N GLN B 211 6.34 71.03 56.05
CA GLN B 211 5.36 71.68 55.21
C GLN B 211 4.04 71.88 55.95
N GLY B 212 4.09 71.81 57.27
CA GLY B 212 2.91 71.94 58.08
C GLY B 212 1.98 70.75 57.94
N LEU B 213 1.04 70.66 58.88
CA LEU B 213 0.13 69.53 58.91
C LEU B 213 -1.31 70.02 59.00
N ASN B 214 -1.64 71.01 58.20
CA ASN B 214 -3.03 71.46 58.10
C ASN B 214 -3.67 70.56 57.05
N ILE B 215 -4.46 69.59 57.51
CA ILE B 215 -4.93 68.54 56.64
C ILE B 215 -6.21 68.94 55.93
N LEU B 216 -7.06 69.74 56.57
CA LEU B 216 -8.35 70.08 55.98
C LEU B 216 -8.20 70.60 54.57
N GLU B 217 -7.30 71.57 54.35
CA GLU B 217 -7.12 72.07 53.00
C GLU B 217 -6.50 71.02 52.08
N TRP B 218 -5.81 70.02 52.62
CA TRP B 218 -5.34 68.96 51.76
C TRP B 218 -6.49 68.10 51.24
N LEU B 219 -7.69 68.27 51.77
CA LEU B 219 -8.81 67.43 51.36
C LEU B 219 -9.55 68.02 50.16
N GLU B 220 -9.88 69.31 50.21
CA GLU B 220 -10.67 69.87 49.11
C GLU B 220 -9.85 69.89 47.82
N ASN B 221 -8.67 70.50 47.83
CA ASN B 221 -7.83 70.52 46.64
C ASN B 221 -6.60 69.65 46.82
N PRO B 222 -6.47 68.56 46.08
CA PRO B 222 -5.29 67.68 46.21
C PRO B 222 -3.98 68.39 45.93
N SER B 223 -3.99 69.53 45.24
CA SER B 223 -2.78 70.29 45.03
C SER B 223 -2.14 70.75 46.32
N ASN B 224 -2.92 70.89 47.38
CA ASN B 224 -2.39 71.26 48.69
C ASN B 224 -1.74 70.08 49.39
N THR B 225 -1.81 68.90 48.81
CA THR B 225 -1.21 67.75 49.45
C THR B 225 0.26 67.68 49.08
N PRO B 226 1.16 67.66 50.05
CA PRO B 226 2.54 67.29 49.77
C PRO B 226 2.60 65.83 49.38
N ASP B 227 3.62 65.42 48.64
CA ASP B 227 3.66 64.05 48.18
C ASP B 227 4.28 63.13 49.22
N LYS B 228 4.46 61.87 48.83
CA LYS B 228 4.85 60.82 49.75
C LYS B 228 6.17 61.10 50.47
N ASP B 229 7.10 61.82 49.85
CA ASP B 229 8.34 62.14 50.53
C ASP B 229 8.08 62.84 51.85
N TYR B 230 6.97 63.57 51.95
CA TYR B 230 6.56 64.22 53.19
C TYR B 230 5.30 63.63 53.77
N LEU B 231 4.55 62.89 52.97
CA LEU B 231 3.26 62.39 53.41
C LEU B 231 3.35 61.00 54.02
N LEU B 232 4.31 60.20 53.58
CA LEU B 232 4.49 58.86 54.09
C LEU B 232 5.33 58.81 55.36
N SER B 233 5.90 59.94 55.76
CA SER B 233 6.70 59.94 56.97
C SER B 233 5.83 59.66 58.18
N ILE B 234 6.46 59.13 59.22
CA ILE B 234 5.73 58.70 60.40
C ILE B 234 5.04 59.84 61.14
N PRO B 235 5.67 60.99 61.44
CA PRO B 235 4.97 61.95 62.30
C PRO B 235 3.77 62.57 61.62
N ILE B 236 3.64 62.41 60.31
CA ILE B 236 2.49 62.89 59.57
C ILE B 236 1.49 61.77 59.29
N SER B 237 1.95 60.53 59.17
CA SER B 237 1.04 59.45 58.85
C SER B 237 0.43 58.81 60.08
N CYS B 238 1.25 58.52 61.09
CA CYS B 238 0.77 57.76 62.23
C CYS B 238 -0.52 58.29 62.82
N PRO B 239 -0.75 59.60 62.93
CA PRO B 239 -2.09 60.05 63.33
C PRO B 239 -3.14 59.81 62.26
N LEU B 240 -2.77 59.96 60.98
CA LEU B 240 -3.76 59.83 59.92
C LEU B 240 -4.23 58.39 59.73
N ILE B 241 -3.34 57.41 59.84
CA ILE B 241 -3.80 56.03 59.79
C ILE B 241 -4.77 55.76 60.93
N GLY B 242 -4.49 56.28 62.12
CA GLY B 242 -5.40 56.11 63.22
C GLY B 242 -6.75 56.76 63.00
N VAL B 243 -6.76 57.94 62.40
CA VAL B 243 -8.06 58.57 62.17
C VAL B 243 -8.79 57.86 61.04
N ILE B 244 -8.08 57.26 60.09
CA ILE B 244 -8.77 56.46 59.09
C ILE B 244 -9.41 55.24 59.74
N GLN B 245 -8.67 54.58 60.61
CA GLN B 245 -9.23 53.45 61.33
C GLN B 245 -10.40 53.85 62.20
N LEU B 246 -10.37 55.05 62.76
CA LEU B 246 -11.51 55.50 63.53
C LEU B 246 -12.68 55.94 62.68
N ALA B 247 -12.42 56.48 61.49
CA ALA B 247 -13.50 56.87 60.60
C ALA B 247 -14.21 55.67 60.01
N HIS B 248 -13.48 54.67 59.54
CA HIS B 248 -14.16 53.45 59.11
C HIS B 248 -14.86 52.75 60.26
N TYR B 249 -14.56 53.12 61.49
CA TYR B 249 -15.29 52.56 62.62
C TYR B 249 -16.56 53.34 62.90
N VAL B 250 -16.50 54.66 62.80
CA VAL B 250 -17.68 55.44 63.10
C VAL B 250 -18.75 55.25 62.03
N VAL B 251 -18.35 55.11 60.77
CA VAL B 251 -19.35 54.99 59.71
C VAL B 251 -20.20 53.74 59.87
N THR B 252 -19.65 52.65 60.37
CA THR B 252 -20.44 51.45 60.53
C THR B 252 -21.21 51.42 61.83
N ALA B 253 -20.62 51.91 62.92
CA ALA B 253 -21.42 52.06 64.13
C ALA B 253 -22.58 53.01 63.90
N LYS B 254 -22.37 54.01 63.05
CA LYS B 254 -23.45 54.92 62.73
C LYS B 254 -24.44 54.28 61.77
N LEU B 255 -23.95 53.72 60.66
CA LEU B 255 -24.86 53.12 59.70
C LEU B 255 -25.62 51.94 60.30
N LEU B 256 -25.07 51.32 61.33
CA LEU B 256 -25.84 50.33 62.07
C LEU B 256 -26.60 50.95 63.23
N GLY B 257 -26.64 52.28 63.31
CA GLY B 257 -27.37 52.94 64.37
C GLY B 257 -26.89 52.58 65.75
N PHE B 258 -25.59 52.48 65.95
CA PHE B 258 -25.04 52.03 67.20
C PHE B 258 -24.22 53.14 67.85
N THR B 259 -24.49 53.37 69.11
CA THR B 259 -23.50 54.15 69.82
C THR B 259 -22.22 53.33 69.94
N PRO B 260 -21.07 53.99 69.98
CA PRO B 260 -19.80 53.25 70.08
C PRO B 260 -19.82 52.16 71.14
N GLY B 261 -20.29 52.45 72.35
CA GLY B 261 -20.38 51.40 73.35
C GLY B 261 -21.27 50.26 72.95
N GLU B 262 -22.34 50.55 72.21
CA GLU B 262 -23.21 49.48 71.74
C GLU B 262 -22.46 48.53 70.81
N LEU B 263 -21.81 49.06 69.78
CA LEU B 263 -21.06 48.20 68.88
C LEU B 263 -19.97 47.46 69.62
N ARG B 264 -19.21 48.16 70.48
CA ARG B 264 -18.19 47.49 71.27
C ARG B 264 -18.76 46.34 72.08
N SER B 265 -20.00 46.47 72.58
CA SER B 265 -20.58 45.40 73.38
C SER B 265 -20.74 44.12 72.58
N TYR B 266 -20.69 44.20 71.25
CA TYR B 266 -20.92 43.04 70.43
C TYR B 266 -19.70 42.13 70.28
N LEU B 267 -18.51 42.70 70.21
CA LEU B 267 -17.31 41.96 69.83
C LEU B 267 -16.85 41.09 70.98
N LYS B 268 -16.11 40.02 70.67
CA LYS B 268 -15.44 39.26 71.70
C LYS B 268 -14.11 39.85 72.12
N GLY B 269 -13.46 40.58 71.22
CA GLY B 269 -12.17 41.16 71.53
C GLY B 269 -11.69 41.97 70.35
N ALA B 270 -10.73 42.84 70.62
CA ALA B 270 -10.21 43.72 69.59
C ALA B 270 -8.71 43.85 69.75
N THR B 271 -8.02 43.84 68.62
CA THR B 271 -6.57 43.90 68.65
C THR B 271 -6.12 44.70 67.44
N GLY B 272 -4.90 45.20 67.50
CA GLY B 272 -4.39 45.96 66.39
C GLY B 272 -3.02 45.46 65.96
N HIS B 273 -2.61 45.86 64.77
CA HIS B 273 -1.31 45.52 64.26
C HIS B 273 -0.26 46.43 64.91
N SER B 274 0.88 46.54 64.22
CA SER B 274 1.94 47.45 64.60
C SER B 274 1.40 48.75 65.19
N GLN B 275 0.52 49.43 64.47
CA GLN B 275 0.06 50.75 64.89
C GLN B 275 -1.34 50.72 65.47
N GLY B 276 -2.28 50.03 64.83
CA GLY B 276 -3.67 50.15 65.16
C GLY B 276 -4.05 49.72 66.57
N LEU B 277 -3.12 49.12 67.30
CA LEU B 277 -3.49 48.63 68.61
C LEU B 277 -3.91 49.75 69.53
N VAL B 278 -3.36 50.95 69.35
CA VAL B 278 -3.83 52.10 70.10
C VAL B 278 -5.27 52.40 69.73
N THR B 279 -5.62 52.26 68.45
CA THR B 279 -7.00 52.48 68.03
C THR B 279 -7.93 51.47 68.68
N ALA B 280 -7.50 50.22 68.76
CA ALA B 280 -8.33 49.21 69.42
C ALA B 280 -8.54 49.54 70.89
N VAL B 281 -7.45 49.78 71.63
CA VAL B 281 -7.59 50.06 73.05
C VAL B 281 -8.37 51.34 73.26
N ALA B 282 -8.34 52.24 72.28
CA ALA B 282 -9.16 53.43 72.35
C ALA B 282 -10.63 53.12 72.21
N ILE B 283 -10.98 52.29 71.24
CA ILE B 283 -12.38 51.90 71.06
C ILE B 283 -12.90 51.21 72.30
N ALA B 284 -12.07 50.41 72.96
CA ALA B 284 -12.53 49.65 74.11
C ALA B 284 -12.97 50.51 75.29
N GLU B 285 -12.82 51.84 75.21
CA GLU B 285 -13.25 52.73 76.28
C GLU B 285 -14.44 53.59 75.87
N THR B 286 -14.94 53.39 74.65
CA THR B 286 -15.97 54.24 74.09
C THR B 286 -17.34 53.73 74.51
N ASP B 287 -18.18 54.61 75.01
CA ASP B 287 -19.53 54.26 75.44
C ASP B 287 -20.61 54.98 74.66
N SER B 288 -20.54 56.30 74.58
CA SER B 288 -21.58 57.11 73.96
C SER B 288 -20.99 57.78 72.73
N TRP B 289 -21.77 58.68 72.14
CA TRP B 289 -21.25 59.44 71.00
C TRP B 289 -20.54 60.69 71.45
N GLU B 290 -20.98 61.29 72.56
CA GLU B 290 -20.28 62.44 73.11
C GLU B 290 -19.05 62.04 73.92
N SER B 291 -19.10 60.92 74.64
CA SER B 291 -17.93 60.37 75.29
C SER B 291 -16.97 59.74 74.29
N PHE B 292 -17.24 59.92 73.00
CA PHE B 292 -16.39 59.35 71.97
C PHE B 292 -15.20 60.23 71.66
N PHE B 293 -15.39 61.54 71.66
CA PHE B 293 -14.33 62.44 71.24
C PHE B 293 -13.21 62.53 72.25
N VAL B 294 -13.49 62.33 73.54
CA VAL B 294 -12.41 62.22 74.49
C VAL B 294 -11.54 61.02 74.17
N SER B 295 -12.15 59.90 73.77
CA SER B 295 -11.37 58.74 73.37
C SER B 295 -10.62 59.02 72.06
N VAL B 296 -11.23 59.75 71.15
CA VAL B 296 -10.55 60.12 69.91
C VAL B 296 -9.30 60.91 70.20
N ARG B 297 -9.42 61.92 71.07
CA ARG B 297 -8.26 62.66 71.54
C ARG B 297 -7.23 61.75 72.16
N LYS B 298 -7.65 60.91 73.12
CA LYS B 298 -6.75 59.96 73.74
C LYS B 298 -5.96 59.18 72.72
N ALA B 299 -6.61 58.70 71.66
CA ALA B 299 -5.91 57.92 70.66
C ALA B 299 -4.98 58.78 69.84
N ILE B 300 -5.54 59.76 69.11
CA ILE B 300 -4.75 60.53 68.15
C ILE B 300 -3.53 61.18 68.78
N THR B 301 -3.60 61.59 70.05
CA THR B 301 -2.39 62.15 70.64
C THR B 301 -1.32 61.09 70.81
N VAL B 302 -1.71 59.85 71.10
CA VAL B 302 -0.72 58.80 71.25
C VAL B 302 0.07 58.61 69.96
N LEU B 303 -0.64 58.57 68.83
CA LEU B 303 0.06 58.40 67.57
C LEU B 303 0.80 59.65 67.15
N PHE B 304 0.35 60.83 67.57
CA PHE B 304 1.09 62.03 67.26
C PHE B 304 2.40 62.08 68.01
N PHE B 305 2.39 61.69 69.28
CA PHE B 305 3.62 61.64 70.05
C PHE B 305 4.51 60.46 69.68
N ILE B 306 3.95 59.39 69.13
CA ILE B 306 4.81 58.31 68.66
C ILE B 306 5.54 58.72 67.39
N GLY B 307 4.83 59.28 66.43
CA GLY B 307 5.47 59.73 65.20
C GLY B 307 6.54 60.76 65.44
N VAL B 308 6.23 61.78 66.25
CA VAL B 308 7.21 62.84 66.49
C VAL B 308 8.39 62.30 67.29
N ARG B 309 8.11 61.67 68.44
CA ARG B 309 9.21 61.21 69.27
C ARG B 309 10.02 60.10 68.63
N CYS B 310 9.58 59.58 67.48
CA CYS B 310 10.46 58.68 66.75
C CYS B 310 11.20 59.41 65.63
N TYR B 311 10.51 60.24 64.86
CA TYR B 311 11.14 60.85 63.70
C TYR B 311 12.39 61.66 64.03
N GLU B 312 12.59 62.02 65.29
CA GLU B 312 13.88 62.55 65.68
C GLU B 312 14.75 61.49 66.33
N ALA B 313 14.16 60.40 66.81
CA ALA B 313 14.95 59.31 67.35
C ALA B 313 15.69 58.58 66.24
N TYR B 314 15.04 58.34 65.11
CA TYR B 314 15.67 57.79 63.92
C TYR B 314 15.04 58.43 62.69
N PRO B 315 15.48 59.60 62.30
CA PRO B 315 14.92 60.27 61.13
C PRO B 315 15.26 59.50 59.86
N ASN B 316 14.68 59.95 58.77
CA ASN B 316 15.06 59.45 57.46
C ASN B 316 16.19 60.28 56.90
N THR B 317 17.18 59.61 56.32
CA THR B 317 18.24 60.28 55.59
C THR B 317 18.24 59.76 54.17
N SER B 318 18.69 60.60 53.25
CA SER B 318 18.63 60.25 51.83
C SER B 318 19.54 59.07 51.56
N LEU B 319 19.04 58.09 50.83
CA LEU B 319 19.80 56.88 50.55
C LEU B 319 20.72 57.15 49.38
N PRO B 320 21.97 56.67 49.41
CA PRO B 320 22.85 56.90 48.29
C PRO B 320 22.28 56.28 47.02
N PRO B 321 22.17 57.07 45.95
CA PRO B 321 21.57 56.56 44.71
C PRO B 321 22.27 55.34 44.13
N SER B 322 23.55 55.13 44.44
CA SER B 322 24.23 53.92 44.01
C SER B 322 23.49 52.67 44.42
N ILE B 323 22.67 52.74 45.47
CA ILE B 323 21.77 51.67 45.81
C ILE B 323 20.39 51.86 45.17
N LEU B 324 19.92 53.10 45.03
CA LEU B 324 18.60 53.28 44.46
C LEU B 324 18.53 52.74 43.05
N GLU B 325 19.57 52.87 42.25
CA GLU B 325 19.53 52.31 40.91
C GLU B 325 19.89 50.84 40.88
N ASP B 326 20.74 50.39 41.79
CA ASP B 326 21.12 48.99 41.79
C ASP B 326 20.05 48.10 42.39
N SER B 327 19.03 48.68 43.00
CA SER B 327 17.93 47.91 43.56
C SER B 327 16.74 47.76 42.64
N LEU B 328 16.64 48.57 41.57
CA LEU B 328 15.46 48.49 40.72
C LEU B 328 15.54 47.32 39.75
N GLU B 329 16.63 47.21 39.01
CA GLU B 329 16.81 46.05 38.13
C GLU B 329 16.83 44.75 38.91
N ASN B 330 17.14 44.80 40.20
CA ASN B 330 16.98 43.66 41.09
C ASN B 330 15.53 43.50 41.51
N ASN B 331 14.62 44.12 40.76
CA ASN B 331 13.19 43.96 40.95
C ASN B 331 12.77 44.35 42.36
N GLU B 332 13.33 45.43 42.85
CA GLU B 332 12.97 45.95 44.16
C GLU B 332 12.64 47.43 44.05
N GLY B 333 12.05 47.96 45.11
CA GLY B 333 11.71 49.36 45.17
C GLY B 333 12.73 50.15 45.97
N VAL B 334 12.36 51.38 46.27
CA VAL B 334 13.25 52.21 47.08
C VAL B 334 13.45 51.53 48.43
N PRO B 335 14.68 51.28 48.85
CA PRO B 335 14.89 50.68 50.16
C PRO B 335 14.29 51.49 51.29
N SER B 336 13.40 50.87 52.07
CA SER B 336 12.68 51.47 53.18
C SER B 336 13.11 50.78 54.46
N PRO B 337 12.94 51.43 55.62
CA PRO B 337 13.46 50.86 56.87
C PRO B 337 12.91 49.51 57.27
N MET B 338 12.08 48.87 56.45
CA MET B 338 11.60 47.53 56.77
C MET B 338 11.47 46.71 55.50
N LEU B 339 11.79 45.42 55.59
CA LEU B 339 11.80 44.55 54.43
C LEU B 339 11.02 43.29 54.76
N SER B 340 10.24 42.81 53.78
CA SER B 340 9.36 41.67 53.97
C SER B 340 9.87 40.46 53.20
N ILE B 341 9.93 39.33 53.89
CA ILE B 341 10.46 38.10 53.31
C ILE B 341 9.37 37.04 53.36
N SER B 342 9.10 36.44 52.21
CA SER B 342 8.08 35.42 52.09
C SER B 342 8.70 34.06 51.87
N ASN B 343 7.87 33.02 51.97
CA ASN B 343 8.26 31.65 51.67
C ASN B 343 9.51 31.24 52.44
N LEU B 344 9.71 31.82 53.62
CA LEU B 344 10.92 31.58 54.37
C LEU B 344 10.57 31.51 55.85
N THR B 345 11.09 30.50 56.53
CA THR B 345 10.73 30.29 57.92
C THR B 345 11.41 31.33 58.80
N GLN B 346 10.93 31.42 60.04
CA GLN B 346 11.51 32.32 61.01
C GLN B 346 12.91 31.89 61.44
N GLU B 347 13.25 30.62 61.26
CA GLU B 347 14.58 30.15 61.64
C GLU B 347 15.61 30.55 60.59
N GLN B 348 15.25 30.48 59.32
CA GLN B 348 16.19 30.81 58.26
C GLN B 348 16.54 32.28 58.20
N VAL B 349 15.57 33.17 58.37
CA VAL B 349 15.90 34.59 58.34
C VAL B 349 16.78 34.95 59.54
N GLN B 350 16.57 34.32 60.68
CA GLN B 350 17.50 34.51 61.78
C GLN B 350 18.88 33.97 61.43
N ASP B 351 18.94 32.79 60.82
CA ASP B 351 20.21 32.26 60.35
C ASP B 351 20.94 33.26 59.47
N TYR B 352 20.21 34.00 58.65
CA TYR B 352 20.84 34.97 57.77
C TYR B 352 21.23 36.27 58.47
N VAL B 353 20.33 36.86 59.24
CA VAL B 353 20.67 38.13 59.88
C VAL B 353 21.77 37.94 60.90
N ASN B 354 21.88 36.75 61.47
CA ASN B 354 23.04 36.45 62.28
C ASN B 354 24.32 36.54 61.49
N LYS B 355 24.30 36.14 60.22
CA LYS B 355 25.45 36.33 59.37
C LYS B 355 25.72 37.79 59.07
N THR B 356 24.67 38.60 58.92
CA THR B 356 24.83 40.02 58.64
C THR B 356 25.09 40.84 59.90
N ASN B 357 24.42 40.53 61.00
CA ASN B 357 24.75 41.20 62.25
C ASN B 357 26.16 40.89 62.71
N SER B 358 26.74 39.78 62.27
CA SER B 358 28.11 39.47 62.62
C SER B 358 29.07 40.53 62.12
N HIS B 359 28.76 41.15 60.98
CA HIS B 359 29.65 42.16 60.44
C HIS B 359 29.38 43.54 61.04
N LEU B 360 28.19 43.91 61.15
CA LEU B 360 27.99 45.33 61.41
C LEU B 360 27.86 45.60 62.91
N PRO B 361 28.16 46.83 63.32
CA PRO B 361 28.08 47.16 64.75
C PRO B 361 26.64 47.28 65.22
N ALA B 362 26.45 47.40 66.53
CA ALA B 362 25.10 47.44 67.10
C ALA B 362 24.25 48.54 66.49
N GLY B 363 24.82 49.70 66.22
CA GLY B 363 24.05 50.79 65.66
C GLY B 363 23.53 50.55 64.27
N LYS B 364 23.97 49.47 63.63
CA LYS B 364 23.45 49.13 62.31
C LYS B 364 22.94 47.70 62.24
N GLN B 365 22.82 47.02 63.36
CA GLN B 365 22.30 45.66 63.33
C GLN B 365 20.82 45.69 62.98
N VAL B 366 20.36 44.58 62.44
CA VAL B 366 18.96 44.43 62.06
C VAL B 366 18.35 43.34 62.92
N GLU B 367 17.03 43.25 62.88
CA GLU B 367 16.33 42.21 63.61
C GLU B 367 14.96 42.01 62.95
N ILE B 368 14.32 40.91 63.27
CA ILE B 368 12.99 40.64 62.77
C ILE B 368 12.01 41.50 63.55
N SER B 369 11.09 42.11 62.83
CA SER B 369 10.14 43.03 63.45
C SER B 369 8.75 42.42 63.54
N LEU B 370 8.28 41.81 62.46
CA LEU B 370 6.91 41.29 62.41
C LEU B 370 6.97 39.85 61.96
N VAL B 371 6.59 38.92 62.83
CA VAL B 371 6.35 37.56 62.40
C VAL B 371 4.93 37.57 61.83
N ASN B 372 4.81 37.98 60.58
CA ASN B 372 3.51 38.28 60.00
C ASN B 372 2.76 36.98 59.77
N GLY B 373 3.29 36.13 58.90
CA GLY B 373 2.74 34.81 58.71
C GLY B 373 3.64 33.78 59.34
N ALA B 374 3.43 32.50 59.01
CA ALA B 374 4.41 31.50 59.41
C ALA B 374 5.55 31.43 58.41
N LYS B 375 5.28 31.76 57.16
CA LYS B 375 6.27 31.80 56.11
C LYS B 375 6.29 33.18 55.48
N ASN B 376 5.92 34.18 56.28
CA ASN B 376 5.91 35.57 55.87
C ASN B 376 6.43 36.42 57.02
N LEU B 377 7.61 36.99 56.83
CA LEU B 377 8.27 37.72 57.90
C LEU B 377 8.69 39.09 57.42
N VAL B 378 8.95 39.97 58.39
CA VAL B 378 9.44 41.32 58.13
C VAL B 378 10.56 41.64 59.09
N VAL B 379 11.67 42.14 58.56
CA VAL B 379 12.82 42.54 59.35
C VAL B 379 13.01 44.03 59.20
N SER B 380 13.56 44.65 60.23
CA SER B 380 13.78 46.09 60.23
C SER B 380 15.26 46.38 60.39
N GLY B 381 15.61 47.64 60.30
CA GLY B 381 16.98 48.08 60.36
C GLY B 381 17.20 49.24 59.41
N PRO B 382 18.37 49.86 59.47
CA PRO B 382 18.68 50.97 58.58
C PRO B 382 18.54 50.54 57.13
N PRO B 383 18.01 51.40 56.26
CA PRO B 383 17.87 51.01 54.86
C PRO B 383 19.17 50.51 54.25
N GLN B 384 20.30 51.05 54.70
CA GLN B 384 21.59 50.55 54.22
C GLN B 384 21.76 49.08 54.58
N SER B 385 21.77 48.75 55.85
CA SER B 385 21.97 47.38 56.28
C SER B 385 20.86 46.44 55.84
N LEU B 386 19.63 46.95 55.71
CA LEU B 386 18.58 46.09 55.18
C LEU B 386 18.84 45.75 53.73
N TYR B 387 19.24 46.73 52.92
CA TYR B 387 19.66 46.41 51.57
C TYR B 387 20.83 45.46 51.58
N GLY B 388 21.66 45.55 52.62
CA GLY B 388 22.77 44.63 52.73
C GLY B 388 22.33 43.19 52.89
N LEU B 389 21.40 42.94 53.80
CA LEU B 389 20.92 41.57 53.93
C LEU B 389 20.13 41.18 52.68
N ASN B 390 19.52 42.16 52.03
CA ASN B 390 18.91 41.89 50.73
C ASN B 390 19.94 41.36 49.74
N LEU B 391 21.13 41.95 49.74
CA LEU B 391 22.21 41.42 48.91
C LEU B 391 22.57 40.02 49.34
N THR B 392 22.94 39.84 50.60
CA THR B 392 23.39 38.55 51.09
C THR B 392 22.33 37.47 50.90
N LEU B 393 21.10 37.87 50.66
CA LEU B 393 20.09 36.93 50.21
C LEU B 393 20.28 36.52 48.76
N ARG B 394 20.90 37.36 47.94
CA ARG B 394 21.01 37.07 46.52
C ARG B 394 21.96 35.93 46.23
N LYS B 395 22.85 35.61 47.16
CA LYS B 395 23.68 34.41 47.04
C LYS B 395 22.79 33.18 47.22
N ALA B 396 21.70 33.32 47.97
CA ALA B 396 20.71 32.28 48.11
C ALA B 396 19.51 32.48 47.20
N LYS B 397 19.63 33.35 46.20
CA LYS B 397 18.55 33.53 45.25
C LYS B 397 18.29 32.26 44.46
N ALA B 398 17.15 32.25 43.77
CA ALA B 398 16.87 31.39 42.64
C ALA B 398 15.69 32.02 41.94
N PRO B 399 15.77 32.30 40.64
CA PRO B 399 14.66 32.97 39.98
C PRO B 399 13.42 32.10 40.02
N SER B 400 12.27 32.77 40.10
CA SER B 400 11.04 32.03 40.37
C SER B 400 10.59 31.20 39.18
N GLY B 401 11.13 31.47 37.99
CA GLY B 401 10.76 30.70 36.82
C GLY B 401 11.91 29.87 36.29
N LEU B 402 12.66 29.23 37.19
CA LEU B 402 13.82 28.45 36.79
C LEU B 402 13.47 27.01 36.48
N ASP B 403 12.26 26.56 36.82
CA ASP B 403 11.79 25.20 36.53
C ASP B 403 12.72 24.16 37.15
N GLN B 404 12.73 24.16 38.48
CA GLN B 404 13.37 23.07 39.21
C GLN B 404 12.58 21.76 39.09
N SER B 405 11.53 21.74 38.27
CA SER B 405 10.69 20.56 38.11
C SER B 405 11.44 19.36 37.56
N ARG B 406 12.73 19.50 37.25
CA ARG B 406 13.52 18.37 36.80
C ARG B 406 14.73 18.17 37.71
N ILE B 407 14.56 18.44 38.99
CA ILE B 407 15.60 18.19 39.98
C ILE B 407 14.89 17.83 41.28
N PRO B 408 15.35 16.82 42.00
CA PRO B 408 14.64 16.37 43.20
C PRO B 408 14.40 17.50 44.18
N PHE B 409 13.42 17.28 45.04
CA PHE B 409 12.95 18.30 45.96
C PHE B 409 14.03 18.82 46.89
N SER B 410 14.73 17.93 47.59
CA SER B 410 15.73 18.39 48.54
C SER B 410 16.93 18.99 47.84
N GLU B 411 17.06 18.79 46.53
CA GLU B 411 18.14 19.36 45.77
C GLU B 411 17.81 20.72 45.19
N ARG B 412 16.65 21.26 45.53
CA ARG B 412 16.25 22.55 44.99
C ARG B 412 16.75 23.69 45.87
N LYS B 413 16.87 24.86 45.27
CA LYS B 413 17.21 26.05 46.03
C LYS B 413 15.97 26.90 46.25
N LEU B 414 15.83 27.40 47.48
CA LEU B 414 14.61 28.05 47.90
C LEU B 414 14.37 29.34 47.13
N LYS B 415 13.31 29.38 46.34
CA LYS B 415 12.91 30.60 45.67
C LYS B 415 11.85 31.27 46.52
N PHE B 416 11.91 32.60 46.59
CA PHE B 416 10.96 33.38 47.37
C PHE B 416 11.13 34.84 47.00
N SER B 417 10.02 35.54 46.96
CA SER B 417 10.05 36.95 46.65
C SER B 417 10.27 37.75 47.92
N ASN B 418 10.54 39.04 47.75
CA ASN B 418 10.66 39.96 48.88
C ASN B 418 10.52 41.37 48.33
N ARG B 419 10.18 42.30 49.20
CA ARG B 419 10.07 43.69 48.78
C ARG B 419 10.13 44.59 49.99
N PHE B 420 10.43 45.85 49.74
CA PHE B 420 10.50 46.86 50.77
C PHE B 420 9.10 47.40 51.05
N LEU B 421 8.77 47.45 52.31
CA LEU B 421 7.44 47.92 52.68
C LEU B 421 7.43 49.43 52.70
N PRO B 422 6.46 50.09 52.10
CA PRO B 422 6.51 51.56 52.02
C PRO B 422 6.31 52.20 53.39
N VAL B 423 7.37 52.13 54.19
CA VAL B 423 7.37 52.64 55.54
C VAL B 423 8.49 53.68 55.64
N ALA B 424 8.49 54.43 56.74
CA ALA B 424 9.47 55.49 56.92
C ALA B 424 10.33 55.31 58.15
N SER B 425 10.13 54.26 58.94
CA SER B 425 10.96 54.11 60.11
C SER B 425 10.97 52.67 60.61
N PRO B 426 12.08 52.24 61.18
CA PRO B 426 12.20 50.84 61.62
C PRO B 426 11.42 50.54 62.89
N PHE B 427 10.13 50.27 62.76
CA PHE B 427 9.33 49.91 63.91
C PHE B 427 9.77 48.56 64.48
N HIS B 428 9.61 48.41 65.79
CA HIS B 428 9.91 47.17 66.52
C HIS B 428 11.37 46.76 66.32
N SER B 429 12.26 47.73 66.55
CA SER B 429 13.69 47.47 66.51
C SER B 429 14.30 48.11 67.75
N HIS B 430 15.62 48.06 67.83
CA HIS B 430 16.33 48.77 68.87
C HIS B 430 16.59 50.22 68.49
N LEU B 431 16.48 50.56 67.21
CA LEU B 431 16.82 51.90 66.76
C LEU B 431 15.91 52.96 67.36
N LEU B 432 14.78 52.56 67.90
CA LEU B 432 13.83 53.52 68.44
C LEU B 432 13.72 53.48 69.94
N VAL B 433 14.41 52.54 70.58
CA VAL B 433 14.37 52.36 72.03
C VAL B 433 14.59 53.67 72.77
N PRO B 434 15.53 54.54 72.37
CA PRO B 434 15.72 55.80 73.09
C PRO B 434 14.50 56.71 73.13
N ALA B 435 13.42 56.36 72.44
CA ALA B 435 12.24 57.23 72.42
C ALA B 435 11.18 56.79 73.42
N SER B 436 11.28 55.58 73.97
CA SER B 436 10.22 55.06 74.81
C SER B 436 9.92 55.98 75.99
N ASP B 437 10.91 56.27 76.80
CA ASP B 437 10.71 57.18 77.92
C ASP B 437 10.28 58.55 77.45
N LEU B 438 10.77 58.99 76.29
CA LEU B 438 10.43 60.30 75.76
C LEU B 438 8.97 60.41 75.37
N ILE B 439 8.31 59.30 75.05
CA ILE B 439 6.88 59.36 74.81
C ILE B 439 6.11 59.13 76.11
N ASN B 440 6.59 58.21 76.95
CA ASN B 440 5.96 57.99 78.23
C ASN B 440 5.85 59.26 79.05
N LYS B 441 6.87 60.13 78.99
CA LYS B 441 6.80 61.42 79.66
C LYS B 441 5.84 62.34 78.92
N ASP B 442 5.83 62.27 77.60
CA ASP B 442 4.92 63.06 76.80
C ASP B 442 3.46 62.72 77.06
N LEU B 443 3.16 61.45 77.33
CA LEU B 443 1.78 61.09 77.62
C LEU B 443 1.33 61.56 78.98
N VAL B 444 2.07 61.24 80.05
CA VAL B 444 1.69 61.71 81.36
C VAL B 444 1.73 63.22 81.42
N LYS B 445 2.53 63.86 80.57
CA LYS B 445 2.43 65.29 80.41
C LYS B 445 1.02 65.72 80.03
N ASN B 446 0.38 64.92 79.19
CA ASN B 446 -1.01 65.15 78.86
C ASN B 446 -1.87 64.25 79.76
N ASN B 447 -3.17 64.22 79.48
CA ASN B 447 -4.09 63.44 80.30
C ASN B 447 -4.21 61.98 79.86
N VAL B 448 -3.55 61.59 78.77
CA VAL B 448 -3.79 60.28 78.19
C VAL B 448 -3.19 59.20 79.08
N SER B 449 -4.05 58.33 79.61
CA SER B 449 -3.60 57.17 80.37
C SER B 449 -4.76 56.20 80.41
N PHE B 450 -4.58 55.02 79.82
CA PHE B 450 -5.63 54.02 79.75
C PHE B 450 -5.61 53.13 80.98
N ASN B 451 -6.78 52.72 81.44
CA ASN B 451 -6.91 51.89 82.62
C ASN B 451 -7.63 50.60 82.27
N ALA B 452 -7.43 49.58 83.10
CA ALA B 452 -8.06 48.29 82.84
C ALA B 452 -9.55 48.35 83.08
N LYS B 453 -9.98 49.00 84.17
CA LYS B 453 -11.40 49.12 84.45
C LYS B 453 -12.14 49.94 83.41
N ASP B 454 -11.42 50.66 82.55
CA ASP B 454 -12.06 51.49 81.54
C ASP B 454 -12.43 50.72 80.28
N ILE B 455 -11.74 49.62 80.01
CA ILE B 455 -12.03 48.80 78.83
C ILE B 455 -12.89 47.63 79.25
N GLN B 456 -13.80 47.22 78.36
CA GLN B 456 -14.67 46.08 78.60
C GLN B 456 -14.34 44.90 77.70
N ILE B 457 -14.03 45.16 76.44
CA ILE B 457 -13.71 44.08 75.52
C ILE B 457 -12.25 43.72 75.73
N PRO B 458 -11.88 42.45 75.59
CA PRO B 458 -10.46 42.09 75.66
C PRO B 458 -9.69 42.74 74.52
N VAL B 459 -8.46 43.14 74.81
CA VAL B 459 -7.53 43.63 73.80
C VAL B 459 -6.24 42.84 73.95
N TYR B 460 -5.74 42.31 72.85
CA TYR B 460 -4.67 41.34 72.90
C TYR B 460 -3.33 41.99 72.60
N ASP B 461 -2.29 41.43 73.21
CA ASP B 461 -0.94 41.90 72.99
C ASP B 461 -0.39 41.33 71.69
N THR B 462 0.24 42.20 70.91
CA THR B 462 0.93 41.73 69.71
C THR B 462 2.17 40.93 70.05
N PHE B 463 2.71 41.09 71.25
CA PHE B 463 3.92 40.38 71.61
C PHE B 463 3.62 39.15 72.44
N ASP B 464 2.99 39.32 73.59
CA ASP B 464 2.60 38.16 74.40
C ASP B 464 1.47 37.40 73.73
N GLY B 465 0.40 38.11 73.38
CA GLY B 465 -0.83 37.49 72.92
C GLY B 465 -1.93 37.52 73.94
N SER B 466 -1.66 38.04 75.14
CA SER B 466 -2.61 38.01 76.23
C SER B 466 -3.45 39.28 76.26
N ASP B 467 -4.42 39.30 77.16
CA ASP B 467 -5.33 40.44 77.28
C ASP B 467 -4.69 41.55 78.10
N LEU B 468 -4.96 42.79 77.71
CA LEU B 468 -4.35 43.94 78.36
C LEU B 468 -5.07 44.34 79.64
N ARG B 469 -6.13 43.65 80.02
CA ARG B 469 -6.73 43.91 81.33
C ARG B 469 -5.73 43.62 82.43
N VAL B 470 -5.01 42.51 82.31
CA VAL B 470 -4.05 42.08 83.32
C VAL B 470 -2.67 42.59 82.91
N LEU B 471 -2.18 43.59 83.63
CA LEU B 471 -0.87 44.14 83.38
C LEU B 471 -0.37 44.77 84.67
N SER B 472 0.94 44.67 84.87
CA SER B 472 1.56 45.14 86.11
C SER B 472 1.32 46.63 86.31
N GLY B 473 1.87 47.45 85.42
CA GLY B 473 1.74 48.89 85.57
C GLY B 473 0.75 49.48 84.59
N SER B 474 1.10 50.62 84.01
CA SER B 474 0.21 51.30 83.09
C SER B 474 0.13 50.53 81.78
N ILE B 475 -1.10 50.33 81.30
CA ILE B 475 -1.30 49.67 80.02
C ILE B 475 -0.69 50.49 78.91
N SER B 476 -0.83 51.81 78.96
CA SER B 476 -0.30 52.69 77.92
C SER B 476 1.19 52.58 77.78
N GLU B 477 1.87 51.93 78.73
CA GLU B 477 3.32 51.76 78.62
C GLU B 477 3.65 50.62 77.68
N ARG B 478 3.02 49.47 77.89
CA ARG B 478 3.27 48.36 76.98
C ARG B 478 2.76 48.64 75.58
N ILE B 479 1.77 49.51 75.43
CA ILE B 479 1.27 49.80 74.10
C ILE B 479 2.33 50.40 73.20
N VAL B 480 3.18 51.28 73.72
CA VAL B 480 4.20 51.88 72.87
C VAL B 480 5.37 50.90 72.70
N ASP B 481 5.72 50.19 73.78
CA ASP B 481 6.78 49.20 73.69
C ASP B 481 6.48 48.15 72.64
N CYS B 482 5.20 47.87 72.42
CA CYS B 482 4.83 46.94 71.36
C CYS B 482 4.94 47.57 69.97
N ILE B 483 5.14 48.87 69.87
CA ILE B 483 5.25 49.55 68.59
C ILE B 483 6.68 49.97 68.29
N ILE B 484 7.57 49.91 69.27
CA ILE B 484 8.92 50.38 69.04
C ILE B 484 9.95 49.30 69.36
N ARG B 485 9.78 48.62 70.48
CA ARG B 485 10.80 47.68 70.96
C ARG B 485 10.42 46.22 70.69
N LEU B 486 9.19 45.85 71.00
CA LEU B 486 8.95 44.42 70.92
C LEU B 486 8.44 44.03 69.55
N PRO B 487 8.88 42.90 69.02
CA PRO B 487 8.34 42.42 67.76
C PRO B 487 6.92 41.93 67.95
N VAL B 488 6.20 41.80 66.84
CA VAL B 488 4.84 41.28 66.86
C VAL B 488 4.86 39.83 66.40
N LYS B 489 4.26 38.96 67.19
CA LYS B 489 4.06 37.57 66.82
C LYS B 489 2.59 37.39 66.50
N TRP B 490 2.26 37.51 65.21
CA TRP B 490 0.87 37.75 64.83
C TRP B 490 0.01 36.50 65.01
N GLU B 491 0.56 35.33 64.76
CA GLU B 491 -0.15 34.10 65.05
C GLU B 491 -0.24 33.84 66.54
N THR B 492 0.69 34.36 67.32
CA THR B 492 0.60 34.27 68.75
C THR B 492 -0.47 35.18 69.32
N THR B 493 -0.77 36.28 68.64
CA THR B 493 -1.83 37.17 69.09
C THR B 493 -3.15 36.84 68.44
N THR B 494 -3.20 35.87 67.55
CA THR B 494 -4.45 35.39 66.96
C THR B 494 -4.85 34.06 67.56
N GLN B 495 -4.63 33.91 68.86
CA GLN B 495 -4.97 32.68 69.56
C GLN B 495 -6.39 32.74 70.08
N PHE B 496 -7.20 33.64 69.54
CA PHE B 496 -8.59 33.76 69.93
C PHE B 496 -9.45 32.91 69.02
N LYS B 497 -10.59 32.45 69.55
CA LYS B 497 -11.55 31.70 68.77
C LYS B 497 -12.74 32.59 68.42
N ALA B 498 -12.81 33.01 67.17
CA ALA B 498 -13.90 33.85 66.70
C ALA B 498 -14.24 33.47 65.27
N THR B 499 -15.40 33.92 64.82
CA THR B 499 -15.89 33.53 63.50
C THR B 499 -15.63 34.58 62.43
N HIS B 500 -15.57 35.84 62.79
CA HIS B 500 -15.37 36.89 61.79
C HIS B 500 -14.29 37.84 62.26
N ILE B 501 -13.48 38.31 61.32
CA ILE B 501 -12.50 39.34 61.58
C ILE B 501 -12.82 40.48 60.63
N LEU B 502 -13.37 41.57 61.15
CA LEU B 502 -13.56 42.74 60.32
C LEU B 502 -12.49 43.78 60.68
N ASP B 503 -11.77 44.25 59.67
CA ASP B 503 -10.63 45.13 59.87
C ASP B 503 -10.99 46.54 59.41
N PHE B 504 -10.68 47.52 60.24
CA PHE B 504 -10.85 48.92 59.85
C PHE B 504 -9.52 49.59 59.56
N GLY B 505 -8.44 48.82 59.52
CA GLY B 505 -7.13 49.37 59.22
C GLY B 505 -7.05 49.84 57.80
N PRO B 506 -5.90 50.41 57.45
CA PRO B 506 -5.70 50.93 56.10
C PRO B 506 -5.38 49.80 55.14
N GLY B 507 -5.49 50.07 53.84
CA GLY B 507 -5.05 49.14 52.82
C GLY B 507 -6.15 48.32 52.19
N GLY B 508 -7.23 48.05 52.89
CA GLY B 508 -8.35 47.34 52.29
C GLY B 508 -7.92 46.01 51.72
N ALA B 509 -8.08 45.87 50.40
CA ALA B 509 -7.84 44.60 49.72
C ALA B 509 -6.41 44.10 49.87
N SER B 510 -5.50 44.93 50.34
CA SER B 510 -4.14 44.53 50.63
C SER B 510 -3.78 44.72 52.08
N GLY B 511 -4.76 45.02 52.93
CA GLY B 511 -4.48 45.31 54.32
C GLY B 511 -4.26 44.09 55.18
N LEU B 512 -4.35 44.27 56.49
CA LEU B 512 -4.13 43.20 57.44
C LEU B 512 -5.10 42.04 57.27
N GLY B 513 -6.35 42.34 56.94
CA GLY B 513 -7.35 41.30 56.84
C GLY B 513 -6.99 40.21 55.85
N VAL B 514 -6.39 40.58 54.73
CA VAL B 514 -6.09 39.59 53.71
C VAL B 514 -5.05 38.59 54.20
N LEU B 515 -3.98 39.07 54.84
CA LEU B 515 -2.98 38.14 55.32
C LEU B 515 -3.51 37.33 56.50
N THR B 516 -4.29 37.95 57.38
CA THR B 516 -4.92 37.18 58.43
C THR B 516 -5.78 36.07 57.85
N HIS B 517 -6.49 36.36 56.77
CA HIS B 517 -7.23 35.34 56.07
C HIS B 517 -6.34 34.23 55.61
N ARG B 518 -5.25 34.57 54.93
CA ARG B 518 -4.35 33.53 54.45
C ARG B 518 -3.75 32.71 55.57
N ASN B 519 -3.68 33.26 56.78
CA ASN B 519 -3.21 32.47 57.92
C ASN B 519 -4.33 31.59 58.45
N LYS B 520 -5.43 32.21 58.87
CA LYS B 520 -6.57 31.49 59.40
C LYS B 520 -7.50 31.07 58.24
N ASP B 521 -6.98 30.22 57.37
CA ASP B 521 -7.76 29.84 56.20
C ASP B 521 -8.55 28.56 56.42
N GLY B 522 -7.92 27.53 56.95
CA GLY B 522 -8.61 26.27 57.10
C GLY B 522 -9.14 26.09 58.50
N THR B 523 -9.28 27.21 59.21
CA THR B 523 -9.76 27.22 60.58
C THR B 523 -11.23 27.62 60.62
N GLY B 524 -11.81 27.93 59.47
CA GLY B 524 -13.19 28.33 59.42
C GLY B 524 -13.47 29.70 60.00
N VAL B 525 -12.66 30.68 59.68
CA VAL B 525 -12.90 32.06 60.08
C VAL B 525 -13.08 32.89 58.82
N ARG B 526 -13.89 33.92 58.90
CA ARG B 526 -14.37 34.62 57.72
C ARG B 526 -14.10 36.11 57.87
N VAL B 527 -13.04 36.56 57.24
CA VAL B 527 -12.66 37.97 57.30
C VAL B 527 -13.48 38.75 56.30
N ILE B 528 -13.84 39.97 56.67
CA ILE B 528 -14.54 40.89 55.79
C ILE B 528 -13.83 42.23 55.85
N VAL B 529 -13.72 42.89 54.70
CA VAL B 529 -13.02 44.15 54.58
C VAL B 529 -13.99 45.27 54.91
N ALA B 530 -13.80 45.89 56.07
CA ALA B 530 -14.67 46.97 56.52
C ALA B 530 -14.16 48.32 56.02
N GLY B 531 -13.27 48.31 55.05
CA GLY B 531 -12.71 49.54 54.53
C GLY B 531 -13.23 49.92 53.17
N THR B 532 -13.36 48.94 52.28
CA THR B 532 -13.62 49.22 50.87
C THR B 532 -14.89 48.50 50.43
N LEU B 533 -15.53 49.08 49.41
CA LEU B 533 -16.71 48.49 48.80
C LEU B 533 -16.32 48.02 47.40
N ASP B 534 -16.10 46.73 47.25
CA ASP B 534 -15.74 46.16 45.96
C ASP B 534 -16.23 44.72 45.92
N ILE B 535 -15.74 43.95 44.95
CA ILE B 535 -16.13 42.56 44.77
C ILE B 535 -14.89 41.70 44.66
N ASN B 536 -15.01 40.46 45.12
CA ASN B 536 -13.97 39.46 45.00
C ASN B 536 -14.54 38.21 44.34
N PRO B 537 -13.92 37.71 43.28
CA PRO B 537 -14.56 36.66 42.49
C PRO B 537 -14.85 35.40 43.29
N ASP B 538 -13.81 34.80 43.86
CA ASP B 538 -14.04 33.59 44.64
C ASP B 538 -14.69 33.87 45.98
N ASP B 539 -14.68 35.13 46.44
CA ASP B 539 -15.31 35.52 47.70
C ASP B 539 -14.74 34.70 48.85
N ASP B 540 -13.43 34.75 49.03
CA ASP B 540 -12.84 34.14 50.21
C ASP B 540 -12.97 35.05 51.42
N TYR B 541 -13.15 36.34 51.17
CA TYR B 541 -13.38 37.31 52.23
C TYR B 541 -14.55 38.19 51.81
N GLY B 542 -14.86 39.17 52.64
CA GLY B 542 -16.02 40.00 52.42
C GLY B 542 -15.66 41.47 52.45
N PHE B 543 -16.66 42.29 52.16
CA PHE B 543 -16.45 43.71 51.99
C PHE B 543 -17.48 44.52 52.78
N LYS B 544 -17.55 45.82 52.52
CA LYS B 544 -18.47 46.71 53.21
C LYS B 544 -19.87 46.14 53.32
N GLN B 545 -20.42 45.66 52.20
CA GLN B 545 -21.82 45.25 52.17
C GLN B 545 -22.07 44.08 53.08
N GLU B 546 -21.13 43.13 53.17
CA GLU B 546 -21.32 41.96 54.02
C GLU B 546 -21.44 42.34 55.49
N ILE B 547 -21.05 43.55 55.86
CA ILE B 547 -21.30 44.04 57.21
C ILE B 547 -22.75 44.44 57.36
N PHE B 548 -23.38 44.82 56.26
CA PHE B 548 -24.68 45.47 56.32
C PHE B 548 -25.79 44.64 55.73
N ASP B 549 -25.49 43.45 55.23
CA ASP B 549 -26.53 42.63 54.65
C ASP B 549 -27.48 42.14 55.73
N VAL B 550 -28.78 42.25 55.46
CA VAL B 550 -29.82 41.80 56.36
C VAL B 550 -30.35 40.44 55.96
N THR B 551 -30.23 40.10 54.68
CA THR B 551 -30.60 38.78 54.18
C THR B 551 -29.61 37.73 54.66
N SER B 552 -29.86 36.49 54.28
CA SER B 552 -28.90 35.42 54.55
C SER B 552 -27.66 35.52 53.67
N ASN B 553 -27.63 36.46 52.74
CA ASN B 553 -26.46 36.65 51.90
C ASN B 553 -25.29 37.28 52.64
N GLY B 554 -25.52 37.84 53.82
CA GLY B 554 -24.45 38.44 54.58
C GLY B 554 -23.73 37.45 55.44
N LEU B 555 -24.47 36.62 56.15
CA LEU B 555 -23.87 35.59 56.99
C LEU B 555 -23.37 34.49 56.08
N LYS B 556 -22.14 34.64 55.57
CA LYS B 556 -21.49 33.65 54.73
C LYS B 556 -20.36 33.03 55.53
N LYS B 557 -20.29 31.71 55.54
CA LYS B 557 -19.29 30.98 56.32
C LYS B 557 -18.38 30.19 55.41
N ASN B 558 -17.16 30.66 55.26
CA ASN B 558 -16.10 29.89 54.63
C ASN B 558 -15.85 28.61 55.43
N PRO B 559 -15.39 27.54 54.80
CA PRO B 559 -15.46 26.21 55.42
C PRO B 559 -14.44 26.02 56.51
N ASN B 560 -14.87 25.31 57.56
CA ASN B 560 -13.92 24.71 58.48
C ASN B 560 -13.65 23.27 58.06
N TRP B 561 -12.49 23.05 57.46
CA TRP B 561 -12.17 21.75 56.87
C TRP B 561 -12.19 20.62 57.86
N LEU B 562 -11.94 20.88 59.14
CA LEU B 562 -11.97 19.78 60.07
C LEU B 562 -13.37 19.23 60.26
N GLU B 563 -14.39 20.06 60.11
CA GLU B 563 -15.77 19.60 60.28
C GLU B 563 -16.45 19.37 58.93
N GLU B 564 -16.14 20.20 57.93
CA GLU B 564 -16.77 20.05 56.62
C GLU B 564 -16.50 18.69 56.00
N TYR B 565 -15.28 18.18 56.15
CA TYR B 565 -14.88 16.93 55.54
C TYR B 565 -14.51 15.89 56.58
N HIS B 566 -15.06 16.01 57.75
CA HIS B 566 -14.81 15.06 58.82
C HIS B 566 -15.16 13.65 58.35
N PRO B 567 -14.30 12.67 58.60
CA PRO B 567 -14.58 11.30 58.15
C PRO B 567 -15.67 10.68 59.00
N LYS B 568 -16.85 10.54 58.42
CA LYS B 568 -18.02 10.04 59.12
C LYS B 568 -18.02 8.52 59.08
N LEU B 569 -19.03 7.94 59.73
CA LEU B 569 -19.21 6.51 59.76
C LEU B 569 -20.64 6.19 59.38
N ILE B 570 -20.83 5.08 58.66
CA ILE B 570 -22.12 4.73 58.10
C ILE B 570 -22.37 3.24 58.28
N LYS B 571 -23.57 2.90 58.74
CA LYS B 571 -24.04 1.53 58.84
C LYS B 571 -25.02 1.26 57.71
N ASN B 572 -24.84 0.12 57.06
CA ASN B 572 -25.75 -0.27 55.99
C ASN B 572 -26.79 -1.24 56.53
N LYS B 573 -27.89 -1.39 55.78
CA LYS B 573 -28.98 -2.25 56.25
C LYS B 573 -28.48 -3.64 56.62
N SER B 574 -27.56 -4.18 55.85
CA SER B 574 -26.98 -5.47 56.19
C SER B 574 -26.17 -5.41 57.48
N GLY B 575 -25.89 -4.22 57.98
CA GLY B 575 -25.10 -4.10 59.18
C GLY B 575 -23.63 -3.94 58.86
N LYS B 576 -23.33 -3.49 57.64
CA LYS B 576 -21.96 -3.28 57.21
C LYS B 576 -21.56 -1.85 57.49
N ILE B 577 -20.37 -1.68 58.02
CA ILE B 577 -19.83 -0.38 58.37
C ILE B 577 -19.14 0.20 57.14
N PHE B 578 -19.03 1.52 57.11
CA PHE B 578 -18.39 2.19 55.98
C PHE B 578 -17.73 3.47 56.47
N VAL B 579 -16.64 3.86 55.80
CA VAL B 579 -15.99 5.13 56.08
C VAL B 579 -16.55 6.15 55.08
N GLU B 580 -17.53 6.91 55.52
CA GLU B 580 -18.25 7.83 54.63
C GLU B 580 -17.40 9.07 54.43
N THR B 581 -16.94 9.27 53.22
CA THR B 581 -16.28 10.51 52.84
C THR B 581 -17.05 11.13 51.70
N LYS B 582 -16.49 12.19 51.13
CA LYS B 582 -17.07 12.72 49.90
C LYS B 582 -16.85 11.77 48.75
N PHE B 583 -15.73 11.06 48.75
CA PHE B 583 -15.47 10.12 47.66
C PHE B 583 -16.27 8.85 47.83
N SER B 584 -16.26 8.27 49.01
CA SER B 584 -17.02 7.04 49.23
C SER B 584 -18.51 7.24 49.06
N LYS B 585 -18.99 8.47 48.94
CA LYS B 585 -20.42 8.67 48.80
C LYS B 585 -20.89 8.79 47.37
N LEU B 586 -20.00 8.66 46.38
CA LEU B 586 -20.43 8.31 45.04
C LEU B 586 -20.31 6.85 44.72
N ILE B 587 -19.32 6.16 45.27
CA ILE B 587 -19.06 4.81 44.84
C ILE B 587 -19.68 3.78 45.77
N GLY B 588 -20.35 4.23 46.82
CA GLY B 588 -20.90 3.29 47.78
C GLY B 588 -19.93 2.23 48.23
N ARG B 589 -18.65 2.54 48.27
CA ARG B 589 -17.59 1.58 48.46
C ARG B 589 -16.54 2.20 49.36
N PRO B 590 -15.77 1.39 50.08
CA PRO B 590 -14.74 1.94 50.95
C PRO B 590 -13.89 2.96 50.21
N PRO B 591 -13.36 3.94 50.91
CA PRO B 591 -12.66 5.03 50.23
C PRO B 591 -11.23 4.66 49.90
N LEU B 592 -11.03 3.47 49.39
CA LEU B 592 -9.72 2.97 49.00
C LEU B 592 -9.83 2.40 47.59
N LEU B 593 -8.78 2.58 46.80
CA LEU B 593 -8.80 2.03 45.46
C LEU B 593 -7.39 1.61 45.08
N VAL B 594 -7.30 0.82 44.02
CA VAL B 594 -6.00 0.41 43.49
C VAL B 594 -5.76 1.14 42.19
N PRO B 595 -4.68 1.90 42.08
CA PRO B 595 -4.45 2.64 40.84
C PRO B 595 -4.08 1.73 39.70
N GLY B 596 -4.08 2.26 38.48
CA GLY B 596 -3.70 1.43 37.34
C GLY B 596 -2.22 1.11 37.37
N MET B 597 -1.89 -0.15 37.09
CA MET B 597 -0.52 -0.63 37.20
C MET B 597 -0.27 -1.60 36.06
N THR B 598 0.47 -1.16 35.05
CA THR B 598 0.67 -1.89 33.80
C THR B 598 1.18 -3.32 34.00
N PRO B 599 2.04 -3.60 34.97
CA PRO B 599 2.35 -5.01 35.23
C PRO B 599 1.29 -5.66 36.11
N CYS B 600 0.71 -4.89 37.02
CA CYS B 600 -0.11 -5.48 38.07
C CYS B 600 -1.59 -5.50 37.69
N THR B 601 -2.18 -4.33 37.48
CA THR B 601 -3.60 -4.26 37.17
C THR B 601 -3.90 -4.47 35.69
N VAL B 602 -2.99 -5.12 34.96
CA VAL B 602 -3.33 -5.52 33.60
C VAL B 602 -3.99 -6.90 33.58
N SER B 603 -3.66 -7.76 34.52
CA SER B 603 -4.23 -9.10 34.53
C SER B 603 -5.72 -9.03 34.85
N PRO B 604 -6.57 -9.33 33.88
CA PRO B 604 -8.01 -9.12 34.07
C PRO B 604 -8.60 -9.98 35.16
N ASP B 605 -7.96 -11.07 35.53
CA ASP B 605 -8.46 -11.90 36.62
C ASP B 605 -8.16 -11.32 37.99
N PHE B 606 -7.08 -10.55 38.12
CA PHE B 606 -6.83 -9.87 39.38
C PHE B 606 -7.72 -8.65 39.52
N VAL B 607 -7.79 -7.82 38.46
CA VAL B 607 -8.70 -6.68 38.47
C VAL B 607 -10.14 -7.09 38.71
N ALA B 608 -10.45 -8.38 38.59
CA ALA B 608 -11.76 -8.84 39.01
C ALA B 608 -11.74 -9.34 40.44
N ALA B 609 -10.61 -9.84 40.91
CA ALA B 609 -10.59 -10.41 42.26
C ALA B 609 -10.78 -9.34 43.32
N THR B 610 -10.20 -8.17 43.11
CA THR B 610 -10.35 -7.11 44.09
C THR B 610 -11.70 -6.42 43.98
N THR B 611 -12.22 -6.22 42.78
CA THR B 611 -13.54 -5.62 42.66
C THR B 611 -14.62 -6.58 43.15
N ASN B 612 -14.30 -7.85 43.33
CA ASN B 612 -15.19 -8.73 44.07
C ASN B 612 -15.01 -8.57 45.56
N ALA B 613 -13.85 -8.11 46.00
CA ALA B 613 -13.70 -7.73 47.39
C ALA B 613 -14.39 -6.42 47.71
N GLY B 614 -14.89 -5.73 46.69
CA GLY B 614 -15.59 -4.48 46.91
C GLY B 614 -14.64 -3.32 47.11
N TYR B 615 -13.70 -3.15 46.18
CA TYR B 615 -12.78 -2.02 46.21
C TYR B 615 -12.55 -1.57 44.79
N THR B 616 -12.75 -0.29 44.52
CA THR B 616 -12.67 0.23 43.17
C THR B 616 -11.27 0.02 42.60
N ILE B 617 -11.21 -0.29 41.31
CA ILE B 617 -9.94 -0.59 40.64
C ILE B 617 -9.88 0.14 39.32
N GLU B 618 -8.67 0.44 38.89
CA GLU B 618 -8.42 0.89 37.52
C GLU B 618 -7.88 -0.28 36.73
N LEU B 619 -8.27 -0.37 35.46
CA LEU B 619 -7.69 -1.38 34.59
C LEU B 619 -6.52 -0.80 33.82
N ALA B 620 -5.39 -1.49 33.90
CA ALA B 620 -4.16 -0.99 33.31
C ALA B 620 -4.28 -0.95 31.80
N GLY B 621 -4.43 0.25 31.26
CA GLY B 621 -4.52 0.39 29.83
C GLY B 621 -3.20 0.15 29.15
N GLY B 622 -2.11 0.59 29.76
CA GLY B 622 -0.82 0.43 29.14
C GLY B 622 -0.36 -0.99 28.90
N GLY B 623 -1.12 -1.98 29.36
CA GLY B 623 -0.73 -3.36 29.16
C GLY B 623 -1.31 -3.96 27.90
N TYR B 624 -2.21 -3.24 27.24
CA TYR B 624 -2.87 -3.74 26.04
C TYR B 624 -2.46 -2.90 24.84
N PHE B 625 -1.80 -3.53 23.89
CA PHE B 625 -1.23 -2.85 22.73
C PHE B 625 -2.20 -2.69 21.60
N SER B 626 -3.50 -2.76 21.86
CA SER B 626 -4.48 -2.85 20.79
C SER B 626 -5.77 -2.18 21.22
N ALA B 627 -6.81 -2.39 20.42
CA ALA B 627 -8.16 -2.09 20.87
C ALA B 627 -8.91 -3.37 21.19
N ALA B 628 -8.67 -4.42 20.40
CA ALA B 628 -9.34 -5.69 20.61
C ALA B 628 -8.78 -6.45 21.80
N GLY B 629 -7.49 -6.32 22.09
CA GLY B 629 -6.97 -6.97 23.27
C GLY B 629 -7.59 -6.47 24.55
N MET B 630 -7.61 -5.15 24.74
CA MET B 630 -8.25 -4.61 25.93
C MET B 630 -9.74 -4.90 25.93
N THR B 631 -10.36 -5.03 24.76
CA THR B 631 -11.77 -5.42 24.73
C THR B 631 -11.97 -6.83 25.24
N ALA B 632 -11.11 -7.75 24.82
CA ALA B 632 -11.16 -9.10 25.36
C ALA B 632 -10.86 -9.13 26.84
N ALA B 633 -10.04 -8.21 27.33
CA ALA B 633 -9.80 -8.12 28.76
C ALA B 633 -11.03 -7.62 29.50
N ILE B 634 -11.65 -6.56 28.97
CA ILE B 634 -12.87 -6.03 29.56
C ILE B 634 -13.91 -7.10 29.66
N ASP B 635 -14.19 -7.78 28.56
CA ASP B 635 -15.21 -8.80 28.58
C ASP B 635 -14.81 -9.99 29.44
N SER B 636 -13.52 -10.24 29.58
CA SER B 636 -13.09 -11.31 30.47
C SER B 636 -13.34 -10.98 31.92
N VAL B 637 -13.20 -9.73 32.31
CA VAL B 637 -13.53 -9.38 33.69
C VAL B 637 -15.05 -9.33 33.88
N VAL B 638 -15.77 -8.81 32.89
CA VAL B 638 -17.22 -8.81 32.97
C VAL B 638 -17.73 -10.22 33.24
N SER B 639 -17.06 -11.20 32.65
CA SER B 639 -17.41 -12.59 32.90
C SER B 639 -17.15 -13.01 34.34
N GLN B 640 -16.44 -12.20 35.13
CA GLN B 640 -16.10 -12.62 36.48
C GLN B 640 -16.61 -11.71 37.58
N ILE B 641 -16.93 -10.48 37.28
CA ILE B 641 -17.42 -9.58 38.34
C ILE B 641 -18.85 -9.97 38.69
N GLU B 642 -19.21 -9.72 39.95
CA GLU B 642 -20.57 -9.98 40.39
C GLU B 642 -21.53 -9.03 39.68
N LYS B 643 -22.80 -9.42 39.66
CA LYS B 643 -23.85 -8.66 38.99
C LYS B 643 -23.83 -7.23 39.48
N GLY B 644 -23.69 -6.28 38.56
CA GLY B 644 -23.76 -4.89 38.92
C GLY B 644 -22.49 -4.30 39.47
N SER B 645 -21.44 -5.10 39.65
CA SER B 645 -20.16 -4.59 40.10
C SER B 645 -19.59 -3.64 39.07
N THR B 646 -18.47 -3.01 39.41
CA THR B 646 -17.92 -1.96 38.58
C THR B 646 -16.42 -1.93 38.72
N PHE B 647 -15.77 -1.53 37.63
CA PHE B 647 -14.37 -1.16 37.65
C PHE B 647 -14.21 0.02 36.71
N GLY B 648 -12.97 0.49 36.59
CA GLY B 648 -12.64 1.54 35.65
C GLY B 648 -11.31 1.23 35.02
N ILE B 649 -10.94 2.03 34.03
CA ILE B 649 -9.71 1.78 33.29
C ILE B 649 -8.78 2.96 33.49
N ASN B 650 -7.50 2.71 33.28
CA ASN B 650 -6.45 3.70 33.39
C ASN B 650 -5.80 3.89 32.03
N LEU B 651 -5.68 5.14 31.60
CA LEU B 651 -5.04 5.47 30.33
C LEU B 651 -3.75 6.23 30.60
N ILE B 652 -2.78 6.07 29.72
CA ILE B 652 -1.60 6.91 29.74
C ILE B 652 -1.80 8.03 28.75
N TYR B 653 -1.19 9.17 28.99
CA TYR B 653 -1.40 10.34 28.16
C TYR B 653 -0.18 10.69 27.32
N VAL B 654 0.98 10.20 27.70
CA VAL B 654 2.20 10.42 26.93
C VAL B 654 2.25 9.41 25.80
N ASN B 655 1.27 8.54 25.75
CA ASN B 655 1.21 7.49 24.74
C ASN B 655 -0.02 7.68 23.87
N PRO B 656 0.01 8.60 22.91
CA PRO B 656 -1.20 8.85 22.10
C PRO B 656 -1.67 7.65 21.32
N PHE B 657 -0.79 6.68 21.06
CA PHE B 657 -1.25 5.44 20.46
C PHE B 657 -2.07 4.62 21.44
N MET B 658 -1.77 4.73 22.73
CA MET B 658 -2.62 4.15 23.76
C MET B 658 -3.94 4.89 23.86
N LEU B 659 -3.96 6.16 23.50
CA LEU B 659 -5.16 6.96 23.63
C LEU B 659 -6.00 6.89 22.36
N GLN B 660 -5.45 6.39 21.26
CA GLN B 660 -6.24 6.29 20.05
C GLN B 660 -7.09 5.03 20.00
N TRP B 661 -6.86 4.08 20.92
CA TRP B 661 -7.80 2.99 21.10
C TRP B 661 -8.88 3.31 22.10
N GLY B 662 -8.50 3.64 23.33
CA GLY B 662 -9.43 3.69 24.43
C GLY B 662 -10.57 4.65 24.21
N ILE B 663 -10.25 5.91 23.92
CA ILE B 663 -11.28 6.93 23.76
C ILE B 663 -12.27 6.47 22.68
N PRO B 664 -11.84 6.21 21.44
CA PRO B 664 -12.80 5.71 20.45
C PRO B 664 -13.33 4.35 20.78
N LEU B 665 -12.75 3.65 21.76
CA LEU B 665 -13.37 2.45 22.26
C LEU B 665 -14.28 2.72 23.44
N ILE B 666 -13.82 3.47 24.42
CA ILE B 666 -14.63 3.80 25.59
C ILE B 666 -15.95 4.43 25.21
N LYS B 667 -15.97 5.30 24.21
CA LYS B 667 -17.23 5.88 23.78
C LYS B 667 -18.26 4.81 23.43
N GLU B 668 -17.79 3.69 22.88
CA GLU B 668 -18.72 2.68 22.39
C GLU B 668 -19.08 1.66 23.47
N LEU B 669 -18.09 1.06 24.12
CA LEU B 669 -18.44 0.13 25.19
C LEU B 669 -19.29 0.77 26.25
N ARG B 670 -19.15 2.08 26.43
CA ARG B 670 -20.06 2.81 27.29
C ARG B 670 -21.42 2.95 26.62
N SER B 671 -21.45 3.33 25.35
CA SER B 671 -22.72 3.37 24.65
C SER B 671 -23.33 1.99 24.56
N LYS B 672 -22.49 0.96 24.58
CA LYS B 672 -22.96 -0.41 24.76
C LYS B 672 -23.30 -0.71 26.20
N GLY B 673 -22.90 0.15 27.13
CA GLY B 673 -23.27 0.00 28.52
C GLY B 673 -22.49 -1.04 29.29
N TYR B 674 -21.18 -0.86 29.40
CA TYR B 674 -20.38 -1.75 30.22
C TYR B 674 -20.22 -1.20 31.63
N PRO B 675 -19.80 -2.03 32.58
CA PRO B 675 -19.66 -1.57 33.97
C PRO B 675 -18.46 -0.69 34.20
N ILE B 676 -17.84 -0.22 33.12
CA ILE B 676 -16.72 0.71 33.23
C ILE B 676 -17.26 2.06 33.67
N GLN B 677 -17.17 2.36 34.97
CA GLN B 677 -17.79 3.57 35.48
C GLN B 677 -16.80 4.58 36.00
N PHE B 678 -15.59 4.62 35.44
CA PHE B 678 -14.75 5.80 35.57
C PHE B 678 -13.51 5.63 34.71
N LEU B 679 -12.87 6.75 34.43
CA LEU B 679 -11.65 6.82 33.65
C LEU B 679 -10.55 7.38 34.53
N THR B 680 -9.30 7.19 34.11
CA THR B 680 -8.18 7.76 34.81
C THR B 680 -7.04 7.99 33.83
N ILE B 681 -6.73 9.24 33.58
CA ILE B 681 -5.67 9.60 32.64
C ILE B 681 -4.41 9.84 33.45
N GLY B 682 -3.57 8.81 33.55
CA GLY B 682 -2.33 8.89 34.28
C GLY B 682 -1.21 9.45 33.42
N ALA B 683 -0.07 9.68 34.08
CA ALA B 683 1.13 10.17 33.42
C ALA B 683 0.88 11.43 32.59
N GLY B 684 0.07 12.34 33.10
CA GLY B 684 -0.16 13.60 32.42
C GLY B 684 -1.56 14.08 32.69
N VAL B 685 -1.82 15.32 32.31
CA VAL B 685 -3.12 15.95 32.48
C VAL B 685 -3.53 16.55 31.15
N PRO B 686 -4.73 16.30 30.68
CA PRO B 686 -5.15 16.83 29.38
C PRO B 686 -5.35 18.33 29.41
N SER B 687 -5.65 18.92 28.26
CA SER B 687 -5.91 20.35 28.19
C SER B 687 -7.36 20.61 28.53
N LEU B 688 -7.70 21.89 28.74
CA LEU B 688 -9.11 22.23 28.95
C LEU B 688 -9.98 21.67 27.83
N GLU B 689 -9.45 21.62 26.62
CA GLU B 689 -10.23 21.25 25.44
C GLU B 689 -10.42 19.76 25.30
N VAL B 690 -9.36 18.97 25.43
CA VAL B 690 -9.51 17.53 25.27
C VAL B 690 -10.09 16.90 26.52
N ALA B 691 -9.82 17.47 27.69
CA ALA B 691 -10.40 16.96 28.92
C ALA B 691 -11.85 17.36 29.08
N SER B 692 -12.42 18.02 28.09
CA SER B 692 -13.79 18.49 28.18
C SER B 692 -14.81 17.42 27.82
N GLU B 693 -14.56 16.64 26.78
CA GLU B 693 -15.59 15.72 26.33
C GLU B 693 -15.59 14.41 27.09
N TYR B 694 -14.54 14.12 27.84
CA TYR B 694 -14.47 12.84 28.55
C TYR B 694 -15.61 12.64 29.53
N ILE B 695 -16.32 13.69 29.92
CA ILE B 695 -17.32 13.50 30.97
C ILE B 695 -18.72 13.42 30.41
N GLU B 696 -18.95 13.96 29.22
CA GLU B 696 -20.29 13.92 28.64
C GLU B 696 -20.40 12.98 27.44
N THR B 697 -19.41 12.96 26.55
CA THR B 697 -19.42 11.94 25.51
C THR B 697 -19.22 10.56 26.10
N LEU B 698 -18.42 10.46 27.15
CA LEU B 698 -18.18 9.20 27.83
C LEU B 698 -19.12 9.10 29.01
N GLY B 699 -20.05 8.16 28.95
CA GLY B 699 -21.00 8.02 30.02
C GLY B 699 -20.33 7.51 31.28
N LEU B 700 -19.34 8.25 31.77
CA LEU B 700 -18.64 7.88 32.97
C LEU B 700 -19.34 8.49 34.18
N LYS B 701 -19.17 7.86 35.34
CA LYS B 701 -19.68 8.44 36.58
C LYS B 701 -18.79 9.57 37.05
N TYR B 702 -17.49 9.34 37.16
CA TYR B 702 -16.54 10.37 37.53
C TYR B 702 -15.27 10.19 36.72
N LEU B 703 -14.44 11.22 36.76
CA LEU B 703 -13.16 11.23 36.08
C LEU B 703 -12.03 11.34 37.10
N GLY B 704 -10.94 10.64 36.85
CA GLY B 704 -9.85 10.66 37.81
C GLY B 704 -8.56 11.14 37.18
N LEU B 705 -8.03 12.27 37.63
CA LEU B 705 -6.86 12.86 37.00
C LEU B 705 -5.70 12.75 37.96
N LYS B 706 -4.52 12.43 37.42
CA LYS B 706 -3.33 12.21 38.22
C LYS B 706 -2.44 13.43 38.17
N PRO B 707 -2.42 14.27 39.21
CA PRO B 707 -1.48 15.38 39.22
C PRO B 707 -0.14 14.90 39.74
N GLY B 708 0.92 15.39 39.12
CA GLY B 708 2.25 15.09 39.60
C GLY B 708 3.01 16.38 39.85
N SER B 709 2.47 17.46 39.32
CA SER B 709 3.12 18.76 39.37
C SER B 709 2.30 19.71 40.24
N ILE B 710 2.76 20.96 40.31
CA ILE B 710 1.98 21.98 40.98
C ILE B 710 1.15 22.77 39.98
N ASP B 711 1.52 22.70 38.71
CA ASP B 711 0.68 23.27 37.67
C ASP B 711 -0.33 22.27 37.13
N ALA B 712 -0.02 20.98 37.18
CA ALA B 712 -1.02 19.99 36.83
C ALA B 712 -2.24 20.05 37.74
N ILE B 713 -2.10 20.64 38.91
CA ILE B 713 -3.20 20.77 39.85
C ILE B 713 -4.01 22.01 39.49
N SER B 714 -3.31 23.09 39.19
CA SER B 714 -3.98 24.25 38.64
C SER B 714 -4.78 23.88 37.39
N GLN B 715 -4.25 22.98 36.58
CA GLN B 715 -4.93 22.62 35.35
C GLN B 715 -6.23 21.87 35.63
N VAL B 716 -6.20 20.87 36.51
CA VAL B 716 -7.44 20.17 36.83
C VAL B 716 -8.42 21.09 37.53
N ILE B 717 -7.92 22.11 38.25
CA ILE B 717 -8.86 23.08 38.79
C ILE B 717 -9.50 23.87 37.66
N ASN B 718 -8.74 24.24 36.65
CA ASN B 718 -9.35 24.82 35.46
C ASN B 718 -10.40 23.90 34.86
N ILE B 719 -10.16 22.60 34.91
CA ILE B 719 -11.11 21.61 34.44
C ILE B 719 -12.40 21.65 35.23
N ALA B 720 -12.32 21.50 36.55
CA ALA B 720 -13.51 21.56 37.40
C ALA B 720 -14.26 22.86 37.23
N LYS B 721 -13.55 23.99 37.18
CA LYS B 721 -14.20 25.26 36.93
C LYS B 721 -14.92 25.26 35.59
N ALA B 722 -14.48 24.42 34.65
CA ALA B 722 -15.17 24.34 33.37
C ALA B 722 -16.39 23.45 33.47
N HIS B 723 -16.39 22.52 34.42
CA HIS B 723 -17.49 21.57 34.55
C HIS B 723 -17.91 21.46 36.00
N PRO B 724 -18.99 22.12 36.42
CA PRO B 724 -19.28 22.22 37.85
C PRO B 724 -19.77 20.94 38.48
N ASN B 725 -20.71 20.25 37.84
CA ASN B 725 -21.45 19.15 38.47
C ASN B 725 -20.98 17.79 37.99
N PHE B 726 -19.68 17.66 37.74
CA PHE B 726 -19.13 16.48 37.10
C PHE B 726 -17.95 16.02 37.96
N PRO B 727 -18.14 14.98 38.78
CA PRO B 727 -17.12 14.65 39.77
C PRO B 727 -15.80 14.25 39.12
N ILE B 728 -14.74 14.95 39.49
CA ILE B 728 -13.41 14.63 38.99
C ILE B 728 -12.48 14.45 40.17
N ALA B 729 -11.89 13.26 40.26
CA ALA B 729 -11.12 12.86 41.43
C ALA B 729 -9.65 13.17 41.20
N LEU B 730 -9.04 13.87 42.14
CA LEU B 730 -7.61 14.13 42.09
C LEU B 730 -6.89 13.04 42.86
N GLN B 731 -6.21 12.16 42.14
CA GLN B 731 -5.37 11.15 42.74
C GLN B 731 -4.00 11.78 42.86
N TRP B 732 -3.84 12.69 43.81
CA TRP B 732 -2.54 13.29 44.07
C TRP B 732 -1.66 12.23 44.69
N THR B 733 -0.73 11.73 43.91
CA THR B 733 0.32 10.90 44.47
C THR B 733 1.56 11.79 44.62
N GLY B 734 2.61 11.26 45.23
CA GLY B 734 3.84 12.02 45.37
C GLY B 734 4.99 11.27 44.75
N GLY B 735 6.14 11.94 44.70
CA GLY B 735 7.30 11.30 44.12
C GLY B 735 7.67 9.99 44.76
N ARG B 736 7.32 9.80 46.02
CA ARG B 736 7.83 8.68 46.79
C ARG B 736 7.13 7.38 46.47
N GLY B 737 6.45 7.30 45.33
CA GLY B 737 5.71 6.11 44.96
C GLY B 737 6.53 5.22 44.05
N GLY B 738 5.90 4.12 43.64
CA GLY B 738 6.50 3.19 42.73
C GLY B 738 6.29 3.62 41.29
N GLY B 739 6.77 2.76 40.39
CA GLY B 739 6.55 2.95 38.98
C GLY B 739 7.07 4.26 38.45
N HIS B 740 6.34 4.86 37.53
CA HIS B 740 6.69 6.19 37.07
C HIS B 740 6.75 7.15 38.25
N HIS B 741 7.50 8.22 38.07
CA HIS B 741 8.13 8.90 39.16
C HIS B 741 8.11 10.41 38.95
N SER B 742 7.70 11.13 39.97
CA SER B 742 7.71 12.59 39.95
C SER B 742 8.75 13.08 40.93
N PHE B 743 9.20 14.32 40.75
CA PHE B 743 10.23 14.87 41.61
C PHE B 743 9.67 15.49 42.88
N GLU B 744 8.41 15.88 42.89
CA GLU B 744 7.85 16.69 43.96
C GLU B 744 7.77 15.89 45.26
N ASP B 745 7.78 16.61 46.38
CA ASP B 745 7.48 16.00 47.66
C ASP B 745 5.99 15.74 47.75
N ALA B 746 5.62 14.83 48.64
CA ALA B 746 4.21 14.49 48.76
C ALA B 746 3.39 15.65 49.30
N HIS B 747 3.82 16.21 50.42
CA HIS B 747 2.98 17.13 51.18
C HIS B 747 2.98 18.55 50.66
N THR B 748 4.15 19.15 50.47
CA THR B 748 4.20 20.60 50.23
C THR B 748 3.30 21.06 49.10
N PRO B 749 3.11 20.33 48.00
CA PRO B 749 2.14 20.82 47.01
C PRO B 749 0.72 20.80 47.55
N MET B 750 0.31 19.70 48.17
CA MET B 750 -0.99 19.69 48.82
C MET B 750 -1.00 20.46 50.11
N LEU B 751 0.16 20.76 50.68
CA LEU B 751 0.17 21.60 51.86
C LEU B 751 -0.20 23.03 51.54
N GLN B 752 -0.24 23.40 50.26
CA GLN B 752 -0.62 24.75 49.89
C GLN B 752 -1.57 24.82 48.70
N MET B 753 -2.05 23.69 48.20
CA MET B 753 -3.10 23.75 47.19
C MET B 753 -4.46 23.33 47.74
N TYR B 754 -4.48 22.61 48.86
CA TYR B 754 -5.71 22.10 49.47
C TYR B 754 -6.81 23.14 49.51
N SER B 755 -6.50 24.37 49.88
CA SER B 755 -7.52 25.39 49.96
C SER B 755 -8.02 25.77 48.58
N LYS B 756 -7.13 25.80 47.61
CA LYS B 756 -7.57 26.11 46.27
C LYS B 756 -8.46 25.03 45.70
N ILE B 757 -8.39 23.82 46.25
CA ILE B 757 -9.20 22.73 45.74
C ILE B 757 -10.59 22.76 46.35
N ARG B 758 -10.67 22.60 47.66
CA ARG B 758 -11.95 22.49 48.35
C ARG B 758 -12.90 23.62 48.00
N ARG B 759 -12.42 24.67 47.35
CA ARG B 759 -13.28 25.66 46.75
C ARG B 759 -13.98 25.14 45.51
N HIS B 760 -13.94 23.83 45.29
CA HIS B 760 -14.74 23.19 44.25
C HIS B 760 -15.26 21.87 44.79
N PRO B 761 -16.56 21.73 44.99
CA PRO B 761 -17.06 20.56 45.70
C PRO B 761 -16.98 19.31 44.86
N ASN B 762 -16.71 19.49 43.56
CA ASN B 762 -16.69 18.41 42.60
C ASN B 762 -15.29 17.88 42.39
N ILE B 763 -14.47 17.87 43.42
CA ILE B 763 -13.12 17.32 43.36
C ILE B 763 -13.00 16.32 44.48
N MET B 764 -12.83 15.05 44.13
CA MET B 764 -12.51 14.05 45.14
C MET B 764 -11.00 14.08 45.31
N LEU B 765 -10.56 14.37 46.52
CA LEU B 765 -9.13 14.47 46.79
C LEU B 765 -8.64 13.13 47.30
N ILE B 766 -7.77 12.48 46.54
CA ILE B 766 -7.24 11.18 46.92
C ILE B 766 -5.72 11.25 46.98
N PHE B 767 -5.17 10.58 47.98
CA PHE B 767 -3.77 10.72 48.32
C PHE B 767 -3.11 9.35 48.44
N GLY B 768 -1.99 9.18 47.75
CA GLY B 768 -1.34 7.88 47.75
C GLY B 768 0.14 7.92 48.05
N SER B 769 0.93 7.12 47.35
CA SER B 769 2.39 7.17 47.41
C SER B 769 2.92 6.87 48.81
N GLY B 770 2.76 5.62 49.22
CA GLY B 770 3.49 5.16 50.38
C GLY B 770 2.65 4.63 51.51
N PHE B 771 1.48 4.10 51.20
CA PHE B 771 0.51 3.72 52.21
C PHE B 771 0.42 2.21 52.32
N GLY B 772 0.56 1.72 53.55
CA GLY B 772 0.62 0.29 53.76
C GLY B 772 -0.33 -0.26 54.81
N SER B 773 -0.85 0.59 55.69
CA SER B 773 -1.74 0.10 56.73
C SER B 773 -2.67 1.24 57.14
N ALA B 774 -3.63 0.93 57.99
CA ALA B 774 -4.55 1.95 58.48
C ALA B 774 -3.81 2.99 59.29
N ASP B 775 -2.96 2.55 60.21
CA ASP B 775 -2.20 3.47 61.03
C ASP B 775 -1.33 4.38 60.17
N ASP B 776 -0.86 3.88 59.03
CA ASP B 776 0.02 4.67 58.19
C ASP B 776 -0.71 5.89 57.63
N THR B 777 -1.97 5.74 57.26
CA THR B 777 -2.68 6.80 56.58
C THR B 777 -3.78 7.42 57.41
N TYR B 778 -4.04 6.90 58.60
CA TYR B 778 -5.08 7.49 59.44
C TYR B 778 -4.89 8.98 59.69
N PRO B 779 -3.69 9.49 59.98
CA PRO B 779 -3.54 10.94 60.14
C PRO B 779 -3.92 11.73 58.91
N TYR B 780 -3.77 11.18 57.71
CA TYR B 780 -4.21 11.87 56.51
C TYR B 780 -5.72 11.81 56.36
N LEU B 781 -6.36 10.82 56.97
CA LEU B 781 -7.80 10.69 56.88
C LEU B 781 -8.51 11.70 57.77
N THR B 782 -8.03 11.88 58.99
CA THR B 782 -8.64 12.83 59.90
C THR B 782 -8.24 14.26 59.60
N GLY B 783 -7.03 14.48 59.13
CA GLY B 783 -6.52 15.81 58.91
C GLY B 783 -5.34 16.19 59.79
N GLU B 784 -4.98 15.37 60.75
CA GLU B 784 -3.92 15.60 61.71
C GLU B 784 -2.58 15.74 61.08
N TRP B 785 -2.38 15.42 59.81
CA TRP B 785 -1.04 15.50 59.24
C TRP B 785 -0.58 16.93 59.13
N SER B 786 -1.47 17.84 58.76
CA SER B 786 -1.12 19.24 58.63
C SER B 786 -0.85 19.91 59.97
N THR B 787 -1.24 19.27 61.08
CA THR B 787 -0.94 19.82 62.38
C THR B 787 0.56 19.89 62.63
N LYS B 788 1.29 18.82 62.39
CA LYS B 788 2.73 18.85 62.59
C LYS B 788 3.43 19.70 61.54
N PHE B 789 2.72 20.14 60.53
CA PHE B 789 3.26 21.12 59.59
C PHE B 789 2.75 22.52 59.86
N ASP B 790 2.20 22.76 61.05
CA ASP B 790 1.68 24.07 61.43
C ASP B 790 0.65 24.56 60.43
N TYR B 791 -0.47 23.84 60.38
CA TYR B 791 -1.50 24.09 59.39
C TYR B 791 -2.81 23.58 59.95
N PRO B 792 -3.94 24.12 59.49
CA PRO B 792 -5.23 23.58 59.88
C PRO B 792 -5.29 22.11 59.54
N PRO B 793 -5.98 21.30 60.32
CA PRO B 793 -6.13 19.88 59.96
C PRO B 793 -6.82 19.77 58.62
N MET B 794 -6.17 19.09 57.69
CA MET B 794 -6.70 18.94 56.33
C MET B 794 -6.89 17.45 56.05
N PRO B 795 -8.12 16.96 56.14
CA PRO B 795 -8.37 15.55 55.88
C PRO B 795 -8.60 15.31 54.39
N PHE B 796 -8.24 14.10 53.97
CA PHE B 796 -8.34 13.74 52.57
C PHE B 796 -9.60 12.91 52.34
N ASP B 797 -9.91 12.60 51.08
CA ASP B 797 -11.15 11.93 50.72
C ASP B 797 -10.91 10.47 50.31
N GLY B 798 -9.71 9.94 50.51
CA GLY B 798 -9.42 8.58 50.17
C GLY B 798 -7.99 8.38 49.77
N PHE B 799 -7.59 7.11 49.70
CA PHE B 799 -6.20 6.75 49.48
C PHE B 799 -6.13 5.58 48.51
N LEU B 800 -5.16 5.66 47.61
CA LEU B 800 -4.87 4.59 46.68
C LEU B 800 -3.59 3.90 47.12
N PHE B 801 -3.51 2.61 46.85
CA PHE B 801 -2.44 1.78 47.37
C PHE B 801 -1.81 1.00 46.23
N GLY B 802 -0.75 1.55 45.65
CA GLY B 802 -0.08 0.83 44.58
C GLY B 802 0.82 -0.26 45.09
N SER B 803 1.91 0.10 45.73
CA SER B 803 2.93 -0.88 46.05
C SER B 803 2.51 -1.85 47.13
N ARG B 804 1.52 -1.50 47.96
CA ARG B 804 1.05 -2.44 48.96
C ARG B 804 0.40 -3.66 48.35
N VAL B 805 -0.09 -3.53 47.11
CA VAL B 805 -0.89 -4.58 46.51
C VAL B 805 -0.04 -5.67 45.89
N MET B 806 1.05 -5.29 45.24
CA MET B 806 1.79 -6.21 44.37
C MET B 806 2.20 -7.49 45.07
N ILE B 807 2.09 -7.56 46.38
CA ILE B 807 2.46 -8.78 47.10
C ILE B 807 1.26 -9.68 47.36
N ALA B 808 0.06 -9.24 47.02
CA ALA B 808 -1.12 -10.04 47.29
C ALA B 808 -1.09 -11.32 46.47
N LYS B 809 -1.88 -12.31 46.88
CA LYS B 809 -1.87 -13.58 46.19
C LYS B 809 -2.66 -13.53 44.88
N GLU B 810 -3.56 -12.58 44.73
CA GLU B 810 -4.36 -12.52 43.52
C GLU B 810 -3.63 -11.83 42.38
N VAL B 811 -2.50 -11.19 42.64
CA VAL B 811 -1.72 -10.60 41.56
C VAL B 811 -0.97 -11.71 40.84
N LYS B 812 -0.46 -11.40 39.65
CA LYS B 812 0.14 -12.40 38.80
C LYS B 812 1.66 -12.40 38.82
N THR B 813 2.27 -11.59 39.67
CA THR B 813 3.72 -11.60 39.77
C THR B 813 4.21 -12.96 40.24
N SER B 814 5.37 -13.36 39.73
CA SER B 814 5.87 -14.69 40.02
C SER B 814 6.31 -14.78 41.47
N PRO B 815 6.22 -15.97 42.07
CA PRO B 815 6.50 -16.10 43.51
C PRO B 815 7.87 -15.59 43.90
N ASP B 816 8.89 -15.84 43.10
CA ASP B 816 10.22 -15.34 43.45
C ASP B 816 10.25 -13.83 43.42
N ALA B 817 9.52 -13.21 42.49
CA ALA B 817 9.46 -11.76 42.47
C ALA B 817 8.81 -11.20 43.73
N LYS B 818 7.73 -11.82 44.20
CA LYS B 818 7.15 -11.42 45.47
C LYS B 818 8.11 -11.64 46.62
N LYS B 819 8.87 -12.72 46.60
CA LYS B 819 9.77 -12.99 47.71
C LYS B 819 10.79 -11.88 47.87
N CYS B 820 11.33 -11.38 46.77
CA CYS B 820 12.29 -10.30 46.89
C CYS B 820 11.61 -8.97 47.21
N ILE B 821 10.46 -8.70 46.60
CA ILE B 821 9.74 -7.47 46.91
C ILE B 821 9.35 -7.42 48.38
N ALA B 822 9.25 -8.57 49.04
CA ALA B 822 9.10 -8.59 50.48
C ALA B 822 10.43 -8.46 51.19
N ALA B 823 11.48 -9.05 50.63
CA ALA B 823 12.78 -9.01 51.27
C ALA B 823 13.34 -7.60 51.37
N CYS B 824 12.98 -6.71 50.46
CA CYS B 824 13.53 -5.36 50.50
C CYS B 824 12.81 -4.54 51.55
N THR B 825 13.58 -3.95 52.46
CA THR B 825 13.02 -3.09 53.49
C THR B 825 12.96 -1.66 52.97
N GLY B 826 11.82 -1.02 53.19
CA GLY B 826 11.60 0.32 52.67
C GLY B 826 12.45 1.36 53.36
N VAL B 827 12.14 2.62 53.07
CA VAL B 827 12.84 3.76 53.68
C VAL B 827 11.80 4.81 54.02
N PRO B 828 11.87 5.45 55.18
CA PRO B 828 10.90 6.50 55.50
C PRO B 828 11.08 7.72 54.62
N ASP B 829 10.05 8.56 54.55
CA ASP B 829 10.04 9.70 53.65
C ASP B 829 11.18 10.68 53.91
N ASP B 830 11.68 10.75 55.14
CA ASP B 830 12.76 11.68 55.43
C ASP B 830 14.00 11.37 54.60
N LYS B 831 14.22 10.09 54.32
CA LYS B 831 15.38 9.63 53.59
C LYS B 831 14.94 9.11 52.23
N TRP B 832 14.04 9.85 51.59
CA TRP B 832 13.41 9.35 50.37
C TRP B 832 14.26 9.61 49.14
N GLU B 833 14.78 10.81 48.98
CA GLU B 833 15.40 11.20 47.72
C GLU B 833 16.73 10.52 47.45
N GLN B 834 17.17 9.59 48.30
CA GLN B 834 18.49 9.01 48.19
C GLN B 834 18.51 7.87 47.20
N THR B 835 17.45 7.74 46.41
CA THR B 835 17.40 6.69 45.41
C THR B 835 18.18 7.06 44.17
N TYR B 836 18.10 8.33 43.75
CA TYR B 836 18.87 8.82 42.62
C TYR B 836 20.34 8.46 42.72
N LYS B 837 20.86 8.34 43.93
CA LYS B 837 22.25 7.98 44.15
C LYS B 837 22.45 6.49 44.36
N LYS B 838 21.77 5.93 45.36
CA LYS B 838 22.06 4.56 45.76
C LYS B 838 20.79 3.73 45.82
N PRO B 839 20.93 2.41 45.95
CA PRO B 839 19.80 1.62 46.41
C PRO B 839 19.47 1.96 47.85
N THR B 840 18.20 2.27 48.09
CA THR B 840 17.72 2.66 49.42
C THR B 840 16.86 1.53 49.95
N GLY B 841 17.46 0.62 50.71
CA GLY B 841 16.74 -0.54 51.16
C GLY B 841 16.28 -1.44 50.03
N GLY B 842 16.87 -1.28 48.85
CA GLY B 842 16.54 -2.14 47.73
C GLY B 842 15.60 -1.52 46.73
N ILE B 843 15.83 -0.27 46.37
CA ILE B 843 15.05 0.38 45.32
C ILE B 843 15.80 1.60 44.83
N VAL B 844 15.81 1.78 43.50
CA VAL B 844 16.52 2.86 42.85
C VAL B 844 15.55 3.51 41.87
N THR B 845 15.94 4.66 41.35
CA THR B 845 15.27 5.24 40.20
C THR B 845 16.22 5.23 39.01
N VAL B 846 15.65 4.96 37.84
CA VAL B 846 16.40 4.94 36.59
C VAL B 846 15.63 5.76 35.57
N ARG B 847 16.34 6.25 34.58
CA ARG B 847 15.71 7.03 33.54
C ARG B 847 15.00 6.08 32.59
N SER B 848 13.86 6.52 32.08
CA SER B 848 13.15 5.75 31.06
C SER B 848 13.94 5.81 29.77
N GLU B 849 13.45 5.10 28.75
CA GLU B 849 13.90 5.39 27.40
C GLU B 849 13.52 6.81 27.00
N MET B 850 12.47 7.35 27.63
CA MET B 850 12.20 8.78 27.51
C MET B 850 13.01 9.57 28.52
N GLY B 851 13.68 8.88 29.44
CA GLY B 851 14.57 9.54 30.38
C GLY B 851 13.86 9.85 31.68
N GLU B 852 12.56 9.72 31.68
CA GLU B 852 11.82 10.08 32.88
C GLU B 852 12.00 8.99 33.94
N PRO B 853 12.01 9.35 35.20
CA PRO B 853 12.42 8.41 36.24
C PRO B 853 11.38 7.34 36.48
N ILE B 854 11.87 6.20 36.98
CA ILE B 854 11.05 5.04 37.28
C ILE B 854 11.61 4.41 38.54
N HIS B 855 10.75 4.11 39.50
CA HIS B 855 11.21 3.40 40.69
C HIS B 855 11.21 1.90 40.43
N LYS B 856 12.35 1.26 40.67
CA LYS B 856 12.49 -0.17 40.45
C LYS B 856 13.25 -0.79 41.60
N ILE B 857 12.92 -2.05 41.91
CA ILE B 857 13.65 -2.78 42.93
C ILE B 857 15.08 -2.98 42.49
N ALA B 858 16.02 -2.69 43.39
CA ALA B 858 17.44 -2.73 43.06
C ALA B 858 17.91 -4.18 42.96
N THR B 859 17.63 -4.78 41.80
CA THR B 859 18.17 -6.09 41.46
C THR B 859 19.43 -5.91 40.63
N ARG B 860 20.17 -7.02 40.44
CA ARG B 860 21.37 -6.96 39.62
C ARG B 860 21.06 -6.38 38.25
N GLY B 861 19.93 -6.78 37.66
CA GLY B 861 19.58 -6.28 36.35
C GLY B 861 19.38 -4.78 36.34
N VAL B 862 18.55 -4.27 37.23
CA VAL B 862 18.30 -2.84 37.22
C VAL B 862 19.50 -2.05 37.72
N MET B 863 20.37 -2.66 38.52
CA MET B 863 21.61 -1.99 38.86
C MET B 863 22.48 -1.82 37.63
N LEU B 864 22.58 -2.87 36.81
CA LEU B 864 23.25 -2.74 35.52
C LEU B 864 22.58 -1.68 34.68
N TRP B 865 21.26 -1.64 34.68
CA TRP B 865 20.53 -0.60 33.98
C TRP B 865 21.00 0.77 34.44
N LYS B 866 21.07 0.98 35.75
CA LYS B 866 21.48 2.27 36.29
C LYS B 866 22.87 2.62 35.81
N GLU B 867 23.81 1.68 35.95
CA GLU B 867 25.19 1.93 35.52
C GLU B 867 25.26 2.30 34.05
N PHE B 868 24.52 1.58 33.21
CA PHE B 868 24.50 1.89 31.80
C PHE B 868 23.91 3.27 31.53
N ASP B 869 22.91 3.66 32.32
CA ASP B 869 22.33 4.98 32.15
C ASP B 869 23.36 6.07 32.32
N GLU B 870 24.14 6.01 33.39
CA GLU B 870 25.12 7.04 33.68
C GLU B 870 26.46 6.82 33.00
N THR B 871 26.60 5.74 32.24
CA THR B 871 27.83 5.54 31.48
C THR B 871 27.59 5.58 29.98
N ILE B 872 26.53 4.96 29.49
CA ILE B 872 26.39 4.74 28.06
C ILE B 872 25.40 5.70 27.44
N PHE B 873 24.19 5.74 27.98
CA PHE B 873 23.14 6.48 27.30
C PHE B 873 23.17 7.97 27.57
N ASN B 874 23.54 8.39 28.78
CA ASN B 874 23.78 9.80 29.03
C ASN B 874 24.78 10.36 28.03
N LEU B 875 25.77 9.56 27.67
CA LEU B 875 26.77 9.94 26.69
C LEU B 875 26.09 10.32 25.37
N PRO B 876 26.64 11.30 24.64
CA PRO B 876 25.95 11.83 23.46
C PRO B 876 25.95 10.90 22.26
N LYS B 877 25.42 11.39 21.16
CA LYS B 877 25.10 10.53 20.02
C LYS B 877 26.34 9.88 19.40
N ASN B 878 27.31 10.67 18.97
CA ASN B 878 28.41 10.14 18.18
C ASN B 878 29.30 9.19 18.95
N LYS B 879 29.59 9.51 20.21
CA LYS B 879 30.45 8.69 21.04
C LYS B 879 29.80 7.36 21.42
N LEU B 880 28.55 7.15 21.04
CA LEU B 880 27.86 5.93 21.45
C LEU B 880 28.50 4.71 20.81
N VAL B 881 28.50 4.64 19.49
CA VAL B 881 29.07 3.48 18.81
C VAL B 881 30.52 3.23 19.26
N PRO B 882 31.39 4.23 19.39
CA PRO B 882 32.75 3.91 19.84
C PRO B 882 32.81 3.38 21.27
N THR B 883 32.12 4.00 22.22
CA THR B 883 32.19 3.48 23.58
C THR B 883 31.61 2.09 23.66
N LEU B 884 30.68 1.78 22.77
CA LEU B 884 30.22 0.42 22.63
C LEU B 884 31.28 -0.46 22.00
N GLU B 885 32.17 0.12 21.20
CA GLU B 885 33.26 -0.67 20.64
C GLU B 885 34.22 -1.11 21.73
N ALA B 886 34.62 -0.18 22.60
CA ALA B 886 35.63 -0.51 23.59
C ALA B 886 35.09 -1.42 24.69
N LYS B 887 33.82 -1.29 25.06
CA LYS B 887 33.25 -2.06 26.15
C LYS B 887 32.49 -3.28 25.64
N ARG B 888 32.61 -3.58 24.35
CA ARG B 888 31.85 -4.66 23.76
C ARG B 888 32.01 -5.95 24.56
N ASP B 889 33.23 -6.46 24.66
CA ASP B 889 33.44 -7.68 25.42
C ASP B 889 32.93 -7.59 26.84
N TYR B 890 32.81 -6.39 27.38
CA TYR B 890 32.38 -6.22 28.75
C TYR B 890 30.88 -6.17 28.90
N ILE B 891 30.20 -5.32 28.13
CA ILE B 891 28.77 -5.15 28.35
C ILE B 891 28.02 -6.42 27.99
N ILE B 892 28.53 -7.21 27.06
CA ILE B 892 27.82 -8.44 26.77
C ILE B 892 28.02 -9.47 27.87
N SER B 893 29.18 -9.46 28.53
CA SER B 893 29.34 -10.33 29.68
C SER B 893 28.30 -10.01 30.74
N ARG B 894 28.08 -8.72 30.99
CA ARG B 894 27.08 -8.32 31.95
C ARG B 894 25.67 -8.62 31.49
N LEU B 895 25.37 -8.42 30.21
CA LEU B 895 24.04 -8.76 29.71
C LEU B 895 23.76 -10.24 29.86
N ASN B 896 24.80 -11.07 29.72
CA ASN B 896 24.60 -12.49 29.91
C ASN B 896 24.51 -12.85 31.38
N ALA B 897 25.17 -12.09 32.24
CA ALA B 897 25.22 -12.42 33.66
C ALA B 897 24.03 -11.92 34.45
N ASP B 898 23.69 -10.65 34.33
CA ASP B 898 22.74 -9.97 35.20
C ASP B 898 21.75 -9.10 34.47
N PHE B 899 21.04 -9.61 33.47
CA PHE B 899 20.01 -8.80 32.83
C PHE B 899 18.92 -9.68 32.23
N GLN B 900 17.75 -9.07 32.03
CA GLN B 900 16.62 -9.79 31.45
C GLN B 900 16.95 -10.30 30.05
N LYS B 901 17.19 -9.38 29.13
CA LYS B 901 17.32 -9.70 27.71
C LYS B 901 18.78 -9.94 27.39
N PRO B 902 19.23 -11.18 27.38
CA PRO B 902 20.67 -11.43 27.30
C PRO B 902 21.26 -11.08 25.95
N TRP B 903 22.58 -11.12 25.85
CA TRP B 903 23.21 -11.01 24.55
C TRP B 903 22.88 -12.23 23.71
N PHE B 904 22.15 -11.98 22.63
CA PHE B 904 21.60 -13.09 21.85
C PHE B 904 22.69 -14.01 21.36
N ALA B 905 23.68 -13.46 20.68
CA ALA B 905 24.74 -14.27 20.09
C ALA B 905 25.68 -14.80 21.17
N THR B 906 25.23 -15.84 21.85
CA THR B 906 26.06 -16.55 22.83
C THR B 906 25.83 -18.05 22.66
N VAL B 907 26.88 -18.77 22.29
CA VAL B 907 26.84 -20.22 22.14
C VAL B 907 27.49 -20.84 23.36
N ASN B 908 26.75 -21.71 24.04
CA ASN B 908 27.30 -22.58 25.07
C ASN B 908 28.15 -21.81 26.08
N GLY B 909 27.68 -20.63 26.43
CA GLY B 909 28.38 -19.85 27.43
C GLY B 909 29.31 -18.83 26.85
N GLN B 910 30.08 -19.21 25.84
CA GLN B 910 31.02 -18.26 25.24
C GLN B 910 30.29 -17.41 24.22
N ALA B 911 30.65 -16.14 24.17
CA ALA B 911 29.92 -15.14 23.42
C ALA B 911 30.49 -14.99 22.03
N ARG B 912 29.79 -14.24 21.20
CA ARG B 912 30.20 -13.95 19.84
C ARG B 912 29.25 -12.92 19.28
N ASP B 913 29.41 -12.61 18.01
CA ASP B 913 28.50 -11.70 17.35
C ASP B 913 27.54 -12.49 16.48
N LEU B 914 26.60 -11.78 15.87
CA LEU B 914 25.58 -12.43 15.07
C LEU B 914 26.19 -13.08 13.83
N ALA B 915 27.27 -12.51 13.30
CA ALA B 915 27.90 -13.01 12.10
C ALA B 915 28.88 -14.14 12.39
N THR B 916 29.04 -14.51 13.65
CA THR B 916 29.90 -15.62 14.04
C THR B 916 29.10 -16.84 14.40
N MET B 917 27.80 -16.70 14.51
CA MET B 917 26.89 -17.75 14.90
C MET B 917 26.31 -18.40 13.64
N THR B 918 26.25 -19.72 13.62
CA THR B 918 25.76 -20.43 12.45
C THR B 918 24.25 -20.49 12.49
N TYR B 919 23.64 -20.64 11.31
CA TYR B 919 22.18 -20.74 11.19
C TYR B 919 21.60 -21.73 12.18
N GLU B 920 22.17 -22.92 12.26
CA GLU B 920 21.71 -23.91 13.23
C GLU B 920 21.77 -23.38 14.65
N GLU B 921 22.85 -22.68 14.99
CA GLU B 921 22.94 -22.08 16.31
C GLU B 921 21.92 -20.97 16.49
N VAL B 922 21.69 -20.17 15.44
CA VAL B 922 20.68 -19.13 15.55
C VAL B 922 19.34 -19.75 15.90
N ALA B 923 18.97 -20.81 15.21
CA ALA B 923 17.72 -21.47 15.54
C ALA B 923 17.74 -22.04 16.95
N LYS B 924 18.70 -22.90 17.26
CA LYS B 924 18.75 -23.54 18.57
C LYS B 924 18.81 -22.53 19.71
N ARG B 925 19.16 -21.29 19.44
CA ARG B 925 19.12 -20.26 20.46
C ARG B 925 17.79 -19.54 20.48
N LEU B 926 17.21 -19.29 19.30
CA LEU B 926 15.89 -18.66 19.23
C LEU B 926 14.87 -19.43 20.04
N VAL B 927 14.95 -20.76 20.01
CA VAL B 927 14.07 -21.58 20.81
C VAL B 927 14.41 -21.49 22.28
N GLU B 928 15.67 -21.25 22.62
CA GLU B 928 16.06 -21.22 24.02
C GLU B 928 15.50 -19.98 24.70
N LEU B 929 15.24 -18.92 23.93
CA LEU B 929 14.84 -17.64 24.49
C LEU B 929 13.41 -17.26 24.14
N MET B 930 12.77 -17.99 23.25
CA MET B 930 11.41 -17.68 22.87
C MET B 930 10.45 -18.84 23.06
N PHE B 931 10.92 -19.96 23.60
CA PHE B 931 10.09 -21.13 23.81
C PHE B 931 10.28 -21.60 25.23
N ILE B 932 9.20 -21.95 25.88
CA ILE B 932 9.23 -22.26 27.29
C ILE B 932 9.12 -23.76 27.48
N ARG B 933 10.23 -24.38 27.90
CA ARG B 933 10.24 -25.83 28.05
C ARG B 933 9.28 -26.27 29.15
N SER B 934 9.13 -25.47 30.20
CA SER B 934 8.29 -25.86 31.31
C SER B 934 6.81 -25.84 30.95
N THR B 935 6.36 -24.88 30.13
CA THR B 935 5.00 -24.88 29.64
C THR B 935 4.89 -25.59 28.31
N ASN B 936 6.02 -25.87 27.67
CA ASN B 936 6.05 -26.50 26.35
C ASN B 936 5.15 -25.74 25.38
N SER B 937 5.30 -24.43 25.37
CA SER B 937 4.45 -23.58 24.54
C SER B 937 5.19 -22.29 24.25
N TRP B 938 4.98 -21.76 23.06
CA TRP B 938 5.60 -20.49 22.71
C TRP B 938 5.02 -19.37 23.54
N PHE B 939 5.86 -18.41 23.88
CA PHE B 939 5.41 -17.28 24.67
C PHE B 939 4.50 -16.35 23.89
N ASP B 940 4.66 -16.28 22.58
CA ASP B 940 3.76 -15.54 21.73
C ASP B 940 3.66 -16.21 20.37
N VAL B 941 2.52 -16.01 19.72
CA VAL B 941 2.43 -16.34 18.32
C VAL B 941 3.28 -15.40 17.50
N THR B 942 3.58 -14.22 18.04
CA THR B 942 4.44 -13.29 17.33
C THR B 942 5.88 -13.75 17.28
N TRP B 943 6.43 -14.23 18.39
CA TRP B 943 7.77 -14.79 18.37
C TRP B 943 7.84 -16.09 17.61
N ARG B 944 6.80 -16.93 17.67
CA ARG B 944 6.79 -18.10 16.82
C ARG B 944 6.74 -17.71 15.36
N THR B 945 6.02 -16.64 15.01
CA THR B 945 6.07 -16.11 13.65
C THR B 945 7.46 -15.64 13.28
N PHE B 946 8.14 -15.00 14.22
CA PHE B 946 9.53 -14.62 14.01
C PHE B 946 10.37 -15.82 13.65
N THR B 947 10.38 -16.82 14.53
CA THR B 947 11.17 -18.02 14.31
C THR B 947 10.79 -18.72 13.02
N GLY B 948 9.53 -18.66 12.61
CA GLY B 948 9.16 -19.26 11.35
C GLY B 948 9.67 -18.50 10.15
N ASP B 949 9.41 -17.21 10.08
CA ASP B 949 9.94 -16.38 9.02
C ASP B 949 11.45 -16.44 8.95
N PHE B 950 12.12 -16.84 10.01
CA PHE B 950 13.55 -17.09 9.93
C PHE B 950 13.88 -18.38 9.21
N LEU B 951 13.24 -19.49 9.58
CA LEU B 951 13.49 -20.74 8.88
C LEU B 951 13.08 -20.62 7.42
N ARG B 952 12.12 -19.75 7.12
CA ARG B 952 11.78 -19.48 5.74
C ARG B 952 12.98 -19.04 4.94
N ARG B 953 13.71 -18.02 5.37
CA ARG B 953 14.92 -17.67 4.64
C ARG B 953 15.99 -18.73 4.74
N VAL B 954 16.14 -19.37 5.90
CA VAL B 954 17.10 -20.46 6.01
C VAL B 954 16.97 -21.44 4.87
N GLU B 955 15.75 -21.85 4.53
CA GLU B 955 15.56 -22.69 3.37
C GLU B 955 15.61 -21.93 2.06
N GLU B 956 15.17 -20.68 2.03
CA GLU B 956 15.26 -19.87 0.83
C GLU B 956 16.69 -19.69 0.36
N ARG B 957 17.65 -19.82 1.27
CA ARG B 957 19.03 -19.61 0.89
C ARG B 957 19.69 -20.88 0.41
N PHE B 958 19.70 -21.91 1.23
CA PHE B 958 20.46 -23.10 0.94
C PHE B 958 19.83 -23.99 -0.10
N THR B 959 18.53 -23.87 -0.36
CA THR B 959 17.94 -24.67 -1.40
C THR B 959 18.47 -24.22 -2.76
N LYS B 960 18.48 -25.15 -3.71
CA LYS B 960 19.02 -24.88 -5.03
C LYS B 960 17.96 -24.37 -6.00
N SER B 961 16.85 -25.06 -6.14
CA SER B 961 15.75 -24.59 -6.94
C SER B 961 14.54 -24.33 -6.06
N LYS B 962 13.43 -23.90 -6.67
CA LYS B 962 12.22 -23.59 -5.92
C LYS B 962 11.53 -24.88 -5.52
N THR B 963 11.22 -24.99 -4.24
CA THR B 963 10.63 -26.19 -3.69
C THR B 963 9.51 -25.77 -2.75
N LEU B 964 8.88 -26.75 -2.13
CA LEU B 964 7.84 -26.46 -1.15
C LEU B 964 8.44 -26.28 0.22
N SER B 965 7.86 -25.38 1.00
CA SER B 965 8.36 -25.06 2.33
C SER B 965 8.29 -26.30 3.18
N LEU B 966 9.38 -26.60 3.89
CA LEU B 966 9.26 -27.62 4.93
C LEU B 966 8.42 -27.14 6.09
N ILE B 967 8.18 -25.84 6.18
CA ILE B 967 7.32 -25.27 7.20
C ILE B 967 6.15 -24.63 6.46
N GLN B 968 5.01 -25.30 6.44
CA GLN B 968 3.85 -24.78 5.73
C GLN B 968 2.95 -23.94 6.61
N SER B 969 2.81 -24.29 7.89
CA SER B 969 2.22 -23.38 8.85
C SER B 969 3.04 -23.45 10.12
N TYR B 970 3.43 -22.29 10.62
CA TYR B 970 4.35 -22.22 11.75
C TYR B 970 3.86 -23.00 12.95
N SER B 971 2.61 -23.44 12.92
CA SER B 971 2.09 -24.32 13.95
C SER B 971 2.98 -25.53 14.16
N LEU B 972 3.81 -25.87 13.18
CA LEU B 972 4.78 -26.95 13.34
C LEU B 972 5.83 -26.65 14.40
N LEU B 973 6.00 -25.38 14.78
CA LEU B 973 7.10 -25.06 15.67
C LEU B 973 6.74 -25.42 17.10
N ASP B 974 5.54 -25.97 17.30
CA ASP B 974 5.10 -26.29 18.64
C ASP B 974 5.87 -27.48 19.20
N LYS B 975 6.48 -28.27 18.34
CA LYS B 975 7.51 -29.21 18.76
C LYS B 975 8.82 -28.75 18.13
N PRO B 976 9.51 -27.79 18.75
CA PRO B 976 10.58 -27.05 18.04
C PRO B 976 11.82 -27.85 17.73
N ASP B 977 12.41 -28.53 18.71
CA ASP B 977 13.63 -29.29 18.50
C ASP B 977 13.52 -30.31 17.39
N GLU B 978 12.33 -30.55 16.87
CA GLU B 978 12.15 -31.39 15.70
C GLU B 978 11.81 -30.59 14.45
N ALA B 979 11.11 -29.48 14.57
CA ALA B 979 11.01 -28.58 13.43
C ALA B 979 12.37 -28.01 13.07
N ILE B 980 13.30 -28.01 14.02
CA ILE B 980 14.67 -27.67 13.68
C ILE B 980 15.30 -28.76 12.85
N GLU B 981 15.37 -29.98 13.37
CA GLU B 981 15.99 -31.07 12.64
C GLU B 981 15.36 -31.25 11.27
N LYS B 982 14.06 -31.02 11.14
CA LYS B 982 13.43 -31.18 9.85
C LYS B 982 14.06 -30.28 8.80
N VAL B 983 14.47 -29.08 9.19
CA VAL B 983 15.07 -28.17 8.23
C VAL B 983 16.57 -28.45 8.10
N PHE B 984 17.24 -28.62 9.23
CA PHE B 984 18.68 -28.77 9.24
C PHE B 984 19.11 -30.17 8.87
N ASN B 985 18.18 -31.02 8.47
CA ASN B 985 18.53 -32.20 7.70
C ASN B 985 18.29 -32.01 6.23
N ALA B 986 17.45 -31.05 5.85
CA ALA B 986 17.26 -30.72 4.46
C ALA B 986 18.38 -29.87 3.90
N TYR B 987 19.15 -29.24 4.76
CA TYR B 987 20.29 -28.42 4.35
C TYR B 987 21.35 -28.55 5.43
N PRO B 988 22.12 -29.61 5.43
CA PRO B 988 23.07 -29.81 6.53
C PRO B 988 24.16 -28.76 6.50
N ALA B 989 24.28 -28.05 5.38
CA ALA B 989 25.25 -26.98 5.23
C ALA B 989 25.03 -25.85 6.21
N ALA B 990 23.79 -25.55 6.57
CA ALA B 990 23.49 -24.47 7.50
C ALA B 990 23.84 -24.84 8.92
N ARG B 991 24.43 -26.00 9.13
CA ARG B 991 25.00 -26.34 10.41
C ARG B 991 26.42 -25.84 10.56
N GLU B 992 27.12 -25.59 9.45
CA GLU B 992 28.53 -25.27 9.51
C GLU B 992 28.82 -23.84 9.08
N GLN B 993 28.06 -23.30 8.15
CA GLN B 993 28.43 -22.02 7.58
C GLN B 993 27.70 -20.92 8.34
N PHE B 994 28.39 -19.80 8.58
CA PHE B 994 27.82 -18.71 9.34
C PHE B 994 26.67 -18.06 8.59
N LEU B 995 26.08 -17.05 9.20
CA LEU B 995 25.01 -16.36 8.52
C LEU B 995 25.54 -15.61 7.33
N ASN B 996 24.84 -15.73 6.22
CA ASN B 996 25.07 -14.75 5.19
C ASN B 996 24.72 -13.39 5.74
N ALA B 997 25.42 -12.38 5.28
CA ALA B 997 25.25 -11.06 5.85
C ALA B 997 23.90 -10.45 5.52
N GLN B 998 23.29 -10.79 4.40
CA GLN B 998 21.93 -10.36 4.17
C GLN B 998 20.94 -11.08 5.07
N ASP B 999 21.34 -12.19 5.67
CA ASP B 999 20.56 -12.83 6.71
C ASP B 999 20.97 -12.38 8.10
N ILE B 1000 21.54 -11.19 8.20
CA ILE B 1000 21.72 -10.51 9.47
C ILE B 1000 20.86 -9.27 9.56
N ASP B 1001 20.97 -8.39 8.57
CA ASP B 1001 20.10 -7.23 8.59
C ASP B 1001 18.64 -7.64 8.45
N HIS B 1002 18.36 -8.76 7.79
CA HIS B 1002 16.99 -9.23 7.84
C HIS B 1002 16.59 -9.63 9.24
N PHE B 1003 17.38 -10.48 9.89
CA PHE B 1003 17.14 -10.83 11.27
C PHE B 1003 16.94 -9.63 12.15
N LEU B 1004 17.59 -8.52 11.83
CA LEU B 1004 17.41 -7.32 12.62
C LEU B 1004 16.12 -6.59 12.28
N SER B 1005 15.84 -6.37 11.01
CA SER B 1005 14.57 -5.80 10.62
C SER B 1005 13.39 -6.61 11.11
N MET B 1006 13.59 -7.88 11.40
CA MET B 1006 12.58 -8.70 12.06
C MET B 1006 12.59 -8.50 13.56
N CYS B 1007 13.67 -7.96 14.13
CA CYS B 1007 13.66 -7.64 15.55
C CYS B 1007 13.07 -6.29 15.84
N GLN B 1008 13.04 -5.38 14.87
CA GLN B 1008 12.44 -4.08 15.06
C GLN B 1008 11.26 -3.94 14.12
N ASN B 1009 10.48 -5.00 14.06
CA ASN B 1009 9.23 -4.96 13.33
C ASN B 1009 8.12 -4.49 14.26
N PRO B 1010 7.35 -3.47 13.86
CA PRO B 1010 6.21 -3.08 14.66
C PRO B 1010 5.21 -4.22 14.76
N MET B 1011 4.19 -4.01 15.57
CA MET B 1011 3.06 -4.93 15.65
C MET B 1011 3.50 -6.34 16.03
N GLN B 1012 4.63 -6.45 16.71
CA GLN B 1012 5.08 -7.71 17.28
C GLN B 1012 5.79 -7.42 18.59
N LYS B 1013 5.67 -8.34 19.53
CA LYS B 1013 6.34 -8.16 20.81
C LYS B 1013 7.84 -8.14 20.60
N PRO B 1014 8.53 -7.14 21.15
CA PRO B 1014 9.99 -7.05 20.97
C PRO B 1014 10.69 -8.30 21.47
N VAL B 1015 11.88 -8.55 20.95
CA VAL B 1015 12.58 -9.82 21.15
C VAL B 1015 13.18 -9.82 22.54
N PRO B 1016 13.20 -10.93 23.22
CA PRO B 1016 13.71 -10.95 24.59
C PRO B 1016 15.20 -11.11 24.68
N PHE B 1017 15.96 -10.36 23.89
CA PHE B 1017 17.40 -10.42 23.94
C PHE B 1017 17.98 -9.18 23.28
N VAL B 1018 19.30 -9.10 23.29
CA VAL B 1018 20.00 -8.02 22.60
C VAL B 1018 20.71 -8.58 21.38
N PRO B 1019 20.37 -8.14 20.18
CA PRO B 1019 20.96 -8.77 19.00
C PRO B 1019 22.27 -8.12 18.55
N VAL B 1020 22.46 -6.84 18.82
CA VAL B 1020 23.53 -6.07 18.22
C VAL B 1020 23.72 -4.79 19.00
N LEU B 1021 24.89 -4.18 18.88
CA LEU B 1021 25.15 -2.87 19.47
C LEU B 1021 25.29 -1.86 18.35
N ASP B 1022 24.35 -0.92 18.25
CA ASP B 1022 24.41 0.12 17.24
C ASP B 1022 23.64 1.33 17.75
N ARG B 1023 23.39 2.28 16.86
CA ARG B 1023 22.82 3.56 17.28
C ARG B 1023 21.44 3.42 17.88
N ARG B 1024 20.90 2.22 17.97
CA ARG B 1024 19.62 2.00 18.62
C ARG B 1024 19.74 1.14 19.85
N PHE B 1025 20.90 1.15 20.51
CA PHE B 1025 21.16 0.14 21.52
C PHE B 1025 20.20 0.18 22.69
N GLU B 1026 19.86 1.35 23.20
CA GLU B 1026 18.99 1.41 24.37
C GLU B 1026 17.57 0.98 24.06
N ILE B 1027 17.05 1.36 22.88
CA ILE B 1027 15.76 0.85 22.46
C ILE B 1027 15.74 -0.67 22.55
N PHE B 1028 16.74 -1.31 21.97
CA PHE B 1028 16.88 -2.75 22.14
C PHE B 1028 17.05 -3.11 23.60
N PHE B 1029 17.57 -2.19 24.39
CA PHE B 1029 17.96 -2.54 25.75
C PHE B 1029 16.82 -2.41 26.75
N LYS B 1030 15.87 -1.51 26.53
CA LYS B 1030 14.86 -1.28 27.54
C LYS B 1030 13.48 -1.09 26.94
N LYS B 1031 13.20 -1.70 25.80
CA LYS B 1031 11.86 -1.64 25.21
C LYS B 1031 11.04 -2.78 25.79
N ASP B 1032 9.86 -2.43 26.30
CA ASP B 1032 8.90 -3.40 26.82
C ASP B 1032 9.57 -4.31 27.85
N SER B 1033 10.08 -3.66 28.89
CA SER B 1033 10.89 -4.36 29.87
C SER B 1033 10.16 -4.43 31.21
N LEU B 1034 8.85 -4.57 31.13
CA LEU B 1034 8.00 -4.60 32.31
C LEU B 1034 7.35 -5.95 32.56
N TRP B 1035 6.80 -6.59 31.56
CA TRP B 1035 6.10 -7.86 31.73
C TRP B 1035 6.98 -8.95 32.30
N GLN B 1036 8.29 -8.75 32.29
CA GLN B 1036 9.20 -9.82 32.66
C GLN B 1036 8.97 -10.30 34.08
N SER B 1037 8.44 -9.43 34.94
CA SER B 1037 8.30 -9.74 36.37
C SER B 1037 7.42 -10.95 36.61
N GLU B 1038 6.26 -10.97 36.00
CA GLU B 1038 5.28 -12.00 36.26
C GLU B 1038 5.45 -13.20 35.34
N HIS B 1039 6.61 -13.33 34.72
CA HIS B 1039 6.88 -14.41 33.78
C HIS B 1039 8.29 -14.93 33.94
N LEU B 1040 8.73 -15.12 35.18
CA LEU B 1040 10.06 -15.67 35.41
C LEU B 1040 10.29 -17.00 34.73
N GLU B 1041 9.24 -17.70 34.30
CA GLU B 1041 9.45 -18.83 33.44
C GLU B 1041 10.06 -18.45 32.10
N ALA B 1042 10.01 -17.16 31.75
CA ALA B 1042 10.50 -16.68 30.46
C ALA B 1042 11.79 -15.88 30.58
N VAL B 1043 12.48 -15.96 31.72
CA VAL B 1043 13.80 -15.38 31.87
C VAL B 1043 14.81 -16.52 31.80
N VAL B 1044 16.07 -16.17 31.55
CA VAL B 1044 17.04 -17.17 31.10
C VAL B 1044 17.23 -18.26 32.14
N ASP B 1045 17.60 -17.88 33.36
CA ASP B 1045 17.92 -18.86 34.38
C ASP B 1045 16.97 -18.80 35.57
N GLN B 1046 15.72 -18.38 35.34
CA GLN B 1046 14.70 -18.37 36.37
C GLN B 1046 15.09 -17.48 37.54
N ASP B 1047 15.98 -16.54 37.25
CA ASP B 1047 16.54 -15.67 38.28
C ASP B 1047 15.83 -14.33 38.23
N VAL B 1048 15.19 -13.97 39.34
CA VAL B 1048 14.50 -12.70 39.39
C VAL B 1048 15.49 -11.54 39.40
N GLN B 1049 16.70 -11.77 39.90
CA GLN B 1049 17.69 -10.70 40.03
C GLN B 1049 17.99 -10.00 38.71
N ARG B 1050 17.52 -10.56 37.60
CA ARG B 1050 17.65 -9.89 36.32
C ARG B 1050 16.49 -8.93 36.04
N THR B 1051 15.38 -9.11 36.74
CA THR B 1051 14.11 -8.53 36.32
C THR B 1051 14.00 -7.07 36.72
N CYS B 1052 13.19 -6.32 35.98
CA CYS B 1052 12.82 -4.95 36.32
C CYS B 1052 11.44 -4.97 36.94
N ILE B 1053 11.36 -4.86 38.26
CA ILE B 1053 10.07 -4.88 38.95
C ILE B 1053 9.91 -3.58 39.74
N LEU B 1054 8.79 -2.90 39.50
CA LEU B 1054 8.57 -1.57 40.04
C LEU B 1054 8.12 -1.69 41.50
N HIS B 1055 8.44 -0.66 42.28
CA HIS B 1055 8.04 -0.66 43.68
C HIS B 1055 8.28 0.72 44.24
N GLY B 1056 7.82 0.96 45.46
CA GLY B 1056 7.94 2.24 46.11
C GLY B 1056 8.94 2.22 47.25
N PRO B 1057 9.76 3.26 47.35
CA PRO B 1057 10.82 3.25 48.36
C PRO B 1057 10.30 3.31 49.76
N VAL B 1058 9.13 3.94 49.96
CA VAL B 1058 8.54 4.06 51.27
C VAL B 1058 7.50 3.01 51.54
N ALA B 1059 6.74 2.60 50.53
CA ALA B 1059 5.69 1.63 50.75
C ALA B 1059 6.28 0.26 51.04
N ALA B 1060 7.53 0.04 50.63
CA ALA B 1060 8.17 -1.25 50.79
C ALA B 1060 8.28 -1.69 52.24
N GLN B 1061 8.34 -0.76 53.19
CA GLN B 1061 8.51 -1.12 54.59
C GLN B 1061 7.21 -1.52 55.26
N PHE B 1062 6.15 -1.71 54.50
CA PHE B 1062 4.88 -2.20 55.03
C PHE B 1062 4.50 -3.54 54.41
N THR B 1063 5.21 -3.96 53.37
CA THR B 1063 4.89 -5.17 52.63
C THR B 1063 5.83 -6.27 53.09
N LYS B 1064 5.39 -7.05 54.06
CA LYS B 1064 6.21 -8.12 54.61
C LYS B 1064 5.57 -9.49 54.57
N VAL B 1065 4.27 -9.60 54.81
CA VAL B 1065 3.57 -10.87 54.71
C VAL B 1065 3.38 -11.15 53.24
N ILE B 1066 3.47 -12.41 52.86
CA ILE B 1066 3.44 -12.78 51.45
C ILE B 1066 2.02 -13.16 51.06
N ASP B 1067 1.69 -12.91 49.80
CA ASP B 1067 0.50 -13.44 49.12
C ASP B 1067 -0.74 -13.51 50.01
N GLU B 1068 -0.98 -12.48 50.79
CA GLU B 1068 -2.24 -12.48 51.50
C GLU B 1068 -3.38 -12.10 50.54
N PRO B 1069 -4.58 -12.61 50.76
CA PRO B 1069 -5.68 -12.29 49.86
C PRO B 1069 -5.91 -10.80 49.80
N ILE B 1070 -6.32 -10.33 48.61
CA ILE B 1070 -6.51 -8.90 48.44
C ILE B 1070 -7.64 -8.39 49.31
N LYS B 1071 -8.67 -9.19 49.54
CA LYS B 1071 -9.71 -8.78 50.46
C LYS B 1071 -9.17 -8.67 51.87
N SER B 1072 -8.28 -9.59 52.25
CA SER B 1072 -7.70 -9.55 53.58
C SER B 1072 -6.96 -8.27 53.86
N ILE B 1073 -6.13 -7.78 52.94
CA ILE B 1073 -5.35 -6.58 53.22
C ILE B 1073 -6.23 -5.34 53.13
N MET B 1074 -7.07 -5.25 52.11
CA MET B 1074 -7.96 -4.09 52.00
C MET B 1074 -8.89 -4.00 53.19
N ASP B 1075 -9.38 -5.14 53.67
CA ASP B 1075 -10.18 -5.11 54.89
C ASP B 1075 -9.34 -4.77 56.11
N GLY B 1076 -8.14 -5.32 56.24
CA GLY B 1076 -7.29 -4.92 57.35
C GLY B 1076 -7.04 -3.44 57.38
N ILE B 1077 -7.08 -2.78 56.23
CA ILE B 1077 -7.00 -1.33 56.16
C ILE B 1077 -8.31 -0.67 56.59
N HIS B 1078 -9.42 -1.10 56.00
CA HIS B 1078 -10.68 -0.41 56.22
C HIS B 1078 -11.14 -0.57 57.66
N ASP B 1079 -11.17 -1.80 58.16
CA ASP B 1079 -11.58 -1.98 59.55
C ASP B 1079 -10.58 -1.36 60.52
N GLY B 1080 -9.30 -1.31 60.16
CA GLY B 1080 -8.36 -0.54 60.95
C GLY B 1080 -8.78 0.90 61.08
N HIS B 1081 -9.16 1.51 59.96
CA HIS B 1081 -9.76 2.84 60.04
C HIS B 1081 -11.02 2.85 60.89
N ILE B 1082 -11.83 1.82 60.81
CA ILE B 1082 -13.06 1.76 61.59
C ILE B 1082 -12.73 1.77 63.07
N LYS B 1083 -11.75 0.98 63.48
CA LYS B 1083 -11.31 1.04 64.87
C LYS B 1083 -10.79 2.41 65.23
N LYS B 1084 -10.00 3.02 64.34
CA LYS B 1084 -9.44 4.32 64.64
C LYS B 1084 -10.49 5.42 64.61
N LEU B 1085 -11.64 5.19 63.99
CA LEU B 1085 -12.67 6.21 63.97
C LEU B 1085 -13.74 6.01 65.02
N LEU B 1086 -13.96 4.79 65.47
CA LEU B 1086 -14.83 4.57 66.62
C LEU B 1086 -14.23 5.12 67.90
N HIS B 1087 -12.92 4.95 68.08
CA HIS B 1087 -12.29 5.38 69.32
C HIS B 1087 -12.31 6.89 69.44
N GLN B 1088 -12.41 7.59 68.32
CA GLN B 1088 -12.40 9.04 68.38
C GLN B 1088 -13.80 9.61 68.51
N TYR B 1089 -14.65 9.34 67.55
CA TYR B 1089 -15.90 10.09 67.45
C TYR B 1089 -17.13 9.27 67.76
N TYR B 1090 -16.98 8.04 68.23
CA TYR B 1090 -18.13 7.23 68.56
C TYR B 1090 -17.96 6.38 69.81
N GLY B 1091 -16.89 6.58 70.56
CA GLY B 1091 -16.79 5.98 71.88
C GLY B 1091 -16.79 4.47 71.93
N ASP B 1092 -16.32 3.82 70.86
CA ASP B 1092 -16.17 2.37 70.84
C ASP B 1092 -17.49 1.65 71.02
N ASP B 1093 -18.60 2.33 70.76
CA ASP B 1093 -19.91 1.70 70.73
C ASP B 1093 -20.52 1.86 69.35
N GLU B 1094 -20.68 0.76 68.65
CA GLU B 1094 -21.19 0.81 67.28
C GLU B 1094 -22.56 1.44 67.20
N SER B 1095 -23.46 1.13 68.14
CA SER B 1095 -24.82 1.64 68.12
C SER B 1095 -24.90 3.14 67.90
N LYS B 1096 -23.84 3.87 68.22
CA LYS B 1096 -23.80 5.30 67.94
C LYS B 1096 -23.81 5.60 66.45
N ILE B 1097 -23.60 4.59 65.62
CA ILE B 1097 -23.56 4.74 64.17
C ILE B 1097 -24.87 5.30 63.65
N PRO B 1098 -24.85 6.09 62.59
CA PRO B 1098 -26.10 6.34 61.85
C PRO B 1098 -26.50 5.09 61.09
N ALA B 1099 -27.61 5.13 60.37
CA ALA B 1099 -28.08 3.98 59.61
C ALA B 1099 -28.64 4.47 58.28
N VAL B 1100 -28.32 3.76 57.21
CA VAL B 1100 -28.76 4.14 55.88
C VAL B 1100 -29.22 2.89 55.15
N GLU B 1101 -30.31 3.02 54.39
CA GLU B 1101 -30.81 1.90 53.60
C GLU B 1101 -29.74 1.41 52.65
N TYR B 1102 -29.33 2.26 51.72
CA TYR B 1102 -28.24 1.93 50.82
C TYR B 1102 -27.23 3.06 50.83
N PHE B 1103 -25.99 2.71 51.09
CA PHE B 1103 -24.94 3.70 51.22
C PHE B 1103 -24.35 4.00 49.85
N GLY B 1104 -24.37 5.27 49.47
CA GLY B 1104 -23.77 5.67 48.23
C GLY B 1104 -24.75 6.40 47.34
N GLY B 1105 -24.29 6.72 46.14
CA GLY B 1105 -25.11 7.35 45.13
C GLY B 1105 -25.17 8.87 45.20
N GLU B 1106 -24.50 9.50 46.15
CA GLU B 1106 -24.65 10.93 46.33
C GLU B 1106 -23.55 11.69 45.61
N SER B 1107 -23.95 12.52 44.65
CA SER B 1107 -22.99 13.35 43.96
C SER B 1107 -22.49 14.45 44.89
N PRO B 1108 -21.20 14.75 44.84
CA PRO B 1108 -20.64 15.72 45.79
C PRO B 1108 -21.31 17.08 45.69
N VAL B 1109 -21.65 17.49 44.49
CA VAL B 1109 -22.32 18.75 44.28
C VAL B 1109 -23.72 18.73 44.89
N ASP B 1123 -47.11 13.96 54.35
CA ASP B 1123 -46.19 13.03 53.69
C ASP B 1123 -46.83 12.50 52.41
N SER B 1124 -48.06 12.92 52.15
CA SER B 1124 -48.80 12.45 50.98
C SER B 1124 -49.23 13.69 50.20
N ALA B 1125 -48.34 14.16 49.33
CA ALA B 1125 -48.57 15.41 48.62
C ALA B 1125 -48.74 15.17 47.13
N VAL B 1126 -48.84 16.26 46.38
CA VAL B 1126 -48.88 16.23 44.93
C VAL B 1126 -47.85 17.22 44.42
N PHE B 1127 -47.51 17.08 43.15
CA PHE B 1127 -46.61 18.03 42.48
C PHE B 1127 -47.06 18.20 41.04
N LYS B 1128 -47.53 19.40 40.72
CA LYS B 1128 -47.82 19.72 39.34
C LYS B 1128 -46.55 20.26 38.67
N ALA B 1129 -46.31 19.81 37.45
CA ALA B 1129 -45.14 20.21 36.69
C ALA B 1129 -45.56 20.91 35.43
N THR B 1130 -44.78 21.91 35.03
CA THR B 1130 -45.00 22.66 33.81
C THR B 1130 -43.71 22.68 32.99
N SER B 1131 -43.70 23.55 31.98
CA SER B 1131 -42.60 23.60 31.04
C SER B 1131 -41.28 23.96 31.69
N SER B 1132 -41.29 24.93 32.60
CA SER B 1132 -40.07 25.38 33.24
C SER B 1132 -39.79 24.66 34.54
N THR B 1133 -40.60 23.66 34.87
CA THR B 1133 -40.42 22.91 36.11
C THR B 1133 -39.00 22.37 36.16
N ASP B 1134 -38.21 22.88 37.09
CA ASP B 1134 -36.82 22.46 37.20
C ASP B 1134 -36.74 20.96 37.43
N GLU B 1135 -35.69 20.34 36.90
CA GLU B 1135 -35.62 18.89 36.89
C GLU B 1135 -35.13 18.36 38.23
N GLU B 1136 -34.05 18.92 38.77
CA GLU B 1136 -33.44 18.31 39.95
C GLU B 1136 -34.29 18.55 41.19
N SER B 1137 -34.88 19.73 41.31
CA SER B 1137 -35.87 19.92 42.35
C SER B 1137 -37.03 18.95 42.19
N TRP B 1138 -37.48 18.76 40.95
CA TRP B 1138 -38.53 17.80 40.68
C TRP B 1138 -38.18 16.43 41.23
N PHE B 1139 -37.01 15.92 40.86
CA PHE B 1139 -36.58 14.62 41.34
C PHE B 1139 -36.40 14.60 42.85
N LYS B 1140 -35.92 15.69 43.45
CA LYS B 1140 -35.89 15.76 44.91
C LYS B 1140 -37.28 15.65 45.50
N ALA B 1141 -38.24 16.37 44.93
CA ALA B 1141 -39.61 16.32 45.40
C ALA B 1141 -40.22 14.94 45.28
N LEU B 1142 -39.70 14.11 44.38
CA LEU B 1142 -40.27 12.78 44.17
C LEU B 1142 -39.57 11.71 44.99
N ALA B 1143 -38.25 11.73 45.03
CA ALA B 1143 -37.50 10.77 45.82
C ALA B 1143 -37.76 10.98 47.30
N GLY B 1144 -37.69 12.22 47.75
CA GLY B 1144 -37.91 12.57 49.13
C GLY B 1144 -36.61 12.71 49.86
N SER B 1145 -36.71 12.70 51.18
CA SER B 1145 -35.56 12.85 52.06
C SER B 1145 -35.03 11.52 52.54
N GLU B 1146 -35.91 10.60 52.90
CA GLU B 1146 -35.48 9.32 53.43
C GLU B 1146 -34.80 8.49 52.36
N ILE B 1147 -33.79 7.74 52.75
CA ILE B 1147 -33.09 6.85 51.84
C ILE B 1147 -33.86 5.54 51.77
N ASN B 1148 -34.51 5.31 50.64
CA ASN B 1148 -35.25 4.08 50.39
C ASN B 1148 -35.19 3.79 48.91
N TRP B 1149 -35.96 2.80 48.47
CA TRP B 1149 -36.10 2.56 47.04
C TRP B 1149 -36.55 3.81 46.32
N ARG B 1150 -37.53 4.52 46.88
CA ARG B 1150 -37.95 5.79 46.31
C ARG B 1150 -36.82 6.78 46.23
N HIS B 1151 -35.90 6.75 47.18
CA HIS B 1151 -34.76 7.64 47.13
C HIS B 1151 -33.91 7.42 45.89
N ALA B 1152 -33.65 6.17 45.54
CA ALA B 1152 -32.85 5.89 44.36
C ALA B 1152 -33.63 6.02 43.08
N SER B 1153 -34.88 5.57 43.08
CA SER B 1153 -35.66 5.45 41.86
C SER B 1153 -35.64 6.72 41.02
N PHE B 1154 -35.42 7.88 41.63
CA PHE B 1154 -35.28 9.11 40.87
C PHE B 1154 -33.87 9.67 40.90
N LEU B 1155 -33.04 9.22 41.84
CA LEU B 1155 -31.72 9.77 41.98
C LEU B 1155 -30.64 8.80 41.51
N CYS B 1156 -30.94 7.51 41.47
CA CYS B 1156 -30.00 6.56 40.89
C CYS B 1156 -30.03 6.71 39.37
N SER B 1157 -28.87 7.02 38.80
CA SER B 1157 -28.84 7.35 37.38
C SER B 1157 -28.71 6.12 36.50
N PHE B 1158 -28.38 4.96 37.08
CA PHE B 1158 -28.09 3.79 36.25
C PHE B 1158 -28.78 2.56 36.83
N ILE B 1159 -29.33 1.75 35.94
CA ILE B 1159 -29.97 0.49 36.30
C ILE B 1159 -29.19 -0.63 35.63
N THR B 1160 -28.76 -1.61 36.43
CA THR B 1160 -28.03 -2.72 35.85
C THR B 1160 -29.00 -3.65 35.15
N GLN B 1161 -28.63 -4.08 33.94
CA GLN B 1161 -29.38 -5.09 33.22
C GLN B 1161 -28.45 -6.30 33.11
N ASP B 1162 -28.36 -7.07 34.19
CA ASP B 1162 -27.45 -8.22 34.24
C ASP B 1162 -26.06 -7.85 33.76
N LYS B 1163 -25.36 -7.10 34.59
CA LYS B 1163 -23.99 -6.67 34.30
C LYS B 1163 -23.92 -5.77 33.08
N MET B 1164 -24.84 -4.82 32.96
CA MET B 1164 -24.76 -3.78 31.95
C MET B 1164 -25.53 -2.58 32.46
N PHE B 1165 -24.91 -1.40 32.39
CA PHE B 1165 -25.51 -0.21 33.00
C PHE B 1165 -26.10 0.69 31.92
N VAL B 1166 -27.40 0.86 31.98
CA VAL B 1166 -28.12 1.70 31.02
C VAL B 1166 -28.92 2.72 31.80
N SER B 1167 -29.22 3.86 31.17
CA SER B 1167 -29.88 4.97 31.84
C SER B 1167 -31.09 4.52 32.64
N ASN B 1168 -31.38 5.26 33.70
CA ASN B 1168 -32.55 4.99 34.51
C ASN B 1168 -33.81 5.19 33.68
N PRO B 1169 -34.65 4.17 33.52
CA PRO B 1169 -35.91 4.37 32.80
C PRO B 1169 -36.90 5.22 33.56
N ILE B 1170 -37.05 4.98 34.85
CA ILE B 1170 -37.95 5.77 35.67
C ILE B 1170 -37.59 7.23 35.60
N ARG B 1171 -36.30 7.54 35.62
CA ARG B 1171 -35.84 8.91 35.50
C ARG B 1171 -36.08 9.46 34.11
N LYS B 1172 -36.21 8.59 33.11
CA LYS B 1172 -36.56 9.04 31.77
C LYS B 1172 -38.03 9.42 31.65
N VAL B 1173 -38.93 8.55 32.08
CA VAL B 1173 -40.35 8.77 31.93
C VAL B 1173 -40.84 9.93 32.79
N PHE B 1174 -40.34 10.04 34.02
CA PHE B 1174 -40.80 11.12 34.89
C PHE B 1174 -40.14 12.44 34.57
N LYS B 1175 -39.57 12.59 33.38
CA LYS B 1175 -38.90 13.84 33.04
C LYS B 1175 -39.87 15.00 33.14
N PRO B 1176 -39.50 16.09 33.81
CA PRO B 1176 -40.43 17.20 34.02
C PRO B 1176 -40.86 17.83 32.70
N SER B 1177 -42.17 18.00 32.56
CA SER B 1177 -42.76 18.56 31.35
C SER B 1177 -44.08 19.22 31.74
N GLN B 1178 -44.92 19.46 30.74
CA GLN B 1178 -46.18 20.13 30.97
C GLN B 1178 -47.26 19.13 31.35
N GLY B 1179 -48.22 19.59 32.14
CA GLY B 1179 -49.42 18.85 32.41
C GLY B 1179 -49.30 17.72 33.40
N MET B 1180 -48.09 17.23 33.66
CA MET B 1180 -47.94 16.07 34.52
C MET B 1180 -48.27 16.45 35.96
N VAL B 1181 -49.29 15.82 36.53
CA VAL B 1181 -49.61 16.02 37.93
C VAL B 1181 -49.28 14.75 38.70
N VAL B 1182 -48.08 14.68 39.25
CA VAL B 1182 -47.69 13.49 39.98
C VAL B 1182 -48.23 13.58 41.39
N GLU B 1183 -48.47 12.43 42.00
CA GLU B 1183 -49.04 12.34 43.32
C GLU B 1183 -48.28 11.28 44.11
N ILE B 1184 -47.79 11.67 45.28
CA ILE B 1184 -47.17 10.76 46.23
C ILE B 1184 -48.15 10.55 47.37
N SER B 1185 -48.49 9.30 47.65
CA SER B 1185 -49.39 8.99 48.74
C SER B 1185 -48.68 8.07 49.72
N ASN B 1186 -48.94 8.26 51.01
CA ASN B 1186 -48.43 7.39 52.07
C ASN B 1186 -46.91 7.39 52.08
N GLY B 1187 -46.35 8.59 52.08
CA GLY B 1187 -44.92 8.76 51.93
C GLY B 1187 -44.11 8.43 53.17
N ASN B 1188 -44.77 8.29 54.32
CA ASN B 1188 -44.03 8.02 55.54
C ASN B 1188 -43.40 6.63 55.52
N THR B 1189 -44.23 5.59 55.52
CA THR B 1189 -43.70 4.24 55.43
C THR B 1189 -43.35 3.94 53.98
N SER B 1190 -42.24 3.23 53.78
CA SER B 1190 -41.80 2.94 52.43
C SER B 1190 -42.60 1.82 51.81
N SER B 1191 -42.87 0.76 52.56
CA SER B 1191 -43.53 -0.42 52.01
C SER B 1191 -44.86 -0.06 51.37
N LYS B 1192 -45.58 0.89 51.95
CA LYS B 1192 -46.88 1.27 51.45
C LYS B 1192 -46.85 2.54 50.60
N THR B 1193 -45.67 3.10 50.37
CA THR B 1193 -45.56 4.31 49.56
C THR B 1193 -45.91 3.94 48.13
N VAL B 1194 -46.80 4.71 47.51
CA VAL B 1194 -47.14 4.52 46.11
C VAL B 1194 -47.19 5.89 45.44
N VAL B 1195 -46.68 5.96 44.23
CA VAL B 1195 -46.67 7.18 43.47
C VAL B 1195 -47.51 6.96 42.23
N THR B 1196 -48.27 8.00 41.84
CA THR B 1196 -49.13 7.93 40.67
C THR B 1196 -48.94 9.19 39.85
N LEU B 1197 -48.39 9.04 38.66
CA LEU B 1197 -48.34 10.12 37.68
C LEU B 1197 -49.55 9.98 36.78
N SER B 1198 -50.37 11.03 36.73
CA SER B 1198 -51.51 11.06 35.82
C SER B 1198 -51.35 12.28 34.92
N GLU B 1199 -50.93 12.02 33.69
CA GLU B 1199 -50.78 13.10 32.72
C GLU B 1199 -52.12 13.37 32.04
N PRO B 1200 -52.27 14.49 31.34
CA PRO B 1200 -53.51 14.72 30.58
C PRO B 1200 -53.55 13.81 29.37
N VAL B 1201 -54.70 13.17 29.16
CA VAL B 1201 -54.92 12.31 28.00
C VAL B 1201 -56.26 12.70 27.39
N GLN B 1202 -56.22 13.16 26.14
CA GLN B 1202 -57.41 13.68 25.47
C GLN B 1202 -58.06 14.77 26.33
N GLY B 1203 -57.21 15.63 26.86
CA GLY B 1203 -57.64 16.68 27.76
C GLY B 1203 -57.65 16.24 29.21
N GLU B 1204 -58.42 15.19 29.52
CA GLU B 1204 -58.59 14.79 30.89
C GLU B 1204 -57.33 14.12 31.43
N LEU B 1205 -57.21 14.08 32.75
CA LEU B 1205 -56.13 13.40 33.44
C LEU B 1205 -56.55 11.98 33.75
N LYS B 1206 -55.65 11.03 33.51
CA LYS B 1206 -55.90 9.65 33.85
C LYS B 1206 -54.60 9.04 34.33
N PRO B 1207 -54.64 8.08 35.24
CA PRO B 1207 -53.39 7.50 35.76
C PRO B 1207 -52.59 6.84 34.66
N THR B 1208 -51.35 7.26 34.51
CA THR B 1208 -50.47 6.68 33.50
C THR B 1208 -49.37 5.83 34.10
N VAL B 1209 -48.87 6.19 35.27
CA VAL B 1209 -47.75 5.49 35.88
C VAL B 1209 -48.09 5.21 37.34
N ILE B 1210 -47.69 4.04 37.83
CA ILE B 1210 -47.90 3.67 39.22
C ILE B 1210 -46.64 2.99 39.73
N LEU B 1211 -46.03 3.57 40.75
CA LEU B 1211 -44.87 3.00 41.40
C LEU B 1211 -45.28 2.38 42.72
N LYS B 1212 -44.73 1.20 43.01
CA LYS B 1212 -45.02 0.58 44.29
C LYS B 1212 -44.03 -0.54 44.53
N LEU B 1213 -43.88 -0.90 45.81
CA LEU B 1213 -43.08 -2.05 46.16
C LEU B 1213 -43.91 -3.32 46.10
N LEU B 1214 -43.23 -4.44 46.11
CA LEU B 1214 -43.86 -5.74 46.16
C LEU B 1214 -43.20 -6.57 47.27
N LYS B 1215 -43.55 -7.85 47.29
CA LYS B 1215 -42.79 -8.82 48.06
C LYS B 1215 -41.32 -8.76 47.66
N GLU B 1216 -40.45 -9.14 48.58
CA GLU B 1216 -39.02 -9.29 48.31
C GLU B 1216 -38.39 -7.95 47.92
N ASN B 1217 -39.10 -6.86 48.22
CA ASN B 1217 -38.65 -5.53 47.87
C ASN B 1217 -38.36 -5.44 46.38
N ILE B 1218 -39.41 -5.63 45.60
CA ILE B 1218 -39.33 -5.59 44.14
C ILE B 1218 -40.03 -4.34 43.66
N ILE B 1219 -39.26 -3.37 43.18
CA ILE B 1219 -39.82 -2.16 42.60
C ILE B 1219 -40.54 -2.58 41.32
N GLN B 1220 -41.79 -2.17 41.18
CA GLN B 1220 -42.51 -2.32 39.92
C GLN B 1220 -43.00 -0.95 39.50
N MET B 1221 -42.92 -0.68 38.21
CA MET B 1221 -43.49 0.55 37.66
C MET B 1221 -44.69 0.14 36.82
N GLU B 1222 -45.88 0.27 37.37
CA GLU B 1222 -47.07 -0.06 36.61
C GLU B 1222 -47.19 1.00 35.53
N MET B 1223 -46.73 0.66 34.34
CA MET B 1223 -46.74 1.56 33.20
C MET B 1223 -48.07 1.41 32.50
N ILE B 1224 -48.98 2.33 32.73
CA ILE B 1224 -50.32 2.20 32.18
C ILE B 1224 -50.41 2.95 30.87
N GLU B 1225 -51.21 2.42 29.96
CA GLU B 1225 -51.70 3.17 28.80
C GLU B 1225 -53.18 2.87 28.65
N ASN B 1226 -53.97 3.93 28.55
CA ASN B 1226 -55.42 3.80 28.58
C ASN B 1226 -56.05 3.79 27.20
N ARG B 1227 -55.37 4.35 26.19
CA ARG B 1227 -55.90 4.31 24.84
C ARG B 1227 -55.88 2.87 24.38
N THR B 1228 -57.00 2.19 24.60
CA THR B 1228 -57.04 0.73 24.50
C THR B 1228 -58.17 0.36 23.55
N MET B 1229 -58.15 -0.90 23.12
CA MET B 1229 -59.20 -1.38 22.25
C MET B 1229 -60.57 -1.32 22.92
N ASP B 1230 -60.63 -1.62 24.21
CA ASP B 1230 -61.87 -1.56 24.97
C ASP B 1230 -61.98 -0.30 25.81
N GLY B 1231 -61.06 0.64 25.66
CA GLY B 1231 -61.02 1.81 26.50
C GLY B 1231 -60.47 1.57 27.88
N LYS B 1232 -60.70 0.40 28.46
CA LYS B 1232 -60.15 0.12 29.78
C LYS B 1232 -58.63 0.07 29.70
N PRO B 1233 -57.94 0.74 30.61
CA PRO B 1233 -56.50 0.93 30.45
C PRO B 1233 -55.74 -0.38 30.58
N VAL B 1234 -54.71 -0.54 29.77
CA VAL B 1234 -53.79 -1.64 29.89
C VAL B 1234 -52.54 -1.15 30.62
N SER B 1235 -52.01 -1.98 31.49
CA SER B 1235 -50.85 -1.63 32.28
C SER B 1235 -49.71 -2.59 31.98
N LEU B 1236 -48.52 -2.04 31.79
CA LEU B 1236 -47.33 -2.82 31.49
C LEU B 1236 -46.50 -2.95 32.75
N PRO B 1237 -46.44 -4.14 33.35
CA PRO B 1237 -45.70 -4.31 34.61
C PRO B 1237 -44.21 -4.43 34.34
N LEU B 1238 -43.43 -3.46 34.80
CA LEU B 1238 -41.98 -3.50 34.69
C LEU B 1238 -41.42 -3.64 36.10
N LEU B 1239 -40.73 -4.75 36.35
CA LEU B 1239 -40.18 -5.03 37.67
C LEU B 1239 -38.71 -4.65 37.73
N TYR B 1240 -38.22 -4.42 38.93
CA TYR B 1240 -36.81 -4.15 39.16
C TYR B 1240 -36.43 -4.70 40.53
N ASN B 1241 -35.19 -5.14 40.68
CA ASN B 1241 -34.68 -5.56 41.97
C ASN B 1241 -33.98 -4.37 42.63
N PHE B 1242 -34.40 -4.05 43.85
CA PHE B 1242 -33.72 -3.02 44.61
C PHE B 1242 -32.70 -3.67 45.55
N ASN B 1243 -31.46 -3.23 45.48
CA ASN B 1243 -30.39 -3.82 46.29
C ASN B 1243 -29.86 -2.83 47.30
N PRO B 1244 -30.28 -2.90 48.56
CA PRO B 1244 -29.71 -2.02 49.56
C PRO B 1244 -28.26 -2.31 49.84
N ASP B 1245 -27.76 -3.48 49.47
CA ASP B 1245 -26.38 -3.82 49.75
C ASP B 1245 -25.42 -3.29 48.70
N ASN B 1246 -25.84 -3.22 47.46
CA ASN B 1246 -25.04 -2.61 46.40
C ASN B 1246 -25.48 -1.16 46.28
N GLY B 1247 -24.69 -0.26 46.83
CA GLY B 1247 -25.10 1.13 46.89
C GLY B 1247 -25.08 1.82 45.55
N PHE B 1248 -24.00 1.66 44.80
CA PHE B 1248 -23.84 2.41 43.57
C PHE B 1248 -24.96 2.17 42.58
N ALA B 1249 -25.56 0.99 42.61
CA ALA B 1249 -26.65 0.63 41.70
C ALA B 1249 -27.57 -0.34 42.41
N PRO B 1250 -28.45 0.17 43.27
CA PRO B 1250 -29.34 -0.73 44.00
C PRO B 1250 -30.40 -1.33 43.11
N ILE B 1251 -30.86 -0.59 42.11
CA ILE B 1251 -31.95 -1.06 41.27
C ILE B 1251 -31.39 -1.84 40.10
N SER B 1252 -31.74 -3.12 40.04
CA SER B 1252 -31.31 -4.01 38.98
C SER B 1252 -32.54 -4.62 38.33
N GLU B 1253 -32.79 -4.28 37.07
CA GLU B 1253 -33.98 -4.77 36.39
C GLU B 1253 -33.90 -6.26 36.16
N VAL B 1254 -34.98 -6.96 36.49
CA VAL B 1254 -35.09 -8.36 36.11
C VAL B 1254 -35.30 -8.45 34.61
N MET B 1255 -34.29 -8.94 33.90
CA MET B 1255 -34.43 -9.14 32.47
C MET B 1255 -35.05 -10.48 32.14
N GLU B 1256 -35.13 -11.37 33.12
CA GLU B 1256 -35.76 -12.66 32.91
C GLU B 1256 -37.25 -12.46 32.65
N ASP B 1257 -37.77 -13.12 31.63
CA ASP B 1257 -39.19 -13.09 31.32
C ASP B 1257 -39.62 -11.67 30.95
N ARG B 1258 -38.66 -10.83 30.59
CA ARG B 1258 -38.98 -9.43 30.39
C ARG B 1258 -39.82 -9.22 29.13
N ASN B 1259 -39.47 -9.91 28.05
CA ASN B 1259 -40.17 -9.69 26.80
C ASN B 1259 -41.60 -10.22 26.83
N GLN B 1260 -41.85 -11.33 27.51
CA GLN B 1260 -43.19 -11.89 27.53
C GLN B 1260 -44.21 -10.92 28.10
N ARG B 1261 -43.92 -10.29 29.23
CA ARG B 1261 -44.87 -9.34 29.76
C ARG B 1261 -44.95 -8.08 28.91
N ILE B 1262 -44.03 -7.90 27.97
CA ILE B 1262 -44.23 -6.88 26.96
C ILE B 1262 -45.06 -7.40 25.81
N LYS B 1263 -44.77 -8.61 25.34
CA LYS B 1263 -45.63 -9.26 24.35
C LYS B 1263 -47.07 -9.30 24.82
N GLU B 1264 -47.28 -9.72 26.07
CA GLU B 1264 -48.64 -9.83 26.59
C GLU B 1264 -49.32 -8.47 26.68
N MET B 1265 -48.57 -7.41 26.91
CA MET B 1265 -49.17 -6.09 26.90
C MET B 1265 -49.57 -5.71 25.49
N TYR B 1266 -48.70 -5.95 24.53
CA TYR B 1266 -49.01 -5.62 23.17
C TYR B 1266 -50.14 -6.47 22.59
N TRP B 1267 -50.39 -7.64 23.16
CA TRP B 1267 -51.51 -8.47 22.73
C TRP B 1267 -52.80 -7.65 22.66
N LYS B 1268 -53.26 -7.20 23.82
CA LYS B 1268 -54.52 -6.49 23.93
C LYS B 1268 -54.50 -5.16 23.22
N LEU B 1269 -53.35 -4.74 22.73
CA LEU B 1269 -53.28 -3.54 21.92
C LEU B 1269 -53.61 -3.81 20.46
N TRP B 1270 -53.25 -4.99 19.97
CA TRP B 1270 -53.45 -5.27 18.55
C TRP B 1270 -54.34 -6.47 18.28
N ILE B 1271 -54.05 -7.59 18.91
CA ILE B 1271 -54.59 -8.87 18.45
C ILE B 1271 -55.88 -9.17 19.20
N ASP B 1272 -56.92 -9.52 18.46
CA ASP B 1272 -58.25 -9.76 19.02
C ASP B 1272 -58.44 -11.26 19.30
N GLU B 1273 -57.46 -11.84 19.97
CA GLU B 1273 -57.42 -13.27 20.22
C GLU B 1273 -56.83 -13.53 21.60
N PRO B 1274 -57.02 -14.73 22.14
CA PRO B 1274 -56.34 -15.09 23.38
C PRO B 1274 -54.83 -15.07 23.18
N PHE B 1275 -54.11 -15.20 24.29
CA PHE B 1275 -52.67 -15.00 24.29
C PHE B 1275 -51.98 -16.34 24.21
N ASN B 1276 -51.08 -16.49 23.24
CA ASN B 1276 -50.25 -17.69 23.16
C ASN B 1276 -49.00 -17.38 22.36
N LEU B 1277 -47.86 -17.68 22.95
CA LEU B 1277 -46.57 -17.50 22.30
C LEU B 1277 -45.97 -18.85 21.95
N ASP B 1278 -46.81 -19.88 21.89
CA ASP B 1278 -46.37 -21.17 21.37
C ASP B 1278 -46.65 -21.15 19.87
N PHE B 1279 -46.56 -19.95 19.33
CA PHE B 1279 -46.85 -19.66 17.94
C PHE B 1279 -45.70 -20.15 17.08
N ASP B 1280 -46.01 -20.64 15.92
CA ASP B 1280 -44.92 -21.20 15.12
C ASP B 1280 -44.42 -20.16 14.13
N PRO B 1281 -43.15 -19.77 14.19
CA PRO B 1281 -42.62 -18.79 13.23
C PRO B 1281 -42.45 -19.33 11.85
N ARG B 1282 -42.90 -20.55 11.58
CA ARG B 1282 -42.78 -21.13 10.26
C ARG B 1282 -44.11 -21.23 9.55
N ASP B 1283 -45.18 -21.49 10.29
CA ASP B 1283 -46.48 -21.66 9.69
C ASP B 1283 -47.01 -20.33 9.16
N VAL B 1284 -48.10 -20.41 8.44
CA VAL B 1284 -48.77 -19.23 7.94
C VAL B 1284 -49.78 -18.79 9.00
N ILE B 1285 -50.09 -17.50 9.02
CA ILE B 1285 -51.02 -16.94 9.97
C ILE B 1285 -52.33 -16.63 9.25
N LYS B 1286 -53.40 -17.26 9.71
CA LYS B 1286 -54.71 -16.99 9.17
C LYS B 1286 -55.31 -15.77 9.86
N GLY B 1287 -55.62 -14.76 9.08
CA GLY B 1287 -56.24 -13.56 9.61
C GLY B 1287 -57.69 -13.81 9.95
N LYS B 1288 -58.51 -12.77 9.83
CA LYS B 1288 -59.94 -12.91 9.99
C LYS B 1288 -60.64 -12.09 8.92
N ASP B 1289 -61.78 -12.60 8.48
CA ASP B 1289 -62.52 -12.00 7.39
C ASP B 1289 -62.99 -10.62 7.80
N PHE B 1290 -62.76 -9.64 6.93
CA PHE B 1290 -63.12 -8.25 7.22
C PHE B 1290 -63.94 -7.71 6.07
N GLU B 1291 -65.26 -7.72 6.22
CA GLU B 1291 -66.12 -7.01 5.30
C GLU B 1291 -65.92 -5.52 5.49
N ILE B 1292 -65.51 -4.83 4.43
CA ILE B 1292 -65.28 -3.38 4.51
C ILE B 1292 -66.65 -2.75 4.63
N THR B 1293 -66.81 -1.91 5.66
CA THR B 1293 -67.98 -1.05 5.74
C THR B 1293 -67.65 0.28 5.04
N ALA B 1294 -68.68 0.94 4.53
CA ALA B 1294 -68.46 2.09 3.69
C ALA B 1294 -68.03 3.31 4.48
N LYS B 1295 -68.12 3.28 5.80
CA LYS B 1295 -67.76 4.42 6.64
C LYS B 1295 -66.35 4.27 7.16
N GLU B 1296 -65.79 3.10 6.95
CA GLU B 1296 -64.45 2.82 7.45
C GLU B 1296 -63.37 3.50 6.63
N VAL B 1297 -63.54 3.65 5.33
CA VAL B 1297 -62.58 4.30 4.49
C VAL B 1297 -62.84 5.79 4.37
N TYR B 1298 -64.11 6.21 4.50
CA TYR B 1298 -64.35 7.63 4.66
C TYR B 1298 -63.62 8.17 5.87
N ASP B 1299 -63.67 7.45 6.98
CA ASP B 1299 -62.94 7.83 8.18
C ASP B 1299 -61.44 7.67 8.04
N PHE B 1300 -60.98 6.69 7.29
CA PHE B 1300 -59.57 6.50 7.02
C PHE B 1300 -58.98 7.61 6.17
N THR B 1301 -59.65 7.96 5.09
CA THR B 1301 -59.12 8.91 4.12
C THR B 1301 -58.75 10.23 4.78
N HIS B 1302 -59.62 10.74 5.65
CA HIS B 1302 -59.34 11.99 6.34
C HIS B 1302 -58.33 11.80 7.45
N ALA B 1303 -58.46 10.75 8.24
CA ALA B 1303 -57.53 10.55 9.35
C ALA B 1303 -56.10 10.38 8.84
N VAL B 1304 -55.96 10.02 7.57
CA VAL B 1304 -54.66 9.87 6.96
C VAL B 1304 -54.27 11.21 6.36
N GLY B 1305 -55.21 12.15 6.36
CA GLY B 1305 -55.02 13.32 5.53
C GLY B 1305 -54.90 12.99 4.07
N ASN B 1306 -55.39 11.82 3.66
CA ASN B 1306 -55.41 11.45 2.26
C ASN B 1306 -56.43 12.35 1.60
N ASN B 1307 -55.97 13.47 1.05
CA ASN B 1307 -56.87 14.38 0.37
C ASN B 1307 -57.18 13.91 -1.04
N CYS B 1308 -56.66 12.75 -1.44
CA CYS B 1308 -56.92 12.27 -2.78
C CYS B 1308 -58.42 12.16 -3.00
N GLU B 1309 -58.91 13.02 -3.88
CA GLU B 1309 -60.30 13.03 -4.26
C GLU B 1309 -60.60 11.87 -5.19
N ASP B 1310 -60.48 10.64 -4.72
CA ASP B 1310 -60.72 9.46 -5.54
C ASP B 1310 -61.35 8.32 -4.76
N PHE B 1311 -61.65 8.53 -3.48
CA PHE B 1311 -61.99 7.37 -2.65
C PHE B 1311 -63.28 7.50 -1.87
N VAL B 1312 -63.93 8.65 -1.91
CA VAL B 1312 -65.10 8.86 -1.08
C VAL B 1312 -66.34 8.88 -1.95
N SER B 1313 -67.34 8.12 -1.55
CA SER B 1313 -68.64 8.12 -2.21
C SER B 1313 -69.72 8.39 -1.17
N ARG B 1314 -70.96 8.23 -1.57
CA ARG B 1314 -72.12 8.47 -0.74
C ARG B 1314 -72.51 7.17 -0.04
N PRO B 1315 -73.21 7.26 1.08
CA PRO B 1315 -73.69 6.03 1.73
C PRO B 1315 -74.80 5.37 0.92
N ASP B 1316 -75.28 4.23 1.43
CA ASP B 1316 -76.25 3.32 0.80
C ASP B 1316 -75.73 2.75 -0.52
N ARG B 1317 -74.50 3.07 -0.88
CA ARG B 1317 -73.78 2.38 -1.96
C ARG B 1317 -72.42 2.01 -1.39
N THR B 1318 -71.80 0.97 -1.93
CA THR B 1318 -70.48 0.58 -1.46
C THR B 1318 -69.48 1.68 -1.81
N MET B 1319 -68.36 1.69 -1.09
CA MET B 1319 -67.36 2.73 -1.25
C MET B 1319 -66.16 2.10 -1.94
N LEU B 1320 -65.20 2.91 -2.37
CA LEU B 1320 -63.97 2.31 -2.85
C LEU B 1320 -62.83 2.67 -1.91
N ALA B 1321 -61.89 1.82 -1.78
CA ALA B 1321 -60.91 1.95 -0.71
C ALA B 1321 -59.55 2.30 -1.27
N PRO B 1322 -58.66 2.84 -0.45
CA PRO B 1322 -57.28 3.05 -0.88
C PRO B 1322 -56.50 1.75 -0.77
N MET B 1323 -55.43 1.67 -1.54
CA MET B 1323 -54.50 0.54 -1.45
C MET B 1323 -53.95 0.38 -0.05
N ASP B 1324 -53.76 1.47 0.69
CA ASP B 1324 -53.19 1.37 2.01
C ASP B 1324 -54.17 0.77 3.01
N PHE B 1325 -55.46 0.72 2.68
CA PHE B 1325 -56.41 0.06 3.54
C PHE B 1325 -56.09 -1.42 3.73
N ALA B 1326 -55.23 -1.98 2.89
CA ALA B 1326 -54.72 -3.32 3.10
C ALA B 1326 -54.09 -3.48 4.46
N ILE B 1327 -53.31 -2.49 4.91
CA ILE B 1327 -52.75 -2.52 6.24
C ILE B 1327 -53.82 -2.45 7.33
N VAL B 1328 -54.90 -1.70 7.11
CA VAL B 1328 -56.02 -1.71 8.05
C VAL B 1328 -56.56 -3.12 8.20
N VAL B 1329 -56.73 -3.81 7.06
CA VAL B 1329 -57.29 -5.14 7.08
C VAL B 1329 -56.22 -6.21 7.22
N GLY B 1330 -54.94 -5.83 7.20
CA GLY B 1330 -53.88 -6.81 7.33
C GLY B 1330 -53.13 -6.80 8.64
N TRP B 1331 -53.26 -5.76 9.44
CA TRP B 1331 -52.41 -5.62 10.62
C TRP B 1331 -52.62 -6.72 11.64
N ARG B 1332 -53.87 -7.03 11.99
CA ARG B 1332 -54.14 -8.06 12.98
C ARG B 1332 -53.59 -9.42 12.57
N ALA B 1333 -53.26 -9.61 11.31
CA ALA B 1333 -52.63 -10.83 10.86
C ALA B 1333 -51.15 -10.68 10.60
N ILE B 1334 -50.72 -9.50 10.17
CA ILE B 1334 -49.33 -9.31 9.80
C ILE B 1334 -48.42 -9.43 11.00
N ILE B 1335 -48.84 -8.90 12.15
CA ILE B 1335 -47.93 -8.77 13.27
C ILE B 1335 -47.95 -10.01 14.15
N LYS B 1336 -48.89 -10.92 13.90
CA LYS B 1336 -48.85 -12.16 14.65
C LYS B 1336 -47.58 -12.94 14.40
N ALA B 1337 -46.77 -12.52 13.43
CA ALA B 1337 -45.53 -13.19 13.09
C ALA B 1337 -44.36 -12.76 13.95
N ILE B 1338 -44.39 -11.54 14.48
CA ILE B 1338 -43.33 -11.09 15.36
C ILE B 1338 -43.61 -11.43 16.81
N PHE B 1339 -44.76 -11.99 17.10
CA PHE B 1339 -45.12 -12.38 18.45
C PHE B 1339 -44.58 -13.73 18.91
N PRO B 1340 -44.48 -14.77 18.06
CA PRO B 1340 -44.08 -16.09 18.56
C PRO B 1340 -42.86 -16.06 19.46
N ASN B 1341 -42.82 -16.97 20.43
CA ASN B 1341 -41.81 -16.88 21.47
C ASN B 1341 -40.42 -17.20 20.95
N THR B 1342 -40.29 -18.12 20.00
CA THR B 1342 -38.96 -18.50 19.53
C THR B 1342 -38.25 -17.34 18.87
N VAL B 1343 -38.98 -16.43 18.25
CA VAL B 1343 -38.43 -15.16 17.81
C VAL B 1343 -38.57 -14.20 18.99
N ASP B 1344 -37.52 -14.09 19.77
CA ASP B 1344 -37.52 -13.29 21.00
C ASP B 1344 -37.11 -11.88 20.67
N GLY B 1345 -37.95 -10.91 21.03
CA GLY B 1345 -37.68 -9.54 20.71
C GLY B 1345 -38.15 -8.58 21.78
N ASP B 1346 -37.45 -7.46 21.87
CA ASP B 1346 -37.85 -6.35 22.73
C ASP B 1346 -38.79 -5.48 21.93
N LEU B 1347 -40.09 -5.69 22.10
CA LEU B 1347 -41.08 -4.96 21.32
C LEU B 1347 -40.94 -3.46 21.43
N LEU B 1348 -40.29 -2.95 22.47
CA LEU B 1348 -40.22 -1.50 22.62
C LEU B 1348 -39.29 -0.87 21.61
N LYS B 1349 -38.09 -1.42 21.43
CA LYS B 1349 -37.16 -0.81 20.50
C LYS B 1349 -37.40 -1.32 19.10
N LEU B 1350 -38.56 -1.91 18.87
CA LEU B 1350 -38.93 -2.38 17.55
C LEU B 1350 -39.10 -1.22 16.60
N VAL B 1351 -38.42 -1.29 15.46
CA VAL B 1351 -38.43 -0.23 14.47
C VAL B 1351 -39.04 -0.78 13.19
N HIS B 1352 -39.99 -0.04 12.63
CA HIS B 1352 -40.52 -0.34 11.32
C HIS B 1352 -39.55 0.21 10.28
N LEU B 1353 -39.07 -0.66 9.40
CA LEU B 1353 -38.01 -0.30 8.48
C LEU B 1353 -38.51 0.07 7.10
N SER B 1354 -39.45 -0.69 6.54
CA SER B 1354 -39.96 -0.39 5.22
C SER B 1354 -41.28 -1.11 5.02
N ASN B 1355 -42.07 -0.62 4.08
CA ASN B 1355 -43.36 -1.22 3.78
C ASN B 1355 -43.56 -1.12 2.27
N GLY B 1356 -44.01 -2.21 1.67
CA GLY B 1356 -44.27 -2.25 0.25
C GLY B 1356 -45.57 -2.98 -0.04
N TYR B 1357 -46.19 -2.62 -1.15
CA TYR B 1357 -47.39 -3.29 -1.60
C TYR B 1357 -47.14 -3.87 -2.98
N LYS B 1358 -47.96 -4.84 -3.36
CA LYS B 1358 -47.93 -5.37 -4.72
C LYS B 1358 -49.36 -5.76 -5.06
N MET B 1359 -50.06 -4.84 -5.70
CA MET B 1359 -51.36 -5.17 -6.27
C MET B 1359 -51.12 -6.16 -7.42
N ILE B 1360 -51.44 -7.42 -7.18
CA ILE B 1360 -51.03 -8.45 -8.14
C ILE B 1360 -51.70 -8.18 -9.49
N PRO B 1361 -51.04 -8.47 -10.60
CA PRO B 1361 -51.54 -8.02 -11.90
C PRO B 1361 -52.74 -8.85 -12.33
N GLY B 1362 -53.85 -8.18 -12.59
CA GLY B 1362 -55.03 -8.88 -13.07
C GLY B 1362 -56.21 -8.75 -12.13
N ALA B 1363 -56.00 -8.15 -10.96
CA ALA B 1363 -57.07 -8.00 -9.99
C ALA B 1363 -57.48 -6.53 -9.93
N LYS B 1364 -58.75 -6.31 -9.63
CA LYS B 1364 -59.25 -4.96 -9.53
C LYS B 1364 -58.94 -4.41 -8.15
N PRO B 1365 -58.78 -3.10 -8.01
CA PRO B 1365 -58.57 -2.53 -6.68
C PRO B 1365 -59.79 -2.77 -5.80
N LEU B 1366 -59.59 -2.66 -4.49
CA LEU B 1366 -60.57 -3.17 -3.55
C LEU B 1366 -61.74 -2.20 -3.37
N GLN B 1367 -62.94 -2.75 -3.43
CA GLN B 1367 -64.17 -2.00 -3.23
C GLN B 1367 -64.66 -2.35 -1.82
N VAL B 1368 -65.62 -1.59 -1.31
CA VAL B 1368 -66.03 -1.78 0.08
C VAL B 1368 -67.00 -2.94 0.28
N GLY B 1369 -67.83 -3.25 -0.70
CA GLY B 1369 -68.68 -4.41 -0.56
C GLY B 1369 -67.88 -5.69 -0.41
N ASP B 1370 -66.59 -5.63 -0.72
CA ASP B 1370 -65.75 -6.82 -0.73
C ASP B 1370 -65.48 -7.29 0.69
N VAL B 1371 -65.81 -8.54 0.98
CA VAL B 1371 -65.40 -9.17 2.24
C VAL B 1371 -64.02 -9.76 1.99
N VAL B 1372 -63.00 -9.02 2.39
CA VAL B 1372 -61.63 -9.37 2.05
C VAL B 1372 -61.07 -10.32 3.10
N SER B 1373 -60.46 -11.41 2.64
CA SER B 1373 -59.76 -12.33 3.52
C SER B 1373 -58.26 -12.07 3.45
N THR B 1374 -57.62 -12.01 4.61
CA THR B 1374 -56.19 -11.74 4.70
C THR B 1374 -55.45 -12.96 5.17
N THR B 1375 -54.20 -13.09 4.74
CA THR B 1375 -53.33 -14.17 5.16
C THR B 1375 -51.89 -13.68 5.08
N ALA B 1376 -51.14 -13.90 6.16
CA ALA B 1376 -49.78 -13.42 6.25
C ALA B 1376 -48.86 -14.57 6.61
N VAL B 1377 -47.70 -14.61 5.98
CA VAL B 1377 -46.67 -15.59 6.30
C VAL B 1377 -45.35 -14.86 6.52
N ILE B 1378 -44.70 -15.15 7.63
CA ILE B 1378 -43.36 -14.64 7.87
C ILE B 1378 -42.43 -15.25 6.84
N GLU B 1379 -41.65 -14.41 6.17
CA GLU B 1379 -40.76 -14.84 5.11
C GLU B 1379 -39.35 -15.14 5.59
N SER B 1380 -38.70 -14.16 6.22
CA SER B 1380 -37.32 -14.33 6.63
C SER B 1380 -37.08 -13.56 7.90
N VAL B 1381 -36.35 -14.16 8.82
CA VAL B 1381 -35.93 -13.49 10.05
C VAL B 1381 -34.41 -13.51 10.11
N VAL B 1382 -33.80 -12.48 9.55
CA VAL B 1382 -32.35 -12.40 9.49
C VAL B 1382 -31.87 -11.69 10.74
N ASN B 1383 -30.72 -12.12 11.24
CA ASN B 1383 -30.17 -11.58 12.47
C ASN B 1383 -28.81 -10.95 12.18
N GLN B 1384 -28.80 -9.64 12.01
CA GLN B 1384 -27.60 -8.85 11.85
C GLN B 1384 -26.89 -8.71 13.19
N PRO B 1385 -25.73 -8.06 13.22
CA PRO B 1385 -25.15 -7.70 14.52
C PRO B 1385 -25.96 -6.65 15.25
N THR B 1386 -26.56 -5.71 14.52
CA THR B 1386 -27.24 -4.58 15.12
C THR B 1386 -28.67 -4.87 15.52
N GLY B 1387 -29.10 -6.12 15.51
CA GLY B 1387 -30.46 -6.46 15.83
C GLY B 1387 -30.87 -7.69 15.05
N LYS B 1388 -32.15 -7.76 14.71
CA LYS B 1388 -32.60 -8.73 13.73
C LYS B 1388 -33.83 -8.21 13.01
N ILE B 1389 -33.84 -8.44 11.70
CA ILE B 1389 -34.88 -7.96 10.82
C ILE B 1389 -35.85 -9.09 10.57
N VAL B 1390 -37.14 -8.79 10.60
CA VAL B 1390 -38.18 -9.73 10.22
C VAL B 1390 -38.92 -9.11 9.03
N ASP B 1391 -39.18 -9.93 8.03
CA ASP B 1391 -39.89 -9.49 6.83
C ASP B 1391 -41.10 -10.38 6.65
N VAL B 1392 -42.28 -9.79 6.78
CA VAL B 1392 -43.53 -10.53 6.71
C VAL B 1392 -44.17 -10.20 5.39
N VAL B 1393 -44.59 -11.21 4.65
CA VAL B 1393 -45.26 -11.02 3.38
C VAL B 1393 -46.70 -11.50 3.52
N GLY B 1394 -47.61 -10.56 3.69
CA GLY B 1394 -49.01 -10.91 3.76
C GLY B 1394 -49.66 -10.83 2.41
N THR B 1395 -50.67 -11.68 2.23
CA THR B 1395 -51.37 -11.79 0.95
C THR B 1395 -52.86 -11.74 1.25
N LEU B 1396 -53.50 -10.71 0.75
CA LEU B 1396 -54.91 -10.50 1.02
C LEU B 1396 -55.73 -10.98 -0.17
N SER B 1397 -56.92 -11.49 0.13
CA SER B 1397 -57.70 -12.13 -0.91
C SER B 1397 -59.18 -11.84 -0.73
N ARG B 1398 -59.92 -11.99 -1.83
CA ARG B 1398 -61.37 -11.90 -1.81
C ARG B 1398 -61.89 -12.96 -2.77
N ASN B 1399 -63.00 -13.58 -2.41
CA ASN B 1399 -63.61 -14.61 -3.24
C ASN B 1399 -62.63 -15.72 -3.56
N GLY B 1400 -61.67 -15.95 -2.67
CA GLY B 1400 -60.65 -16.93 -2.91
C GLY B 1400 -59.49 -16.39 -3.72
N LYS B 1401 -59.79 -15.55 -4.70
CA LYS B 1401 -58.75 -14.99 -5.53
C LYS B 1401 -57.84 -14.09 -4.70
N PRO B 1402 -56.53 -14.21 -4.83
CA PRO B 1402 -55.64 -13.24 -4.23
C PRO B 1402 -55.85 -11.88 -4.87
N VAL B 1403 -55.77 -10.85 -4.05
CA VAL B 1403 -56.05 -9.50 -4.53
C VAL B 1403 -54.77 -8.69 -4.58
N MET B 1404 -54.05 -8.63 -3.47
CA MET B 1404 -52.81 -7.87 -3.42
C MET B 1404 -51.93 -8.44 -2.34
N GLU B 1405 -50.64 -8.20 -2.48
CA GLU B 1405 -49.65 -8.66 -1.52
C GLU B 1405 -49.08 -7.46 -0.79
N VAL B 1406 -48.71 -7.66 0.47
CA VAL B 1406 -48.17 -6.60 1.30
C VAL B 1406 -46.87 -7.13 1.91
N THR B 1407 -45.79 -6.42 1.67
CA THR B 1407 -44.53 -6.73 2.30
C THR B 1407 -44.17 -5.65 3.30
N SER B 1408 -43.44 -6.04 4.35
CA SER B 1408 -43.10 -5.14 5.42
C SER B 1408 -41.81 -5.60 6.07
N SER B 1409 -41.17 -4.70 6.81
CA SER B 1409 -39.87 -5.00 7.41
C SER B 1409 -39.80 -4.30 8.75
N PHE B 1410 -39.79 -5.09 9.82
CA PHE B 1410 -39.58 -4.55 11.14
C PHE B 1410 -38.11 -4.72 11.53
N PHE B 1411 -37.80 -4.42 12.79
CA PHE B 1411 -36.42 -4.54 13.21
C PHE B 1411 -36.36 -4.55 14.73
N TYR B 1412 -35.97 -5.69 15.30
CA TYR B 1412 -35.70 -5.80 16.72
C TYR B 1412 -34.25 -5.46 16.96
N ARG B 1413 -33.95 -4.20 17.23
CA ARG B 1413 -32.56 -3.80 17.39
C ARG B 1413 -32.01 -4.37 18.68
N GLY B 1414 -30.70 -4.53 18.72
CA GLY B 1414 -30.03 -5.21 19.80
C GLY B 1414 -29.08 -6.27 19.30
N ASN B 1415 -28.79 -7.22 20.17
CA ASN B 1415 -27.94 -8.35 19.84
C ASN B 1415 -28.72 -9.64 20.05
N TYR B 1416 -28.57 -10.58 19.11
CA TYR B 1416 -29.23 -11.87 19.24
C TYR B 1416 -28.30 -12.93 18.67
N THR B 1417 -28.20 -14.04 19.40
CA THR B 1417 -27.39 -15.18 18.99
C THR B 1417 -28.25 -16.44 19.00
N ASP B 1418 -29.49 -16.26 18.57
CA ASP B 1418 -30.48 -17.35 18.54
C ASP B 1418 -30.56 -17.96 17.15
N PHE B 1419 -29.41 -18.10 16.50
CA PHE B 1419 -29.35 -18.55 15.11
C PHE B 1419 -30.13 -19.84 14.89
N GLU B 1420 -30.24 -20.68 15.93
CA GLU B 1420 -30.94 -21.94 15.84
C GLU B 1420 -32.40 -21.80 15.44
N ASN B 1421 -32.95 -20.59 15.44
CA ASN B 1421 -34.28 -20.35 14.90
C ASN B 1421 -34.25 -19.14 13.99
N THR B 1422 -33.17 -19.03 13.23
CA THR B 1422 -32.98 -17.96 12.27
C THR B 1422 -33.06 -18.55 10.87
N PHE B 1423 -33.76 -17.88 9.98
CA PHE B 1423 -33.82 -18.37 8.62
C PHE B 1423 -34.18 -17.25 7.68
N GLN B 1424 -33.54 -17.24 6.52
CA GLN B 1424 -33.75 -16.24 5.50
C GLN B 1424 -34.26 -16.93 4.24
N LYS B 1425 -35.03 -16.21 3.44
CA LYS B 1425 -35.56 -16.78 2.21
C LYS B 1425 -35.81 -15.66 1.22
N THR B 1426 -35.31 -15.81 0.01
CA THR B 1426 -35.33 -14.72 -0.96
C THR B 1426 -35.76 -15.24 -2.33
N VAL B 1427 -36.06 -14.30 -3.22
CA VAL B 1427 -36.35 -14.58 -4.62
C VAL B 1427 -35.23 -14.00 -5.44
N GLU B 1428 -34.63 -14.79 -6.23
CA GLU B 1428 -33.47 -14.23 -6.91
C GLU B 1428 -33.87 -13.55 -8.21
N PRO B 1429 -33.07 -12.60 -8.67
CA PRO B 1429 -33.29 -12.03 -10.00
C PRO B 1429 -33.14 -13.11 -11.05
N VAL B 1430 -34.12 -13.19 -11.93
CA VAL B 1430 -34.13 -14.23 -12.94
C VAL B 1430 -32.90 -14.08 -13.83
N TYR B 1431 -32.17 -15.17 -13.97
CA TYR B 1431 -30.91 -15.22 -14.70
C TYR B 1431 -31.13 -15.84 -16.06
N GLN B 1432 -30.62 -15.16 -17.09
CA GLN B 1432 -30.66 -15.70 -18.43
C GLN B 1432 -29.36 -16.41 -18.71
N MET B 1433 -29.43 -17.48 -19.48
CA MET B 1433 -28.24 -18.21 -19.86
C MET B 1433 -28.32 -18.47 -21.35
N HIS B 1434 -27.55 -17.72 -22.12
CA HIS B 1434 -27.60 -17.77 -23.57
C HIS B 1434 -26.58 -18.78 -24.08
N ILE B 1435 -27.01 -20.01 -24.30
CA ILE B 1435 -26.09 -21.06 -24.71
C ILE B 1435 -25.73 -20.89 -26.18
N LYS B 1436 -24.45 -20.74 -26.46
CA LYS B 1436 -23.94 -20.66 -27.83
C LYS B 1436 -22.99 -21.78 -28.17
N THR B 1437 -21.98 -22.02 -27.33
CA THR B 1437 -21.03 -23.08 -27.58
C THR B 1437 -21.64 -24.43 -27.20
N SER B 1438 -20.90 -25.49 -27.49
CA SER B 1438 -21.34 -26.83 -27.15
C SER B 1438 -20.71 -27.34 -25.85
N LYS B 1439 -19.71 -26.65 -25.34
CA LYS B 1439 -19.05 -27.11 -24.13
C LYS B 1439 -19.73 -26.59 -22.86
N ASP B 1440 -20.58 -25.58 -22.98
CA ASP B 1440 -21.36 -25.16 -21.83
C ASP B 1440 -22.50 -26.10 -21.53
N ILE B 1441 -23.16 -26.67 -22.54
CA ILE B 1441 -24.20 -27.64 -22.26
C ILE B 1441 -23.63 -28.84 -21.55
N ALA B 1442 -22.31 -29.04 -21.61
CA ALA B 1442 -21.68 -30.08 -20.82
C ALA B 1442 -21.49 -29.65 -19.38
N VAL B 1443 -20.86 -28.49 -19.16
CA VAL B 1443 -20.68 -28.00 -17.79
C VAL B 1443 -22.01 -27.85 -17.08
N LEU B 1444 -23.09 -27.63 -17.82
CA LEU B 1444 -24.40 -27.56 -17.20
C LEU B 1444 -24.80 -28.90 -16.60
N ARG B 1445 -24.98 -29.92 -17.43
CA ARG B 1445 -25.29 -31.20 -16.84
C ARG B 1445 -24.10 -31.84 -16.16
N SER B 1446 -22.92 -31.24 -16.26
CA SER B 1446 -21.85 -31.62 -15.37
C SER B 1446 -22.23 -31.33 -13.93
N LYS B 1447 -23.26 -30.52 -13.74
CA LYS B 1447 -23.71 -30.11 -12.42
C LYS B 1447 -24.83 -31.00 -11.92
N GLU B 1448 -24.89 -31.16 -10.61
CA GLU B 1448 -25.86 -32.02 -9.96
C GLU B 1448 -27.18 -31.33 -9.70
N TRP B 1449 -27.19 -30.02 -9.54
CA TRP B 1449 -28.44 -29.31 -9.32
C TRP B 1449 -29.12 -28.90 -10.60
N PHE B 1450 -28.53 -29.21 -11.74
CA PHE B 1450 -29.12 -28.89 -13.04
C PHE B 1450 -29.65 -30.17 -13.65
N GLN B 1451 -30.94 -30.39 -13.55
CA GLN B 1451 -31.57 -31.55 -14.15
C GLN B 1451 -32.85 -31.14 -14.86
N LEU B 1452 -33.13 -31.79 -15.97
CA LEU B 1452 -34.28 -31.53 -16.79
C LEU B 1452 -35.19 -32.74 -16.80
N ASP B 1453 -36.29 -32.63 -17.55
CA ASP B 1453 -37.13 -33.80 -17.76
C ASP B 1453 -36.46 -34.77 -18.72
N ASP B 1454 -35.99 -34.28 -19.86
CA ASP B 1454 -35.26 -35.08 -20.82
C ASP B 1454 -33.88 -34.48 -21.03
N GLU B 1455 -32.86 -35.09 -20.44
CA GLU B 1455 -31.49 -34.64 -20.63
C GLU B 1455 -31.07 -34.62 -22.08
N ASP B 1456 -31.82 -35.30 -22.94
CA ASP B 1456 -31.58 -35.31 -24.38
C ASP B 1456 -32.01 -34.01 -25.04
N PHE B 1457 -32.49 -33.04 -24.26
CA PHE B 1457 -33.01 -31.83 -24.86
C PHE B 1457 -31.92 -31.08 -25.61
N ASP B 1458 -32.25 -30.68 -26.83
CA ASP B 1458 -31.32 -29.96 -27.70
C ASP B 1458 -31.03 -28.63 -27.04
N LEU B 1459 -29.83 -28.49 -26.49
CA LEU B 1459 -29.53 -27.33 -25.67
C LEU B 1459 -28.78 -26.25 -26.45
N LEU B 1460 -28.51 -26.44 -27.73
CA LEU B 1460 -27.73 -25.46 -28.47
C LEU B 1460 -28.61 -24.33 -28.97
N ASN B 1461 -28.05 -23.11 -28.93
CA ASN B 1461 -28.68 -21.89 -29.42
C ASN B 1461 -29.96 -21.55 -28.70
N LYS B 1462 -30.33 -22.30 -27.67
CA LYS B 1462 -31.53 -22.00 -26.91
C LYS B 1462 -31.21 -20.88 -25.91
N THR B 1463 -32.23 -20.40 -25.21
CA THR B 1463 -32.04 -19.36 -24.22
C THR B 1463 -32.70 -19.82 -22.93
N LEU B 1464 -31.87 -20.01 -21.90
CA LEU B 1464 -32.34 -20.58 -20.64
C LEU B 1464 -32.39 -19.50 -19.58
N THR B 1465 -33.56 -19.37 -18.96
CA THR B 1465 -33.77 -18.44 -17.86
C THR B 1465 -33.99 -19.24 -16.59
N PHE B 1466 -33.65 -18.63 -15.46
CA PHE B 1466 -33.70 -19.30 -14.17
C PHE B 1466 -34.49 -18.47 -13.18
N GLU B 1467 -35.78 -18.70 -13.10
CA GLU B 1467 -36.64 -18.10 -12.09
C GLU B 1467 -36.52 -18.96 -10.84
N THR B 1468 -35.56 -18.66 -9.99
CA THR B 1468 -35.28 -19.50 -8.83
C THR B 1468 -35.68 -18.77 -7.56
N GLU B 1469 -36.00 -19.56 -6.54
CA GLU B 1469 -36.40 -19.06 -5.23
C GLU B 1469 -35.64 -19.86 -4.19
N THR B 1470 -34.75 -19.18 -3.47
CA THR B 1470 -33.85 -19.88 -2.57
C THR B 1470 -34.19 -19.62 -1.12
N GLU B 1471 -33.92 -20.64 -0.32
CA GLU B 1471 -34.08 -20.59 1.12
C GLU B 1471 -32.71 -20.82 1.74
N VAL B 1472 -32.57 -20.45 3.00
CA VAL B 1472 -31.31 -20.63 3.71
C VAL B 1472 -31.58 -20.59 5.20
N THR B 1473 -30.82 -21.39 5.95
CA THR B 1473 -30.93 -21.44 7.39
C THR B 1473 -29.54 -21.23 7.97
N PHE B 1474 -29.41 -20.25 8.85
CA PHE B 1474 -28.10 -19.87 9.35
C PHE B 1474 -27.72 -20.69 10.56
N LYS B 1475 -26.43 -20.73 10.83
CA LYS B 1475 -25.93 -21.16 12.13
C LYS B 1475 -24.88 -20.21 12.69
N ASN B 1476 -24.38 -19.27 11.90
CA ASN B 1476 -23.56 -18.19 12.39
C ASN B 1476 -23.92 -16.96 11.58
N ALA B 1477 -23.15 -15.88 11.75
CA ALA B 1477 -23.37 -14.70 10.94
C ALA B 1477 -23.09 -14.97 9.47
N ASN B 1478 -22.20 -15.92 9.19
CA ASN B 1478 -21.79 -16.23 7.83
C ASN B 1478 -21.91 -17.69 7.46
N ILE B 1479 -21.64 -18.61 8.38
CA ILE B 1479 -21.64 -20.03 8.07
C ILE B 1479 -23.09 -20.49 8.04
N PHE B 1480 -23.60 -20.76 6.84
CA PHE B 1480 -24.96 -21.26 6.75
C PHE B 1480 -25.04 -22.65 7.35
N SER B 1481 -26.27 -23.12 7.57
CA SER B 1481 -26.51 -24.45 8.09
C SER B 1481 -27.30 -25.28 7.09
N SER B 1482 -28.04 -24.63 6.21
CA SER B 1482 -28.85 -25.33 5.22
C SER B 1482 -29.28 -24.35 4.16
N VAL B 1483 -28.90 -24.62 2.91
CA VAL B 1483 -29.30 -23.79 1.78
C VAL B 1483 -30.17 -24.64 0.87
N LYS B 1484 -31.27 -24.06 0.41
CA LYS B 1484 -32.08 -24.64 -0.64
C LYS B 1484 -32.12 -23.68 -1.81
N CYS B 1485 -32.21 -24.24 -3.00
CA CYS B 1485 -32.35 -23.43 -4.19
C CYS B 1485 -33.22 -24.20 -5.16
N PHE B 1486 -34.25 -23.55 -5.66
CA PHE B 1486 -35.17 -24.20 -6.55
C PHE B 1486 -35.88 -23.15 -7.36
N GLY B 1487 -36.54 -23.59 -8.42
CA GLY B 1487 -37.16 -22.69 -9.36
C GLY B 1487 -36.98 -23.25 -10.75
N PRO B 1488 -38.03 -23.19 -11.55
CA PRO B 1488 -38.00 -23.84 -12.86
C PRO B 1488 -36.97 -23.22 -13.77
N ILE B 1489 -36.50 -24.02 -14.71
CA ILE B 1489 -35.70 -23.53 -15.83
C ILE B 1489 -36.61 -23.43 -17.02
N LYS B 1490 -36.60 -22.28 -17.68
CA LYS B 1490 -37.46 -22.04 -18.84
C LYS B 1490 -36.62 -21.79 -20.07
N VAL B 1491 -37.20 -22.07 -21.24
CA VAL B 1491 -36.51 -21.88 -22.51
C VAL B 1491 -37.31 -20.94 -23.38
N GLU B 1492 -36.62 -20.04 -24.06
CA GLU B 1492 -37.25 -19.23 -25.07
C GLU B 1492 -37.70 -20.09 -26.23
N LEU B 1493 -38.98 -20.05 -26.53
CA LEU B 1493 -39.46 -20.72 -27.72
C LEU B 1493 -39.12 -19.87 -28.93
N PRO B 1494 -39.29 -20.36 -30.15
CA PRO B 1494 -39.14 -19.49 -31.32
C PRO B 1494 -40.05 -18.28 -31.26
N THR B 1495 -41.10 -18.33 -30.44
CA THR B 1495 -41.96 -17.18 -30.17
C THR B 1495 -41.47 -16.39 -28.97
N LYS B 1496 -40.32 -16.77 -28.43
CA LYS B 1496 -39.73 -16.15 -27.25
C LYS B 1496 -40.64 -16.24 -26.03
N GLU B 1497 -41.65 -17.08 -26.10
CA GLU B 1497 -42.46 -17.39 -24.94
C GLU B 1497 -41.82 -18.51 -24.13
N THR B 1498 -41.48 -18.22 -22.89
CA THR B 1498 -40.68 -19.14 -22.08
C THR B 1498 -41.55 -20.31 -21.64
N VAL B 1499 -41.00 -21.51 -21.76
CA VAL B 1499 -41.66 -22.74 -21.34
C VAL B 1499 -40.66 -23.53 -20.52
N GLU B 1500 -41.14 -24.16 -19.45
CA GLU B 1500 -40.27 -24.86 -18.52
C GLU B 1500 -39.67 -26.11 -19.15
N ILE B 1501 -38.50 -26.49 -18.67
CA ILE B 1501 -37.86 -27.74 -19.06
C ILE B 1501 -37.68 -28.56 -17.81
N GLY B 1502 -36.87 -28.05 -16.89
CA GLY B 1502 -36.54 -28.78 -15.70
C GLY B 1502 -36.60 -27.93 -14.45
N ILE B 1503 -36.02 -28.43 -13.37
CA ILE B 1503 -36.15 -27.82 -12.06
C ILE B 1503 -34.77 -27.79 -11.42
N VAL B 1504 -34.34 -26.62 -11.03
CA VAL B 1504 -33.13 -26.50 -10.22
C VAL B 1504 -33.42 -27.15 -8.89
N ASP B 1505 -32.50 -27.99 -8.43
CA ASP B 1505 -32.73 -28.68 -7.18
C ASP B 1505 -31.41 -28.78 -6.44
N TYR B 1506 -31.18 -27.83 -5.54
CA TYR B 1506 -29.95 -27.77 -4.79
C TYR B 1506 -30.25 -27.80 -3.31
N GLU B 1507 -29.35 -28.42 -2.55
CA GLU B 1507 -29.45 -28.44 -1.10
C GLU B 1507 -28.09 -28.79 -0.53
N ALA B 1508 -27.69 -28.10 0.52
CA ALA B 1508 -26.37 -28.29 1.09
C ALA B 1508 -26.34 -27.74 2.49
N GLY B 1509 -25.82 -28.51 3.42
CA GLY B 1509 -25.54 -28.03 4.75
C GLY B 1509 -24.18 -27.38 4.82
N ALA B 1510 -23.99 -26.56 5.86
CA ALA B 1510 -22.69 -26.00 6.20
C ALA B 1510 -22.04 -25.29 5.02
N SER B 1511 -22.86 -24.60 4.25
CA SER B 1511 -22.33 -23.85 3.13
C SER B 1511 -21.57 -22.62 3.62
N HIS B 1512 -21.07 -21.85 2.66
CA HIS B 1512 -20.49 -20.54 2.91
C HIS B 1512 -20.97 -19.50 1.94
N GLY B 1513 -21.83 -19.90 1.00
CA GLY B 1513 -22.44 -19.01 0.03
C GLY B 1513 -23.52 -19.80 -0.66
N ASN B 1514 -23.87 -19.35 -1.87
CA ASN B 1514 -24.80 -20.11 -2.69
C ASN B 1514 -24.18 -20.35 -4.05
N PRO B 1515 -23.94 -21.59 -4.44
CA PRO B 1515 -23.25 -21.82 -5.71
C PRO B 1515 -24.17 -21.61 -6.90
N VAL B 1516 -25.43 -22.00 -6.78
CA VAL B 1516 -26.29 -22.00 -7.96
C VAL B 1516 -26.53 -20.60 -8.48
N VAL B 1517 -26.22 -19.58 -7.71
CA VAL B 1517 -26.30 -18.23 -8.24
C VAL B 1517 -24.96 -17.78 -8.78
N ASP B 1518 -23.86 -18.12 -8.09
CA ASP B 1518 -22.53 -17.86 -8.62
C ASP B 1518 -22.37 -18.39 -10.03
N PHE B 1519 -22.75 -19.65 -10.26
CA PHE B 1519 -22.63 -20.22 -11.59
C PHE B 1519 -23.60 -19.55 -12.54
N LEU B 1520 -24.54 -18.79 -12.02
CA LEU B 1520 -25.40 -17.97 -12.84
C LEU B 1520 -24.95 -16.51 -12.87
N LYS B 1521 -24.15 -16.09 -11.88
CA LYS B 1521 -23.63 -14.73 -11.91
C LYS B 1521 -22.72 -14.51 -13.11
N ARG B 1522 -21.61 -15.22 -13.16
CA ARG B 1522 -20.60 -14.99 -14.16
C ARG B 1522 -20.89 -15.67 -15.48
N ASN B 1523 -21.66 -16.76 -15.47
CA ASN B 1523 -22.01 -17.43 -16.72
C ASN B 1523 -23.17 -16.77 -17.43
N GLY B 1524 -24.17 -16.29 -16.69
CA GLY B 1524 -25.32 -15.72 -17.32
C GLY B 1524 -25.56 -14.32 -16.84
N SER B 1525 -26.55 -13.68 -17.46
CA SER B 1525 -26.87 -12.29 -17.16
C SER B 1525 -28.03 -12.24 -16.19
N THR B 1526 -28.47 -11.02 -15.89
CA THR B 1526 -29.58 -10.77 -14.98
C THR B 1526 -30.72 -10.19 -15.80
N LEU B 1527 -31.79 -10.95 -15.94
CA LEU B 1527 -32.97 -10.48 -16.67
C LEU B 1527 -33.69 -9.46 -15.81
N GLU B 1528 -33.15 -8.25 -15.82
CA GLU B 1528 -33.70 -7.18 -14.98
C GLU B 1528 -34.91 -6.53 -15.65
N GLN B 1529 -36.09 -6.75 -15.07
CA GLN B 1529 -37.29 -6.10 -15.55
C GLN B 1529 -37.26 -4.59 -15.33
N LYS B 1530 -36.58 -4.11 -14.31
CA LYS B 1530 -36.44 -2.67 -14.11
C LYS B 1530 -35.52 -2.10 -15.17
N VAL B 1531 -36.05 -1.22 -16.01
CA VAL B 1531 -35.23 -0.56 -17.01
C VAL B 1531 -35.27 0.94 -16.74
N ASN B 1532 -34.09 1.51 -16.51
CA ASN B 1532 -34.00 2.92 -16.20
C ASN B 1532 -34.24 3.76 -17.44
N LEU B 1533 -34.89 4.89 -17.25
CA LEU B 1533 -35.09 5.82 -18.35
C LEU B 1533 -33.78 6.51 -18.66
N GLU B 1534 -33.68 7.11 -19.85
CA GLU B 1534 -32.44 7.71 -20.27
C GLU B 1534 -32.06 8.88 -19.37
N ASN B 1535 -32.98 9.81 -19.15
CA ASN B 1535 -32.74 10.94 -18.26
C ASN B 1535 -33.92 11.08 -17.31
N PRO B 1536 -33.66 11.22 -16.01
CA PRO B 1536 -34.76 11.36 -15.06
C PRO B 1536 -35.54 12.65 -15.31
N ILE B 1537 -36.85 12.54 -15.24
CA ILE B 1537 -37.75 13.66 -15.45
C ILE B 1537 -38.50 13.94 -14.15
N PRO B 1538 -38.25 15.05 -13.48
CA PRO B 1538 -38.96 15.33 -12.23
C PRO B 1538 -40.42 15.66 -12.50
N ILE B 1539 -41.27 15.26 -11.57
CA ILE B 1539 -42.70 15.50 -11.64
C ILE B 1539 -43.10 16.66 -10.73
N ALA B 1540 -42.73 16.58 -9.45
CA ALA B 1540 -43.12 17.60 -8.50
C ALA B 1540 -42.21 17.59 -7.29
N VAL B 1541 -42.23 18.71 -6.57
CA VAL B 1541 -41.64 18.84 -5.25
C VAL B 1541 -42.69 19.44 -4.37
N LEU B 1542 -43.24 18.66 -3.44
CA LEU B 1542 -44.43 19.07 -2.73
C LEU B 1542 -44.16 19.11 -1.24
N ASP B 1543 -45.19 19.48 -0.48
CA ASP B 1543 -45.11 19.53 0.97
C ASP B 1543 -46.36 18.96 1.62
N SER B 1544 -46.14 18.24 2.73
CA SER B 1544 -47.22 17.67 3.52
C SER B 1544 -47.03 18.06 4.98
N TYR B 1545 -48.01 17.71 5.80
CA TYR B 1545 -48.03 18.12 7.21
C TYR B 1545 -48.33 16.92 8.09
N THR B 1546 -47.40 16.59 8.96
CA THR B 1546 -47.70 15.58 9.96
C THR B 1546 -48.85 16.04 10.83
N PRO B 1547 -49.70 15.13 11.28
CA PRO B 1547 -50.93 15.55 11.94
C PRO B 1547 -50.62 16.24 13.25
N SER B 1548 -51.65 16.86 13.82
CA SER B 1548 -51.53 17.43 15.15
C SER B 1548 -51.17 16.35 16.15
N THR B 1549 -51.98 15.31 16.23
CA THR B 1549 -51.71 14.17 17.09
C THR B 1549 -51.85 12.87 16.32
N ASN B 1550 -51.35 11.81 16.93
CA ASN B 1550 -51.39 10.50 16.30
C ASN B 1550 -52.61 9.69 16.69
N GLU B 1551 -53.48 10.23 17.51
CA GLU B 1551 -54.69 9.54 17.93
C GLU B 1551 -55.68 9.28 16.81
N PRO B 1552 -55.96 10.23 15.89
CA PRO B 1552 -56.97 9.96 14.87
C PRO B 1552 -56.58 8.80 13.97
N TYR B 1553 -55.31 8.71 13.62
CA TYR B 1553 -54.84 7.62 12.78
C TYR B 1553 -54.84 6.31 13.53
N ALA B 1554 -54.30 6.32 14.74
CA ALA B 1554 -54.26 5.13 15.58
C ALA B 1554 -55.61 4.48 15.76
N ARG B 1555 -56.68 5.26 15.79
CA ARG B 1555 -58.00 4.68 15.92
C ARG B 1555 -58.48 4.05 14.63
N VAL B 1556 -58.08 4.58 13.48
CA VAL B 1556 -58.54 4.03 12.20
C VAL B 1556 -57.78 2.77 11.87
N SER B 1557 -56.46 2.86 11.82
CA SER B 1557 -55.61 1.74 11.45
C SER B 1557 -55.70 0.57 12.41
N GLY B 1558 -56.45 0.69 13.50
CA GLY B 1558 -56.42 -0.34 14.53
C GLY B 1558 -55.10 -0.48 15.22
N ASP B 1559 -54.10 0.29 14.83
CA ASP B 1559 -52.78 0.24 15.43
C ASP B 1559 -52.75 1.16 16.63
N LEU B 1560 -52.93 0.58 17.81
CA LEU B 1560 -53.00 1.35 19.05
C LEU B 1560 -51.62 1.48 19.67
N ASN B 1561 -50.60 1.53 18.82
CA ASN B 1561 -49.23 1.51 19.30
C ASN B 1561 -48.95 2.70 20.20
N PRO B 1562 -48.62 2.48 21.47
CA PRO B 1562 -48.46 3.58 22.41
C PRO B 1562 -47.16 4.35 22.26
N ILE B 1563 -46.46 4.17 21.16
CA ILE B 1563 -45.26 4.96 20.92
C ILE B 1563 -45.63 6.29 20.27
N HIS B 1564 -46.80 6.38 19.67
CA HIS B 1564 -47.15 7.60 18.96
C HIS B 1564 -48.20 8.43 19.70
N VAL B 1565 -48.92 7.80 20.62
CA VAL B 1565 -49.96 8.53 21.34
C VAL B 1565 -49.47 8.94 22.72
N SER B 1566 -48.99 7.98 23.51
CA SER B 1566 -48.56 8.31 24.86
C SER B 1566 -47.21 8.99 24.84
N ARG B 1567 -46.87 9.61 25.96
CA ARG B 1567 -45.56 10.22 26.16
C ARG B 1567 -44.72 9.44 27.14
N HIS B 1568 -45.34 8.68 28.03
CA HIS B 1568 -44.62 7.82 28.95
C HIS B 1568 -44.10 6.57 28.27
N PHE B 1569 -44.02 6.59 26.95
CA PHE B 1569 -43.48 5.48 26.19
C PHE B 1569 -42.43 5.91 25.18
N ALA B 1570 -42.70 6.93 24.38
CA ALA B 1570 -41.68 7.45 23.49
C ALA B 1570 -40.45 7.86 24.27
N SER B 1571 -40.66 8.52 25.41
CA SER B 1571 -39.56 8.80 26.30
C SER B 1571 -38.98 7.54 26.91
N TYR B 1572 -39.77 6.48 27.03
CA TYR B 1572 -39.21 5.22 27.51
C TYR B 1572 -38.29 4.60 26.49
N ALA B 1573 -38.50 4.89 25.22
CA ALA B 1573 -37.71 4.31 24.14
C ALA B 1573 -36.71 5.30 23.57
N ASN B 1574 -36.36 6.34 24.33
CA ASN B 1574 -35.38 7.33 23.90
C ASN B 1574 -35.75 7.97 22.58
N LEU B 1575 -36.94 8.25 22.40
CA LEU B 1575 -37.37 8.82 21.15
C LEU B 1575 -37.50 10.33 21.26
N PRO B 1576 -37.47 11.04 20.13
CA PRO B 1576 -37.63 12.50 20.20
C PRO B 1576 -38.91 12.94 20.87
N GLY B 1577 -39.94 12.11 20.82
CA GLY B 1577 -41.21 12.44 21.43
C GLY B 1577 -42.30 11.55 20.87
N THR B 1578 -43.54 11.99 21.07
CA THR B 1578 -44.64 11.20 20.53
C THR B 1578 -44.61 11.34 19.02
N ILE B 1579 -43.80 10.52 18.37
CA ILE B 1579 -43.59 10.55 16.93
C ILE B 1579 -44.88 10.20 16.23
N THR B 1580 -44.95 10.44 14.93
CA THR B 1580 -46.11 10.03 14.16
C THR B 1580 -46.11 8.52 14.00
N HIS B 1581 -47.11 8.02 13.28
CA HIS B 1581 -47.03 6.69 12.76
C HIS B 1581 -46.26 6.71 11.44
N GLY B 1582 -45.28 5.82 11.32
CA GLY B 1582 -44.59 5.71 10.05
C GLY B 1582 -45.51 5.29 8.93
N MET B 1583 -46.45 4.39 9.22
CA MET B 1583 -47.40 3.96 8.20
C MET B 1583 -48.27 5.10 7.72
N PHE B 1584 -48.66 6.00 8.64
CA PHE B 1584 -49.35 7.21 8.20
C PHE B 1584 -48.47 8.01 7.25
N SER B 1585 -47.20 8.15 7.59
CA SER B 1585 -46.29 8.89 6.72
C SER B 1585 -46.15 8.25 5.36
N SER B 1586 -46.28 6.92 5.28
CA SER B 1586 -46.25 6.23 4.00
C SER B 1586 -47.53 6.51 3.21
N ALA B 1587 -48.67 6.37 3.88
CA ALA B 1587 -49.95 6.56 3.22
C ALA B 1587 -50.13 7.98 2.73
N SER B 1588 -49.67 8.96 3.50
CA SER B 1588 -49.78 10.35 3.07
C SER B 1588 -48.94 10.60 1.83
N VAL B 1589 -47.71 10.09 1.81
CA VAL B 1589 -46.86 10.31 0.65
C VAL B 1589 -47.41 9.57 -0.55
N ARG B 1590 -48.01 8.40 -0.35
CA ARG B 1590 -48.66 7.72 -1.46
C ARG B 1590 -49.81 8.56 -2.01
N ALA B 1591 -50.68 9.05 -1.13
CA ALA B 1591 -51.70 9.99 -1.54
C ALA B 1591 -51.09 11.22 -2.18
N LEU B 1592 -49.92 11.65 -1.72
CA LEU B 1592 -49.19 12.71 -2.36
C LEU B 1592 -48.80 12.35 -3.79
N ILE B 1593 -48.84 11.07 -4.16
CA ILE B 1593 -48.43 10.69 -5.50
C ILE B 1593 -49.60 10.40 -6.44
N GLU B 1594 -50.64 9.68 -5.97
CA GLU B 1594 -51.74 9.33 -6.86
C GLU B 1594 -52.33 10.56 -7.53
N ASN B 1595 -52.43 11.67 -6.80
CA ASN B 1595 -52.94 12.89 -7.42
C ASN B 1595 -51.99 13.36 -8.50
N TRP B 1596 -50.69 13.45 -8.18
CA TRP B 1596 -49.76 14.10 -9.08
C TRP B 1596 -49.18 13.17 -10.13
N ALA B 1597 -48.86 11.93 -9.77
CA ALA B 1597 -48.31 11.02 -10.77
C ALA B 1597 -49.41 10.29 -11.54
N ALA B 1598 -50.46 9.86 -10.86
CA ALA B 1598 -51.54 9.13 -11.49
C ALA B 1598 -52.70 10.02 -11.93
N ASP B 1599 -52.47 11.32 -12.06
CA ASP B 1599 -53.53 12.27 -12.40
C ASP B 1599 -54.82 12.01 -11.62
N SER B 1600 -54.69 11.58 -10.36
CA SER B 1600 -55.82 11.43 -9.46
C SER B 1600 -56.79 10.35 -9.91
N VAL B 1601 -56.26 9.25 -10.45
CA VAL B 1601 -57.01 8.01 -10.59
C VAL B 1601 -56.20 6.92 -9.89
N SER B 1602 -56.84 6.26 -8.93
CA SER B 1602 -56.14 5.34 -8.04
C SER B 1602 -55.83 4.01 -8.68
N SER B 1603 -56.66 3.55 -9.59
CA SER B 1603 -56.47 2.25 -10.19
C SER B 1603 -55.17 2.15 -10.96
N ARG B 1604 -54.50 3.27 -11.21
CA ARG B 1604 -53.23 3.25 -11.90
C ARG B 1604 -52.06 2.90 -11.00
N VAL B 1605 -52.24 2.92 -9.69
CA VAL B 1605 -51.18 2.52 -8.77
C VAL B 1605 -51.33 1.02 -8.53
N ARG B 1606 -50.39 0.24 -9.04
CA ARG B 1606 -50.47 -1.21 -8.95
C ARG B 1606 -49.39 -1.75 -8.02
N GLY B 1607 -48.69 -0.86 -7.35
CA GLY B 1607 -47.67 -1.27 -6.42
C GLY B 1607 -46.88 -0.08 -5.92
N TYR B 1608 -46.53 -0.14 -4.65
CA TYR B 1608 -45.88 0.97 -3.98
C TYR B 1608 -45.05 0.40 -2.84
N THR B 1609 -43.86 0.98 -2.66
CA THR B 1609 -42.97 0.54 -1.61
C THR B 1609 -42.19 1.75 -1.15
N CYS B 1610 -41.71 1.70 0.09
CA CYS B 1610 -41.09 2.86 0.69
C CYS B 1610 -40.23 2.40 1.87
N GLN B 1611 -39.09 3.06 2.04
CA GLN B 1611 -38.24 2.79 3.18
C GLN B 1611 -38.43 3.88 4.22
N PHE B 1612 -38.48 3.49 5.49
CA PHE B 1612 -38.33 4.46 6.56
C PHE B 1612 -36.85 4.61 6.87
N VAL B 1613 -36.43 5.85 7.12
CA VAL B 1613 -35.01 6.08 7.37
C VAL B 1613 -34.82 6.50 8.81
N ASP B 1614 -35.37 7.66 9.16
CA ASP B 1614 -35.43 8.11 10.53
C ASP B 1614 -36.87 8.48 10.81
N MET B 1615 -37.13 9.10 11.94
CA MET B 1615 -38.50 9.29 12.36
C MET B 1615 -38.85 10.77 12.34
N VAL B 1616 -40.16 11.07 12.33
CA VAL B 1616 -40.65 12.43 12.25
C VAL B 1616 -41.61 12.67 13.40
N LEU B 1617 -41.65 13.91 13.87
CA LEU B 1617 -42.51 14.36 14.94
C LEU B 1617 -43.73 15.07 14.37
N PRO B 1618 -44.85 15.07 15.08
CA PRO B 1618 -46.10 15.61 14.53
C PRO B 1618 -45.96 17.09 14.18
N ASN B 1619 -46.94 17.57 13.42
CA ASN B 1619 -47.02 18.98 13.05
C ASN B 1619 -45.74 19.45 12.37
N THR B 1620 -45.31 18.75 11.33
CA THR B 1620 -44.09 19.08 10.62
C THR B 1620 -44.32 19.04 9.12
N ALA B 1621 -43.55 19.87 8.40
CA ALA B 1621 -43.69 19.97 6.96
C ALA B 1621 -42.59 19.19 6.27
N LEU B 1622 -42.94 18.49 5.18
CA LEU B 1622 -42.06 17.52 4.54
C LEU B 1622 -41.87 17.92 3.09
N LYS B 1623 -40.61 18.01 2.66
CA LYS B 1623 -40.30 18.25 1.24
C LYS B 1623 -40.21 16.91 0.51
N THR B 1624 -41.26 16.57 -0.23
CA THR B 1624 -41.31 15.33 -0.97
C THR B 1624 -40.94 15.56 -2.42
N SER B 1625 -39.98 14.80 -2.91
CA SER B 1625 -39.60 14.82 -4.32
C SER B 1625 -40.31 13.69 -5.04
N ILE B 1626 -40.63 13.92 -6.31
CA ILE B 1626 -41.28 12.90 -7.14
C ILE B 1626 -40.58 12.90 -8.49
N GLN B 1627 -40.11 11.74 -8.91
CA GLN B 1627 -39.21 11.64 -10.04
C GLN B 1627 -39.48 10.35 -10.81
N HIS B 1628 -39.41 10.43 -12.14
CA HIS B 1628 -39.62 9.28 -13.00
C HIS B 1628 -38.26 8.82 -13.49
N VAL B 1629 -37.85 7.64 -13.03
CA VAL B 1629 -36.51 7.15 -13.34
C VAL B 1629 -36.55 5.89 -14.19
N GLY B 1630 -37.49 5.00 -13.95
CA GLY B 1630 -37.43 3.73 -14.63
C GLY B 1630 -38.72 3.29 -15.31
N MET B 1631 -38.69 2.08 -15.87
CA MET B 1631 -39.89 1.46 -16.43
C MET B 1631 -39.90 0.00 -16.05
N ILE B 1632 -41.09 -0.56 -15.92
CA ILE B 1632 -41.29 -1.97 -15.60
C ILE B 1632 -42.55 -2.39 -16.33
N ASN B 1633 -42.45 -3.47 -17.10
CA ASN B 1633 -43.61 -4.16 -17.68
C ASN B 1633 -44.60 -3.16 -18.28
N GLY B 1634 -44.03 -2.12 -18.89
CA GLY B 1634 -44.85 -1.10 -19.49
C GLY B 1634 -45.49 -0.13 -18.53
N ARG B 1635 -45.08 -0.13 -17.27
CA ARG B 1635 -45.61 0.82 -16.31
C ARG B 1635 -44.48 1.64 -15.70
N LYS B 1636 -44.84 2.82 -15.20
CA LYS B 1636 -43.88 3.86 -14.85
C LYS B 1636 -43.25 3.56 -13.49
N LEU B 1637 -41.95 3.81 -13.36
CA LEU B 1637 -41.26 3.57 -12.11
C LEU B 1637 -40.85 4.90 -11.50
N ILE B 1638 -41.69 5.37 -10.59
CA ILE B 1638 -41.54 6.70 -10.00
C ILE B 1638 -40.84 6.57 -8.66
N LYS B 1639 -39.64 7.11 -8.55
CA LYS B 1639 -39.01 7.20 -7.24
C LYS B 1639 -39.50 8.45 -6.53
N PHE B 1640 -39.41 8.42 -5.21
CA PHE B 1640 -39.75 9.59 -4.40
C PHE B 1640 -38.83 9.64 -3.19
N GLU B 1641 -38.81 10.80 -2.55
CA GLU B 1641 -37.92 11.00 -1.41
C GLU B 1641 -38.41 12.23 -0.65
N THR B 1642 -38.71 12.06 0.64
CA THR B 1642 -39.27 13.13 1.46
C THR B 1642 -38.20 13.73 2.35
N ARG B 1643 -37.99 15.04 2.22
CA ARG B 1643 -37.04 15.79 3.02
C ARG B 1643 -37.76 16.39 4.21
N ASN B 1644 -37.04 16.58 5.30
CA ASN B 1644 -37.60 17.23 6.48
C ASN B 1644 -37.49 18.74 6.32
N GLU B 1645 -37.84 19.48 7.37
CA GLU B 1645 -37.60 20.91 7.37
C GLU B 1645 -36.12 21.26 7.31
N ASP B 1646 -35.28 20.49 7.98
CA ASP B 1646 -33.84 20.60 7.80
C ASP B 1646 -33.36 19.79 6.60
N ASP B 1647 -34.28 19.24 5.82
CA ASP B 1647 -33.98 18.52 4.59
C ASP B 1647 -33.07 17.32 4.86
N VAL B 1648 -33.58 16.45 5.72
CA VAL B 1648 -33.01 15.13 5.95
C VAL B 1648 -34.03 14.10 5.49
N VAL B 1649 -33.55 13.05 4.83
CA VAL B 1649 -34.47 12.09 4.23
C VAL B 1649 -35.13 11.24 5.31
N VAL B 1650 -36.42 10.98 5.14
CA VAL B 1650 -37.12 10.06 6.05
C VAL B 1650 -37.71 8.91 5.23
N LEU B 1651 -38.25 9.20 4.05
CA LEU B 1651 -38.87 8.19 3.21
C LEU B 1651 -38.22 8.13 1.83
N THR B 1652 -37.89 6.90 1.40
CA THR B 1652 -37.42 6.60 0.05
C THR B 1652 -38.21 5.39 -0.44
N GLY B 1653 -38.78 5.52 -1.62
CA GLY B 1653 -39.46 4.40 -2.24
C GLY B 1653 -39.78 4.66 -3.69
N GLU B 1654 -40.56 3.77 -4.29
CA GLU B 1654 -41.03 3.98 -5.65
C GLU B 1654 -42.43 3.43 -5.80
N ALA B 1655 -42.99 3.57 -6.99
CA ALA B 1655 -44.38 3.22 -7.22
C ALA B 1655 -44.52 2.45 -8.52
N GLU B 1656 -45.36 1.42 -8.52
CA GLU B 1656 -45.74 0.73 -9.74
C GLU B 1656 -46.98 1.44 -10.29
N ILE B 1657 -46.75 2.47 -11.08
CA ILE B 1657 -47.80 3.36 -11.54
C ILE B 1657 -48.04 3.16 -13.02
N GLU B 1658 -49.29 2.88 -13.38
CA GLU B 1658 -49.64 2.56 -14.75
C GLU B 1658 -49.42 3.74 -15.67
N GLN B 1659 -49.39 3.45 -16.97
CA GLN B 1659 -49.54 4.47 -17.97
C GLN B 1659 -51.01 4.64 -18.29
N PRO B 1660 -51.37 5.67 -19.06
CA PRO B 1660 -52.75 5.77 -19.53
C PRO B 1660 -53.14 4.58 -20.38
N VAL B 1661 -54.44 4.41 -20.58
CA VAL B 1661 -54.91 3.35 -21.46
C VAL B 1661 -54.37 3.58 -22.87
N THR B 1662 -53.57 2.64 -23.35
CA THR B 1662 -52.78 2.82 -24.55
C THR B 1662 -53.30 1.91 -25.65
N THR B 1663 -53.23 2.38 -26.89
CA THR B 1663 -53.48 1.57 -28.06
C THR B 1663 -52.34 1.71 -29.04
N PHE B 1664 -51.90 0.57 -29.55
CA PHE B 1664 -50.91 0.52 -30.62
C PHE B 1664 -51.59 0.14 -31.92
N VAL B 1665 -51.62 1.07 -32.87
CA VAL B 1665 -52.12 0.80 -34.21
C VAL B 1665 -50.89 0.54 -35.06
N PHE B 1666 -50.94 -0.51 -35.88
CA PHE B 1666 -49.85 -0.81 -36.77
C PHE B 1666 -50.24 -0.50 -38.21
N THR B 1667 -49.31 0.06 -38.96
CA THR B 1667 -49.60 0.61 -40.28
C THR B 1667 -49.83 -0.50 -41.28
N GLY B 1668 -49.97 -0.14 -42.54
CA GLY B 1668 -50.12 -1.11 -43.61
C GLY B 1668 -49.15 -0.85 -44.74
N GLN B 1669 -49.41 -1.42 -45.91
CA GLN B 1669 -48.51 -1.27 -47.04
C GLN B 1669 -48.83 0.00 -47.80
N GLY B 1670 -47.79 0.66 -48.29
CA GLY B 1670 -47.94 1.90 -49.01
C GLY B 1670 -47.12 2.99 -48.37
N SER B 1671 -46.47 2.64 -47.26
CA SER B 1671 -45.77 3.61 -46.43
C SER B 1671 -44.31 3.23 -46.31
N GLN B 1672 -43.89 2.28 -47.12
CA GLN B 1672 -42.53 1.78 -47.12
C GLN B 1672 -41.58 2.81 -47.71
N GLU B 1673 -40.31 2.74 -47.30
CA GLU B 1673 -39.30 3.64 -47.84
C GLU B 1673 -37.93 3.04 -47.57
N GLN B 1674 -36.90 3.79 -47.89
CA GLN B 1674 -35.53 3.38 -47.66
C GLN B 1674 -35.22 3.41 -46.17
N GLY B 1675 -34.20 2.65 -45.79
CA GLY B 1675 -33.64 2.70 -44.44
C GLY B 1675 -34.65 2.61 -43.32
N MET B 1676 -35.88 2.22 -43.61
CA MET B 1676 -36.92 2.21 -42.60
C MET B 1676 -36.49 1.32 -41.44
N GLY B 1677 -36.28 1.93 -40.28
CA GLY B 1677 -35.78 1.20 -39.14
C GLY B 1677 -34.30 0.89 -39.18
N MET B 1678 -33.65 1.06 -40.32
CA MET B 1678 -32.24 0.75 -40.43
C MET B 1678 -31.39 1.67 -39.58
N ASP B 1679 -31.97 2.76 -39.07
CA ASP B 1679 -31.35 3.51 -38.00
C ASP B 1679 -31.50 2.79 -36.67
N LEU B 1680 -32.73 2.45 -36.29
CA LEU B 1680 -32.97 1.65 -35.11
C LEU B 1680 -32.23 0.33 -35.15
N TYR B 1681 -32.14 -0.30 -36.31
CA TYR B 1681 -31.39 -1.54 -36.45
C TYR B 1681 -29.92 -1.35 -36.09
N LYS B 1682 -29.40 -0.13 -36.22
CA LYS B 1682 -28.04 0.15 -35.81
C LYS B 1682 -27.92 0.39 -34.32
N THR B 1683 -29.05 0.52 -33.62
CA THR B 1683 -29.02 1.00 -32.25
C THR B 1683 -29.50 -0.06 -31.26
N SER B 1684 -30.70 -0.58 -31.49
CA SER B 1684 -31.35 -1.42 -30.50
C SER B 1684 -30.91 -2.87 -30.66
N LYS B 1685 -30.03 -3.31 -29.75
CA LYS B 1685 -29.65 -4.71 -29.72
C LYS B 1685 -30.88 -5.61 -29.80
N ALA B 1686 -31.91 -5.28 -29.05
CA ALA B 1686 -33.13 -6.05 -29.13
C ALA B 1686 -33.87 -5.89 -30.45
N ALA B 1687 -33.45 -4.97 -31.31
CA ALA B 1687 -34.12 -4.84 -32.60
C ALA B 1687 -33.38 -5.59 -33.68
N GLN B 1688 -32.06 -5.39 -33.80
CA GLN B 1688 -31.32 -6.13 -34.80
C GLN B 1688 -31.42 -7.63 -34.60
N ASP B 1689 -31.68 -8.07 -33.39
CA ASP B 1689 -31.96 -9.46 -33.13
C ASP B 1689 -33.23 -9.94 -33.82
N VAL B 1690 -33.93 -9.05 -34.52
CA VAL B 1690 -35.11 -9.41 -35.30
C VAL B 1690 -34.79 -9.44 -36.79
N TRP B 1691 -34.21 -8.37 -37.31
CA TRP B 1691 -33.82 -8.37 -38.71
C TRP B 1691 -32.82 -9.47 -38.99
N ASN B 1692 -31.92 -9.75 -38.05
CA ASN B 1692 -31.02 -10.88 -38.20
C ASN B 1692 -31.76 -12.20 -38.25
N ARG B 1693 -32.54 -12.52 -37.23
CA ARG B 1693 -33.27 -13.78 -37.25
C ARG B 1693 -34.20 -13.87 -38.44
N ALA B 1694 -34.50 -12.74 -39.07
CA ALA B 1694 -35.33 -12.77 -40.27
C ALA B 1694 -34.54 -13.02 -41.53
N ASP B 1695 -33.63 -12.11 -41.90
CA ASP B 1695 -32.88 -12.31 -43.12
C ASP B 1695 -32.08 -13.59 -43.11
N ASN B 1696 -31.39 -13.88 -42.01
CA ASN B 1696 -30.69 -15.15 -41.91
C ASN B 1696 -31.60 -16.29 -42.33
N HIS B 1697 -32.84 -16.27 -41.84
CA HIS B 1697 -33.81 -17.27 -42.27
C HIS B 1697 -34.11 -17.17 -43.75
N PHE B 1698 -34.42 -15.96 -44.23
CA PHE B 1698 -34.58 -15.81 -45.67
C PHE B 1698 -33.32 -16.08 -46.45
N LYS B 1699 -32.17 -15.64 -45.95
CA LYS B 1699 -30.92 -15.93 -46.62
C LYS B 1699 -30.75 -17.42 -46.84
N ASP B 1700 -31.17 -18.24 -45.88
CA ASP B 1700 -30.96 -19.66 -45.98
C ASP B 1700 -32.11 -20.42 -46.62
N THR B 1701 -33.29 -19.82 -46.68
CA THR B 1701 -34.45 -20.54 -47.20
C THR B 1701 -34.90 -20.06 -48.56
N TYR B 1702 -34.59 -18.83 -48.92
CA TYR B 1702 -34.88 -18.32 -50.25
C TYR B 1702 -33.70 -17.59 -50.87
N GLY B 1703 -32.52 -17.67 -50.27
CA GLY B 1703 -31.32 -17.12 -50.87
C GLY B 1703 -31.40 -15.65 -51.18
N PHE B 1704 -31.89 -14.85 -50.25
CA PHE B 1704 -32.46 -13.55 -50.57
C PHE B 1704 -32.66 -12.78 -49.27
N SER B 1705 -31.90 -11.71 -49.09
CA SER B 1705 -31.89 -11.02 -47.80
C SER B 1705 -32.61 -9.68 -47.88
N ILE B 1706 -33.44 -9.38 -46.87
CA ILE B 1706 -34.10 -8.08 -46.85
C ILE B 1706 -33.14 -6.97 -46.50
N LEU B 1707 -32.25 -7.18 -45.53
CA LEU B 1707 -31.34 -6.11 -45.14
C LEU B 1707 -30.55 -5.54 -46.30
N ASP B 1708 -30.44 -6.27 -47.41
CA ASP B 1708 -29.85 -5.69 -48.60
C ASP B 1708 -30.93 -5.09 -49.47
N ILE B 1709 -32.17 -5.46 -49.23
CA ILE B 1709 -33.24 -4.83 -49.98
C ILE B 1709 -33.54 -3.43 -49.48
N VAL B 1710 -33.76 -3.27 -48.18
CA VAL B 1710 -34.23 -1.99 -47.67
C VAL B 1710 -33.14 -0.93 -47.74
N ILE B 1711 -31.89 -1.31 -47.49
CA ILE B 1711 -30.88 -0.26 -47.44
C ILE B 1711 -30.56 0.27 -48.82
N ASN B 1712 -30.86 -0.47 -49.87
CA ASN B 1712 -30.82 0.05 -51.22
C ASN B 1712 -31.75 -0.77 -52.09
N ASN B 1713 -32.93 -0.24 -52.33
CA ASN B 1713 -33.93 -0.94 -53.12
C ASN B 1713 -33.40 -1.18 -54.51
N PRO B 1714 -33.20 -2.42 -54.92
CA PRO B 1714 -32.79 -2.70 -56.29
C PRO B 1714 -34.00 -2.72 -57.20
N VAL B 1715 -33.74 -2.59 -58.49
CA VAL B 1715 -34.81 -2.62 -59.47
C VAL B 1715 -35.21 -4.06 -59.79
N ASN B 1716 -34.22 -4.92 -60.00
CA ASN B 1716 -34.49 -6.33 -60.26
C ASN B 1716 -33.67 -7.21 -59.34
N LEU B 1717 -34.14 -8.44 -59.13
CA LEU B 1717 -33.48 -9.37 -58.23
C LEU B 1717 -33.50 -10.77 -58.83
N THR B 1718 -32.33 -11.23 -59.28
CA THR B 1718 -32.19 -12.58 -59.80
C THR B 1718 -31.73 -13.48 -58.66
N ILE B 1719 -32.33 -14.65 -58.57
CA ILE B 1719 -31.98 -15.63 -57.56
C ILE B 1719 -31.15 -16.70 -58.25
N HIS B 1720 -29.93 -16.92 -57.77
CA HIS B 1720 -29.10 -17.97 -58.32
C HIS B 1720 -29.36 -19.28 -57.59
N PHE B 1721 -29.31 -20.37 -58.33
CA PHE B 1721 -29.48 -21.68 -57.74
C PHE B 1721 -28.17 -22.44 -57.88
N GLY B 1722 -27.28 -22.25 -56.92
CA GLY B 1722 -25.92 -22.72 -57.02
C GLY B 1722 -25.83 -24.21 -56.80
N GLY B 1723 -24.88 -24.61 -55.97
CA GLY B 1723 -24.65 -26.01 -55.76
C GLY B 1723 -25.68 -26.61 -54.83
N GLU B 1724 -25.23 -27.33 -53.80
CA GLU B 1724 -26.18 -27.95 -52.91
C GLU B 1724 -27.13 -26.94 -52.28
N LYS B 1725 -26.60 -25.89 -51.67
CA LYS B 1725 -27.45 -24.86 -51.09
C LYS B 1725 -28.39 -24.34 -52.16
N GLY B 1726 -27.87 -24.15 -53.36
CA GLY B 1726 -28.69 -23.68 -54.47
C GLY B 1726 -29.85 -24.59 -54.81
N LYS B 1727 -29.60 -25.87 -55.06
CA LYS B 1727 -30.69 -26.78 -55.36
C LYS B 1727 -31.69 -26.82 -54.21
N ARG B 1728 -31.16 -26.85 -52.99
CA ARG B 1728 -32.03 -26.87 -51.82
C ARG B 1728 -32.95 -25.66 -51.81
N ILE B 1729 -32.44 -24.53 -52.27
CA ILE B 1729 -33.26 -23.33 -52.26
C ILE B 1729 -34.22 -23.33 -53.44
N ARG B 1730 -33.81 -23.92 -54.56
CA ARG B 1730 -34.71 -23.84 -55.70
C ARG B 1730 -35.90 -24.76 -55.54
N GLU B 1731 -35.69 -25.97 -55.01
CA GLU B 1731 -36.86 -26.81 -54.76
C GLU B 1731 -37.76 -26.16 -53.73
N ASN B 1732 -37.16 -25.47 -52.77
CA ASN B 1732 -37.88 -24.67 -51.80
C ASN B 1732 -38.74 -23.60 -52.46
N TYR B 1733 -38.23 -22.99 -53.53
CA TYR B 1733 -39.05 -22.08 -54.33
C TYR B 1733 -40.17 -22.81 -55.02
N SER B 1734 -39.90 -23.97 -55.60
CA SER B 1734 -40.95 -24.70 -56.30
C SER B 1734 -41.88 -25.43 -55.35
N ALA B 1735 -41.61 -25.40 -54.06
CA ALA B 1735 -42.41 -26.15 -53.10
C ALA B 1735 -43.65 -25.41 -52.64
N MET B 1736 -43.92 -24.22 -53.16
CA MET B 1736 -45.11 -23.49 -52.76
C MET B 1736 -46.17 -23.61 -53.85
N ILE B 1737 -47.42 -23.76 -53.42
CA ILE B 1737 -48.54 -24.08 -54.30
C ILE B 1737 -49.63 -23.05 -54.11
N PHE B 1738 -50.17 -22.54 -55.22
CA PHE B 1738 -51.29 -21.60 -55.21
C PHE B 1738 -52.56 -22.37 -55.52
N GLU B 1739 -53.34 -22.67 -54.49
CA GLU B 1739 -54.63 -23.32 -54.70
C GLU B 1739 -55.67 -22.28 -55.11
N THR B 1740 -56.81 -22.77 -55.60
CA THR B 1740 -57.86 -21.89 -56.10
C THR B 1740 -59.20 -22.60 -56.00
N ILE B 1741 -60.21 -21.89 -55.50
CA ILE B 1741 -61.56 -22.42 -55.33
C ILE B 1741 -62.19 -22.54 -56.72
N VAL B 1742 -62.46 -23.77 -57.16
CA VAL B 1742 -63.23 -24.04 -58.37
C VAL B 1742 -64.21 -25.17 -58.06
N ASP B 1743 -65.43 -24.81 -57.64
CA ASP B 1743 -66.50 -25.77 -57.36
C ASP B 1743 -66.09 -26.75 -56.26
N GLY B 1744 -65.49 -26.23 -55.19
CA GLY B 1744 -65.03 -27.02 -54.08
C GLY B 1744 -63.64 -27.61 -54.28
N LYS B 1745 -63.18 -27.66 -55.53
CA LYS B 1745 -61.87 -28.23 -55.85
C LYS B 1745 -60.76 -27.37 -55.29
N LEU B 1746 -59.96 -27.94 -54.38
CA LEU B 1746 -58.78 -27.28 -53.85
C LEU B 1746 -57.68 -27.48 -54.88
N LYS B 1747 -57.79 -26.74 -55.99
CA LYS B 1747 -57.01 -27.02 -57.19
C LYS B 1747 -55.56 -26.68 -56.95
N THR B 1748 -54.73 -27.72 -56.86
CA THR B 1748 -53.30 -27.56 -56.64
C THR B 1748 -52.64 -27.10 -57.93
N GLU B 1749 -52.16 -25.86 -57.96
CA GLU B 1749 -51.42 -25.37 -59.10
C GLU B 1749 -50.24 -24.55 -58.60
N LYS B 1750 -49.29 -24.32 -59.50
CA LYS B 1750 -47.95 -23.90 -59.14
C LYS B 1750 -47.88 -22.40 -58.92
N ILE B 1751 -47.29 -22.01 -57.79
CA ILE B 1751 -46.91 -20.63 -57.58
C ILE B 1751 -46.00 -20.14 -58.69
N PHE B 1752 -44.94 -20.89 -58.95
CA PHE B 1752 -43.86 -20.46 -59.81
C PHE B 1752 -43.90 -21.25 -61.10
N LYS B 1753 -44.48 -20.66 -62.14
CA LYS B 1753 -44.58 -21.33 -63.41
C LYS B 1753 -43.28 -21.38 -64.18
N GLU B 1754 -42.45 -20.34 -64.08
CA GLU B 1754 -41.17 -20.34 -64.78
C GLU B 1754 -40.15 -21.21 -64.09
N ILE B 1755 -40.34 -21.55 -62.82
CA ILE B 1755 -39.40 -22.41 -62.14
C ILE B 1755 -39.58 -23.82 -62.67
N ASN B 1756 -38.56 -24.65 -62.51
CA ASN B 1756 -38.64 -26.08 -62.79
C ASN B 1756 -37.40 -26.72 -62.24
N GLU B 1757 -37.29 -28.04 -62.35
CA GLU B 1757 -36.14 -28.74 -61.82
C GLU B 1757 -34.91 -28.57 -62.69
N HIS B 1758 -35.03 -27.85 -63.80
CA HIS B 1758 -33.88 -27.51 -64.62
C HIS B 1758 -33.51 -26.05 -64.61
N SER B 1759 -34.31 -25.19 -63.98
CA SER B 1759 -33.91 -23.80 -63.90
C SER B 1759 -32.75 -23.64 -62.94
N THR B 1760 -31.87 -22.72 -63.28
CA THR B 1760 -30.71 -22.44 -62.45
C THR B 1760 -30.77 -21.02 -61.88
N SER B 1761 -31.79 -20.24 -62.23
CA SER B 1761 -31.95 -18.90 -61.71
C SER B 1761 -33.41 -18.52 -61.77
N TYR B 1762 -33.72 -17.35 -61.22
CA TYR B 1762 -35.05 -16.79 -61.29
C TYR B 1762 -34.95 -15.31 -60.95
N THR B 1763 -35.71 -14.49 -61.66
CA THR B 1763 -35.56 -13.06 -61.54
C THR B 1763 -36.85 -12.43 -61.05
N PHE B 1764 -36.71 -11.30 -60.37
CA PHE B 1764 -37.82 -10.52 -59.86
C PHE B 1764 -37.82 -9.15 -60.51
N ARG B 1765 -38.99 -8.69 -60.93
CA ARG B 1765 -39.06 -7.51 -61.76
C ARG B 1765 -40.00 -6.47 -61.16
N SER B 1766 -39.53 -5.22 -61.15
CA SER B 1766 -40.31 -4.06 -60.75
C SER B 1766 -39.51 -2.83 -61.15
N GLU B 1767 -40.19 -1.84 -61.71
CA GLU B 1767 -39.46 -0.70 -62.27
C GLU B 1767 -38.90 0.22 -61.20
N LYS B 1768 -39.71 0.61 -60.21
CA LYS B 1768 -39.25 1.55 -59.20
C LYS B 1768 -38.38 0.90 -58.14
N GLY B 1769 -38.36 -0.42 -58.07
CA GLY B 1769 -37.73 -1.11 -56.98
C GLY B 1769 -38.70 -2.01 -56.25
N LEU B 1770 -38.17 -3.09 -55.69
CA LEU B 1770 -39.02 -4.15 -55.18
C LEU B 1770 -39.72 -3.76 -53.88
N LEU B 1771 -39.36 -2.65 -53.27
CA LEU B 1771 -40.18 -2.09 -52.21
C LEU B 1771 -41.45 -1.46 -52.73
N SER B 1772 -41.67 -1.51 -54.04
CA SER B 1772 -42.95 -1.12 -54.61
C SER B 1772 -43.80 -2.31 -55.00
N ALA B 1773 -43.22 -3.51 -55.04
CA ALA B 1773 -43.99 -4.71 -55.32
C ALA B 1773 -44.29 -5.43 -54.02
N THR B 1774 -45.59 -5.61 -53.76
CA THR B 1774 -46.04 -6.17 -52.50
C THR B 1774 -45.42 -7.53 -52.20
N GLN B 1775 -44.80 -8.15 -53.19
CA GLN B 1775 -44.08 -9.39 -52.98
C GLN B 1775 -43.09 -9.30 -51.84
N PHE B 1776 -42.46 -8.13 -51.67
CA PHE B 1776 -41.36 -7.96 -50.73
C PHE B 1776 -41.65 -6.91 -49.69
N THR B 1777 -42.61 -6.02 -49.94
CA THR B 1777 -42.91 -4.97 -48.99
C THR B 1777 -43.57 -5.51 -47.73
N GLN B 1778 -44.49 -6.44 -47.89
CA GLN B 1778 -45.18 -6.98 -46.73
C GLN B 1778 -44.20 -7.48 -45.69
N PRO B 1779 -43.23 -8.33 -46.04
CA PRO B 1779 -42.27 -8.75 -45.02
C PRO B 1779 -41.42 -7.61 -44.52
N ALA B 1780 -41.10 -6.64 -45.37
CA ALA B 1780 -40.33 -5.50 -44.90
C ALA B 1780 -41.11 -4.66 -43.89
N LEU B 1781 -42.38 -4.39 -44.16
CA LEU B 1781 -43.16 -3.60 -43.23
C LEU B 1781 -43.43 -4.34 -41.93
N THR B 1782 -43.87 -5.59 -42.00
CA THR B 1782 -44.10 -6.31 -40.76
C THR B 1782 -42.82 -6.47 -39.94
N LEU B 1783 -41.69 -6.71 -40.60
CA LEU B 1783 -40.42 -6.68 -39.90
C LEU B 1783 -40.19 -5.37 -39.18
N MET B 1784 -40.14 -4.28 -39.93
CA MET B 1784 -39.87 -2.97 -39.35
C MET B 1784 -40.79 -2.65 -38.19
N GLU B 1785 -42.06 -3.00 -38.27
CA GLU B 1785 -42.93 -2.73 -37.14
C GLU B 1785 -42.65 -3.67 -35.97
N LYS B 1786 -42.52 -4.96 -36.24
CA LYS B 1786 -42.26 -5.91 -35.17
C LYS B 1786 -40.89 -5.67 -34.57
N ALA B 1787 -39.92 -5.30 -35.39
CA ALA B 1787 -38.57 -5.01 -34.93
C ALA B 1787 -38.49 -3.74 -34.13
N ALA B 1788 -39.40 -2.80 -34.40
CA ALA B 1788 -39.47 -1.58 -33.61
C ALA B 1788 -40.31 -1.76 -32.36
N PHE B 1789 -41.29 -2.65 -32.41
CA PHE B 1789 -42.11 -2.91 -31.25
C PHE B 1789 -41.36 -3.70 -30.19
N GLU B 1790 -40.74 -4.81 -30.56
CA GLU B 1790 -40.03 -5.59 -29.56
C GLU B 1790 -38.85 -4.84 -28.97
N ASP B 1791 -38.40 -3.77 -29.60
CA ASP B 1791 -37.46 -2.89 -28.93
C ASP B 1791 -38.14 -2.14 -27.80
N LEU B 1792 -39.37 -1.69 -28.01
CA LEU B 1792 -40.15 -1.12 -26.93
C LEU B 1792 -40.36 -2.10 -25.81
N LYS B 1793 -40.62 -3.37 -26.11
CA LYS B 1793 -40.71 -4.37 -25.07
C LYS B 1793 -39.42 -4.49 -24.29
N SER B 1794 -38.28 -4.31 -24.96
CA SER B 1794 -37.00 -4.25 -24.27
C SER B 1794 -36.90 -3.06 -23.35
N LYS B 1795 -37.64 -1.99 -23.64
CA LYS B 1795 -37.58 -0.82 -22.79
C LYS B 1795 -38.67 -0.82 -21.73
N GLY B 1796 -39.50 -1.86 -21.68
CA GLY B 1796 -40.58 -1.93 -20.72
C GLY B 1796 -41.59 -0.84 -20.96
N LEU B 1797 -42.18 -0.83 -22.15
CA LEU B 1797 -43.05 0.26 -22.58
C LEU B 1797 -44.43 -0.24 -22.98
N ILE B 1798 -44.72 -1.53 -22.73
CA ILE B 1798 -45.92 -2.17 -23.21
C ILE B 1798 -46.79 -2.59 -22.05
N PRO B 1799 -48.01 -2.11 -21.95
CA PRO B 1799 -48.90 -2.53 -20.87
C PRO B 1799 -49.33 -3.98 -21.04
N ALA B 1800 -49.94 -4.54 -20.01
CA ALA B 1800 -50.52 -5.87 -20.16
C ALA B 1800 -51.90 -5.77 -20.77
N ASP B 1801 -52.59 -4.67 -20.52
CA ASP B 1801 -53.94 -4.45 -21.04
C ASP B 1801 -53.97 -3.49 -22.21
N ALA B 1802 -52.85 -3.35 -22.93
CA ALA B 1802 -52.82 -2.52 -24.13
C ALA B 1802 -53.66 -3.17 -25.22
N THR B 1803 -54.37 -2.36 -25.99
CA THR B 1803 -55.10 -2.83 -27.15
C THR B 1803 -54.26 -2.64 -28.40
N PHE B 1804 -54.60 -3.37 -29.46
CA PHE B 1804 -53.78 -3.35 -30.66
C PHE B 1804 -54.60 -3.68 -31.90
N ALA B 1805 -54.19 -3.12 -33.03
CA ALA B 1805 -54.84 -3.38 -34.31
C ALA B 1805 -53.90 -3.01 -35.44
N GLY B 1806 -54.28 -3.38 -36.65
CA GLY B 1806 -53.48 -3.07 -37.82
C GLY B 1806 -54.33 -2.75 -39.03
N HIS B 1807 -53.86 -1.81 -39.86
CA HIS B 1807 -54.57 -1.42 -41.07
C HIS B 1807 -54.11 -2.30 -42.22
N SER B 1808 -54.80 -3.43 -42.42
CA SER B 1808 -54.80 -4.14 -43.69
C SER B 1808 -53.48 -4.82 -44.02
N LEU B 1809 -52.42 -4.52 -43.28
CA LEU B 1809 -51.23 -5.34 -43.36
C LEU B 1809 -50.65 -5.55 -41.98
N GLY B 1810 -50.89 -4.59 -41.10
CA GLY B 1810 -50.30 -4.61 -39.78
C GLY B 1810 -50.95 -5.59 -38.85
N GLU B 1811 -51.96 -6.33 -39.31
CA GLU B 1811 -52.61 -7.27 -38.43
C GLU B 1811 -51.66 -8.38 -38.01
N TYR B 1812 -50.83 -8.88 -38.92
CA TYR B 1812 -49.88 -9.92 -38.55
C TYR B 1812 -48.77 -9.34 -37.68
N ALA B 1813 -48.24 -8.18 -38.08
CA ALA B 1813 -47.22 -7.53 -37.29
C ALA B 1813 -47.72 -7.17 -35.90
N ALA B 1814 -49.02 -7.03 -35.74
CA ALA B 1814 -49.61 -6.79 -34.43
C ALA B 1814 -49.79 -8.07 -33.65
N LEU B 1815 -50.44 -9.07 -34.23
CA LEU B 1815 -50.60 -10.37 -33.62
C LEU B 1815 -49.28 -10.92 -33.10
N ALA B 1816 -48.27 -10.97 -33.95
CA ALA B 1816 -46.97 -11.47 -33.54
C ALA B 1816 -46.31 -10.60 -32.49
N SER B 1817 -46.55 -9.30 -32.51
CA SER B 1817 -45.88 -8.39 -31.58
C SER B 1817 -46.52 -8.45 -30.21
N LEU B 1818 -47.85 -8.47 -30.16
CA LEU B 1818 -48.57 -8.47 -28.91
C LEU B 1818 -48.81 -9.86 -28.35
N ALA B 1819 -49.49 -10.73 -29.10
CA ALA B 1819 -49.84 -12.03 -28.56
C ALA B 1819 -48.80 -13.10 -28.86
N ASP B 1820 -47.75 -12.76 -29.61
CA ASP B 1820 -46.72 -13.73 -29.98
C ASP B 1820 -47.34 -14.96 -30.62
N VAL B 1821 -48.22 -14.72 -31.60
CA VAL B 1821 -48.93 -15.83 -32.22
C VAL B 1821 -47.97 -16.72 -32.99
N MET B 1822 -46.90 -16.15 -33.52
CA MET B 1822 -46.01 -16.88 -34.40
C MET B 1822 -44.57 -16.42 -34.20
N SER B 1823 -43.65 -17.36 -34.40
CA SER B 1823 -42.25 -17.01 -34.40
C SER B 1823 -41.96 -16.04 -35.52
N ILE B 1824 -40.94 -15.20 -35.34
CA ILE B 1824 -40.56 -14.28 -36.39
C ILE B 1824 -40.17 -14.99 -37.67
N GLU B 1825 -39.57 -16.18 -37.57
CA GLU B 1825 -39.22 -16.89 -38.79
C GLU B 1825 -40.47 -17.36 -39.54
N SER B 1826 -41.48 -17.82 -38.82
CA SER B 1826 -42.70 -18.28 -39.47
C SER B 1826 -43.62 -17.12 -39.81
N LEU B 1827 -43.50 -16.01 -39.09
CA LEU B 1827 -44.25 -14.82 -39.47
C LEU B 1827 -43.84 -14.32 -40.83
N VAL B 1828 -42.55 -14.09 -41.03
CA VAL B 1828 -42.07 -13.61 -42.32
C VAL B 1828 -42.41 -14.59 -43.42
N GLU B 1829 -42.51 -15.88 -43.10
CA GLU B 1829 -42.91 -16.87 -44.09
C GLU B 1829 -44.30 -16.56 -44.63
N VAL B 1830 -45.29 -16.46 -43.75
CA VAL B 1830 -46.66 -16.27 -44.19
C VAL B 1830 -46.82 -14.89 -44.80
N VAL B 1831 -46.12 -13.90 -44.27
CA VAL B 1831 -46.30 -12.58 -44.85
C VAL B 1831 -45.68 -12.52 -46.23
N PHE B 1832 -44.64 -13.32 -46.48
CA PHE B 1832 -44.08 -13.38 -47.83
C PHE B 1832 -44.98 -14.15 -48.77
N TYR B 1833 -45.56 -15.25 -48.29
CA TYR B 1833 -46.51 -16.03 -49.06
C TYR B 1833 -47.76 -15.24 -49.42
N ARG B 1834 -48.23 -14.41 -48.51
CA ARG B 1834 -49.37 -13.56 -48.79
C ARG B 1834 -49.08 -12.61 -49.93
N GLY B 1835 -47.92 -11.96 -49.90
CA GLY B 1835 -47.55 -11.11 -51.01
C GLY B 1835 -47.56 -11.85 -52.32
N MET B 1836 -47.05 -13.08 -52.32
CA MET B 1836 -47.01 -13.84 -53.57
C MET B 1836 -48.42 -14.19 -54.05
N THR B 1837 -49.26 -14.69 -53.15
CA THR B 1837 -50.61 -15.07 -53.54
C THR B 1837 -51.39 -13.88 -54.04
N MET B 1838 -51.20 -12.72 -53.42
CA MET B 1838 -51.77 -11.50 -53.99
C MET B 1838 -51.16 -11.20 -55.34
N GLN B 1839 -49.88 -11.50 -55.52
CA GLN B 1839 -49.22 -11.10 -56.74
C GLN B 1839 -49.66 -11.91 -57.95
N VAL B 1840 -49.74 -13.22 -57.83
CA VAL B 1840 -49.97 -14.06 -58.99
C VAL B 1840 -51.40 -13.94 -59.48
N ALA B 1841 -52.34 -13.59 -58.60
CA ALA B 1841 -53.71 -13.55 -59.06
C ALA B 1841 -54.02 -12.36 -59.90
N VAL B 1842 -53.06 -11.48 -60.17
CA VAL B 1842 -53.29 -10.37 -61.08
C VAL B 1842 -52.31 -10.42 -62.23
N PRO B 1843 -52.77 -10.25 -63.47
CA PRO B 1843 -51.84 -10.26 -64.61
C PRO B 1843 -51.04 -8.97 -64.68
N ARG B 1844 -49.73 -9.10 -64.52
CA ARG B 1844 -48.79 -7.99 -64.66
C ARG B 1844 -48.26 -7.95 -66.09
N ASP B 1845 -47.75 -6.81 -66.50
CA ASP B 1845 -47.25 -6.64 -67.86
C ASP B 1845 -45.85 -7.26 -67.96
N GLU B 1846 -45.17 -6.97 -69.07
CA GLU B 1846 -43.83 -7.50 -69.33
C GLU B 1846 -42.88 -7.23 -68.17
N LEU B 1847 -42.94 -6.06 -67.57
CA LEU B 1847 -42.03 -5.69 -66.51
C LEU B 1847 -42.60 -5.98 -65.13
N GLY B 1848 -43.90 -6.25 -65.04
CA GLY B 1848 -44.50 -6.57 -63.76
C GLY B 1848 -45.34 -5.48 -63.15
N ARG B 1849 -45.92 -4.61 -63.98
CA ARG B 1849 -46.88 -3.62 -63.53
C ARG B 1849 -48.28 -4.07 -63.94
N SER B 1850 -49.28 -3.68 -63.16
CA SER B 1850 -50.62 -4.20 -63.34
C SER B 1850 -51.57 -3.14 -63.89
N ASN B 1851 -52.65 -3.63 -64.47
CA ASN B 1851 -53.80 -2.81 -64.82
C ASN B 1851 -54.70 -2.51 -63.63
N TYR B 1852 -54.32 -2.93 -62.43
CA TYR B 1852 -55.12 -2.70 -61.25
C TYR B 1852 -54.44 -1.70 -60.33
N GLY B 1853 -55.22 -1.16 -59.40
CA GLY B 1853 -54.71 -0.20 -58.45
C GLY B 1853 -55.79 0.15 -57.45
N MET B 1854 -55.47 1.10 -56.57
CA MET B 1854 -56.43 1.58 -55.58
C MET B 1854 -56.33 3.08 -55.44
N ILE B 1855 -57.38 3.68 -54.89
CA ILE B 1855 -57.58 5.12 -54.90
C ILE B 1855 -58.19 5.52 -53.57
N ALA B 1856 -57.96 6.78 -53.18
CA ALA B 1856 -58.50 7.33 -51.94
C ALA B 1856 -59.56 8.37 -52.25
N ILE B 1857 -60.76 8.18 -51.70
CA ILE B 1857 -61.88 9.08 -51.92
C ILE B 1857 -62.22 9.79 -50.62
N ASN B 1858 -62.35 11.10 -50.69
CA ASN B 1858 -62.72 11.93 -49.55
C ASN B 1858 -64.08 12.53 -49.83
N PRO B 1859 -65.15 11.89 -49.34
CA PRO B 1859 -66.51 12.40 -49.59
C PRO B 1859 -66.74 13.80 -49.08
N GLY B 1860 -65.83 14.34 -48.27
CA GLY B 1860 -65.99 15.69 -47.79
C GLY B 1860 -65.75 16.74 -48.85
N ARG B 1861 -64.82 16.49 -49.78
CA ARG B 1861 -64.49 17.52 -50.76
C ARG B 1861 -65.49 17.54 -51.89
N VAL B 1862 -66.01 16.38 -52.30
CA VAL B 1862 -67.00 16.36 -53.36
C VAL B 1862 -68.29 17.06 -52.99
N ALA B 1863 -68.72 16.94 -51.73
CA ALA B 1863 -69.99 17.50 -51.31
C ALA B 1863 -70.02 17.50 -49.79
N ALA B 1864 -70.40 18.64 -49.21
CA ALA B 1864 -70.56 18.72 -47.77
C ALA B 1864 -71.68 17.84 -47.26
N SER B 1865 -72.54 17.36 -48.16
CA SER B 1865 -73.64 16.47 -47.79
C SER B 1865 -73.44 15.08 -48.38
N PHE B 1866 -72.24 14.79 -48.87
CA PHE B 1866 -71.98 13.51 -49.49
C PHE B 1866 -71.97 12.41 -48.44
N SER B 1867 -73.02 11.60 -48.42
CA SER B 1867 -73.18 10.61 -47.37
C SER B 1867 -72.29 9.40 -47.63
N GLN B 1868 -72.29 8.48 -46.67
CA GLN B 1868 -71.62 7.20 -46.86
C GLN B 1868 -72.30 6.41 -47.97
N GLU B 1869 -73.64 6.40 -47.97
CA GLU B 1869 -74.39 5.75 -49.03
C GLU B 1869 -74.28 6.48 -50.37
N ALA B 1870 -73.81 7.72 -50.37
CA ALA B 1870 -73.55 8.39 -51.64
C ALA B 1870 -72.46 7.67 -52.43
N LEU B 1871 -71.42 7.19 -51.74
CA LEU B 1871 -70.38 6.43 -52.42
C LEU B 1871 -70.93 5.10 -52.93
N GLN B 1872 -71.79 4.45 -52.17
CA GLN B 1872 -72.40 3.21 -52.65
C GLN B 1872 -73.32 3.45 -53.82
N TYR B 1873 -73.91 4.64 -53.93
CA TYR B 1873 -74.71 4.93 -55.10
C TYR B 1873 -73.84 5.28 -56.29
N VAL B 1874 -72.69 5.88 -56.05
CA VAL B 1874 -71.90 6.36 -57.17
C VAL B 1874 -71.03 5.26 -57.77
N VAL B 1875 -70.52 4.32 -56.96
CA VAL B 1875 -69.51 3.42 -57.50
C VAL B 1875 -70.11 2.07 -57.88
N GLU B 1876 -71.08 1.57 -57.12
CA GLU B 1876 -71.74 0.32 -57.51
C GLU B 1876 -72.34 0.41 -58.90
N ARG B 1877 -72.85 1.57 -59.29
CA ARG B 1877 -73.34 1.69 -60.65
C ARG B 1877 -72.19 1.64 -61.66
N VAL B 1878 -71.00 2.13 -61.30
CA VAL B 1878 -69.85 1.95 -62.19
C VAL B 1878 -69.59 0.48 -62.42
N GLY B 1879 -69.57 -0.33 -61.35
CA GLY B 1879 -69.29 -1.74 -61.50
C GLY B 1879 -70.35 -2.49 -62.25
N LYS B 1880 -71.63 -2.21 -61.96
CA LYS B 1880 -72.70 -2.89 -62.66
C LYS B 1880 -72.79 -2.46 -64.12
N ARG B 1881 -72.38 -1.23 -64.44
CA ARG B 1881 -72.50 -0.75 -65.81
C ARG B 1881 -71.29 -1.15 -66.64
N THR B 1882 -70.11 -0.63 -66.30
CA THR B 1882 -68.94 -0.85 -67.14
C THR B 1882 -68.43 -2.29 -67.09
N GLY B 1883 -69.04 -3.13 -66.26
CA GLY B 1883 -68.59 -4.51 -66.14
C GLY B 1883 -67.19 -4.66 -65.59
N TRP B 1884 -66.55 -3.58 -65.18
CA TRP B 1884 -65.22 -3.59 -64.64
C TRP B 1884 -65.28 -3.81 -63.13
N LEU B 1885 -64.16 -3.58 -62.46
CA LEU B 1885 -64.02 -3.89 -61.04
C LEU B 1885 -63.55 -2.66 -60.29
N VAL B 1886 -64.43 -2.10 -59.46
CA VAL B 1886 -64.06 -1.08 -58.48
C VAL B 1886 -64.92 -1.29 -57.24
N GLU B 1887 -64.29 -1.26 -56.06
CA GLU B 1887 -65.01 -1.45 -54.82
C GLU B 1887 -64.34 -0.68 -53.70
N ILE B 1888 -65.15 -0.02 -52.87
CA ILE B 1888 -64.64 0.68 -51.69
C ILE B 1888 -64.12 -0.35 -50.71
N VAL B 1889 -62.80 -0.44 -50.60
CA VAL B 1889 -62.14 -1.53 -49.90
C VAL B 1889 -61.97 -1.23 -48.41
N ASN B 1890 -61.68 0.03 -48.08
CA ASN B 1890 -61.42 0.39 -46.69
C ASN B 1890 -62.37 1.49 -46.27
N TYR B 1891 -62.98 1.31 -45.10
CA TYR B 1891 -63.71 2.39 -44.44
C TYR B 1891 -62.83 2.98 -43.35
N ASN B 1892 -62.05 3.99 -43.68
CA ASN B 1892 -61.11 4.54 -42.70
C ASN B 1892 -61.79 5.52 -41.74
N VAL B 1893 -62.17 6.68 -42.24
CA VAL B 1893 -62.88 7.69 -41.46
C VAL B 1893 -64.03 8.20 -42.32
N GLU B 1894 -65.24 8.18 -41.76
CA GLU B 1894 -66.44 8.34 -42.56
C GLU B 1894 -66.54 9.76 -43.10
N ASN B 1895 -66.98 9.86 -44.35
CA ASN B 1895 -67.21 11.13 -45.03
C ASN B 1895 -65.90 11.88 -45.22
N GLN B 1896 -64.80 11.31 -44.76
CA GLN B 1896 -63.50 11.91 -44.93
C GLN B 1896 -62.51 11.00 -45.64
N GLN B 1897 -62.53 9.70 -45.35
CA GLN B 1897 -61.60 8.77 -45.98
C GLN B 1897 -62.30 7.46 -46.30
N TYR B 1898 -62.53 7.22 -47.58
CA TYR B 1898 -62.88 5.91 -48.09
C TYR B 1898 -62.00 5.62 -49.29
N VAL B 1899 -61.32 4.48 -49.28
CA VAL B 1899 -60.46 4.11 -50.40
C VAL B 1899 -61.12 2.96 -51.14
N ALA B 1900 -61.00 2.99 -52.45
CA ALA B 1900 -61.52 1.95 -53.32
C ALA B 1900 -60.38 1.41 -54.15
N ALA B 1901 -60.58 0.23 -54.72
CA ALA B 1901 -59.57 -0.44 -55.51
C ALA B 1901 -60.25 -1.15 -56.67
N GLY B 1902 -59.46 -1.86 -57.46
CA GLY B 1902 -59.98 -2.70 -58.51
C GLY B 1902 -59.43 -2.30 -59.86
N ASP B 1903 -60.18 -2.65 -60.89
CA ASP B 1903 -59.78 -2.36 -62.26
C ASP B 1903 -59.55 -0.87 -62.46
N LEU B 1904 -58.37 -0.53 -62.97
CA LEU B 1904 -58.03 0.88 -63.15
C LEU B 1904 -58.87 1.52 -64.24
N ARG B 1905 -59.29 0.76 -65.25
CA ARG B 1905 -60.13 1.32 -66.29
C ARG B 1905 -61.43 1.89 -65.72
N ALA B 1906 -61.96 1.25 -64.68
CA ALA B 1906 -63.12 1.80 -63.98
C ALA B 1906 -62.73 2.70 -62.82
N LEU B 1907 -61.54 2.48 -62.26
CA LEU B 1907 -61.09 3.33 -61.17
C LEU B 1907 -60.91 4.76 -61.62
N ASP B 1908 -60.38 4.98 -62.83
CA ASP B 1908 -60.28 6.36 -63.30
C ASP B 1908 -61.63 6.93 -63.67
N THR B 1909 -62.60 6.08 -64.04
CA THR B 1909 -63.94 6.59 -64.25
C THR B 1909 -64.57 7.08 -62.95
N VAL B 1910 -64.45 6.30 -61.88
CA VAL B 1910 -64.88 6.76 -60.57
C VAL B 1910 -64.07 7.98 -60.13
N THR B 1911 -62.83 8.10 -60.58
CA THR B 1911 -62.05 9.31 -60.31
C THR B 1911 -62.65 10.52 -61.00
N ASN B 1912 -62.91 10.41 -62.29
CA ASN B 1912 -63.30 11.57 -63.08
C ASN B 1912 -64.75 11.97 -62.80
N VAL B 1913 -65.62 11.00 -62.52
CA VAL B 1913 -67.00 11.33 -62.26
C VAL B 1913 -67.13 12.19 -61.00
N LEU B 1914 -66.29 11.98 -60.00
CA LEU B 1914 -66.35 12.83 -58.82
C LEU B 1914 -65.77 14.21 -59.09
N ASN B 1915 -64.64 14.28 -59.80
CA ASN B 1915 -64.06 15.57 -60.15
C ASN B 1915 -64.98 16.38 -61.05
N PHE B 1916 -65.89 15.71 -61.75
CA PHE B 1916 -66.92 16.41 -62.50
C PHE B 1916 -68.11 16.80 -61.64
N ILE B 1917 -68.59 15.90 -60.79
CA ILE B 1917 -69.77 16.18 -59.99
C ILE B 1917 -69.49 17.20 -58.89
N LYS B 1918 -68.24 17.35 -58.47
CA LYS B 1918 -67.91 18.44 -57.55
C LYS B 1918 -68.02 19.78 -58.26
N LEU B 1919 -67.66 19.82 -59.54
CA LEU B 1919 -67.88 21.02 -60.33
C LEU B 1919 -69.36 21.32 -60.52
N GLN B 1920 -70.23 20.32 -60.35
CA GLN B 1920 -71.66 20.53 -60.45
C GLN B 1920 -72.37 20.48 -59.09
N LYS B 1921 -71.75 19.86 -58.09
CA LYS B 1921 -72.30 19.74 -56.75
C LYS B 1921 -73.70 19.12 -56.79
N ILE B 1922 -73.86 18.16 -57.69
CA ILE B 1922 -75.11 17.42 -57.81
C ILE B 1922 -75.12 16.37 -56.71
N ASP B 1923 -75.86 16.64 -55.64
CA ASP B 1923 -75.92 15.73 -54.51
C ASP B 1923 -76.93 14.64 -54.81
N ILE B 1924 -76.43 13.42 -55.08
CA ILE B 1924 -77.33 12.29 -55.22
C ILE B 1924 -78.12 12.10 -53.94
N ILE B 1925 -77.55 12.53 -52.81
CA ILE B 1925 -78.20 12.42 -51.51
C ILE B 1925 -79.55 13.11 -51.47
N GLU B 1926 -79.63 14.36 -51.91
CA GLU B 1926 -80.91 15.06 -51.98
C GLU B 1926 -81.77 14.57 -53.15
N LEU B 1927 -81.15 13.98 -54.17
CA LEU B 1927 -81.95 13.31 -55.18
C LEU B 1927 -82.74 12.15 -54.59
N GLN B 1928 -82.21 11.49 -53.56
CA GLN B 1928 -83.00 10.53 -52.80
C GLN B 1928 -84.08 11.20 -51.98
N LYS B 1929 -83.94 12.51 -51.71
CA LYS B 1929 -84.95 13.28 -50.98
C LYS B 1929 -85.87 14.06 -51.91
N SER B 1930 -85.30 14.78 -52.87
CA SER B 1930 -86.12 15.59 -53.77
C SER B 1930 -86.93 14.73 -54.72
N LEU B 1931 -86.33 13.66 -55.24
CA LEU B 1931 -86.99 12.74 -56.14
C LEU B 1931 -87.22 11.41 -55.45
N SER B 1932 -87.85 10.48 -56.17
CA SER B 1932 -88.15 9.16 -55.63
C SER B 1932 -86.91 8.28 -55.70
N LEU B 1933 -87.00 7.07 -55.15
CA LEU B 1933 -85.83 6.20 -55.09
C LEU B 1933 -85.59 5.47 -56.40
N GLU B 1934 -86.65 5.22 -57.18
CA GLU B 1934 -86.48 4.48 -58.42
C GLU B 1934 -86.38 5.39 -59.64
N GLU B 1935 -86.88 6.62 -59.56
CA GLU B 1935 -86.59 7.58 -60.60
C GLU B 1935 -85.11 7.95 -60.62
N VAL B 1936 -84.51 8.15 -59.44
CA VAL B 1936 -83.08 8.46 -59.40
C VAL B 1936 -82.27 7.28 -59.90
N GLU B 1937 -82.86 6.07 -59.89
CA GLU B 1937 -82.18 4.93 -60.50
C GLU B 1937 -81.72 5.27 -61.91
N GLY B 1938 -82.67 5.53 -62.80
CA GLY B 1938 -82.33 5.94 -64.14
C GLY B 1938 -81.66 7.30 -64.19
N HIS B 1939 -82.00 8.20 -63.26
CA HIS B 1939 -81.42 9.53 -63.29
C HIS B 1939 -79.90 9.49 -63.14
N LEU B 1940 -79.40 8.70 -62.20
CA LEU B 1940 -77.96 8.49 -62.06
C LEU B 1940 -77.41 7.48 -63.05
N PHE B 1941 -78.23 6.56 -63.55
CA PHE B 1941 -77.77 5.73 -64.66
C PHE B 1941 -77.39 6.58 -65.87
N GLU B 1942 -78.17 7.61 -66.18
CA GLU B 1942 -77.80 8.53 -67.24
C GLU B 1942 -76.44 9.16 -67.00
N ILE B 1943 -76.23 9.74 -65.82
CA ILE B 1943 -74.96 10.41 -65.54
C ILE B 1943 -73.81 9.41 -65.60
N ILE B 1944 -74.01 8.20 -65.08
CA ILE B 1944 -72.90 7.26 -65.01
C ILE B 1944 -72.55 6.68 -66.36
N ASP B 1945 -73.52 6.29 -67.19
CA ASP B 1945 -73.15 5.76 -68.49
C ASP B 1945 -72.81 6.88 -69.46
N GLU B 1946 -73.11 8.12 -69.10
CA GLU B 1946 -72.63 9.27 -69.86
C GLU B 1946 -71.18 9.58 -69.57
N ALA B 1947 -70.78 9.57 -68.30
CA ALA B 1947 -69.40 9.84 -67.93
C ALA B 1947 -68.49 8.64 -68.09
N SER B 1948 -69.04 7.43 -68.10
CA SER B 1948 -68.21 6.22 -68.17
C SER B 1948 -67.41 6.15 -69.46
N LYS B 1949 -68.07 6.25 -70.62
CA LYS B 1949 -67.32 6.20 -71.87
C LYS B 1949 -66.62 7.51 -72.14
N LYS B 1950 -67.10 8.61 -71.56
CA LYS B 1950 -66.38 9.87 -71.64
C LYS B 1950 -65.00 9.73 -71.00
N SER B 1951 -64.92 9.08 -69.84
CA SER B 1951 -63.66 8.84 -69.17
C SER B 1951 -62.92 7.63 -69.72
N ALA B 1952 -63.62 6.75 -70.44
CA ALA B 1952 -63.03 5.49 -70.88
C ALA B 1952 -62.02 5.68 -72.00
N VAL B 1953 -61.77 6.92 -72.41
CA VAL B 1953 -60.88 7.20 -73.53
C VAL B 1953 -59.42 6.88 -73.22
N LYS B 1954 -59.15 6.40 -72.00
CA LYS B 1954 -57.78 6.21 -71.54
C LYS B 1954 -57.01 5.26 -72.44
N PRO B 1955 -55.69 5.46 -72.56
CA PRO B 1955 -54.84 4.49 -73.24
C PRO B 1955 -54.60 3.26 -72.36
N ARG B 1956 -53.70 2.40 -72.85
CA ARG B 1956 -53.39 1.18 -72.09
C ARG B 1956 -52.60 1.46 -70.82
N PRO B 1957 -51.45 2.17 -70.84
CA PRO B 1957 -50.72 2.35 -69.57
C PRO B 1957 -51.38 3.39 -68.68
N LEU B 1958 -52.39 2.93 -67.94
CA LEU B 1958 -53.23 3.83 -67.15
C LEU B 1958 -52.46 4.38 -65.95
N LYS B 1959 -52.11 5.66 -66.02
CA LYS B 1959 -51.42 6.33 -64.94
C LYS B 1959 -52.40 7.24 -64.20
N LEU B 1960 -52.52 7.03 -62.89
CA LEU B 1960 -53.55 7.69 -62.09
C LEU B 1960 -53.07 9.07 -61.62
N GLU B 1961 -53.97 10.03 -61.62
CA GLU B 1961 -53.67 11.41 -61.22
C GLU B 1961 -54.62 11.88 -60.14
N ARG B 1962 -54.10 12.72 -59.24
CA ARG B 1962 -54.92 13.27 -58.16
C ARG B 1962 -55.80 14.40 -58.68
N GLY B 1963 -57.09 14.28 -58.45
CA GLY B 1963 -58.06 15.28 -58.87
C GLY B 1963 -58.57 16.09 -57.70
N PHE B 1964 -59.87 16.37 -57.71
CA PHE B 1964 -60.47 17.11 -56.61
C PHE B 1964 -60.42 16.36 -55.30
N ALA B 1965 -60.99 15.15 -55.25
CA ALA B 1965 -61.05 14.40 -54.01
C ALA B 1965 -60.42 13.01 -54.12
N CYS B 1966 -59.81 12.69 -55.26
CA CYS B 1966 -59.12 11.43 -55.44
C CYS B 1966 -57.65 11.63 -55.11
N ILE B 1967 -57.11 10.76 -54.27
CA ILE B 1967 -55.70 10.78 -53.92
C ILE B 1967 -55.13 9.42 -54.28
N PRO B 1968 -54.24 9.32 -55.26
CA PRO B 1968 -53.72 8.01 -55.67
C PRO B 1968 -52.76 7.44 -54.65
N LEU B 1969 -52.68 6.12 -54.63
CA LEU B 1969 -51.82 5.39 -53.73
C LEU B 1969 -50.64 4.84 -54.51
N VAL B 1970 -49.43 5.20 -54.09
CA VAL B 1970 -48.23 4.90 -54.85
C VAL B 1970 -47.74 3.51 -54.47
N GLY B 1971 -47.12 2.82 -55.43
CA GLY B 1971 -46.61 1.49 -55.19
C GLY B 1971 -47.66 0.41 -55.27
N ILE B 1972 -48.83 0.67 -54.70
CA ILE B 1972 -49.89 -0.32 -54.62
C ILE B 1972 -50.47 -0.56 -56.01
N SER B 1973 -50.20 -1.72 -56.58
CA SER B 1973 -50.78 -2.06 -57.87
C SER B 1973 -51.75 -3.23 -57.80
N VAL B 1974 -51.88 -3.87 -56.64
CA VAL B 1974 -52.83 -4.96 -56.46
C VAL B 1974 -54.02 -4.44 -55.66
N PRO B 1975 -55.25 -4.75 -56.06
CA PRO B 1975 -56.43 -4.22 -55.34
C PRO B 1975 -56.89 -5.13 -54.21
N PHE B 1976 -56.12 -5.16 -53.13
CA PHE B 1976 -56.42 -6.13 -52.10
C PHE B 1976 -57.66 -5.72 -51.31
N HIS B 1977 -58.16 -6.68 -50.53
CA HIS B 1977 -59.40 -6.51 -49.76
C HIS B 1977 -60.58 -6.29 -50.70
N SER B 1978 -60.66 -7.10 -51.73
CA SER B 1978 -61.74 -7.04 -52.70
C SER B 1978 -62.29 -8.44 -52.91
N THR B 1979 -63.55 -8.52 -53.32
CA THR B 1979 -64.14 -9.80 -53.66
C THR B 1979 -63.45 -10.46 -54.83
N TYR B 1980 -62.66 -9.70 -55.59
CA TYR B 1980 -61.90 -10.25 -56.71
C TYR B 1980 -60.95 -11.34 -56.26
N LEU B 1981 -60.46 -11.26 -55.02
CA LEU B 1981 -59.49 -12.20 -54.50
C LEU B 1981 -60.15 -13.32 -53.70
N MET B 1982 -61.48 -13.39 -53.71
CA MET B 1982 -62.19 -14.37 -52.90
C MET B 1982 -61.76 -15.80 -53.25
N ASN B 1983 -61.42 -16.02 -54.51
CA ASN B 1983 -60.96 -17.34 -54.92
C ASN B 1983 -59.70 -17.76 -54.17
N GLY B 1984 -58.78 -16.82 -53.92
CA GLY B 1984 -57.51 -17.19 -53.34
C GLY B 1984 -57.47 -17.08 -51.84
N VAL B 1985 -58.56 -17.39 -51.16
CA VAL B 1985 -58.59 -17.31 -49.70
C VAL B 1985 -58.55 -18.69 -49.05
N LYS B 1986 -59.19 -19.69 -49.63
CA LYS B 1986 -59.07 -21.04 -49.09
C LYS B 1986 -57.65 -21.55 -49.18
N PRO B 1987 -56.90 -21.28 -50.26
CA PRO B 1987 -55.48 -21.65 -50.25
C PRO B 1987 -54.73 -21.02 -49.09
N PHE B 1988 -54.90 -19.72 -48.88
CA PHE B 1988 -54.24 -19.06 -47.77
C PHE B 1988 -54.63 -19.69 -46.44
N LYS B 1989 -55.92 -19.89 -46.22
CA LYS B 1989 -56.40 -20.49 -44.97
C LYS B 1989 -55.75 -21.85 -44.74
N SER B 1990 -55.76 -22.68 -45.77
CA SER B 1990 -55.08 -23.97 -45.69
C SER B 1990 -53.61 -23.78 -45.34
N PHE B 1991 -52.96 -22.78 -45.93
CA PHE B 1991 -51.56 -22.53 -45.63
C PHE B 1991 -51.40 -22.03 -44.21
N LEU B 1992 -52.24 -21.08 -43.81
CA LEU B 1992 -52.24 -20.57 -42.46
C LEU B 1992 -52.34 -21.67 -41.43
N LYS B 1993 -53.16 -22.69 -41.70
CA LYS B 1993 -53.31 -23.77 -40.75
C LYS B 1993 -51.99 -24.45 -40.43
N LYS B 1994 -51.03 -24.44 -41.37
CA LYS B 1994 -49.75 -25.08 -41.09
C LYS B 1994 -48.87 -24.22 -40.19
N ASN B 1995 -48.74 -22.94 -40.51
CA ASN B 1995 -47.72 -22.12 -39.88
C ASN B 1995 -48.07 -21.71 -38.45
N ILE B 1996 -49.29 -21.27 -38.19
CA ILE B 1996 -49.68 -20.88 -36.85
C ILE B 1996 -50.02 -22.14 -36.08
N ILE B 1997 -49.43 -22.27 -34.90
CA ILE B 1997 -49.63 -23.44 -34.05
C ILE B 1997 -50.58 -23.05 -32.93
N LYS B 1998 -51.62 -23.86 -32.74
CA LYS B 1998 -52.56 -23.61 -31.65
C LYS B 1998 -51.84 -23.51 -30.31
N GLU B 1999 -50.74 -24.23 -30.15
CA GLU B 1999 -49.96 -24.09 -28.93
C GLU B 1999 -49.40 -22.69 -28.78
N ASN B 2000 -49.04 -22.04 -29.90
CA ASN B 2000 -48.45 -20.72 -29.79
C ASN B 2000 -49.47 -19.64 -29.46
N VAL B 2001 -50.68 -19.74 -30.00
CA VAL B 2001 -51.70 -18.72 -29.76
C VAL B 2001 -52.10 -18.81 -28.30
N LYS B 2002 -52.11 -17.66 -27.62
CA LYS B 2002 -52.58 -17.57 -26.25
C LYS B 2002 -53.80 -16.68 -26.21
N VAL B 2003 -54.93 -17.23 -25.75
CA VAL B 2003 -56.18 -16.48 -25.80
C VAL B 2003 -56.12 -15.30 -24.85
N ALA B 2004 -55.28 -15.39 -23.83
CA ALA B 2004 -55.19 -14.32 -22.84
C ALA B 2004 -54.84 -12.98 -23.49
N ARG B 2005 -53.93 -12.97 -24.44
CA ARG B 2005 -53.55 -11.74 -25.12
C ARG B 2005 -54.39 -11.45 -26.34
N LEU B 2006 -55.59 -12.00 -26.42
CA LEU B 2006 -56.46 -11.76 -27.55
C LEU B 2006 -57.86 -11.32 -27.16
N ALA B 2007 -58.39 -11.80 -26.04
CA ALA B 2007 -59.76 -11.49 -25.64
C ALA B 2007 -59.90 -10.00 -25.39
N GLY B 2008 -60.66 -9.32 -26.22
CA GLY B 2008 -60.93 -7.92 -26.04
C GLY B 2008 -59.82 -6.98 -26.43
N LYS B 2009 -58.58 -7.44 -26.47
CA LYS B 2009 -57.47 -6.56 -26.83
C LYS B 2009 -57.14 -6.57 -28.31
N TYR B 2010 -57.63 -7.54 -29.06
CA TYR B 2010 -57.43 -7.57 -30.50
C TYR B 2010 -58.73 -7.19 -31.19
N ILE B 2011 -58.68 -6.17 -32.03
CA ILE B 2011 -59.82 -5.77 -32.84
C ILE B 2011 -59.52 -6.17 -34.29
N PRO B 2012 -60.10 -7.22 -34.81
CA PRO B 2012 -59.83 -7.61 -36.19
C PRO B 2012 -60.34 -6.58 -37.17
N ASN B 2013 -60.05 -6.79 -38.45
CA ASN B 2013 -60.59 -5.95 -39.50
C ASN B 2013 -61.71 -6.65 -40.27
N LEU B 2014 -61.70 -7.97 -40.29
CA LEU B 2014 -62.85 -8.72 -40.79
C LEU B 2014 -64.07 -8.42 -39.94
N THR B 2015 -63.95 -8.63 -38.64
CA THR B 2015 -64.92 -8.19 -37.66
C THR B 2015 -64.33 -7.03 -36.89
N ALA B 2016 -65.01 -5.90 -36.95
CA ALA B 2016 -64.51 -4.67 -36.37
C ALA B 2016 -64.93 -4.57 -34.91
N LYS B 2017 -65.15 -5.72 -34.29
CA LYS B 2017 -65.49 -5.81 -32.90
C LYS B 2017 -64.36 -6.55 -32.20
N PRO B 2018 -64.05 -6.21 -30.95
CA PRO B 2018 -62.92 -6.84 -30.27
C PRO B 2018 -63.01 -8.37 -30.29
N PHE B 2019 -61.87 -9.00 -30.50
CA PHE B 2019 -61.78 -10.45 -30.61
C PHE B 2019 -62.34 -11.08 -29.35
N GLN B 2020 -63.46 -11.79 -29.48
CA GLN B 2020 -64.09 -12.47 -28.36
C GLN B 2020 -64.55 -13.83 -28.82
N VAL B 2021 -64.30 -14.85 -28.01
CA VAL B 2021 -64.67 -16.23 -28.36
C VAL B 2021 -66.09 -16.43 -27.87
N THR B 2022 -67.05 -15.99 -28.68
CA THR B 2022 -68.46 -16.18 -28.39
C THR B 2022 -69.19 -16.73 -29.60
N LYS B 2023 -70.38 -17.31 -29.39
CA LYS B 2023 -71.13 -17.85 -30.52
C LYS B 2023 -71.51 -16.76 -31.49
N GLU B 2024 -72.12 -15.68 -30.98
CA GLU B 2024 -72.49 -14.57 -31.83
C GLU B 2024 -71.29 -13.96 -32.53
N TYR B 2025 -70.10 -13.99 -31.91
CA TYR B 2025 -68.91 -13.54 -32.61
C TYR B 2025 -68.62 -14.46 -33.78
N PHE B 2026 -68.71 -15.77 -33.57
CA PHE B 2026 -68.65 -16.70 -34.68
C PHE B 2026 -69.77 -16.43 -35.66
N GLN B 2027 -71.00 -16.25 -35.18
CA GLN B 2027 -72.09 -15.91 -36.08
C GLN B 2027 -71.88 -14.55 -36.71
N ASP B 2028 -71.18 -13.65 -36.02
CA ASP B 2028 -70.89 -12.35 -36.60
C ASP B 2028 -69.93 -12.47 -37.76
N VAL B 2029 -68.89 -13.29 -37.63
CA VAL B 2029 -67.94 -13.41 -38.73
C VAL B 2029 -68.56 -14.24 -39.85
N TYR B 2030 -69.44 -15.17 -39.51
CA TYR B 2030 -69.95 -16.11 -40.50
C TYR B 2030 -70.87 -15.42 -41.50
N ASP B 2031 -71.93 -14.78 -41.01
CA ASP B 2031 -72.93 -14.20 -41.90
C ASP B 2031 -72.35 -13.13 -42.81
N LEU B 2032 -71.17 -12.61 -42.51
CA LEU B 2032 -70.53 -11.67 -43.40
C LEU B 2032 -69.51 -12.33 -44.33
N THR B 2033 -69.11 -13.56 -44.04
CA THR B 2033 -68.18 -14.27 -44.91
C THR B 2033 -68.73 -15.58 -45.46
N GLY B 2034 -69.76 -16.15 -44.86
CA GLY B 2034 -70.33 -17.39 -45.36
C GLY B 2034 -69.31 -18.51 -45.42
N SER B 2035 -68.71 -18.85 -44.29
CA SER B 2035 -67.68 -19.87 -44.24
C SER B 2035 -68.17 -21.04 -43.40
N GLU B 2036 -67.86 -22.25 -43.85
CA GLU B 2036 -68.29 -23.47 -43.18
C GLU B 2036 -67.63 -23.73 -41.83
N PRO B 2037 -66.38 -23.31 -41.57
CA PRO B 2037 -65.78 -23.65 -40.27
C PRO B 2037 -66.54 -23.08 -39.09
N ILE B 2038 -67.29 -21.99 -39.28
CA ILE B 2038 -68.11 -21.47 -38.19
C ILE B 2038 -69.44 -22.18 -38.08
N LYS B 2039 -70.09 -22.51 -39.19
CA LYS B 2039 -71.35 -23.24 -39.08
C LYS B 2039 -71.13 -24.61 -38.46
N GLU B 2040 -70.01 -25.26 -38.77
CA GLU B 2040 -69.75 -26.56 -38.17
C GLU B 2040 -69.36 -26.45 -36.71
N ILE B 2041 -68.95 -25.27 -36.25
CA ILE B 2041 -68.62 -25.10 -34.85
C ILE B 2041 -69.87 -24.75 -34.05
N ILE B 2042 -70.64 -23.78 -34.53
CA ILE B 2042 -71.86 -23.39 -33.84
C ILE B 2042 -72.83 -24.55 -33.77
N ASP B 2043 -72.83 -25.43 -34.78
CA ASP B 2043 -73.69 -26.59 -34.73
C ASP B 2043 -73.13 -27.68 -33.83
N ASN B 2044 -71.84 -27.62 -33.51
CA ASN B 2044 -71.22 -28.54 -32.56
C ASN B 2044 -70.67 -27.76 -31.39
N TRP B 2045 -71.34 -26.66 -31.06
CA TRP B 2045 -70.90 -25.80 -29.97
C TRP B 2045 -70.79 -26.52 -28.64
N GLU B 2046 -71.48 -27.64 -28.48
CA GLU B 2046 -71.55 -28.34 -27.21
C GLU B 2046 -70.22 -28.93 -26.79
N LYS B 2047 -69.17 -28.73 -27.58
CA LYS B 2047 -67.82 -28.84 -27.08
C LYS B 2047 -67.50 -27.77 -26.06
N TYR B 2048 -68.37 -26.75 -25.99
CA TYR B 2048 -68.38 -25.87 -24.84
C TYR B 2048 -68.52 -26.67 -23.55
N GLU B 2049 -69.39 -27.66 -23.56
CA GLU B 2049 -69.55 -28.56 -22.43
C GLU B 2049 -68.60 -29.74 -22.57
N GLN B 2050 -68.15 -30.24 -21.43
CA GLN B 2050 -67.21 -31.36 -21.42
C GLN B 2050 -67.79 -32.55 -20.67
#